data_1NSH
#
_entry.id   1NSH
#
_entity_poly.entity_id   1
_entity_poly.type   'polypeptide(L)'
_entity_poly.pdbx_seq_one_letter_code
;SRPTETERCIESLIAVFQKYAGKDGHSVTLSKTEFLSFMNTELAAFTKNQKDPGVLDRMMKKLDLNSDGQLDFQEFLNLI
GGLAVACHESFVKAAPPQKRF
;
_entity_poly.pdbx_strand_id   A,B
#
# COMPACT_ATOMS: atom_id res chain seq x y z
N SER A 1 -5.11 -2.88 -19.01
CA SER A 1 -4.10 -1.90 -18.53
C SER A 1 -2.75 -2.57 -18.28
N ARG A 2 -1.67 -1.82 -18.49
CA ARG A 2 -0.32 -2.35 -18.29
C ARG A 2 0.68 -1.22 -18.05
N PRO A 3 0.90 -0.37 -19.07
CA PRO A 3 1.85 0.75 -18.98
C PRO A 3 1.34 1.95 -18.19
N THR A 4 0.15 1.81 -17.60
CA THR A 4 -0.45 2.89 -16.84
C THR A 4 0.33 3.16 -15.55
N GLU A 5 0.51 4.45 -15.26
CA GLU A 5 1.23 4.89 -14.08
C GLU A 5 0.81 4.10 -12.85
N THR A 6 -0.48 3.84 -12.72
CA THR A 6 -0.99 3.08 -11.60
C THR A 6 -0.60 1.61 -11.73
N GLU A 7 -0.64 1.09 -12.95
CA GLU A 7 -0.28 -0.30 -13.20
C GLU A 7 1.08 -0.60 -12.60
N ARG A 8 2.07 0.20 -12.97
CA ARG A 8 3.42 0.02 -12.44
C ARG A 8 3.44 0.30 -10.94
N CYS A 9 2.50 1.13 -10.48
CA CYS A 9 2.41 1.49 -9.07
C CYS A 9 2.06 0.27 -8.21
N ILE A 10 1.03 -0.47 -8.61
CA ILE A 10 0.61 -1.64 -7.85
C ILE A 10 1.71 -2.68 -7.80
N GLU A 11 2.16 -3.13 -8.97
CA GLU A 11 3.20 -4.14 -9.06
C GLU A 11 4.43 -3.77 -8.24
N SER A 12 4.64 -2.48 -8.05
CA SER A 12 5.79 -1.99 -7.31
C SER A 12 5.76 -2.41 -5.83
N LEU A 13 4.68 -2.10 -5.13
CA LEU A 13 4.57 -2.42 -3.71
C LEU A 13 4.32 -3.90 -3.43
N ILE A 14 3.68 -4.59 -4.36
CA ILE A 14 3.39 -6.01 -4.18
C ILE A 14 4.66 -6.82 -4.19
N ALA A 15 5.57 -6.41 -5.03
CA ALA A 15 6.82 -7.12 -5.22
C ALA A 15 7.81 -6.86 -4.11
N VAL A 16 7.81 -5.66 -3.55
CA VAL A 16 8.69 -5.36 -2.43
C VAL A 16 8.51 -6.44 -1.38
N PHE A 17 7.24 -6.85 -1.24
CA PHE A 17 6.86 -7.89 -0.30
C PHE A 17 7.24 -9.27 -0.85
N GLN A 18 6.72 -9.60 -2.04
CA GLN A 18 6.99 -10.89 -2.68
C GLN A 18 8.47 -11.21 -2.71
N LYS A 19 9.27 -10.24 -3.12
CA LYS A 19 10.72 -10.44 -3.22
C LYS A 19 11.29 -11.08 -1.97
N TYR A 20 10.99 -10.51 -0.81
CA TYR A 20 11.45 -11.06 0.45
C TYR A 20 10.56 -12.22 0.89
N ALA A 21 9.30 -12.12 0.49
CA ALA A 21 8.29 -13.11 0.82
C ALA A 21 8.31 -14.30 -0.13
N GLY A 22 9.37 -14.42 -0.94
CA GLY A 22 9.46 -15.52 -1.87
C GLY A 22 10.01 -15.10 -3.22
N LYS A 23 11.10 -15.73 -3.62
CA LYS A 23 11.73 -15.43 -4.91
C LYS A 23 11.28 -16.42 -5.98
N ASP A 24 10.95 -17.64 -5.55
CA ASP A 24 10.50 -18.67 -6.47
C ASP A 24 9.13 -19.20 -6.06
N GLY A 25 8.33 -18.34 -5.43
CA GLY A 25 7.01 -18.74 -4.99
C GLY A 25 7.04 -19.78 -3.89
N HIS A 26 6.71 -19.36 -2.68
CA HIS A 26 6.71 -20.27 -1.53
C HIS A 26 5.39 -20.16 -0.76
N SER A 27 5.05 -18.94 -0.37
CA SER A 27 3.81 -18.70 0.38
C SER A 27 3.31 -17.27 0.15
N VAL A 28 2.23 -16.92 0.85
CA VAL A 28 1.65 -15.58 0.73
C VAL A 28 2.02 -14.71 1.91
N THR A 29 3.12 -15.06 2.59
CA THR A 29 3.59 -14.30 3.74
C THR A 29 5.07 -13.96 3.61
N LEU A 30 5.64 -13.42 4.67
CA LEU A 30 7.06 -13.04 4.66
C LEU A 30 7.70 -13.32 6.03
N SER A 31 8.26 -12.28 6.68
CA SER A 31 8.89 -12.44 7.97
C SER A 31 9.26 -11.07 8.53
N LYS A 32 8.90 -10.82 9.79
CA LYS A 32 9.19 -9.55 10.44
C LYS A 32 10.67 -9.17 10.28
N THR A 33 11.54 -10.16 10.43
CA THR A 33 12.98 -9.94 10.30
C THR A 33 13.37 -9.75 8.84
N GLU A 34 12.80 -10.55 7.94
CA GLU A 34 13.11 -10.43 6.53
C GLU A 34 12.85 -9.00 6.05
N PHE A 35 11.90 -8.35 6.71
CA PHE A 35 11.54 -6.97 6.38
C PHE A 35 12.67 -6.03 6.79
N LEU A 36 13.36 -6.40 7.85
CA LEU A 36 14.48 -5.60 8.37
C LEU A 36 15.49 -5.29 7.29
N SER A 37 16.04 -6.34 6.72
CA SER A 37 17.05 -6.21 5.70
C SER A 37 16.55 -5.42 4.49
N PHE A 38 15.32 -5.70 4.08
CA PHE A 38 14.74 -5.02 2.92
C PHE A 38 14.71 -3.51 3.12
N MET A 39 14.26 -3.07 4.29
CA MET A 39 14.19 -1.65 4.61
C MET A 39 15.57 -1.00 4.53
N ASN A 40 16.54 -1.61 5.19
CA ASN A 40 17.90 -1.09 5.22
C ASN A 40 18.64 -1.29 3.89
N THR A 41 18.15 -2.22 3.07
CA THR A 41 18.81 -2.50 1.79
C THR A 41 18.13 -1.80 0.61
N GLU A 42 16.83 -1.60 0.69
CA GLU A 42 16.10 -0.99 -0.42
C GLU A 42 15.16 0.12 0.06
N LEU A 43 15.47 0.70 1.22
CA LEU A 43 14.67 1.79 1.77
C LEU A 43 15.44 2.53 2.84
N ALA A 44 16.65 2.97 2.49
CA ALA A 44 17.49 3.71 3.42
C ALA A 44 16.99 5.13 3.58
N ALA A 45 16.32 5.64 2.56
CA ALA A 45 15.78 6.98 2.59
C ALA A 45 14.75 7.11 3.72
N PHE A 46 14.24 5.98 4.18
CA PHE A 46 13.26 5.96 5.26
C PHE A 46 13.92 5.66 6.60
N THR A 47 15.03 4.91 6.56
CA THR A 47 15.75 4.57 7.78
C THR A 47 17.25 4.82 7.62
N LYS A 48 17.59 5.97 7.05
CA LYS A 48 18.98 6.35 6.84
C LYS A 48 19.65 6.68 8.17
N ASN A 49 20.54 5.81 8.62
CA ASN A 49 21.24 6.01 9.89
C ASN A 49 20.25 6.09 11.05
N GLN A 50 19.05 5.56 10.83
CA GLN A 50 18.01 5.56 11.85
C GLN A 50 17.77 6.97 12.38
N LYS A 51 17.86 7.96 11.49
CA LYS A 51 17.65 9.35 11.88
C LYS A 51 16.31 9.53 12.59
N ASP A 52 15.36 8.67 12.25
CA ASP A 52 14.03 8.71 12.85
C ASP A 52 13.57 7.32 13.26
N PRO A 53 13.73 6.97 14.55
CA PRO A 53 13.33 5.65 15.07
C PRO A 53 11.85 5.56 15.41
N GLY A 54 11.04 6.46 14.84
CA GLY A 54 9.62 6.46 15.11
C GLY A 54 8.79 6.11 13.88
N VAL A 55 9.44 6.09 12.72
CA VAL A 55 8.75 5.76 11.48
C VAL A 55 8.66 4.25 11.25
N LEU A 56 9.82 3.62 11.12
CA LEU A 56 9.91 2.19 10.89
C LEU A 56 9.64 1.39 12.16
N ASP A 57 10.34 1.75 13.22
CA ASP A 57 10.21 1.07 14.50
C ASP A 57 8.77 1.04 15.01
N ARG A 58 8.04 2.13 14.81
CA ARG A 58 6.65 2.21 15.25
C ARG A 58 5.72 1.38 14.37
N MET A 59 6.05 1.31 13.08
CA MET A 59 5.23 0.58 12.14
C MET A 59 5.40 -0.93 12.29
N MET A 60 6.64 -1.41 12.27
CA MET A 60 6.90 -2.82 12.38
C MET A 60 6.39 -3.38 13.71
N LYS A 61 6.38 -2.56 14.75
CA LYS A 61 5.92 -3.00 16.06
C LYS A 61 4.39 -3.02 16.14
N LYS A 62 3.75 -1.97 15.64
CA LYS A 62 2.29 -1.86 15.69
C LYS A 62 1.60 -2.65 14.58
N LEU A 63 2.37 -3.20 13.66
CA LEU A 63 1.78 -3.96 12.55
C LEU A 63 0.94 -5.11 13.05
N ASP A 64 1.13 -5.50 14.30
CA ASP A 64 0.37 -6.59 14.89
C ASP A 64 0.50 -7.86 14.05
N LEU A 65 1.56 -8.62 14.31
CA LEU A 65 1.80 -9.85 13.57
C LEU A 65 1.10 -11.04 14.22
N ASN A 66 0.18 -11.66 13.47
CA ASN A 66 -0.56 -12.81 13.96
C ASN A 66 -1.42 -13.39 12.84
N SER A 67 -0.93 -13.32 11.61
CA SER A 67 -1.65 -13.84 10.45
C SER A 67 -0.93 -15.06 9.88
N ASP A 68 -1.46 -16.24 10.19
CA ASP A 68 -0.87 -17.49 9.71
C ASP A 68 0.51 -17.74 10.34
N GLY A 69 0.85 -16.94 11.34
CA GLY A 69 2.14 -17.10 12.00
C GLY A 69 3.25 -16.29 11.36
N GLN A 70 3.11 -15.98 10.08
CA GLN A 70 4.12 -15.22 9.35
C GLN A 70 3.61 -13.82 8.99
N LEU A 71 4.36 -13.13 8.15
CA LEU A 71 4.00 -11.79 7.71
C LEU A 71 2.66 -11.82 6.97
N ASP A 72 2.54 -11.13 5.83
CA ASP A 72 1.29 -11.12 5.07
C ASP A 72 1.39 -10.24 3.83
N PHE A 73 0.25 -10.03 3.17
CA PHE A 73 0.19 -9.22 1.96
C PHE A 73 0.11 -7.73 2.26
N GLN A 74 -0.90 -7.30 3.01
CA GLN A 74 -1.06 -5.89 3.33
C GLN A 74 -0.07 -5.47 4.41
N GLU A 75 0.28 -6.40 5.29
CA GLU A 75 1.23 -6.09 6.35
C GLU A 75 2.41 -5.31 5.78
N PHE A 76 2.88 -5.74 4.62
CA PHE A 76 3.98 -5.05 3.98
C PHE A 76 3.52 -3.68 3.48
N LEU A 77 2.46 -3.68 2.68
CA LEU A 77 1.91 -2.43 2.17
C LEU A 77 1.62 -1.50 3.35
N ASN A 78 1.24 -2.10 4.46
CA ASN A 78 0.96 -1.37 5.69
C ASN A 78 2.27 -0.93 6.32
N LEU A 79 3.25 -1.83 6.28
CA LEU A 79 4.55 -1.55 6.85
C LEU A 79 5.24 -0.42 6.10
N ILE A 80 5.42 -0.60 4.79
CA ILE A 80 6.05 0.42 3.98
C ILE A 80 5.08 1.58 3.72
N GLY A 81 3.82 1.25 3.42
CA GLY A 81 2.84 2.30 3.17
C GLY A 81 2.83 3.31 4.30
N GLY A 82 2.71 2.80 5.53
CA GLY A 82 2.71 3.68 6.69
C GLY A 82 3.92 4.59 6.70
N LEU A 83 5.09 4.05 6.35
CA LEU A 83 6.31 4.85 6.32
C LEU A 83 6.17 5.97 5.30
N ALA A 84 5.60 5.64 4.15
CA ALA A 84 5.40 6.64 3.11
C ALA A 84 4.64 7.83 3.65
N VAL A 85 3.75 7.54 4.59
CA VAL A 85 2.93 8.56 5.21
C VAL A 85 3.65 9.21 6.39
N ALA A 86 4.67 8.54 6.87
CA ALA A 86 5.46 9.04 7.99
C ALA A 86 6.88 9.40 7.54
N CYS A 87 7.07 9.49 6.24
CA CYS A 87 8.37 9.83 5.68
C CYS A 87 8.23 10.46 4.30
N HIS A 88 7.35 9.89 3.48
CA HIS A 88 7.13 10.42 2.13
C HIS A 88 5.95 11.40 2.12
N GLU A 89 5.45 11.70 0.92
CA GLU A 89 4.33 12.62 0.77
C GLU A 89 3.11 12.12 1.54
N SER A 90 1.94 12.67 1.22
CA SER A 90 0.69 12.30 1.87
C SER A 90 0.53 13.03 3.21
N PHE A 91 1.50 12.86 4.10
CA PHE A 91 1.47 13.50 5.41
C PHE A 91 2.67 14.42 5.58
N VAL A 92 3.85 13.94 5.21
CA VAL A 92 5.07 14.73 5.33
C VAL A 92 5.12 15.81 4.26
N LYS A 93 6.03 16.76 4.42
CA LYS A 93 6.19 17.87 3.48
C LYS A 93 4.84 18.51 3.16
N ALA A 94 3.92 18.43 4.11
CA ALA A 94 2.59 19.01 3.93
C ALA A 94 2.19 19.87 5.12
N ALA A 95 2.58 19.43 6.32
CA ALA A 95 2.26 20.16 7.55
C ALA A 95 3.51 20.30 8.43
N PRO A 96 4.51 21.07 7.96
CA PRO A 96 5.75 21.29 8.72
C PRO A 96 5.49 21.88 10.10
N PRO A 97 4.64 22.93 10.18
CA PRO A 97 4.31 23.57 11.45
C PRO A 97 3.14 22.91 12.16
N GLN A 98 2.70 21.77 11.63
CA GLN A 98 1.58 21.04 12.21
C GLN A 98 1.97 19.60 12.54
N LYS A 99 3.23 19.40 12.93
CA LYS A 99 3.72 18.07 13.27
C LYS A 99 4.08 17.99 14.75
N ARG A 100 3.78 16.84 15.36
CA ARG A 100 4.08 16.63 16.77
C ARG A 100 4.06 15.15 17.12
N PHE A 101 4.23 14.84 18.40
CA PHE A 101 4.24 13.45 18.86
C PHE A 101 2.91 12.77 18.54
N SER B 1 18.36 7.57 -1.02
CA SER B 1 17.73 6.72 -2.08
C SER B 1 16.81 7.55 -2.96
N ARG B 2 16.70 7.15 -4.22
CA ARG B 2 15.85 7.85 -5.19
C ARG B 2 15.48 6.94 -6.35
N PRO B 3 16.46 6.51 -7.17
CA PRO B 3 16.22 5.66 -8.33
C PRO B 3 15.97 4.19 -7.97
N THR B 4 15.92 3.89 -6.69
CA THR B 4 15.71 2.51 -6.23
C THR B 4 14.31 2.03 -6.57
N GLU B 5 14.24 0.78 -7.03
CA GLU B 5 12.99 0.15 -7.41
C GLU B 5 11.90 0.41 -6.37
N THR B 6 12.28 0.34 -5.10
CA THR B 6 11.34 0.59 -4.02
C THR B 6 10.98 2.06 -3.97
N GLU B 7 11.98 2.93 -4.17
CA GLU B 7 11.75 4.37 -4.14
C GLU B 7 10.59 4.75 -5.05
N ARG B 8 10.68 4.32 -6.31
CA ARG B 8 9.62 4.60 -7.27
C ARG B 8 8.34 3.87 -6.86
N CYS B 9 8.50 2.76 -6.13
CA CYS B 9 7.36 1.97 -5.68
C CYS B 9 6.49 2.75 -4.70
N ILE B 10 7.11 3.35 -3.69
CA ILE B 10 6.37 4.11 -2.69
C ILE B 10 5.65 5.29 -3.31
N GLU B 11 6.41 6.16 -3.98
CA GLU B 11 5.85 7.35 -4.62
C GLU B 11 4.68 7.00 -5.54
N SER B 12 4.70 5.79 -6.07
CA SER B 12 3.67 5.34 -6.98
C SER B 12 2.28 5.27 -6.34
N LEU B 13 2.17 4.53 -5.24
CA LEU B 13 0.88 4.36 -4.55
C LEU B 13 0.45 5.60 -3.76
N ILE B 14 1.40 6.39 -3.29
CA ILE B 14 1.06 7.58 -2.54
C ILE B 14 0.37 8.60 -3.40
N ALA B 15 0.82 8.67 -4.63
CA ALA B 15 0.33 9.65 -5.57
C ALA B 15 -1.02 9.28 -6.17
N VAL B 16 -1.27 7.99 -6.35
CA VAL B 16 -2.55 7.54 -6.85
C VAL B 16 -3.63 8.16 -5.98
N PHE B 17 -3.32 8.24 -4.69
CA PHE B 17 -4.22 8.84 -3.70
C PHE B 17 -4.16 10.36 -3.79
N GLN B 18 -2.96 10.93 -3.62
CA GLN B 18 -2.78 12.39 -3.69
C GLN B 18 -3.44 13.00 -4.92
N LYS B 19 -3.20 12.39 -6.07
CA LYS B 19 -3.74 12.90 -7.32
C LYS B 19 -5.23 13.23 -7.20
N TYR B 20 -6.00 12.28 -6.71
CA TYR B 20 -7.43 12.48 -6.53
C TYR B 20 -7.69 13.23 -5.23
N ALA B 21 -6.79 13.01 -4.28
CA ALA B 21 -6.89 13.61 -2.96
C ALA B 21 -6.29 15.02 -2.92
N GLY B 22 -6.04 15.60 -4.09
CA GLY B 22 -5.48 16.94 -4.15
C GLY B 22 -4.43 17.09 -5.22
N LYS B 23 -4.65 18.02 -6.13
CA LYS B 23 -3.70 18.27 -7.22
C LYS B 23 -2.78 19.43 -6.87
N ASP B 24 -3.28 20.36 -6.06
CA ASP B 24 -2.49 21.52 -5.64
C ASP B 24 -2.39 21.59 -4.12
N GLY B 25 -2.45 20.43 -3.47
CA GLY B 25 -2.36 20.38 -2.02
C GLY B 25 -3.57 21.01 -1.35
N HIS B 26 -4.43 20.17 -0.77
CA HIS B 26 -5.63 20.65 -0.10
C HIS B 26 -5.75 20.03 1.29
N SER B 27 -5.69 18.71 1.35
CA SER B 27 -5.79 18.00 2.62
C SER B 27 -5.09 16.65 2.55
N VAL B 28 -5.19 15.88 3.63
CA VAL B 28 -4.57 14.55 3.67
C VAL B 28 -5.60 13.45 3.48
N THR B 29 -6.71 13.78 2.84
CA THR B 29 -7.77 12.82 2.59
C THR B 29 -8.19 12.86 1.12
N LEU B 30 -9.26 12.14 0.80
CA LEU B 30 -9.76 12.09 -0.57
C LEU B 30 -11.31 12.04 -0.59
N SER B 31 -11.88 11.00 -1.20
CA SER B 31 -13.33 10.86 -1.27
C SER B 31 -13.70 9.50 -1.84
N LYS B 32 -14.61 8.80 -1.16
CA LYS B 32 -15.04 7.48 -1.60
C LYS B 32 -15.44 7.48 -3.08
N THR B 33 -16.13 8.53 -3.49
CA THR B 33 -16.57 8.67 -4.88
C THR B 33 -15.39 9.04 -5.79
N GLU B 34 -14.53 9.93 -5.33
CA GLU B 34 -13.38 10.34 -6.13
C GLU B 34 -12.54 9.11 -6.50
N PHE B 35 -12.60 8.10 -5.64
CA PHE B 35 -11.88 6.86 -5.87
C PHE B 35 -12.50 6.09 -7.03
N LEU B 36 -13.82 6.25 -7.18
CA LEU B 36 -14.57 5.58 -8.23
C LEU B 36 -13.97 5.82 -9.59
N SER B 37 -13.91 7.09 -9.94
CA SER B 37 -13.40 7.51 -11.23
C SER B 37 -11.95 7.06 -11.44
N PHE B 38 -11.13 7.19 -10.40
CA PHE B 38 -9.73 6.80 -10.49
C PHE B 38 -9.58 5.32 -10.88
N MET B 39 -10.34 4.47 -10.22
CA MET B 39 -10.29 3.04 -10.50
C MET B 39 -10.65 2.74 -11.95
N ASN B 40 -11.77 3.30 -12.40
CA ASN B 40 -12.26 3.09 -13.75
C ASN B 40 -11.43 3.84 -14.79
N THR B 41 -10.68 4.86 -14.36
CA THR B 41 -9.88 5.66 -15.28
C THR B 41 -8.41 5.25 -15.30
N GLU B 42 -7.90 4.77 -14.18
CA GLU B 42 -6.50 4.39 -14.10
C GLU B 42 -6.30 3.02 -13.46
N LEU B 43 -7.32 2.18 -13.52
CA LEU B 43 -7.26 0.84 -12.96
C LEU B 43 -8.38 -0.03 -13.51
N ALA B 44 -8.46 -0.08 -14.84
CA ALA B 44 -9.49 -0.87 -15.51
C ALA B 44 -9.13 -2.35 -15.46
N ALA B 45 -7.84 -2.63 -15.37
CA ALA B 45 -7.36 -4.00 -15.30
C ALA B 45 -7.92 -4.69 -14.06
N PHE B 46 -8.35 -3.90 -13.09
CA PHE B 46 -8.90 -4.41 -11.84
C PHE B 46 -10.43 -4.43 -11.89
N THR B 47 -11.01 -3.49 -12.63
CA THR B 47 -12.46 -3.40 -12.76
C THR B 47 -12.88 -3.27 -14.22
N LYS B 48 -12.28 -4.09 -15.07
CA LYS B 48 -12.59 -4.08 -16.50
C LYS B 48 -13.98 -4.67 -16.74
N ASN B 49 -14.93 -3.82 -17.10
CA ASN B 49 -16.29 -4.26 -17.36
C ASN B 49 -16.90 -4.90 -16.12
N GLN B 50 -16.32 -4.60 -14.95
CA GLN B 50 -16.79 -5.14 -13.69
C GLN B 50 -16.87 -6.66 -13.73
N LYS B 51 -15.92 -7.28 -14.43
CA LYS B 51 -15.88 -8.72 -14.55
C LYS B 51 -15.92 -9.39 -13.18
N ASP B 52 -15.40 -8.68 -12.17
CA ASP B 52 -15.38 -9.19 -10.81
C ASP B 52 -15.85 -8.12 -9.83
N PRO B 53 -17.13 -8.18 -9.41
CA PRO B 53 -17.70 -7.20 -8.48
C PRO B 53 -17.41 -7.53 -7.01
N GLY B 54 -16.38 -8.35 -6.79
CA GLY B 54 -16.03 -8.72 -5.43
C GLY B 54 -14.68 -8.19 -5.00
N VAL B 55 -13.91 -7.67 -5.96
CA VAL B 55 -12.59 -7.12 -5.66
C VAL B 55 -12.67 -5.68 -5.19
N LEU B 56 -13.16 -4.80 -6.07
CA LEU B 56 -13.29 -3.39 -5.77
C LEU B 56 -14.48 -3.10 -4.85
N ASP B 57 -15.63 -3.63 -5.23
CA ASP B 57 -16.86 -3.42 -4.46
C ASP B 57 -16.72 -3.85 -3.01
N ARG B 58 -16.01 -4.95 -2.77
CA ARG B 58 -15.82 -5.45 -1.41
C ARG B 58 -14.82 -4.61 -0.62
N MET B 59 -13.83 -4.07 -1.33
CA MET B 59 -12.81 -3.26 -0.70
C MET B 59 -13.33 -1.87 -0.31
N MET B 60 -13.91 -1.18 -1.28
CA MET B 60 -14.41 0.15 -1.03
C MET B 60 -15.50 0.16 0.05
N LYS B 61 -16.25 -0.94 0.16
CA LYS B 61 -17.30 -1.03 1.16
C LYS B 61 -16.75 -1.36 2.54
N LYS B 62 -15.84 -2.31 2.61
CA LYS B 62 -15.24 -2.73 3.88
C LYS B 62 -14.14 -1.80 4.37
N LEU B 63 -13.75 -0.83 3.54
CA LEU B 63 -12.69 0.10 3.92
C LEU B 63 -13.03 0.84 5.21
N ASP B 64 -14.29 0.84 5.58
CA ASP B 64 -14.72 1.51 6.80
C ASP B 64 -14.29 2.97 6.79
N LEU B 65 -15.12 3.82 6.20
CA LEU B 65 -14.82 5.24 6.11
C LEU B 65 -15.36 6.00 7.32
N ASN B 66 -14.44 6.60 8.07
CA ASN B 66 -14.80 7.37 9.26
C ASN B 66 -13.58 8.08 9.83
N SER B 67 -12.68 8.50 8.95
CA SER B 67 -11.46 9.19 9.37
C SER B 67 -11.51 10.65 8.92
N ASP B 68 -11.81 11.54 9.86
CA ASP B 68 -11.89 12.97 9.57
C ASP B 68 -13.07 13.29 8.64
N GLY B 69 -13.93 12.30 8.42
CA GLY B 69 -15.08 12.52 7.55
C GLY B 69 -14.80 12.19 6.10
N GLN B 70 -13.54 12.29 5.69
CA GLN B 70 -13.16 12.02 4.31
C GLN B 70 -12.34 10.72 4.20
N LEU B 71 -11.75 10.50 3.02
CA LEU B 71 -10.94 9.33 2.78
C LEU B 71 -9.73 9.30 3.72
N ASP B 72 -8.53 9.01 3.22
CA ASP B 72 -7.35 8.97 4.07
C ASP B 72 -6.10 8.58 3.29
N PHE B 73 -5.01 8.34 4.01
CA PHE B 73 -3.74 7.96 3.39
C PHE B 73 -3.65 6.47 3.09
N GLN B 74 -3.81 5.63 4.11
CA GLN B 74 -3.74 4.19 3.92
C GLN B 74 -5.01 3.67 3.28
N GLU B 75 -6.14 4.32 3.56
CA GLU B 75 -7.41 3.91 2.97
C GLU B 75 -7.22 3.61 1.50
N PHE B 76 -6.48 4.47 0.82
CA PHE B 76 -6.22 4.25 -0.60
C PHE B 76 -5.30 3.05 -0.78
N LEU B 77 -4.16 3.08 -0.11
CA LEU B 77 -3.22 1.97 -0.19
C LEU B 77 -3.94 0.68 0.16
N ASN B 78 -4.90 0.80 1.08
CA ASN B 78 -5.73 -0.32 1.50
C ASN B 78 -6.73 -0.65 0.42
N LEU B 79 -7.29 0.40 -0.18
CA LEU B 79 -8.27 0.23 -1.22
C LEU B 79 -7.66 -0.44 -2.44
N ILE B 80 -6.62 0.18 -2.99
CA ILE B 80 -5.94 -0.38 -4.14
C ILE B 80 -5.07 -1.57 -3.74
N GLY B 81 -4.36 -1.44 -2.62
CA GLY B 81 -3.51 -2.53 -2.17
C GLY B 81 -4.29 -3.82 -2.08
N GLY B 82 -5.43 -3.76 -1.40
CA GLY B 82 -6.28 -4.95 -1.29
C GLY B 82 -6.60 -5.54 -2.64
N LEU B 83 -6.90 -4.69 -3.62
CA LEU B 83 -7.20 -5.16 -4.97
C LEU B 83 -6.01 -5.91 -5.55
N ALA B 84 -4.81 -5.36 -5.33
CA ALA B 84 -3.60 -6.00 -5.82
C ALA B 84 -3.52 -7.44 -5.33
N VAL B 85 -4.04 -7.65 -4.13
CA VAL B 85 -4.05 -8.96 -3.51
C VAL B 85 -5.25 -9.78 -3.96
N ALA B 86 -6.24 -9.10 -4.50
CA ALA B 86 -7.46 -9.75 -4.97
C ALA B 86 -7.58 -9.66 -6.49
N CYS B 87 -6.47 -9.28 -7.13
CA CYS B 87 -6.45 -9.15 -8.58
C CYS B 87 -5.04 -9.33 -9.12
N HIS B 88 -4.06 -8.72 -8.44
CA HIS B 88 -2.67 -8.84 -8.87
C HIS B 88 -1.96 -9.98 -8.14
N GLU B 89 -0.64 -9.99 -8.20
CA GLU B 89 0.15 -11.04 -7.54
C GLU B 89 -0.13 -11.07 -6.04
N SER B 90 0.75 -11.72 -5.29
CA SER B 90 0.61 -11.84 -3.84
C SER B 90 -0.35 -12.97 -3.47
N PHE B 91 -1.58 -12.88 -3.98
CA PHE B 91 -2.60 -13.90 -3.70
C PHE B 91 -3.06 -14.57 -5.00
N VAL B 92 -3.31 -13.75 -6.02
CA VAL B 92 -3.76 -14.26 -7.30
C VAL B 92 -2.60 -14.92 -8.06
N LYS B 93 -2.94 -15.67 -9.11
CA LYS B 93 -1.92 -16.35 -9.92
C LYS B 93 -0.95 -17.14 -9.04
N ALA B 94 -1.42 -17.56 -7.87
CA ALA B 94 -0.60 -18.31 -6.93
C ALA B 94 -1.32 -19.56 -6.45
N ALA B 95 -2.63 -19.45 -6.24
CA ALA B 95 -3.44 -20.57 -5.78
C ALA B 95 -4.70 -20.73 -6.63
N PRO B 96 -4.55 -21.08 -7.92
CA PRO B 96 -5.68 -21.26 -8.82
C PRO B 96 -6.68 -22.30 -8.31
N PRO B 97 -6.18 -23.48 -7.87
CA PRO B 97 -7.03 -24.54 -7.35
C PRO B 97 -7.31 -24.39 -5.86
N GLN B 98 -6.90 -23.26 -5.28
CA GLN B 98 -7.10 -23.00 -3.87
C GLN B 98 -7.85 -21.69 -3.64
N LYS B 99 -8.76 -21.36 -4.57
CA LYS B 99 -9.54 -20.13 -4.48
C LYS B 99 -11.03 -20.45 -4.26
N ARG B 100 -11.69 -19.64 -3.43
CA ARG B 100 -13.10 -19.82 -3.15
C ARG B 100 -13.71 -18.56 -2.55
N PHE B 101 -14.97 -18.64 -2.17
CA PHE B 101 -15.67 -17.50 -1.58
C PHE B 101 -14.98 -17.05 -0.29
N SER A 1 5.30 3.82 -19.58
CA SER A 1 5.52 3.79 -21.04
C SER A 1 4.26 3.40 -21.80
N ARG A 2 3.96 2.10 -21.82
CA ARG A 2 2.78 1.60 -22.49
C ARG A 2 1.61 1.42 -21.52
N PRO A 3 1.83 0.69 -20.41
CA PRO A 3 0.80 0.45 -19.40
C PRO A 3 0.34 1.77 -18.73
N THR A 4 0.37 1.81 -17.39
CA THR A 4 -0.04 3.01 -16.66
C THR A 4 0.80 3.19 -15.41
N GLU A 5 1.05 4.45 -15.09
CA GLU A 5 1.85 4.81 -13.92
C GLU A 5 1.44 3.99 -12.70
N THR A 6 0.14 3.86 -12.50
CA THR A 6 -0.39 3.08 -11.39
C THR A 6 -0.03 1.61 -11.58
N GLU A 7 -0.13 1.13 -12.81
CA GLU A 7 0.19 -0.26 -13.11
C GLU A 7 1.55 -0.64 -12.53
N ARG A 8 2.48 0.31 -12.57
CA ARG A 8 3.82 0.09 -12.04
C ARG A 8 3.82 0.23 -10.51
N CYS A 9 2.88 1.03 -10.00
CA CYS A 9 2.78 1.27 -8.57
C CYS A 9 2.35 0.01 -7.81
N ILE A 10 1.39 -0.70 -8.37
CA ILE A 10 0.89 -1.92 -7.73
C ILE A 10 1.90 -3.05 -7.83
N GLU A 11 2.34 -3.36 -9.04
CA GLU A 11 3.28 -4.45 -9.26
C GLU A 11 4.51 -4.34 -8.36
N SER A 12 4.85 -3.13 -7.95
CA SER A 12 6.01 -2.92 -7.09
C SER A 12 5.70 -3.28 -5.64
N LEU A 13 4.67 -2.67 -5.06
CA LEU A 13 4.31 -2.93 -3.67
C LEU A 13 4.00 -4.41 -3.43
N ILE A 14 3.55 -5.10 -4.47
CA ILE A 14 3.26 -6.51 -4.38
C ILE A 14 4.53 -7.30 -4.29
N ALA A 15 5.50 -6.85 -5.06
CA ALA A 15 6.76 -7.52 -5.16
C ALA A 15 7.65 -7.25 -3.97
N VAL A 16 7.62 -6.02 -3.47
CA VAL A 16 8.39 -5.68 -2.30
C VAL A 16 8.08 -6.68 -1.20
N PHE A 17 6.82 -7.12 -1.20
CA PHE A 17 6.33 -8.06 -0.22
C PHE A 17 6.71 -9.52 -0.54
N GLN A 18 6.30 -10.02 -1.71
CA GLN A 18 6.58 -11.41 -2.09
C GLN A 18 8.06 -11.64 -2.39
N LYS A 19 8.76 -10.61 -2.83
CA LYS A 19 10.18 -10.75 -3.13
C LYS A 19 10.91 -11.28 -1.91
N TYR A 20 10.67 -10.62 -0.77
CA TYR A 20 11.26 -11.02 0.49
C TYR A 20 10.49 -12.20 1.06
N ALA A 21 9.21 -12.24 0.71
CA ALA A 21 8.31 -13.27 1.16
C ALA A 21 8.45 -14.56 0.35
N GLY A 22 9.40 -14.57 -0.59
CA GLY A 22 9.60 -15.75 -1.41
C GLY A 22 8.82 -15.72 -2.71
N LYS A 23 9.43 -16.21 -3.78
CA LYS A 23 8.78 -16.23 -5.09
C LYS A 23 8.48 -17.66 -5.51
N ASP A 24 9.33 -18.59 -5.10
CA ASP A 24 9.16 -20.01 -5.44
C ASP A 24 8.54 -20.77 -4.28
N GLY A 25 7.43 -21.44 -4.55
CA GLY A 25 6.74 -22.21 -3.52
C GLY A 25 5.51 -21.50 -3.00
N HIS A 26 5.53 -20.18 -3.02
CA HIS A 26 4.41 -19.39 -2.53
C HIS A 26 4.14 -19.66 -1.06
N SER A 27 4.38 -18.65 -0.22
CA SER A 27 4.17 -18.78 1.22
C SER A 27 2.97 -17.95 1.67
N VAL A 28 2.69 -16.87 0.94
CA VAL A 28 1.57 -15.98 1.26
C VAL A 28 1.92 -14.98 2.37
N THR A 29 3.10 -15.16 2.97
CA THR A 29 3.55 -14.27 4.03
C THR A 29 5.03 -13.96 3.89
N LEU A 30 5.55 -13.16 4.81
CA LEU A 30 6.95 -12.77 4.79
C LEU A 30 7.59 -12.96 6.18
N SER A 31 8.16 -11.89 6.73
CA SER A 31 8.79 -11.95 8.05
C SER A 31 9.23 -10.56 8.49
N LYS A 32 8.79 -10.15 9.67
CA LYS A 32 9.13 -8.83 10.20
C LYS A 32 10.64 -8.56 10.11
N THR A 33 11.43 -9.60 10.32
CA THR A 33 12.87 -9.47 10.27
C THR A 33 13.36 -9.34 8.82
N GLU A 34 12.81 -10.14 7.92
CA GLU A 34 13.21 -10.09 6.53
C GLU A 34 13.03 -8.66 5.99
N PHE A 35 12.08 -7.96 6.56
CA PHE A 35 11.81 -6.58 6.17
C PHE A 35 12.92 -5.66 6.68
N LEU A 36 13.51 -6.05 7.81
CA LEU A 36 14.58 -5.27 8.42
C LEU A 36 15.75 -5.12 7.48
N SER A 37 16.30 -6.24 7.08
CA SER A 37 17.45 -6.26 6.20
C SER A 37 17.11 -5.75 4.81
N PHE A 38 16.05 -6.30 4.22
CA PHE A 38 15.61 -5.89 2.89
C PHE A 38 15.32 -4.39 2.84
N MET A 39 14.97 -3.81 3.97
CA MET A 39 14.67 -2.39 4.05
C MET A 39 15.97 -1.58 4.07
N ASN A 40 16.85 -1.91 5.00
CA ASN A 40 18.12 -1.21 5.16
C ASN A 40 18.96 -1.27 3.87
N THR A 41 18.66 -2.22 2.99
CA THR A 41 19.41 -2.37 1.75
C THR A 41 18.74 -1.67 0.56
N GLU A 42 17.42 -1.60 0.59
CA GLU A 42 16.69 -1.00 -0.52
C GLU A 42 15.74 0.11 -0.07
N LEU A 43 15.05 -0.12 1.05
CA LEU A 43 14.13 0.88 1.59
C LEU A 43 14.77 1.61 2.75
N ALA A 44 16.08 1.81 2.65
CA ALA A 44 16.83 2.48 3.69
C ALA A 44 16.69 3.99 3.57
N ALA A 45 16.48 4.47 2.34
CA ALA A 45 16.33 5.89 2.10
C ALA A 45 15.24 6.48 2.99
N PHE A 46 14.30 5.64 3.40
CA PHE A 46 13.20 6.07 4.27
C PHE A 46 13.45 5.64 5.71
N THR A 47 14.70 5.31 6.03
CA THR A 47 15.05 4.90 7.39
C THR A 47 16.54 4.61 7.49
N LYS A 48 17.36 5.50 6.94
CA LYS A 48 18.81 5.34 6.98
C LYS A 48 19.48 6.50 7.70
N ASN A 49 18.94 7.70 7.49
CA ASN A 49 19.48 8.90 8.12
C ASN A 49 18.41 9.97 8.27
N GLN A 50 17.16 9.53 8.41
CA GLN A 50 16.03 10.44 8.56
C GLN A 50 15.94 10.96 10.00
N LYS A 51 16.52 10.22 10.93
CA LYS A 51 16.50 10.60 12.34
C LYS A 51 15.08 10.57 12.88
N ASP A 52 14.25 9.68 12.34
CA ASP A 52 12.86 9.55 12.77
C ASP A 52 12.51 8.09 13.02
N PRO A 53 12.84 7.58 14.22
CA PRO A 53 12.55 6.19 14.60
C PRO A 53 11.05 5.88 14.58
N GLY A 54 10.23 6.93 14.59
CA GLY A 54 8.79 6.76 14.59
C GLY A 54 8.26 6.27 13.25
N VAL A 55 9.09 6.34 12.21
CA VAL A 55 8.70 5.90 10.88
C VAL A 55 8.90 4.40 10.73
N LEU A 56 10.13 3.95 10.89
CA LEU A 56 10.46 2.54 10.76
C LEU A 56 9.78 1.72 11.86
N ASP A 57 9.96 2.16 13.10
CA ASP A 57 9.37 1.49 14.25
C ASP A 57 7.86 1.39 14.11
N ARG A 58 7.27 2.33 13.37
CA ARG A 58 5.82 2.34 13.15
C ARG A 58 5.36 1.04 12.52
N MET A 59 6.02 0.64 11.45
CA MET A 59 5.67 -0.59 10.74
C MET A 59 5.71 -1.79 11.67
N MET A 60 6.84 -1.95 12.35
CA MET A 60 7.02 -3.07 13.27
C MET A 60 6.07 -2.99 14.45
N LYS A 61 5.58 -1.80 14.74
CA LYS A 61 4.66 -1.63 15.86
C LYS A 61 3.25 -2.07 15.46
N LYS A 62 2.69 -1.39 14.46
CA LYS A 62 1.35 -1.71 13.97
C LYS A 62 1.35 -2.90 13.01
N LEU A 63 2.50 -3.55 12.85
CA LEU A 63 2.61 -4.69 11.95
C LEU A 63 1.53 -5.73 12.19
N ASP A 64 1.00 -5.74 13.41
CA ASP A 64 -0.05 -6.67 13.77
C ASP A 64 0.50 -8.10 13.82
N LEU A 65 1.41 -8.34 14.75
CA LEU A 65 2.02 -9.65 14.91
C LEU A 65 1.79 -10.18 16.33
N ASN A 66 1.85 -11.50 16.48
CA ASN A 66 1.65 -12.13 17.78
C ASN A 66 2.31 -13.50 17.83
N SER A 67 1.71 -14.47 17.16
CA SER A 67 2.24 -15.83 17.12
C SER A 67 1.55 -16.66 16.04
N ASP A 68 2.35 -17.33 15.22
CA ASP A 68 1.81 -18.16 14.15
C ASP A 68 1.00 -17.32 13.17
N GLY A 69 1.62 -16.97 12.04
CA GLY A 69 0.93 -16.17 11.04
C GLY A 69 1.90 -15.46 10.10
N GLN A 70 3.09 -15.15 10.61
CA GLN A 70 4.11 -14.49 9.81
C GLN A 70 3.60 -13.13 9.31
N LEU A 71 4.33 -12.53 8.36
CA LEU A 71 3.94 -11.24 7.81
C LEU A 71 2.60 -11.39 7.10
N ASP A 72 2.44 -10.82 5.90
CA ASP A 72 1.18 -10.93 5.16
C ASP A 72 1.17 -10.07 3.91
N PHE A 73 -0.02 -9.92 3.31
CA PHE A 73 -0.16 -9.14 2.09
C PHE A 73 -0.14 -7.64 2.39
N GLN A 74 -1.08 -7.14 3.20
CA GLN A 74 -1.10 -5.73 3.54
C GLN A 74 -0.10 -5.43 4.62
N GLU A 75 0.23 -6.43 5.44
CA GLU A 75 1.21 -6.23 6.50
C GLU A 75 2.43 -5.51 5.93
N PHE A 76 2.68 -5.78 4.65
CA PHE A 76 3.79 -5.14 3.95
C PHE A 76 3.37 -3.75 3.50
N LEU A 77 2.25 -3.68 2.77
CA LEU A 77 1.74 -2.40 2.30
C LEU A 77 1.53 -1.46 3.48
N ASN A 78 1.16 -2.04 4.62
CA ASN A 78 0.96 -1.27 5.84
C ASN A 78 2.32 -0.93 6.41
N LEU A 79 3.25 -1.86 6.28
CA LEU A 79 4.61 -1.67 6.77
C LEU A 79 5.30 -0.57 5.97
N ILE A 80 5.39 -0.77 4.66
CA ILE A 80 6.00 0.22 3.78
C ILE A 80 5.09 1.42 3.60
N GLY A 81 3.81 1.16 3.37
CA GLY A 81 2.86 2.25 3.21
C GLY A 81 2.95 3.19 4.39
N GLY A 82 2.91 2.63 5.59
CA GLY A 82 3.05 3.43 6.79
C GLY A 82 4.26 4.34 6.72
N LEU A 83 5.39 3.80 6.27
CA LEU A 83 6.60 4.61 6.14
C LEU A 83 6.34 5.81 5.24
N ALA A 84 5.66 5.57 4.13
CA ALA A 84 5.34 6.65 3.19
C ALA A 84 4.58 7.76 3.90
N VAL A 85 3.66 7.38 4.75
CA VAL A 85 2.86 8.34 5.49
C VAL A 85 3.67 9.00 6.58
N ALA A 86 4.78 8.40 6.92
CA ALA A 86 5.64 8.90 7.96
C ALA A 86 6.94 9.45 7.38
N CYS A 87 6.94 9.70 6.08
CA CYS A 87 8.13 10.23 5.42
C CYS A 87 7.81 10.93 4.09
N HIS A 88 6.82 10.41 3.35
CA HIS A 88 6.47 11.01 2.06
C HIS A 88 5.04 11.55 2.01
N GLU A 89 4.06 10.64 2.05
CA GLU A 89 2.64 11.01 1.97
C GLU A 89 2.35 12.32 2.70
N SER A 90 1.27 12.98 2.30
CA SER A 90 0.87 14.24 2.89
C SER A 90 0.41 14.05 4.34
N PHE A 91 1.34 13.66 5.20
CA PHE A 91 1.03 13.44 6.61
C PHE A 91 2.18 13.91 7.49
N VAL A 92 3.40 13.49 7.15
CA VAL A 92 4.58 13.85 7.90
C VAL A 92 4.90 15.34 7.74
N LYS A 93 4.45 15.92 6.63
CA LYS A 93 4.67 17.34 6.35
C LYS A 93 3.71 18.21 7.15
N ALA A 94 2.60 17.63 7.59
CA ALA A 94 1.60 18.37 8.35
C ALA A 94 1.80 18.18 9.85
N ALA A 95 3.04 17.93 10.25
CA ALA A 95 3.36 17.72 11.66
C ALA A 95 3.67 19.05 12.35
N PRO A 96 4.58 19.85 11.77
CA PRO A 96 4.96 21.15 12.34
C PRO A 96 3.76 22.07 12.59
N PRO A 97 2.85 22.20 11.60
CA PRO A 97 1.66 23.05 11.75
C PRO A 97 0.62 22.45 12.68
N GLN A 98 0.52 21.12 12.68
CA GLN A 98 -0.44 20.42 13.53
C GLN A 98 0.06 20.36 14.96
N LYS A 99 -0.84 20.64 15.91
CA LYS A 99 -0.48 20.61 17.33
C LYS A 99 -1.20 19.47 18.05
N ARG A 100 -0.43 18.62 18.72
CA ARG A 100 -1.00 17.50 19.46
C ARG A 100 -0.51 17.48 20.90
N PHE A 101 0.80 17.70 21.08
CA PHE A 101 1.39 17.71 22.41
C PHE A 101 1.97 19.09 22.73
N SER B 1 15.96 3.71 -12.55
CA SER B 1 17.16 4.24 -13.25
C SER B 1 18.27 4.58 -12.25
N ARG B 2 18.13 5.73 -11.59
CA ARG B 2 19.12 6.17 -10.61
C ARG B 2 18.71 5.78 -9.19
N PRO B 3 17.48 6.14 -8.77
CA PRO B 3 16.96 5.83 -7.44
C PRO B 3 16.83 4.32 -7.21
N THR B 4 15.65 3.86 -6.80
CA THR B 4 15.41 2.44 -6.56
C THR B 4 14.00 2.05 -6.95
N GLU B 5 13.87 0.84 -7.46
CA GLU B 5 12.58 0.31 -7.88
C GLU B 5 11.50 0.60 -6.85
N THR B 6 11.83 0.38 -5.58
CA THR B 6 10.90 0.64 -4.49
C THR B 6 10.60 2.13 -4.41
N GLU B 7 11.64 2.94 -4.60
CA GLU B 7 11.49 4.40 -4.54
C GLU B 7 10.34 4.85 -5.44
N ARG B 8 10.18 4.18 -6.57
CA ARG B 8 9.12 4.50 -7.50
C ARG B 8 7.79 3.88 -7.03
N CYS B 9 7.89 2.79 -6.28
CA CYS B 9 6.70 2.09 -5.78
C CYS B 9 5.95 2.93 -4.74
N ILE B 10 6.70 3.57 -3.85
CA ILE B 10 6.09 4.39 -2.81
C ILE B 10 5.52 5.68 -3.38
N GLU B 11 6.35 6.43 -4.09
CA GLU B 11 5.93 7.71 -4.65
C GLU B 11 4.64 7.58 -5.47
N SER B 12 4.40 6.40 -6.02
CA SER B 12 3.20 6.17 -6.81
C SER B 12 1.96 5.99 -5.93
N LEU B 13 2.00 5.03 -5.02
CA LEU B 13 0.86 4.76 -4.14
C LEU B 13 0.48 6.00 -3.33
N ILE B 14 1.44 6.87 -3.07
CA ILE B 14 1.19 8.08 -2.33
C ILE B 14 0.41 9.05 -3.18
N ALA B 15 0.78 9.08 -4.44
CA ALA B 15 0.22 10.00 -5.39
C ALA B 15 -1.16 9.55 -5.85
N VAL B 16 -1.32 8.25 -6.04
CA VAL B 16 -2.61 7.73 -6.44
C VAL B 16 -3.66 8.24 -5.46
N PHE B 17 -3.23 8.39 -4.22
CA PHE B 17 -4.10 8.86 -3.15
C PHE B 17 -4.27 10.38 -3.15
N GLN B 18 -3.16 11.13 -3.02
CA GLN B 18 -3.24 12.59 -2.96
C GLN B 18 -3.63 13.22 -4.30
N LYS B 19 -3.32 12.54 -5.39
CA LYS B 19 -3.67 13.05 -6.71
C LYS B 19 -5.17 13.31 -6.78
N TYR B 20 -5.93 12.30 -6.39
CA TYR B 20 -7.38 12.39 -6.36
C TYR B 20 -7.81 13.15 -5.11
N ALA B 21 -6.98 13.02 -4.08
CA ALA B 21 -7.22 13.66 -2.79
C ALA B 21 -6.84 15.14 -2.80
N GLY B 22 -6.38 15.63 -3.95
CA GLY B 22 -5.99 17.03 -4.04
C GLY B 22 -4.52 17.25 -3.80
N LYS B 23 -3.92 18.16 -4.55
CA LYS B 23 -2.49 18.46 -4.41
C LYS B 23 -2.29 19.85 -3.84
N ASP B 24 -3.21 20.76 -4.16
CA ASP B 24 -3.12 22.14 -3.68
C ASP B 24 -4.05 22.35 -2.49
N GLY B 25 -3.49 22.84 -1.39
CA GLY B 25 -4.29 23.08 -0.20
C GLY B 25 -4.09 22.00 0.85
N HIS B 26 -3.81 20.79 0.42
CA HIS B 26 -3.60 19.67 1.33
C HIS B 26 -4.86 19.40 2.15
N SER B 27 -5.49 18.26 1.91
CA SER B 27 -6.71 17.88 2.62
C SER B 27 -6.44 16.72 3.58
N VAL B 28 -5.46 15.88 3.24
CA VAL B 28 -5.09 14.73 4.06
C VAL B 28 -6.01 13.54 3.81
N THR B 29 -7.07 13.76 3.03
CA THR B 29 -8.01 12.69 2.71
C THR B 29 -8.43 12.75 1.25
N LEU B 30 -9.30 11.83 0.85
CA LEU B 30 -9.77 11.77 -0.53
C LEU B 30 -11.31 11.64 -0.55
N SER B 31 -11.82 10.60 -1.22
CA SER B 31 -13.25 10.37 -1.30
C SER B 31 -13.54 9.03 -1.99
N LYS B 32 -14.32 8.19 -1.33
CA LYS B 32 -14.65 6.87 -1.86
C LYS B 32 -15.13 6.96 -3.30
N THR B 33 -15.87 8.02 -3.61
CA THR B 33 -16.39 8.22 -4.95
C THR B 33 -15.29 8.66 -5.91
N GLU B 34 -14.42 9.57 -5.47
CA GLU B 34 -13.34 10.04 -6.33
C GLU B 34 -12.50 8.86 -6.80
N PHE B 35 -12.45 7.81 -5.98
CA PHE B 35 -11.70 6.61 -6.31
C PHE B 35 -12.44 5.83 -7.40
N LEU B 36 -13.77 5.96 -7.42
CA LEU B 36 -14.59 5.27 -8.41
C LEU B 36 -14.20 5.66 -9.82
N SER B 37 -14.31 6.95 -10.08
CA SER B 37 -14.02 7.48 -11.39
C SER B 37 -12.53 7.37 -11.72
N PHE B 38 -11.69 7.84 -10.81
CA PHE B 38 -10.25 7.80 -11.01
C PHE B 38 -9.76 6.37 -11.24
N MET B 39 -10.51 5.40 -10.73
CA MET B 39 -10.15 3.99 -10.89
C MET B 39 -10.54 3.50 -12.28
N ASN B 40 -11.80 3.70 -12.63
CA ASN B 40 -12.31 3.28 -13.93
C ASN B 40 -11.53 3.90 -15.09
N THR B 41 -10.82 4.99 -14.83
CA THR B 41 -10.06 5.67 -15.88
C THR B 41 -8.60 5.27 -15.90
N GLU B 42 -8.05 4.92 -14.74
CA GLU B 42 -6.64 4.56 -14.65
C GLU B 42 -6.43 3.20 -14.02
N LEU B 43 -7.18 2.91 -12.96
CA LEU B 43 -7.06 1.62 -12.27
C LEU B 43 -8.21 0.72 -12.66
N ALA B 44 -8.62 0.84 -13.92
CA ALA B 44 -9.72 0.04 -14.45
C ALA B 44 -9.24 -1.35 -14.85
N ALA B 45 -7.97 -1.45 -15.22
CA ALA B 45 -7.38 -2.72 -15.61
C ALA B 45 -7.60 -3.77 -14.53
N PHE B 46 -7.76 -3.31 -13.29
CA PHE B 46 -7.97 -4.21 -12.16
C PHE B 46 -9.45 -4.24 -11.75
N THR B 47 -10.32 -3.76 -12.64
CA THR B 47 -11.75 -3.73 -12.37
C THR B 47 -12.53 -3.18 -13.57
N LYS B 48 -12.19 -3.67 -14.76
CA LYS B 48 -12.85 -3.22 -15.98
C LYS B 48 -13.52 -4.39 -16.69
N ASN B 49 -12.87 -5.55 -16.66
CA ASN B 49 -13.40 -6.75 -17.31
C ASN B 49 -12.87 -8.01 -16.63
N GLN B 50 -12.56 -7.90 -15.34
CA GLN B 50 -12.04 -9.02 -14.58
C GLN B 50 -13.17 -9.98 -14.18
N LYS B 51 -14.40 -9.47 -14.14
CA LYS B 51 -15.55 -10.26 -13.77
C LYS B 51 -15.46 -10.71 -12.31
N ASP B 52 -14.81 -9.88 -11.48
CA ASP B 52 -14.66 -10.19 -10.07
C ASP B 52 -15.03 -8.99 -9.21
N PRO B 53 -16.34 -8.82 -8.93
CA PRO B 53 -16.84 -7.71 -8.11
C PRO B 53 -16.27 -7.74 -6.69
N GLY B 54 -15.72 -8.88 -6.30
CA GLY B 54 -15.16 -9.02 -4.97
C GLY B 54 -13.86 -8.25 -4.80
N VAL B 55 -13.27 -7.82 -5.91
CA VAL B 55 -12.02 -7.08 -5.87
C VAL B 55 -12.27 -5.59 -5.62
N LEU B 56 -13.02 -4.97 -6.53
CA LEU B 56 -13.33 -3.56 -6.42
C LEU B 56 -14.21 -3.29 -5.19
N ASP B 57 -15.28 -4.05 -5.06
CA ASP B 57 -16.20 -3.91 -3.94
C ASP B 57 -15.47 -4.09 -2.61
N ARG B 58 -14.37 -4.84 -2.63
CA ARG B 58 -13.58 -5.08 -1.43
C ARG B 58 -13.09 -3.78 -0.82
N MET B 59 -12.50 -2.94 -1.65
CA MET B 59 -11.99 -1.65 -1.19
C MET B 59 -13.09 -0.83 -0.54
N MET B 60 -14.18 -0.65 -1.26
CA MET B 60 -15.31 0.14 -0.76
C MET B 60 -15.95 -0.49 0.47
N LYS B 61 -15.75 -1.80 0.62
CA LYS B 61 -16.33 -2.51 1.77
C LYS B 61 -15.48 -2.27 3.01
N LYS B 62 -14.22 -2.69 2.97
CA LYS B 62 -13.29 -2.53 4.08
C LYS B 62 -12.70 -1.12 4.14
N LEU B 63 -13.17 -0.22 3.26
CA LEU B 63 -12.65 1.14 3.21
C LEU B 63 -12.63 1.78 4.59
N ASP B 64 -13.49 1.31 5.47
CA ASP B 64 -13.57 1.85 6.81
C ASP B 64 -14.15 3.26 6.80
N LEU B 65 -15.40 3.38 6.38
CA LEU B 65 -16.06 4.67 6.30
C LEU B 65 -17.33 4.67 7.15
N ASN B 66 -17.77 5.86 7.56
CA ASN B 66 -18.96 5.99 8.39
C ASN B 66 -19.57 7.39 8.24
N SER B 67 -18.92 8.37 8.86
CA SER B 67 -19.40 9.75 8.81
C SER B 67 -18.33 10.71 9.31
N ASP B 68 -18.07 11.77 8.53
CA ASP B 68 -17.07 12.76 8.90
C ASP B 68 -15.69 12.12 9.03
N GLY B 69 -14.87 12.27 7.98
CA GLY B 69 -13.54 11.70 8.00
C GLY B 69 -12.95 11.55 6.61
N GLN B 70 -13.83 11.35 5.62
CA GLN B 70 -13.40 11.20 4.24
C GLN B 70 -12.48 9.98 4.09
N LEU B 71 -11.82 9.87 2.94
CA LEU B 71 -10.89 8.78 2.69
C LEU B 71 -9.73 8.85 3.68
N ASP B 72 -8.49 8.68 3.23
CA ASP B 72 -7.34 8.75 4.15
C ASP B 72 -6.05 8.35 3.46
N PHE B 73 -4.99 8.15 4.25
CA PHE B 73 -3.69 7.77 3.73
C PHE B 73 -3.65 6.29 3.34
N GLN B 74 -3.88 5.39 4.29
CA GLN B 74 -3.87 3.97 3.98
C GLN B 74 -5.19 3.55 3.36
N GLU B 75 -6.26 4.29 3.67
CA GLU B 75 -7.57 3.98 3.10
C GLU B 75 -7.41 3.75 1.60
N PHE B 76 -6.43 4.45 1.01
CA PHE B 76 -6.13 4.31 -0.40
C PHE B 76 -5.27 3.07 -0.62
N LEU B 77 -4.16 3.00 0.10
CA LEU B 77 -3.25 1.86 -0.01
C LEU B 77 -4.02 0.58 0.28
N ASN B 78 -4.99 0.68 1.18
CA ASN B 78 -5.83 -0.45 1.53
C ASN B 78 -6.83 -0.67 0.40
N LEU B 79 -7.30 0.43 -0.17
CA LEU B 79 -8.25 0.38 -1.26
C LEU B 79 -7.61 -0.24 -2.49
N ILE B 80 -6.51 0.37 -2.96
CA ILE B 80 -5.79 -0.14 -4.11
C ILE B 80 -5.01 -1.39 -3.73
N GLY B 81 -4.31 -1.34 -2.59
CA GLY B 81 -3.57 -2.50 -2.15
C GLY B 81 -4.44 -3.72 -2.13
N GLY B 82 -5.62 -3.58 -1.51
CA GLY B 82 -6.57 -4.67 -1.46
C GLY B 82 -6.83 -5.25 -2.85
N LEU B 83 -7.00 -4.36 -3.84
CA LEU B 83 -7.21 -4.82 -5.21
C LEU B 83 -6.06 -5.71 -5.66
N ALA B 84 -4.84 -5.28 -5.37
CA ALA B 84 -3.66 -6.05 -5.74
C ALA B 84 -3.74 -7.46 -5.19
N VAL B 85 -4.20 -7.57 -3.95
CA VAL B 85 -4.32 -8.86 -3.29
C VAL B 85 -5.48 -9.65 -3.85
N ALA B 86 -6.36 -8.95 -4.52
CA ALA B 86 -7.54 -9.57 -5.09
C ALA B 86 -7.45 -9.63 -6.62
N CYS B 87 -6.24 -9.45 -7.14
CA CYS B 87 -6.04 -9.48 -8.58
C CYS B 87 -4.58 -9.79 -8.96
N HIS B 88 -3.63 -9.29 -8.18
CA HIS B 88 -2.22 -9.51 -8.50
C HIS B 88 -1.47 -10.28 -7.41
N GLU B 89 -1.28 -9.65 -6.24
CA GLU B 89 -0.55 -10.27 -5.13
C GLU B 89 -0.80 -11.77 -5.04
N SER B 90 0.13 -12.48 -4.43
CA SER B 90 0.04 -13.92 -4.26
C SER B 90 -1.09 -14.29 -3.30
N PHE B 91 -2.32 -14.02 -3.71
CA PHE B 91 -3.50 -14.31 -2.90
C PHE B 91 -4.65 -14.78 -3.77
N VAL B 92 -4.93 -14.02 -4.82
CA VAL B 92 -6.01 -14.37 -5.73
C VAL B 92 -5.70 -15.62 -6.53
N LYS B 93 -4.41 -15.91 -6.69
CA LYS B 93 -3.96 -17.08 -7.44
C LYS B 93 -4.08 -18.35 -6.59
N ALA B 94 -4.13 -18.17 -5.26
CA ALA B 94 -4.24 -19.30 -4.36
C ALA B 94 -5.69 -19.56 -3.96
N ALA B 95 -6.62 -19.19 -4.84
CA ALA B 95 -8.04 -19.38 -4.59
C ALA B 95 -8.51 -20.77 -5.04
N PRO B 96 -8.20 -21.13 -6.30
CA PRO B 96 -8.59 -22.44 -6.86
C PRO B 96 -8.12 -23.61 -6.00
N PRO B 97 -6.85 -23.62 -5.55
CA PRO B 97 -6.31 -24.69 -4.72
C PRO B 97 -6.83 -24.66 -3.30
N GLN B 98 -7.06 -23.44 -2.79
CA GLN B 98 -7.56 -23.27 -1.44
C GLN B 98 -9.06 -23.55 -1.36
N LYS B 99 -9.47 -24.28 -0.34
CA LYS B 99 -10.88 -24.63 -0.17
C LYS B 99 -11.45 -23.96 1.08
N ARG B 100 -12.55 -23.22 0.89
CA ARG B 100 -13.20 -22.53 1.99
C ARG B 100 -14.68 -22.87 2.05
N PHE B 101 -15.34 -22.85 0.89
CA PHE B 101 -16.76 -23.16 0.81
C PHE B 101 -17.00 -24.42 -0.01
N SER A 1 -1.74 -3.17 -24.95
CA SER A 1 -2.66 -2.04 -25.23
C SER A 1 -2.37 -0.86 -24.30
N ARG A 2 -1.09 -0.60 -24.06
CA ARG A 2 -0.68 0.49 -23.19
C ARG A 2 -1.22 0.30 -21.77
N PRO A 3 -0.38 -0.13 -20.82
CA PRO A 3 -0.78 -0.34 -19.43
C PRO A 3 -1.28 0.94 -18.77
N THR A 4 -0.70 1.33 -17.64
CA THR A 4 -1.12 2.55 -16.94
C THR A 4 -0.17 2.89 -15.82
N GLU A 5 0.03 4.19 -15.63
CA GLU A 5 0.92 4.70 -14.59
C GLU A 5 0.69 3.97 -13.27
N THR A 6 -0.57 3.73 -12.95
CA THR A 6 -0.94 3.01 -11.73
C THR A 6 -0.50 1.57 -11.82
N GLU A 7 -0.65 0.98 -13.00
CA GLU A 7 -0.26 -0.41 -13.22
C GLU A 7 1.16 -0.65 -12.74
N ARG A 8 2.01 0.36 -12.88
CA ARG A 8 3.39 0.28 -12.43
C ARG A 8 3.48 0.48 -10.92
N CYS A 9 2.52 1.22 -10.37
CA CYS A 9 2.49 1.49 -8.93
C CYS A 9 2.18 0.24 -8.13
N ILE A 10 1.18 -0.52 -8.58
CA ILE A 10 0.78 -1.73 -7.90
C ILE A 10 1.88 -2.80 -7.96
N GLU A 11 2.30 -3.14 -9.17
CA GLU A 11 3.33 -4.15 -9.37
C GLU A 11 4.58 -3.86 -8.54
N SER A 12 4.79 -2.59 -8.24
CA SER A 12 5.96 -2.17 -7.46
C SER A 12 5.86 -2.62 -6.00
N LEU A 13 4.77 -2.23 -5.33
CA LEU A 13 4.58 -2.57 -3.92
C LEU A 13 4.33 -4.07 -3.69
N ILE A 14 3.78 -4.75 -4.68
CA ILE A 14 3.53 -6.17 -4.56
C ILE A 14 4.82 -6.94 -4.54
N ALA A 15 5.76 -6.44 -5.31
CA ALA A 15 7.04 -7.07 -5.49
C ALA A 15 7.98 -6.85 -4.30
N VAL A 16 7.81 -5.72 -3.62
CA VAL A 16 8.62 -5.42 -2.47
C VAL A 16 8.39 -6.46 -1.38
N PHE A 17 7.13 -6.89 -1.26
CA PHE A 17 6.74 -7.86 -0.23
C PHE A 17 7.09 -9.30 -0.62
N GLN A 18 6.52 -9.78 -1.73
CA GLN A 18 6.75 -11.15 -2.17
C GLN A 18 8.23 -11.45 -2.41
N LYS A 19 9.02 -10.43 -2.72
CA LYS A 19 10.44 -10.65 -2.96
C LYS A 19 11.05 -11.42 -1.79
N TYR A 20 10.82 -10.92 -0.59
CA TYR A 20 11.28 -11.59 0.61
C TYR A 20 10.32 -12.71 0.97
N ALA A 21 9.06 -12.50 0.59
CA ALA A 21 7.97 -13.44 0.84
C ALA A 21 7.90 -14.54 -0.22
N GLY A 22 9.01 -14.75 -0.94
CA GLY A 22 9.04 -15.78 -1.97
C GLY A 22 8.57 -15.26 -3.31
N LYS A 23 9.42 -15.42 -4.33
CA LYS A 23 9.08 -14.97 -5.67
C LYS A 23 8.96 -16.16 -6.63
N ASP A 24 8.54 -17.29 -6.09
CA ASP A 24 8.39 -18.50 -6.90
C ASP A 24 7.08 -19.22 -6.56
N GLY A 25 6.86 -19.44 -5.26
CA GLY A 25 5.64 -20.11 -4.83
C GLY A 25 5.82 -20.84 -3.52
N HIS A 26 5.93 -20.06 -2.43
CA HIS A 26 6.11 -20.64 -1.10
C HIS A 26 5.46 -19.75 -0.04
N SER A 27 4.24 -20.10 0.35
CA SER A 27 3.50 -19.34 1.35
C SER A 27 3.24 -17.92 0.88
N VAL A 28 2.12 -17.35 1.30
CA VAL A 28 1.75 -15.99 0.92
C VAL A 28 1.98 -15.02 2.07
N THR A 29 3.06 -15.23 2.81
CA THR A 29 3.40 -14.38 3.94
C THR A 29 4.91 -14.25 4.10
N LEU A 30 5.33 -13.20 4.78
CA LEU A 30 6.75 -12.95 5.02
C LEU A 30 7.04 -12.97 6.52
N SER A 31 8.10 -12.31 6.94
CA SER A 31 8.44 -12.26 8.35
C SER A 31 8.89 -10.86 8.74
N LYS A 32 8.41 -10.39 9.88
CA LYS A 32 8.75 -9.06 10.38
C LYS A 32 10.26 -8.85 10.34
N THR A 33 11.01 -9.89 10.71
CA THR A 33 12.45 -9.82 10.72
C THR A 33 13.03 -9.86 9.31
N GLU A 34 12.52 -10.75 8.47
CA GLU A 34 13.01 -10.85 7.10
C GLU A 34 12.80 -9.52 6.38
N PHE A 35 11.77 -8.79 6.80
CA PHE A 35 11.48 -7.50 6.20
C PHE A 35 12.46 -6.44 6.69
N LEU A 36 13.02 -6.65 7.89
CA LEU A 36 13.99 -5.71 8.46
C LEU A 36 15.10 -5.43 7.46
N SER A 37 15.77 -6.50 7.08
CA SER A 37 16.87 -6.41 6.13
C SER A 37 16.44 -5.68 4.88
N PHE A 38 15.27 -6.07 4.35
CA PHE A 38 14.73 -5.44 3.15
C PHE A 38 14.57 -3.93 3.36
N MET A 39 14.35 -3.54 4.62
CA MET A 39 14.17 -2.14 4.97
C MET A 39 15.51 -1.43 5.03
N ASN A 40 16.53 -2.13 5.50
CA ASN A 40 17.87 -1.57 5.60
C ASN A 40 18.52 -1.42 4.23
N THR A 41 18.01 -2.16 3.25
CA THR A 41 18.55 -2.12 1.90
C THR A 41 17.61 -1.40 0.94
N GLU A 42 16.57 -2.09 0.52
CA GLU A 42 15.58 -1.54 -0.42
C GLU A 42 15.05 -0.20 0.04
N LEU A 43 15.03 0.02 1.34
CA LEU A 43 14.54 1.28 1.90
C LEU A 43 15.49 1.79 2.97
N ALA A 44 16.76 1.88 2.63
CA ALA A 44 17.78 2.35 3.55
C ALA A 44 17.74 3.86 3.69
N ALA A 45 17.24 4.52 2.66
CA ALA A 45 17.12 5.97 2.65
C ALA A 45 16.10 6.45 3.68
N PHE A 46 15.28 5.52 4.17
CA PHE A 46 14.25 5.85 5.15
C PHE A 46 14.69 5.50 6.56
N THR A 47 15.67 4.59 6.66
CA THR A 47 16.18 4.17 7.97
C THR A 47 17.58 4.72 8.23
N LYS A 48 18.28 5.08 7.15
CA LYS A 48 19.63 5.62 7.27
C LYS A 48 19.66 6.83 8.21
N ASN A 49 20.66 6.85 9.09
CA ASN A 49 20.83 7.95 10.05
C ASN A 49 19.90 7.77 11.26
N GLN A 50 18.65 7.39 11.00
CA GLN A 50 17.68 7.20 12.07
C GLN A 50 17.29 8.53 12.70
N LYS A 51 17.32 9.59 11.90
CA LYS A 51 16.97 10.92 12.37
C LYS A 51 15.47 11.02 12.63
N ASP A 52 14.69 10.22 11.92
CA ASP A 52 13.24 10.23 12.08
C ASP A 52 12.78 8.98 12.82
N PRO A 53 12.98 8.92 14.14
CA PRO A 53 12.59 7.78 14.96
C PRO A 53 11.07 7.65 15.07
N GLY A 54 10.48 6.94 14.12
CA GLY A 54 9.04 6.75 14.12
C GLY A 54 8.55 6.06 12.86
N VAL A 55 9.13 6.43 11.72
CA VAL A 55 8.75 5.85 10.44
C VAL A 55 8.78 4.33 10.49
N LEU A 56 9.95 3.77 10.71
CA LEU A 56 10.13 2.32 10.79
C LEU A 56 9.29 1.74 11.92
N ASP A 57 9.44 2.31 13.11
CA ASP A 57 8.72 1.85 14.29
C ASP A 57 7.21 1.85 14.04
N ARG A 58 6.74 2.78 13.21
CA ARG A 58 5.33 2.89 12.90
C ARG A 58 4.80 1.59 12.28
N MET A 59 5.59 1.02 11.37
CA MET A 59 5.19 -0.22 10.70
C MET A 59 5.07 -1.37 11.69
N MET A 60 6.13 -1.59 12.45
CA MET A 60 6.15 -2.67 13.43
C MET A 60 5.05 -2.50 14.47
N LYS A 61 4.68 -1.26 14.74
CA LYS A 61 3.64 -0.97 15.72
C LYS A 61 2.26 -1.19 15.11
N LYS A 62 1.96 -0.46 14.04
CA LYS A 62 0.67 -0.58 13.36
C LYS A 62 0.63 -1.80 12.42
N LEU A 63 1.68 -2.62 12.46
CA LEU A 63 1.76 -3.80 11.60
C LEU A 63 0.44 -4.57 11.59
N ASP A 64 -0.23 -4.55 12.72
CA ASP A 64 -1.52 -5.22 12.86
C ASP A 64 -1.49 -6.62 12.25
N LEU A 65 -0.98 -7.60 13.00
CA LEU A 65 -0.90 -8.97 12.53
C LEU A 65 -2.18 -9.73 12.86
N ASN A 66 -2.99 -9.98 11.83
CA ASN A 66 -4.25 -10.69 12.02
C ASN A 66 -4.08 -12.19 11.76
N SER A 67 -3.20 -12.53 10.82
CA SER A 67 -2.94 -13.92 10.48
C SER A 67 -2.45 -14.69 11.69
N ASP A 68 -2.09 -15.96 11.49
CA ASP A 68 -1.61 -16.81 12.57
C ASP A 68 -0.42 -16.17 13.28
N GLY A 69 0.29 -15.28 12.58
CA GLY A 69 1.43 -14.60 13.16
C GLY A 69 2.41 -14.12 12.12
N GLN A 70 2.39 -14.76 10.94
CA GLN A 70 3.29 -14.37 9.86
C GLN A 70 2.91 -13.02 9.28
N LEU A 71 3.74 -12.51 8.37
CA LEU A 71 3.48 -11.23 7.74
C LEU A 71 2.21 -11.36 6.87
N ASP A 72 2.21 -10.81 5.65
CA ASP A 72 1.04 -10.91 4.78
C ASP A 72 1.20 -10.04 3.54
N PHE A 73 0.09 -9.81 2.85
CA PHE A 73 0.07 -9.02 1.63
C PHE A 73 0.04 -7.52 1.95
N GLN A 74 -0.98 -7.09 2.70
CA GLN A 74 -1.09 -5.68 3.05
C GLN A 74 -0.17 -5.35 4.22
N GLU A 75 0.10 -6.36 5.06
CA GLU A 75 0.96 -6.15 6.21
C GLU A 75 2.19 -5.36 5.79
N PHE A 76 2.67 -5.64 4.58
CA PHE A 76 3.82 -4.93 4.06
C PHE A 76 3.39 -3.57 3.51
N LEU A 77 2.42 -3.58 2.60
CA LEU A 77 1.90 -2.35 2.03
C LEU A 77 1.58 -1.37 3.14
N ASN A 78 1.11 -1.90 4.27
CA ASN A 78 0.80 -1.09 5.43
C ASN A 78 2.11 -0.74 6.13
N LEU A 79 3.03 -1.70 6.14
CA LEU A 79 4.34 -1.51 6.75
C LEU A 79 5.09 -0.43 5.98
N ILE A 80 5.30 -0.65 4.68
CA ILE A 80 5.99 0.32 3.85
C ILE A 80 5.10 1.53 3.60
N GLY A 81 3.82 1.27 3.33
CA GLY A 81 2.89 2.37 3.12
C GLY A 81 2.96 3.34 4.26
N GLY A 82 2.88 2.80 5.48
CA GLY A 82 2.99 3.64 6.67
C GLY A 82 4.23 4.52 6.61
N LEU A 83 5.34 3.96 6.14
CA LEU A 83 6.58 4.73 6.03
C LEU A 83 6.38 5.92 5.09
N ALA A 84 5.74 5.67 3.95
CA ALA A 84 5.49 6.73 2.98
C ALA A 84 4.73 7.88 3.62
N VAL A 85 3.92 7.54 4.60
CA VAL A 85 3.13 8.53 5.32
C VAL A 85 3.93 9.18 6.44
N ALA A 86 5.00 8.52 6.82
CA ALA A 86 5.86 9.02 7.89
C ALA A 86 7.24 9.40 7.35
N CYS A 87 7.36 9.47 6.03
CA CYS A 87 8.62 9.82 5.40
C CYS A 87 8.42 10.50 4.05
N HIS A 88 7.40 10.04 3.30
CA HIS A 88 7.12 10.62 1.99
C HIS A 88 6.16 11.80 2.10
N GLU A 89 5.69 12.29 0.95
CA GLU A 89 4.78 13.42 0.91
C GLU A 89 3.32 12.95 1.05
N SER A 90 3.03 12.22 2.12
CA SER A 90 1.68 11.74 2.37
C SER A 90 1.14 12.32 3.68
N PHE A 91 1.96 12.26 4.72
CA PHE A 91 1.57 12.79 6.03
C PHE A 91 2.72 13.59 6.64
N VAL A 92 3.67 12.88 7.25
CA VAL A 92 4.84 13.51 7.87
C VAL A 92 4.48 14.74 8.71
N LYS A 93 3.21 14.84 9.08
CA LYS A 93 2.72 15.97 9.87
C LYS A 93 2.91 17.29 9.11
N ALA A 94 3.01 17.20 7.80
CA ALA A 94 3.20 18.38 6.96
C ALA A 94 4.38 19.21 7.43
N ALA A 95 5.58 18.66 7.27
CA ALA A 95 6.80 19.34 7.70
C ALA A 95 7.92 19.17 6.66
N PRO A 96 7.69 19.57 5.40
CA PRO A 96 8.69 19.45 4.33
C PRO A 96 9.97 20.24 4.64
N PRO A 97 9.85 21.51 5.07
CA PRO A 97 11.01 22.34 5.39
C PRO A 97 11.43 22.24 6.85
N GLN A 98 11.17 21.10 7.47
CA GLN A 98 11.52 20.89 8.86
C GLN A 98 12.87 20.17 9.00
N LYS A 99 13.23 19.40 7.98
CA LYS A 99 14.49 18.67 8.00
C LYS A 99 15.68 19.62 8.15
N ARG A 100 15.72 20.65 7.29
CA ARG A 100 16.80 21.63 7.32
C ARG A 100 18.17 20.96 7.44
N PHE A 101 18.28 19.75 6.90
CA PHE A 101 19.53 19.00 6.95
C PHE A 101 19.62 18.01 5.80
N SER B 1 22.18 10.42 -5.93
CA SER B 1 23.04 9.26 -5.57
C SER B 1 22.35 7.94 -5.88
N ARG B 2 21.65 7.90 -7.02
CA ARG B 2 20.93 6.69 -7.43
C ARG B 2 19.87 6.31 -6.40
N PRO B 3 18.59 6.58 -6.71
CA PRO B 3 17.47 6.26 -5.80
C PRO B 3 17.36 4.76 -5.53
N THR B 4 16.21 4.16 -5.79
CA THR B 4 16.01 2.74 -5.56
C THR B 4 14.69 2.25 -6.14
N GLU B 5 14.71 1.04 -6.65
CA GLU B 5 13.53 0.42 -7.24
C GLU B 5 12.30 0.64 -6.37
N THR B 6 12.49 0.50 -5.06
CA THR B 6 11.41 0.70 -4.10
C THR B 6 11.01 2.16 -4.07
N GLU B 7 12.00 3.03 -4.16
CA GLU B 7 11.74 4.48 -4.13
C GLU B 7 10.68 4.84 -5.16
N ARG B 8 10.66 4.12 -6.27
CA ARG B 8 9.68 4.35 -7.31
C ARG B 8 8.34 3.71 -6.94
N CYS B 9 8.40 2.65 -6.14
CA CYS B 9 7.20 1.94 -5.71
C CYS B 9 6.36 2.79 -4.77
N ILE B 10 7.01 3.42 -3.80
CA ILE B 10 6.31 4.25 -2.83
C ILE B 10 5.70 5.48 -3.50
N GLU B 11 6.53 6.26 -4.17
CA GLU B 11 6.07 7.48 -4.83
C GLU B 11 4.88 7.21 -5.74
N SER B 12 4.79 5.98 -6.24
CA SER B 12 3.71 5.60 -7.13
C SER B 12 2.36 5.53 -6.41
N LEU B 13 2.29 4.73 -5.34
CA LEU B 13 1.05 4.56 -4.58
C LEU B 13 0.64 5.83 -3.82
N ILE B 14 1.60 6.65 -3.45
CA ILE B 14 1.29 7.88 -2.74
C ILE B 14 0.58 8.86 -3.64
N ALA B 15 0.98 8.84 -4.89
CA ALA B 15 0.48 9.75 -5.89
C ALA B 15 -0.90 9.36 -6.39
N VAL B 16 -1.21 8.07 -6.36
CA VAL B 16 -2.51 7.60 -6.78
C VAL B 16 -3.59 8.16 -5.87
N PHE B 17 -3.26 8.25 -4.58
CA PHE B 17 -4.21 8.76 -3.60
C PHE B 17 -4.31 10.28 -3.57
N GLN B 18 -3.20 10.95 -3.30
CA GLN B 18 -3.18 12.42 -3.22
C GLN B 18 -3.65 13.08 -4.52
N LYS B 19 -3.48 12.39 -5.64
CA LYS B 19 -3.91 12.96 -6.92
C LYS B 19 -5.34 13.43 -6.82
N TYR B 20 -6.22 12.55 -6.36
CA TYR B 20 -7.62 12.89 -6.15
C TYR B 20 -7.76 13.62 -4.82
N ALA B 21 -6.87 13.27 -3.91
CA ALA B 21 -6.84 13.84 -2.56
C ALA B 21 -6.09 15.18 -2.52
N GLY B 22 -5.96 15.83 -3.67
CA GLY B 22 -5.27 17.11 -3.72
C GLY B 22 -3.78 16.95 -3.93
N LYS B 23 -3.27 17.60 -4.97
CA LYS B 23 -1.84 17.53 -5.28
C LYS B 23 -1.19 18.91 -5.12
N ASP B 24 -1.72 19.71 -4.22
CA ASP B 24 -1.20 21.05 -3.97
C ASP B 24 -1.11 21.34 -2.47
N GLY B 25 -2.21 21.10 -1.76
CA GLY B 25 -2.23 21.32 -0.33
C GLY B 25 -3.63 21.61 0.19
N HIS B 26 -4.46 20.58 0.22
CA HIS B 26 -5.84 20.73 0.70
C HIS B 26 -6.32 19.45 1.35
N SER B 27 -6.24 19.39 2.68
CA SER B 27 -6.67 18.22 3.43
C SER B 27 -5.84 17.00 3.05
N VAL B 28 -5.64 16.10 4.02
CA VAL B 28 -4.86 14.90 3.78
C VAL B 28 -5.77 13.68 3.66
N THR B 29 -6.93 13.86 3.03
CA THR B 29 -7.89 12.79 2.84
C THR B 29 -8.63 12.94 1.52
N LEU B 30 -9.18 11.83 1.04
CA LEU B 30 -9.93 11.82 -0.21
C LEU B 30 -11.38 11.43 0.05
N SER B 31 -12.06 10.91 -0.96
CA SER B 31 -13.45 10.49 -0.80
C SER B 31 -13.68 9.16 -1.50
N LYS B 32 -14.39 8.27 -0.83
CA LYS B 32 -14.70 6.95 -1.39
C LYS B 32 -15.26 7.08 -2.80
N THR B 33 -16.09 8.09 -3.01
CA THR B 33 -16.70 8.31 -4.31
C THR B 33 -15.69 8.92 -5.29
N GLU B 34 -14.92 9.90 -4.84
CA GLU B 34 -13.93 10.52 -5.71
C GLU B 34 -12.93 9.48 -6.19
N PHE B 35 -12.72 8.46 -5.38
CA PHE B 35 -11.79 7.39 -5.71
C PHE B 35 -12.42 6.45 -6.75
N LEU B 36 -13.75 6.39 -6.77
CA LEU B 36 -14.46 5.55 -7.74
C LEU B 36 -13.98 5.83 -9.14
N SER B 37 -14.14 7.08 -9.54
CA SER B 37 -13.75 7.52 -10.86
C SER B 37 -12.29 7.16 -11.13
N PHE B 38 -11.44 7.43 -10.15
CA PHE B 38 -10.02 7.11 -10.27
C PHE B 38 -9.83 5.61 -10.54
N MET B 39 -10.76 4.82 -10.03
CA MET B 39 -10.71 3.37 -10.20
C MET B 39 -11.17 2.97 -11.59
N ASN B 40 -12.15 3.69 -12.13
CA ASN B 40 -12.68 3.41 -13.45
C ASN B 40 -11.70 3.84 -14.54
N THR B 41 -10.78 4.72 -14.18
CA THR B 41 -9.80 5.22 -15.13
C THR B 41 -8.40 4.66 -14.86
N GLU B 42 -7.74 5.23 -13.85
CA GLU B 42 -6.39 4.81 -13.48
C GLU B 42 -6.29 3.30 -13.27
N LEU B 43 -7.41 2.68 -12.88
CA LEU B 43 -7.43 1.24 -12.65
C LEU B 43 -8.67 0.63 -13.28
N ALA B 44 -8.87 0.93 -14.56
CA ALA B 44 -10.02 0.41 -15.29
C ALA B 44 -9.80 -1.05 -15.69
N ALA B 45 -8.54 -1.44 -15.79
CA ALA B 45 -8.19 -2.80 -16.15
C ALA B 45 -8.57 -3.78 -15.05
N PHE B 46 -8.85 -3.25 -13.87
CA PHE B 46 -9.23 -4.07 -12.72
C PHE B 46 -10.74 -4.09 -12.53
N THR B 47 -11.43 -3.09 -13.07
CA THR B 47 -12.88 -3.00 -12.94
C THR B 47 -13.57 -3.30 -14.26
N LYS B 48 -12.84 -3.16 -15.36
CA LYS B 48 -13.39 -3.41 -16.69
C LYS B 48 -13.99 -4.81 -16.78
N ASN B 49 -15.18 -4.91 -17.38
CA ASN B 49 -15.87 -6.19 -17.55
C ASN B 49 -16.60 -6.59 -16.26
N GLN B 50 -15.93 -6.42 -15.12
CA GLN B 50 -16.51 -6.78 -13.83
C GLN B 50 -16.63 -8.30 -13.69
N LYS B 51 -15.72 -9.02 -14.32
CA LYS B 51 -15.71 -10.48 -14.27
C LYS B 51 -15.30 -10.97 -12.89
N ASP B 52 -14.51 -10.16 -12.19
CA ASP B 52 -14.06 -10.51 -10.84
C ASP B 52 -14.78 -9.68 -9.80
N PRO B 53 -16.05 -10.02 -9.52
CA PRO B 53 -16.85 -9.29 -8.52
C PRO B 53 -16.35 -9.52 -7.10
N GLY B 54 -15.41 -8.68 -6.68
CA GLY B 54 -14.86 -8.80 -5.33
C GLY B 54 -13.67 -7.88 -5.12
N VAL B 55 -12.84 -7.74 -6.13
CA VAL B 55 -11.66 -6.88 -6.05
C VAL B 55 -12.03 -5.48 -5.58
N LEU B 56 -12.84 -4.79 -6.38
CA LEU B 56 -13.27 -3.44 -6.04
C LEU B 56 -14.05 -3.42 -4.73
N ASP B 57 -15.05 -4.29 -4.64
CA ASP B 57 -15.89 -4.38 -3.45
C ASP B 57 -15.04 -4.63 -2.20
N ARG B 58 -13.92 -5.32 -2.37
CA ARG B 58 -13.04 -5.62 -1.25
C ARG B 58 -12.54 -4.33 -0.58
N MET B 59 -12.18 -3.36 -1.40
CA MET B 59 -11.68 -2.08 -0.90
C MET B 59 -12.74 -1.35 -0.10
N MET B 60 -13.90 -1.16 -0.70
CA MET B 60 -15.00 -0.46 -0.04
C MET B 60 -15.44 -1.18 1.22
N LYS B 61 -15.26 -2.50 1.25
CA LYS B 61 -15.64 -3.30 2.42
C LYS B 61 -14.58 -3.17 3.51
N LYS B 62 -13.35 -3.57 3.18
CA LYS B 62 -12.24 -3.52 4.13
C LYS B 62 -11.65 -2.10 4.24
N LEU B 63 -12.28 -1.14 3.57
CA LEU B 63 -11.80 0.25 3.58
C LEU B 63 -11.41 0.69 4.98
N ASP B 64 -12.12 0.17 5.96
CA ASP B 64 -11.86 0.49 7.35
C ASP B 64 -11.62 1.98 7.55
N LEU B 65 -12.71 2.74 7.67
CA LEU B 65 -12.60 4.18 7.87
C LEU B 65 -12.52 4.51 9.37
N ASN B 66 -11.33 4.91 9.81
CA ASN B 66 -11.12 5.25 11.21
C ASN B 66 -11.27 6.75 11.44
N SER B 67 -10.87 7.54 10.44
CA SER B 67 -10.97 8.99 10.53
C SER B 67 -12.42 9.43 10.76
N ASP B 68 -12.64 10.74 10.77
CA ASP B 68 -13.97 11.29 10.96
C ASP B 68 -14.96 10.72 9.96
N GLY B 69 -14.45 10.26 8.82
CA GLY B 69 -15.29 9.70 7.79
C GLY B 69 -14.67 9.77 6.41
N GLN B 70 -13.76 10.72 6.22
CA GLN B 70 -13.09 10.91 4.94
C GLN B 70 -12.13 9.75 4.67
N LEU B 71 -11.57 9.73 3.46
CA LEU B 71 -10.63 8.70 3.08
C LEU B 71 -9.37 8.82 3.94
N ASP B 72 -8.18 8.70 3.35
CA ASP B 72 -6.94 8.82 4.13
C ASP B 72 -5.72 8.44 3.29
N PHE B 73 -4.60 8.21 3.98
CA PHE B 73 -3.35 7.85 3.32
C PHE B 73 -3.31 6.36 3.00
N GLN B 74 -3.46 5.51 4.01
CA GLN B 74 -3.44 4.08 3.79
C GLN B 74 -4.78 3.60 3.27
N GLU B 75 -5.85 4.31 3.63
CA GLU B 75 -7.18 3.95 3.19
C GLU B 75 -7.16 3.60 1.71
N PHE B 76 -6.34 4.34 0.95
CA PHE B 76 -6.20 4.08 -0.47
C PHE B 76 -5.25 2.91 -0.69
N LEU B 77 -4.06 3.01 -0.13
CA LEU B 77 -3.08 1.93 -0.27
C LEU B 77 -3.72 0.60 0.10
N ASN B 78 -4.63 0.65 1.06
CA ASN B 78 -5.38 -0.53 1.48
C ASN B 78 -6.46 -0.81 0.44
N LEU B 79 -7.05 0.27 -0.07
CA LEU B 79 -8.09 0.18 -1.09
C LEU B 79 -7.50 -0.42 -2.35
N ILE B 80 -6.47 0.23 -2.90
CA ILE B 80 -5.81 -0.25 -4.10
C ILE B 80 -4.98 -1.49 -3.78
N GLY B 81 -4.27 -1.43 -2.66
CA GLY B 81 -3.47 -2.58 -2.25
C GLY B 81 -4.31 -3.81 -2.23
N GLY B 82 -5.47 -3.72 -1.57
CA GLY B 82 -6.38 -4.85 -1.53
C GLY B 82 -6.67 -5.39 -2.92
N LEU B 83 -6.83 -4.49 -3.89
CA LEU B 83 -7.08 -4.91 -5.27
C LEU B 83 -5.92 -5.75 -5.79
N ALA B 84 -4.70 -5.29 -5.54
CA ALA B 84 -3.51 -6.03 -5.98
C ALA B 84 -3.53 -7.45 -5.45
N VAL B 85 -4.14 -7.62 -4.28
CA VAL B 85 -4.23 -8.93 -3.65
C VAL B 85 -5.42 -9.71 -4.18
N ALA B 86 -6.35 -8.99 -4.80
CA ALA B 86 -7.53 -9.61 -5.35
C ALA B 86 -7.55 -9.51 -6.87
N CYS B 87 -6.42 -9.14 -7.45
CA CYS B 87 -6.31 -8.99 -8.90
C CYS B 87 -4.89 -9.24 -9.38
N HIS B 88 -3.90 -8.80 -8.60
CA HIS B 88 -2.50 -8.99 -8.97
C HIS B 88 -1.95 -10.31 -8.45
N GLU B 89 -0.64 -10.49 -8.58
CA GLU B 89 0.01 -11.72 -8.14
C GLU B 89 0.39 -11.65 -6.66
N SER B 90 -0.59 -11.36 -5.81
CA SER B 90 -0.36 -11.27 -4.37
C SER B 90 -1.17 -12.33 -3.64
N PHE B 91 -2.45 -12.43 -3.98
CA PHE B 91 -3.34 -13.41 -3.37
C PHE B 91 -4.18 -14.11 -4.43
N VAL B 92 -5.27 -13.44 -4.84
CA VAL B 92 -6.18 -13.98 -5.86
C VAL B 92 -6.51 -15.45 -5.64
N LYS B 93 -6.29 -15.94 -4.43
CA LYS B 93 -6.55 -17.33 -4.08
C LYS B 93 -5.69 -18.27 -4.91
N ALA B 94 -4.58 -17.75 -5.42
CA ALA B 94 -3.66 -18.55 -6.24
C ALA B 94 -4.40 -19.22 -7.40
N ALA B 95 -4.87 -18.41 -8.34
CA ALA B 95 -5.61 -18.92 -9.49
C ALA B 95 -5.19 -18.20 -10.78
N PRO B 96 -3.89 -18.23 -11.13
CA PRO B 96 -3.39 -17.58 -12.35
C PRO B 96 -4.03 -18.13 -13.62
N PRO B 97 -4.10 -19.46 -13.78
CA PRO B 97 -4.68 -20.10 -14.95
C PRO B 97 -6.17 -20.38 -14.79
N GLN B 98 -6.85 -19.56 -13.99
CA GLN B 98 -8.28 -19.73 -13.76
C GLN B 98 -9.10 -18.84 -14.69
N LYS B 99 -8.51 -17.73 -15.11
CA LYS B 99 -9.19 -16.79 -16.00
C LYS B 99 -9.62 -17.47 -17.30
N ARG B 100 -8.67 -18.14 -17.96
CA ARG B 100 -8.94 -18.84 -19.21
C ARG B 100 -9.75 -17.98 -20.16
N PHE B 101 -9.57 -16.66 -20.06
CA PHE B 101 -10.29 -15.73 -20.92
C PHE B 101 -9.51 -14.43 -21.08
N SER A 1 -0.58 0.47 -25.10
CA SER A 1 -1.98 0.96 -25.02
C SER A 1 -2.90 -0.12 -24.49
N ARG A 2 -3.01 -0.21 -23.16
CA ARG A 2 -3.87 -1.20 -22.53
C ARG A 2 -3.79 -1.10 -21.00
N PRO A 3 -2.58 -1.09 -20.43
CA PRO A 3 -2.37 -1.00 -18.98
C PRO A 3 -2.77 0.38 -18.44
N THR A 4 -1.91 0.98 -17.62
CA THR A 4 -2.18 2.30 -17.03
C THR A 4 -1.11 2.69 -16.05
N GLU A 5 -0.90 3.99 -15.93
CA GLU A 5 0.11 4.55 -15.04
C GLU A 5 0.08 3.88 -13.68
N THR A 6 -1.11 3.77 -13.10
CA THR A 6 -1.27 3.13 -11.79
C THR A 6 -0.90 1.65 -11.88
N GLU A 7 -1.15 1.05 -13.04
CA GLU A 7 -0.84 -0.36 -13.25
C GLU A 7 0.61 -0.64 -12.89
N ARG A 8 1.49 0.28 -13.25
CA ARG A 8 2.91 0.14 -12.95
C ARG A 8 3.16 0.42 -11.47
N CYS A 9 2.30 1.23 -10.87
CA CYS A 9 2.43 1.59 -9.46
C CYS A 9 2.17 0.40 -8.55
N ILE A 10 1.03 -0.25 -8.73
CA ILE A 10 0.66 -1.41 -7.92
C ILE A 10 1.78 -2.44 -7.89
N GLU A 11 2.20 -2.88 -9.07
CA GLU A 11 3.26 -3.88 -9.17
C GLU A 11 4.53 -3.45 -8.43
N SER A 12 4.73 -2.15 -8.31
CA SER A 12 5.92 -1.63 -7.64
C SER A 12 5.98 -2.07 -6.17
N LEU A 13 4.92 -1.76 -5.41
CA LEU A 13 4.87 -2.10 -4.01
C LEU A 13 4.73 -3.60 -3.75
N ILE A 14 3.80 -4.24 -4.44
CA ILE A 14 3.59 -5.67 -4.25
C ILE A 14 4.87 -6.45 -4.36
N ALA A 15 5.79 -5.93 -5.13
CA ALA A 15 7.03 -6.61 -5.40
C ALA A 15 8.08 -6.34 -4.34
N VAL A 16 8.07 -5.15 -3.76
CA VAL A 16 9.00 -4.84 -2.70
C VAL A 16 8.90 -5.93 -1.64
N PHE A 17 7.67 -6.44 -1.48
CA PHE A 17 7.37 -7.51 -0.54
C PHE A 17 7.74 -8.86 -1.11
N GLN A 18 7.19 -9.19 -2.29
CA GLN A 18 7.46 -10.47 -2.93
C GLN A 18 8.95 -10.77 -2.99
N LYS A 19 9.77 -9.72 -2.98
CA LYS A 19 11.21 -9.90 -3.01
C LYS A 19 11.66 -10.65 -1.75
N TYR A 20 11.23 -10.15 -0.60
CA TYR A 20 11.55 -10.76 0.69
C TYR A 20 10.63 -11.94 0.94
N ALA A 21 9.35 -11.68 0.77
CA ALA A 21 8.28 -12.65 0.98
C ALA A 21 8.40 -13.84 0.04
N GLY A 22 8.50 -13.56 -1.25
CA GLY A 22 8.62 -14.61 -2.25
C GLY A 22 9.99 -15.26 -2.25
N LYS A 23 10.88 -14.76 -3.09
CA LYS A 23 12.23 -15.29 -3.18
C LYS A 23 12.24 -16.70 -3.77
N ASP A 24 11.69 -17.65 -3.01
CA ASP A 24 11.64 -19.03 -3.45
C ASP A 24 10.38 -19.72 -2.91
N GLY A 25 9.67 -20.44 -3.78
CA GLY A 25 8.47 -21.12 -3.37
C GLY A 25 7.21 -20.32 -3.64
N HIS A 26 7.35 -19.00 -3.64
CA HIS A 26 6.22 -18.11 -3.89
C HIS A 26 5.12 -18.31 -2.85
N SER A 27 5.28 -17.64 -1.72
CA SER A 27 4.31 -17.73 -0.63
C SER A 27 3.49 -16.46 -0.51
N VAL A 28 2.42 -16.52 0.26
CA VAL A 28 1.55 -15.37 0.45
C VAL A 28 1.86 -14.64 1.75
N THR A 29 3.12 -14.75 2.21
CA THR A 29 3.55 -14.11 3.44
C THR A 29 5.02 -13.74 3.37
N LEU A 30 5.53 -13.18 4.46
CA LEU A 30 6.93 -12.77 4.54
C LEU A 30 7.50 -13.07 5.95
N SER A 31 8.04 -12.07 6.63
CA SER A 31 8.58 -12.26 7.96
C SER A 31 8.94 -10.91 8.57
N LYS A 32 8.46 -10.67 9.79
CA LYS A 32 8.73 -9.42 10.48
C LYS A 32 10.22 -9.09 10.47
N THR A 33 11.04 -10.12 10.68
CA THR A 33 12.48 -9.96 10.68
C THR A 33 13.02 -9.77 9.27
N GLU A 34 12.51 -10.54 8.32
CA GLU A 34 12.97 -10.42 6.94
C GLU A 34 12.83 -9.00 6.44
N PHE A 35 11.86 -8.28 7.00
CA PHE A 35 11.61 -6.90 6.63
C PHE A 35 12.67 -6.00 7.26
N LEU A 36 13.23 -6.44 8.39
CA LEU A 36 14.25 -5.69 9.09
C LEU A 36 15.48 -5.48 8.25
N SER A 37 16.06 -6.59 7.84
CA SER A 37 17.28 -6.56 7.05
C SER A 37 17.05 -5.92 5.69
N PHE A 38 16.03 -6.39 4.98
CA PHE A 38 15.71 -5.85 3.66
C PHE A 38 15.45 -4.36 3.72
N MET A 39 14.56 -3.95 4.64
CA MET A 39 14.24 -2.54 4.80
C MET A 39 15.49 -1.73 5.12
N ASN A 40 16.47 -2.40 5.74
CA ASN A 40 17.73 -1.74 6.09
C ASN A 40 18.58 -1.50 4.86
N THR A 41 18.29 -2.23 3.78
CA THR A 41 19.03 -2.11 2.53
C THR A 41 18.17 -1.51 1.43
N GLU A 42 17.33 -2.34 0.82
CA GLU A 42 16.46 -1.93 -0.28
C GLU A 42 15.64 -0.68 0.09
N LEU A 43 15.05 -0.69 1.27
CA LEU A 43 14.24 0.43 1.73
C LEU A 43 14.93 1.15 2.87
N ALA A 44 16.25 1.26 2.77
CA ALA A 44 17.05 1.92 3.78
C ALA A 44 16.90 3.43 3.68
N ALA A 45 16.67 3.92 2.47
CA ALA A 45 16.51 5.35 2.23
C ALA A 45 15.44 5.93 3.14
N PHE A 46 14.51 5.08 3.58
CA PHE A 46 13.43 5.51 4.46
C PHE A 46 13.62 4.96 5.87
N THR A 47 14.86 4.63 6.21
CA THR A 47 15.16 4.08 7.54
C THR A 47 16.66 3.80 7.68
N LYS A 48 17.49 4.70 7.14
CA LYS A 48 18.94 4.54 7.21
C LYS A 48 19.58 5.68 7.98
N ASN A 49 19.02 6.88 7.84
CA ASN A 49 19.54 8.06 8.52
C ASN A 49 18.52 9.19 8.53
N GLN A 50 17.24 8.82 8.55
CA GLN A 50 16.16 9.80 8.55
C GLN A 50 16.08 10.51 9.91
N LYS A 51 15.47 11.69 9.91
CA LYS A 51 15.32 12.46 11.14
C LYS A 51 14.57 11.67 12.20
N ASP A 52 13.69 10.77 11.75
CA ASP A 52 12.91 9.95 12.66
C ASP A 52 13.33 8.48 12.57
N PRO A 53 14.05 7.97 13.58
CA PRO A 53 14.50 6.57 13.59
C PRO A 53 13.42 5.60 14.05
N GLY A 54 12.20 6.10 14.21
CA GLY A 54 11.09 5.26 14.65
C GLY A 54 10.12 4.94 13.53
N VAL A 55 10.34 5.52 12.36
CA VAL A 55 9.47 5.30 11.21
C VAL A 55 9.32 3.81 10.91
N LEU A 56 10.45 3.13 10.75
CA LEU A 56 10.46 1.70 10.44
C LEU A 56 9.92 0.91 11.63
N ASP A 57 10.50 1.15 12.79
CA ASP A 57 10.10 0.46 14.01
C ASP A 57 8.62 0.72 14.31
N ARG A 58 8.12 1.86 13.84
CA ARG A 58 6.72 2.22 14.04
C ARG A 58 5.79 1.25 13.33
N MET A 59 6.14 0.89 12.10
CA MET A 59 5.32 -0.03 11.32
C MET A 59 5.19 -1.39 12.00
N MET A 60 6.33 -1.97 12.34
CA MET A 60 6.36 -3.29 12.95
C MET A 60 5.91 -3.25 14.41
N LYS A 61 6.17 -2.14 15.10
CA LYS A 61 5.74 -2.02 16.48
C LYS A 61 4.25 -1.68 16.54
N LYS A 62 3.85 -0.66 15.79
CA LYS A 62 2.45 -0.26 15.70
C LYS A 62 1.70 -1.14 14.71
N LEU A 63 2.38 -2.14 14.15
CA LEU A 63 1.79 -3.03 13.16
C LEU A 63 0.39 -3.48 13.56
N ASP A 64 0.16 -3.55 14.86
CA ASP A 64 -1.14 -3.95 15.40
C ASP A 64 -1.85 -4.96 14.49
N LEU A 65 -1.09 -5.87 13.91
CA LEU A 65 -1.64 -6.88 13.01
C LEU A 65 -0.70 -8.07 12.87
N ASN A 66 0.17 -8.26 13.86
CA ASN A 66 1.12 -9.37 13.83
C ASN A 66 0.40 -10.71 13.79
N SER A 67 1.17 -11.79 13.89
CA SER A 67 0.60 -13.13 13.87
C SER A 67 1.68 -14.18 14.08
N ASP A 68 1.40 -15.15 14.95
CA ASP A 68 2.34 -16.22 15.23
C ASP A 68 2.77 -16.94 13.96
N GLY A 69 1.93 -16.86 12.93
CA GLY A 69 2.23 -17.51 11.67
C GLY A 69 3.34 -16.81 10.92
N GLN A 70 2.98 -15.86 10.05
CA GLN A 70 3.95 -15.13 9.27
C GLN A 70 3.46 -13.70 8.98
N LEU A 71 4.17 -12.99 8.10
CA LEU A 71 3.80 -11.63 7.74
C LEU A 71 2.40 -11.62 7.10
N ASP A 72 2.22 -11.00 5.93
CA ASP A 72 0.90 -10.96 5.27
C ASP A 72 0.88 -9.93 4.14
N PHE A 73 -0.07 -10.11 3.23
CA PHE A 73 -0.22 -9.22 2.08
C PHE A 73 -0.25 -7.74 2.46
N GLN A 74 -1.19 -7.33 3.31
CA GLN A 74 -1.27 -5.92 3.71
C GLN A 74 -0.21 -5.58 4.72
N GLU A 75 0.20 -6.55 5.54
CA GLU A 75 1.23 -6.29 6.54
C GLU A 75 2.36 -5.50 5.92
N PHE A 76 2.84 -5.95 4.77
CA PHE A 76 3.90 -5.24 4.09
C PHE A 76 3.44 -3.86 3.63
N LEU A 77 2.34 -3.83 2.87
CA LEU A 77 1.80 -2.57 2.38
C LEU A 77 1.57 -1.62 3.55
N ASN A 78 1.20 -2.18 4.68
CA ASN A 78 0.98 -1.42 5.89
C ASN A 78 2.33 -1.04 6.48
N LEU A 79 3.32 -1.91 6.28
CA LEU A 79 4.66 -1.67 6.79
C LEU A 79 5.31 -0.53 6.01
N ILE A 80 5.41 -0.70 4.69
CA ILE A 80 6.00 0.34 3.84
C ILE A 80 5.02 1.51 3.70
N GLY A 81 3.74 1.20 3.51
CA GLY A 81 2.76 2.25 3.38
C GLY A 81 2.83 3.20 4.55
N GLY A 82 2.81 2.63 5.76
CA GLY A 82 2.92 3.45 6.95
C GLY A 82 4.12 4.38 6.89
N LEU A 83 5.23 3.90 6.32
CA LEU A 83 6.44 4.71 6.19
C LEU A 83 6.18 5.90 5.30
N ALA A 84 5.52 5.67 4.16
CA ALA A 84 5.22 6.76 3.24
C ALA A 84 4.45 7.86 3.96
N VAL A 85 3.66 7.46 4.93
CA VAL A 85 2.87 8.40 5.71
C VAL A 85 3.67 8.98 6.86
N ALA A 86 4.76 8.32 7.20
CA ALA A 86 5.61 8.76 8.28
C ALA A 86 6.99 9.17 7.77
N CYS A 87 7.10 9.34 6.45
CA CYS A 87 8.36 9.73 5.84
C CYS A 87 8.11 10.44 4.51
N HIS A 88 7.18 9.93 3.72
CA HIS A 88 6.86 10.53 2.43
C HIS A 88 5.81 11.62 2.59
N GLU A 89 5.87 12.63 1.72
CA GLU A 89 4.92 13.73 1.76
C GLU A 89 3.47 13.22 1.76
N SER A 90 2.79 13.39 2.89
CA SER A 90 1.41 12.95 3.03
C SER A 90 0.87 13.29 4.41
N PHE A 91 1.47 12.69 5.44
CA PHE A 91 1.05 12.93 6.82
C PHE A 91 2.14 13.63 7.62
N VAL A 92 3.40 13.32 7.28
CA VAL A 92 4.54 13.91 7.97
C VAL A 92 4.36 15.41 8.18
N LYS A 93 4.75 15.89 9.36
CA LYS A 93 4.62 17.31 9.69
C LYS A 93 3.16 17.74 9.69
N ALA A 94 2.30 16.87 10.23
CA ALA A 94 0.87 17.17 10.30
C ALA A 94 0.14 16.17 11.20
N ALA A 95 0.51 14.89 11.10
CA ALA A 95 -0.10 13.85 11.90
C ALA A 95 0.44 13.83 13.32
N PRO A 96 1.78 13.76 13.47
CA PRO A 96 2.43 13.74 14.79
C PRO A 96 1.98 14.89 15.69
N PRO A 97 1.96 16.14 15.18
CA PRO A 97 1.56 17.30 15.97
C PRO A 97 0.06 17.29 16.29
N GLN A 98 -0.71 16.57 15.48
CA GLN A 98 -2.15 16.49 15.68
C GLN A 98 -2.48 15.58 16.87
N LYS A 99 -3.11 16.16 17.89
CA LYS A 99 -3.48 15.41 19.09
C LYS A 99 -4.27 16.28 20.06
N ARG A 100 -3.73 17.47 20.35
CA ARG A 100 -4.39 18.40 21.27
C ARG A 100 -3.61 19.71 21.35
N PHE A 101 -2.31 19.61 21.60
CA PHE A 101 -1.46 20.79 21.71
C PHE A 101 -0.40 20.79 20.61
N SER B 1 22.59 7.33 -8.17
CA SER B 1 23.19 6.56 -7.05
C SER B 1 22.88 7.20 -5.71
N ARG B 2 21.73 6.85 -5.14
CA ARG B 2 21.31 7.39 -3.84
C ARG B 2 19.96 6.82 -3.42
N PRO B 3 18.95 6.90 -4.31
CA PRO B 3 17.61 6.40 -4.03
C PRO B 3 17.57 4.86 -3.92
N THR B 4 16.61 4.23 -4.60
CA THR B 4 16.48 2.77 -4.57
C THR B 4 15.24 2.32 -5.32
N GLU B 5 15.33 1.13 -5.87
CA GLU B 5 14.24 0.53 -6.63
C GLU B 5 12.90 0.72 -5.93
N THR B 6 12.86 0.39 -4.65
CA THR B 6 11.64 0.54 -3.86
C THR B 6 11.25 2.01 -3.76
N GLU B 7 12.25 2.88 -3.73
CA GLU B 7 12.02 4.32 -3.64
C GLU B 7 11.04 4.77 -4.71
N ARG B 8 11.20 4.22 -5.91
CA ARG B 8 10.31 4.54 -7.02
C ARG B 8 8.95 3.88 -6.83
N CYS B 9 8.94 2.75 -6.11
CA CYS B 9 7.71 2.00 -5.87
C CYS B 9 6.77 2.77 -4.95
N ILE B 10 7.26 3.19 -3.79
CA ILE B 10 6.45 3.93 -2.84
C ILE B 10 5.75 5.10 -3.49
N GLU B 11 6.53 5.98 -4.12
CA GLU B 11 5.98 7.15 -4.79
C GLU B 11 4.89 6.80 -5.79
N SER B 12 4.97 5.58 -6.34
CA SER B 12 3.98 5.15 -7.32
C SER B 12 2.58 5.10 -6.74
N LEU B 13 2.40 4.36 -5.65
CA LEU B 13 1.10 4.22 -5.01
C LEU B 13 0.62 5.50 -4.34
N ILE B 14 1.47 6.11 -3.54
CA ILE B 14 1.11 7.34 -2.84
C ILE B 14 0.51 8.36 -3.77
N ALA B 15 0.92 8.31 -5.00
CA ALA B 15 0.50 9.28 -5.99
C ALA B 15 -0.81 8.91 -6.65
N VAL B 16 -1.08 7.63 -6.81
CA VAL B 16 -2.34 7.20 -7.38
C VAL B 16 -3.46 7.86 -6.57
N PHE B 17 -3.20 8.02 -5.28
CA PHE B 17 -4.13 8.65 -4.36
C PHE B 17 -4.05 10.17 -4.46
N GLN B 18 -2.86 10.73 -4.26
CA GLN B 18 -2.66 12.17 -4.32
C GLN B 18 -3.29 12.78 -5.57
N LYS B 19 -3.42 11.97 -6.61
CA LYS B 19 -4.03 12.45 -7.84
C LYS B 19 -5.48 12.83 -7.59
N TYR B 20 -6.23 11.92 -6.96
CA TYR B 20 -7.61 12.16 -6.63
C TYR B 20 -7.71 12.99 -5.35
N ALA B 21 -6.97 12.52 -4.35
CA ALA B 21 -6.93 13.13 -3.04
C ALA B 21 -6.38 14.56 -3.09
N GLY B 22 -5.22 14.71 -3.71
CA GLY B 22 -4.61 16.03 -3.81
C GLY B 22 -5.32 16.91 -4.82
N LYS B 23 -4.83 16.90 -6.05
CA LYS B 23 -5.41 17.71 -7.12
C LYS B 23 -5.19 19.20 -6.88
N ASP B 24 -5.84 19.73 -5.85
CA ASP B 24 -5.71 21.14 -5.50
C ASP B 24 -5.82 21.34 -3.99
N GLY B 25 -4.90 22.13 -3.43
CA GLY B 25 -4.91 22.38 -2.01
C GLY B 25 -3.98 21.47 -1.24
N HIS B 26 -3.76 20.27 -1.78
CA HIS B 26 -2.88 19.29 -1.15
C HIS B 26 -3.40 18.92 0.24
N SER B 27 -4.34 17.97 0.28
CA SER B 27 -4.91 17.52 1.54
C SER B 27 -4.41 16.14 1.91
N VAL B 28 -4.66 15.72 3.14
CA VAL B 28 -4.23 14.41 3.62
C VAL B 28 -5.37 13.40 3.54
N THR B 29 -6.31 13.63 2.63
CA THR B 29 -7.44 12.73 2.45
C THR B 29 -7.92 12.71 1.00
N LEU B 30 -8.99 11.96 0.74
CA LEU B 30 -9.55 11.84 -0.59
C LEU B 30 -11.09 11.80 -0.52
N SER B 31 -11.71 10.77 -1.08
CA SER B 31 -13.15 10.64 -1.05
C SER B 31 -13.57 9.28 -1.59
N LYS B 32 -14.40 8.57 -0.82
CA LYS B 32 -14.87 7.24 -1.22
C LYS B 32 -15.40 7.26 -2.64
N THR B 33 -16.14 8.31 -2.98
CA THR B 33 -16.70 8.46 -4.30
C THR B 33 -15.64 8.85 -5.33
N GLU B 34 -14.74 9.75 -4.96
CA GLU B 34 -13.68 10.17 -5.87
C GLU B 34 -12.89 8.97 -6.36
N PHE B 35 -12.83 7.94 -5.53
CA PHE B 35 -12.11 6.72 -5.88
C PHE B 35 -12.92 5.91 -6.89
N LEU B 36 -14.24 6.08 -6.85
CA LEU B 36 -15.14 5.37 -7.75
C LEU B 36 -14.85 5.70 -9.21
N SER B 37 -14.96 6.98 -9.50
CA SER B 37 -14.75 7.46 -10.86
C SER B 37 -13.32 7.24 -11.32
N PHE B 38 -12.36 7.69 -10.52
CA PHE B 38 -10.96 7.54 -10.84
C PHE B 38 -10.59 6.08 -11.06
N MET B 39 -10.95 5.23 -10.09
CA MET B 39 -10.67 3.80 -10.19
C MET B 39 -11.31 3.22 -11.45
N ASN B 40 -12.39 3.84 -11.90
CA ASN B 40 -13.09 3.39 -13.10
C ASN B 40 -12.29 3.73 -14.35
N THR B 41 -11.37 4.68 -14.22
CA THR B 41 -10.55 5.11 -15.34
C THR B 41 -9.08 4.72 -15.15
N GLU B 42 -8.38 5.52 -14.35
CA GLU B 42 -6.96 5.30 -14.08
C GLU B 42 -6.68 3.86 -13.63
N LEU B 43 -7.49 3.36 -12.70
CA LEU B 43 -7.32 2.02 -12.17
C LEU B 43 -8.47 1.14 -12.62
N ALA B 44 -8.90 1.34 -13.86
CA ALA B 44 -10.00 0.57 -14.43
C ALA B 44 -9.54 -0.82 -14.81
N ALA B 45 -8.26 -0.94 -15.18
CA ALA B 45 -7.69 -2.22 -15.57
C ALA B 45 -7.94 -3.27 -14.48
N PHE B 46 -8.12 -2.82 -13.24
CA PHE B 46 -8.36 -3.72 -12.13
C PHE B 46 -9.80 -3.60 -11.63
N THR B 47 -10.69 -3.14 -12.52
CA THR B 47 -12.11 -2.99 -12.17
C THR B 47 -12.90 -2.46 -13.36
N LYS B 48 -12.58 -2.96 -14.55
CA LYS B 48 -13.27 -2.53 -15.77
C LYS B 48 -13.99 -3.71 -16.43
N ASN B 49 -13.38 -4.89 -16.37
CA ASN B 49 -13.96 -6.08 -16.96
C ASN B 49 -13.31 -7.34 -16.40
N GLN B 50 -12.87 -7.27 -15.15
CA GLN B 50 -12.22 -8.40 -14.50
C GLN B 50 -13.24 -9.50 -14.19
N LYS B 51 -12.75 -10.72 -14.01
CA LYS B 51 -13.62 -11.86 -13.71
C LYS B 51 -14.41 -11.62 -12.44
N ASP B 52 -13.84 -10.82 -11.53
CA ASP B 52 -14.49 -10.51 -10.27
C ASP B 52 -14.88 -9.04 -10.21
N PRO B 53 -16.18 -8.72 -10.34
CA PRO B 53 -16.68 -7.35 -10.30
C PRO B 53 -16.84 -6.81 -8.88
N GLY B 54 -16.38 -7.58 -7.90
CA GLY B 54 -16.48 -7.16 -6.51
C GLY B 54 -15.15 -6.72 -5.92
N VAL B 55 -14.08 -6.84 -6.71
CA VAL B 55 -12.75 -6.46 -6.25
C VAL B 55 -12.73 -5.01 -5.76
N LEU B 56 -13.20 -4.10 -6.60
CA LEU B 56 -13.23 -2.69 -6.26
C LEU B 56 -14.22 -2.43 -5.13
N ASP B 57 -15.45 -2.91 -5.33
CA ASP B 57 -16.50 -2.74 -4.34
C ASP B 57 -16.10 -3.37 -3.01
N ARG B 58 -15.23 -4.37 -3.08
CA ARG B 58 -14.77 -5.07 -1.89
C ARG B 58 -13.96 -4.14 -1.00
N MET B 59 -13.08 -3.35 -1.61
CA MET B 59 -12.24 -2.42 -0.86
C MET B 59 -13.07 -1.41 -0.09
N MET B 60 -13.97 -0.73 -0.80
CA MET B 60 -14.79 0.30 -0.21
C MET B 60 -15.89 -0.29 0.68
N LYS B 61 -16.38 -1.48 0.33
CA LYS B 61 -17.41 -2.12 1.13
C LYS B 61 -16.77 -2.75 2.37
N LYS B 62 -15.73 -3.55 2.16
CA LYS B 62 -14.99 -4.18 3.24
C LYS B 62 -13.97 -3.21 3.85
N LEU B 63 -13.97 -1.97 3.37
CA LEU B 63 -13.04 -0.96 3.84
C LEU B 63 -12.91 -0.96 5.35
N ASP B 64 -13.98 -1.34 6.03
CA ASP B 64 -14.00 -1.41 7.49
C ASP B 64 -13.11 -0.35 8.13
N LEU B 65 -13.09 0.84 7.53
CA LEU B 65 -12.28 1.94 8.04
C LEU B 65 -12.79 3.28 7.52
N ASN B 66 -14.08 3.33 7.15
CA ASN B 66 -14.68 4.56 6.65
C ASN B 66 -14.62 5.67 7.70
N SER B 67 -15.25 6.80 7.39
CA SER B 67 -15.27 7.93 8.31
C SER B 67 -16.13 9.07 7.75
N ASP B 68 -16.97 9.63 8.60
CA ASP B 68 -17.85 10.72 8.19
C ASP B 68 -17.04 11.88 7.61
N GLY B 69 -15.77 11.95 7.98
CA GLY B 69 -14.91 13.02 7.48
C GLY B 69 -14.55 12.84 6.02
N GLN B 70 -13.44 12.15 5.76
CA GLN B 70 -13.00 11.91 4.40
C GLN B 70 -12.24 10.59 4.29
N LEU B 71 -11.60 10.36 3.14
CA LEU B 71 -10.85 9.14 2.92
C LEU B 71 -9.70 9.03 3.94
N ASP B 72 -8.45 8.78 3.50
CA ASP B 72 -7.33 8.69 4.44
C ASP B 72 -6.10 8.08 3.75
N PHE B 73 -4.94 8.33 4.34
CA PHE B 73 -3.67 7.84 3.81
C PHE B 73 -3.69 6.34 3.49
N GLN B 74 -3.97 5.50 4.48
CA GLN B 74 -3.99 4.05 4.25
C GLN B 74 -5.26 3.64 3.54
N GLU B 75 -6.36 4.37 3.76
CA GLU B 75 -7.62 4.02 3.11
C GLU B 75 -7.36 3.72 1.65
N PHE B 76 -6.63 4.60 0.97
CA PHE B 76 -6.33 4.38 -0.42
C PHE B 76 -5.44 3.15 -0.59
N LEU B 77 -4.31 3.13 0.10
CA LEU B 77 -3.39 2.01 0.02
C LEU B 77 -4.13 0.71 0.32
N ASN B 78 -5.11 0.80 1.22
CA ASN B 78 -5.92 -0.34 1.59
C ASN B 78 -6.93 -0.59 0.47
N LEU B 79 -7.34 0.49 -0.20
CA LEU B 79 -8.29 0.39 -1.30
C LEU B 79 -7.63 -0.29 -2.50
N ILE B 80 -6.54 0.30 -2.99
CA ILE B 80 -5.81 -0.28 -4.11
C ILE B 80 -5.05 -1.52 -3.67
N GLY B 81 -4.41 -1.43 -2.51
CA GLY B 81 -3.66 -2.57 -2.00
C GLY B 81 -4.53 -3.80 -1.96
N GLY B 82 -5.72 -3.66 -1.37
CA GLY B 82 -6.65 -4.77 -1.31
C GLY B 82 -6.90 -5.36 -2.69
N LEU B 83 -6.95 -4.51 -3.70
CA LEU B 83 -7.17 -4.96 -5.08
C LEU B 83 -6.02 -5.85 -5.53
N ALA B 84 -4.80 -5.41 -5.27
CA ALA B 84 -3.62 -6.19 -5.65
C ALA B 84 -3.71 -7.60 -5.07
N VAL B 85 -4.34 -7.70 -3.91
CA VAL B 85 -4.50 -8.98 -3.23
C VAL B 85 -5.74 -9.72 -3.74
N ALA B 86 -6.62 -8.98 -4.38
CA ALA B 86 -7.84 -9.55 -4.92
C ALA B 86 -7.86 -9.48 -6.44
N CYS B 87 -6.72 -9.21 -7.04
CA CYS B 87 -6.60 -9.11 -8.49
C CYS B 87 -5.18 -9.41 -8.95
N HIS B 88 -4.20 -8.87 -8.23
CA HIS B 88 -2.80 -9.09 -8.58
C HIS B 88 -2.28 -10.37 -7.92
N GLU B 89 -1.31 -11.01 -8.58
CA GLU B 89 -0.73 -12.25 -8.07
C GLU B 89 -0.25 -12.08 -6.63
N SER B 90 -0.94 -12.74 -5.70
CA SER B 90 -0.57 -12.66 -4.29
C SER B 90 -1.51 -13.51 -3.45
N PHE B 91 -2.79 -13.16 -3.44
CA PHE B 91 -3.79 -13.90 -2.68
C PHE B 91 -4.80 -14.57 -3.60
N VAL B 92 -5.09 -13.93 -4.72
CA VAL B 92 -6.05 -14.45 -5.69
C VAL B 92 -5.85 -15.94 -5.93
N LYS B 93 -6.96 -16.68 -6.02
CA LYS B 93 -6.90 -18.11 -6.25
C LYS B 93 -6.22 -18.82 -5.08
N ALA B 94 -6.51 -18.37 -3.86
CA ALA B 94 -5.92 -18.95 -2.67
C ALA B 94 -6.63 -18.47 -1.41
N ALA B 95 -6.95 -17.18 -1.37
CA ALA B 95 -7.63 -16.60 -0.21
C ALA B 95 -9.12 -16.92 -0.22
N PRO B 96 -9.82 -16.62 -1.33
CA PRO B 96 -11.26 -16.87 -1.45
C PRO B 96 -11.63 -18.31 -1.10
N PRO B 97 -10.92 -19.31 -1.66
CA PRO B 97 -11.21 -20.72 -1.39
C PRO B 97 -10.87 -21.13 0.04
N GLN B 98 -9.99 -20.36 0.68
CA GLN B 98 -9.59 -20.64 2.06
C GLN B 98 -10.70 -20.25 3.03
N LYS B 99 -11.22 -21.23 3.75
CA LYS B 99 -12.28 -20.99 4.72
C LYS B 99 -12.63 -22.27 5.48
N ARG B 100 -12.87 -23.35 4.73
CA ARG B 100 -13.21 -24.63 5.33
C ARG B 100 -13.34 -25.71 4.26
N PHE B 101 -14.12 -25.43 3.23
CA PHE B 101 -14.32 -26.38 2.14
C PHE B 101 -13.78 -25.82 0.82
N SER A 1 -4.10 -0.07 -22.71
CA SER A 1 -3.65 0.40 -21.38
C SER A 1 -2.92 -0.70 -20.63
N ARG A 2 -1.87 -0.31 -19.89
CA ARG A 2 -1.08 -1.27 -19.12
C ARG A 2 0.05 -0.56 -18.37
N PRO A 3 0.83 0.27 -19.07
CA PRO A 3 1.96 1.01 -18.47
C PRO A 3 1.53 2.22 -17.65
N THR A 4 0.28 2.26 -17.23
CA THR A 4 -0.24 3.38 -16.46
C THR A 4 0.50 3.52 -15.14
N GLU A 5 0.70 4.77 -14.74
CA GLU A 5 1.40 5.10 -13.50
C GLU A 5 0.95 4.21 -12.36
N THR A 6 -0.36 3.99 -12.26
CA THR A 6 -0.90 3.15 -11.21
C THR A 6 -0.56 1.69 -11.49
N GLU A 7 -0.68 1.28 -12.74
CA GLU A 7 -0.36 -0.09 -13.12
C GLU A 7 1.02 -0.47 -12.60
N ARG A 8 1.97 0.42 -12.81
CA ARG A 8 3.34 0.21 -12.35
C ARG A 8 3.42 0.37 -10.82
N CYS A 9 2.52 1.17 -10.27
CA CYS A 9 2.49 1.42 -8.82
C CYS A 9 2.18 0.15 -8.04
N ILE A 10 1.24 -0.64 -8.54
CA ILE A 10 0.84 -1.87 -7.87
C ILE A 10 1.90 -2.96 -8.02
N GLU A 11 2.32 -3.21 -9.25
CA GLU A 11 3.31 -4.26 -9.51
C GLU A 11 4.55 -4.09 -8.63
N SER A 12 4.83 -2.86 -8.22
CA SER A 12 5.98 -2.59 -7.38
C SER A 12 5.73 -3.01 -5.93
N LEU A 13 4.66 -2.48 -5.33
CA LEU A 13 4.32 -2.78 -3.95
C LEU A 13 4.10 -4.27 -3.72
N ILE A 14 3.69 -4.98 -4.75
CA ILE A 14 3.46 -6.40 -4.65
C ILE A 14 4.76 -7.14 -4.51
N ALA A 15 5.72 -6.67 -5.27
CA ALA A 15 7.02 -7.28 -5.35
C ALA A 15 7.87 -7.01 -4.12
N VAL A 16 7.76 -5.80 -3.59
CA VAL A 16 8.48 -5.45 -2.40
C VAL A 16 8.21 -6.49 -1.32
N PHE A 17 6.96 -6.95 -1.31
CA PHE A 17 6.50 -7.94 -0.34
C PHE A 17 6.91 -9.37 -0.70
N GLN A 18 6.51 -9.84 -1.88
CA GLN A 18 6.79 -11.22 -2.30
C GLN A 18 8.26 -11.46 -2.60
N LYS A 19 9.00 -10.42 -2.95
CA LYS A 19 10.41 -10.58 -3.27
C LYS A 19 11.14 -11.26 -2.12
N TYR A 20 10.98 -10.72 -0.92
CA TYR A 20 11.58 -11.30 0.27
C TYR A 20 10.72 -12.46 0.75
N ALA A 21 9.42 -12.26 0.64
CA ALA A 21 8.43 -13.24 1.06
C ALA A 21 8.58 -14.56 0.30
N GLY A 22 9.14 -14.49 -0.90
CA GLY A 22 9.33 -15.69 -1.69
C GLY A 22 10.77 -16.19 -1.64
N LYS A 23 11.52 -15.95 -2.72
CA LYS A 23 12.90 -16.38 -2.80
C LYS A 23 13.00 -17.91 -2.72
N ASP A 24 12.61 -18.58 -3.80
CA ASP A 24 12.65 -20.04 -3.84
C ASP A 24 11.74 -20.64 -2.78
N GLY A 25 10.59 -20.00 -2.55
CA GLY A 25 9.65 -20.49 -1.56
C GLY A 25 8.31 -19.80 -1.65
N HIS A 26 7.31 -20.50 -2.20
CA HIS A 26 5.97 -19.93 -2.34
C HIS A 26 5.28 -19.81 -0.99
N SER A 27 4.57 -18.71 -0.78
CA SER A 27 3.86 -18.48 0.47
C SER A 27 3.04 -17.20 0.41
N VAL A 28 2.13 -17.04 1.37
CA VAL A 28 1.28 -15.85 1.42
C VAL A 28 1.69 -14.92 2.55
N THR A 29 2.99 -14.91 2.85
CA THR A 29 3.52 -14.08 3.92
C THR A 29 5.00 -13.77 3.69
N LEU A 30 5.60 -13.04 4.62
CA LEU A 30 7.00 -12.67 4.53
C LEU A 30 7.69 -12.84 5.89
N SER A 31 8.30 -11.77 6.41
CA SER A 31 8.96 -11.83 7.71
C SER A 31 9.49 -10.46 8.08
N LYS A 32 9.17 -10.03 9.31
CA LYS A 32 9.61 -8.72 9.79
C LYS A 32 11.11 -8.54 9.53
N THR A 33 11.87 -9.60 9.79
CA THR A 33 13.30 -9.58 9.58
C THR A 33 13.63 -9.33 8.12
N GLU A 34 13.01 -10.10 7.23
CA GLU A 34 13.24 -9.94 5.81
C GLU A 34 12.90 -8.53 5.39
N PHE A 35 11.86 -7.98 6.00
CA PHE A 35 11.45 -6.62 5.73
C PHE A 35 12.44 -5.65 6.38
N LEU A 36 13.02 -6.08 7.50
CA LEU A 36 14.01 -5.28 8.21
C LEU A 36 15.18 -4.96 7.30
N SER A 37 15.83 -6.02 6.82
CA SER A 37 16.96 -5.89 5.94
C SER A 37 16.56 -5.18 4.64
N PHE A 38 15.29 -5.29 4.28
CA PHE A 38 14.77 -4.66 3.07
C PHE A 38 15.00 -3.15 3.12
N MET A 39 14.74 -2.55 4.27
CA MET A 39 14.91 -1.12 4.45
C MET A 39 16.39 -0.76 4.41
N ASN A 40 17.21 -1.65 4.94
CA ASN A 40 18.65 -1.43 4.98
C ASN A 40 19.29 -1.61 3.60
N THR A 41 18.59 -2.29 2.69
CA THR A 41 19.13 -2.53 1.35
C THR A 41 18.43 -1.76 0.24
N GLU A 42 17.12 -1.60 0.34
CA GLU A 42 16.37 -0.93 -0.72
C GLU A 42 15.47 0.21 -0.22
N LEU A 43 15.04 0.12 1.03
CA LEU A 43 14.19 1.15 1.60
C LEU A 43 14.95 1.90 2.69
N ALA A 44 16.20 2.22 2.39
CA ALA A 44 17.07 2.92 3.31
C ALA A 44 16.74 4.41 3.34
N ALA A 45 16.17 4.91 2.24
CA ALA A 45 15.80 6.31 2.16
C ALA A 45 14.75 6.66 3.22
N PHE A 46 14.04 5.64 3.67
CA PHE A 46 13.01 5.82 4.69
C PHE A 46 13.62 5.75 6.09
N THR A 47 14.66 4.94 6.23
CA THR A 47 15.34 4.78 7.51
C THR A 47 16.40 5.85 7.72
N LYS A 48 17.04 6.26 6.62
CA LYS A 48 18.08 7.28 6.69
C LYS A 48 17.53 8.58 7.27
N ASN A 49 16.82 9.33 6.44
CA ASN A 49 16.24 10.60 6.88
C ASN A 49 14.88 10.37 7.52
N GLN A 50 14.84 9.51 8.54
CA GLN A 50 13.60 9.20 9.23
C GLN A 50 12.98 10.45 9.84
N LYS A 51 13.79 11.21 10.58
CA LYS A 51 13.31 12.43 11.22
C LYS A 51 12.12 12.12 12.13
N ASP A 52 12.04 10.86 12.58
CA ASP A 52 10.95 10.43 13.45
C ASP A 52 11.15 8.97 13.85
N PRO A 53 11.25 8.70 15.17
CA PRO A 53 11.44 7.33 15.67
C PRO A 53 10.13 6.55 15.78
N GLY A 54 9.09 7.04 15.13
CA GLY A 54 7.81 6.38 15.17
C GLY A 54 7.34 5.91 13.80
N VAL A 55 8.24 5.98 12.82
CA VAL A 55 7.90 5.56 11.46
C VAL A 55 8.10 4.06 11.29
N LEU A 56 9.35 3.62 11.41
CA LEU A 56 9.70 2.21 11.27
C LEU A 56 9.33 1.40 12.51
N ASP A 57 9.77 1.87 13.67
CA ASP A 57 9.54 1.19 14.94
C ASP A 57 8.05 1.02 15.24
N ARG A 58 7.25 2.01 14.88
CA ARG A 58 5.83 1.97 15.16
C ARG A 58 5.16 0.75 14.52
N MET A 59 5.37 0.56 13.22
CA MET A 59 4.76 -0.57 12.52
C MET A 59 5.44 -1.90 12.83
N MET A 60 6.75 -1.94 12.64
CA MET A 60 7.51 -3.17 12.88
C MET A 60 7.26 -3.74 14.27
N LYS A 61 6.97 -2.86 15.23
CA LYS A 61 6.70 -3.30 16.59
C LYS A 61 5.29 -3.85 16.73
N LYS A 62 4.30 -2.99 16.46
CA LYS A 62 2.90 -3.38 16.58
C LYS A 62 2.42 -4.16 15.34
N LEU A 63 3.34 -4.48 14.44
CA LEU A 63 3.01 -5.21 13.21
C LEU A 63 2.12 -6.41 13.49
N ASP A 64 2.16 -6.91 14.71
CA ASP A 64 1.36 -8.06 15.09
C ASP A 64 1.97 -9.35 14.56
N LEU A 65 3.25 -9.55 14.85
CA LEU A 65 3.97 -10.74 14.39
C LEU A 65 4.45 -11.56 15.59
N ASN A 66 3.51 -12.00 16.42
CA ASN A 66 3.85 -12.79 17.60
C ASN A 66 4.09 -14.25 17.23
N SER A 67 5.04 -14.48 16.33
CA SER A 67 5.38 -15.84 15.89
C SER A 67 4.13 -16.65 15.58
N ASP A 68 3.07 -15.97 15.15
CA ASP A 68 1.83 -16.63 14.82
C ASP A 68 1.75 -16.89 13.32
N GLY A 69 2.90 -17.03 12.67
CA GLY A 69 2.94 -17.28 11.25
C GLY A 69 4.06 -16.53 10.56
N GLN A 70 3.71 -15.42 9.92
CA GLN A 70 4.69 -14.60 9.20
C GLN A 70 4.09 -13.24 8.84
N LEU A 71 4.78 -12.49 7.99
CA LEU A 71 4.30 -11.18 7.56
C LEU A 71 2.97 -11.34 6.81
N ASP A 72 2.80 -10.69 5.66
CA ASP A 72 1.55 -10.79 4.90
C ASP A 72 1.58 -9.90 3.67
N PHE A 73 0.48 -9.91 2.93
CA PHE A 73 0.38 -9.12 1.71
C PHE A 73 0.31 -7.62 2.04
N GLN A 74 -0.65 -7.23 2.86
CA GLN A 74 -0.78 -5.83 3.21
C GLN A 74 0.20 -5.42 4.29
N GLU A 75 0.65 -6.36 5.14
CA GLU A 75 1.59 -6.01 6.18
C GLU A 75 2.68 -5.13 5.60
N PHE A 76 3.05 -5.41 4.36
CA PHE A 76 4.05 -4.63 3.67
C PHE A 76 3.44 -3.33 3.18
N LEU A 77 2.34 -3.44 2.44
CA LEU A 77 1.65 -2.26 1.93
C LEU A 77 1.24 -1.37 3.09
N ASN A 78 0.91 -2.00 4.21
CA ASN A 78 0.54 -1.27 5.42
C ASN A 78 1.78 -0.70 6.06
N LEU A 79 2.80 -1.56 6.23
CA LEU A 79 4.03 -1.11 6.82
C LEU A 79 4.71 -0.09 5.91
N ILE A 80 5.05 -0.52 4.70
CA ILE A 80 5.68 0.35 3.73
C ILE A 80 4.79 1.56 3.44
N GLY A 81 3.49 1.32 3.27
CA GLY A 81 2.58 2.41 3.03
C GLY A 81 2.59 3.36 4.21
N GLY A 82 2.44 2.79 5.40
CA GLY A 82 2.46 3.59 6.61
C GLY A 82 3.77 4.35 6.77
N LEU A 83 4.90 3.70 6.43
CA LEU A 83 6.20 4.35 6.52
C LEU A 83 6.23 5.53 5.57
N ALA A 84 5.62 5.33 4.40
CA ALA A 84 5.53 6.38 3.39
C ALA A 84 4.83 7.60 3.94
N VAL A 85 3.77 7.36 4.69
CA VAL A 85 2.98 8.43 5.28
C VAL A 85 3.70 9.07 6.44
N ALA A 86 4.70 8.38 6.95
CA ALA A 86 5.47 8.85 8.08
C ALA A 86 6.87 9.24 7.66
N CYS A 87 7.06 9.43 6.36
CA CYS A 87 8.37 9.80 5.83
C CYS A 87 8.27 10.43 4.44
N HIS A 88 7.38 9.89 3.60
CA HIS A 88 7.19 10.40 2.24
C HIS A 88 5.71 10.43 1.86
N GLU A 89 5.06 11.57 2.11
CA GLU A 89 3.64 11.71 1.78
C GLU A 89 3.13 13.09 2.12
N SER A 90 1.80 13.25 2.08
CA SER A 90 1.17 14.53 2.40
C SER A 90 1.16 14.76 3.91
N PHE A 91 1.16 13.68 4.67
CA PHE A 91 1.15 13.77 6.13
C PHE A 91 2.34 14.57 6.62
N VAL A 92 3.54 14.17 6.20
CA VAL A 92 4.77 14.85 6.59
C VAL A 92 5.03 16.08 5.73
N LYS A 93 4.48 16.06 4.51
CA LYS A 93 4.65 17.17 3.57
C LYS A 93 3.65 18.29 3.85
N ALA A 94 2.64 18.00 4.66
CA ALA A 94 1.62 18.99 4.99
C ALA A 94 2.09 19.91 6.12
N ALA A 95 2.79 19.34 7.08
CA ALA A 95 3.29 20.11 8.22
C ALA A 95 4.76 19.79 8.49
N PRO A 96 5.63 19.89 7.46
CA PRO A 96 7.06 19.62 7.58
C PRO A 96 7.66 20.17 8.88
N PRO A 97 7.56 21.49 9.12
CA PRO A 97 8.10 22.10 10.33
C PRO A 97 7.31 21.73 11.57
N GLN A 98 6.00 21.56 11.40
CA GLN A 98 5.12 21.20 12.50
C GLN A 98 5.21 19.70 12.80
N LYS A 99 5.92 19.35 13.87
CA LYS A 99 6.08 17.96 14.26
C LYS A 99 6.05 17.81 15.78
N ARG A 100 6.76 18.70 16.46
CA ARG A 100 6.82 18.66 17.93
C ARG A 100 5.42 18.61 18.53
N PHE A 101 5.35 18.26 19.81
CA PHE A 101 4.07 18.16 20.51
C PHE A 101 3.16 17.13 19.86
N SER B 1 21.82 6.35 -4.05
CA SER B 1 20.55 5.58 -4.16
C SER B 1 19.34 6.52 -4.20
N ARG B 2 18.34 6.15 -5.01
CA ARG B 2 17.14 6.95 -5.14
C ARG B 2 16.15 6.30 -6.10
N PRO B 3 16.61 5.91 -7.30
CA PRO B 3 15.77 5.27 -8.33
C PRO B 3 15.47 3.80 -8.06
N THR B 4 15.63 3.38 -6.80
CA THR B 4 15.40 1.99 -6.44
C THR B 4 13.95 1.60 -6.69
N GLU B 5 13.76 0.35 -7.12
CA GLU B 5 12.45 -0.19 -7.44
C GLU B 5 11.43 0.18 -6.36
N THR B 6 11.85 0.09 -5.10
CA THR B 6 10.97 0.42 -4.00
C THR B 6 10.76 1.93 -3.93
N GLU B 7 11.84 2.68 -4.13
CA GLU B 7 11.76 4.14 -4.10
C GLU B 7 10.65 4.61 -5.03
N ARG B 8 10.62 4.04 -6.23
CA ARG B 8 9.60 4.39 -7.21
C ARG B 8 8.26 3.77 -6.83
N CYS B 9 8.30 2.66 -6.08
CA CYS B 9 7.10 1.97 -5.65
C CYS B 9 6.26 2.84 -4.71
N ILE B 10 6.92 3.54 -3.81
CA ILE B 10 6.24 4.38 -2.84
C ILE B 10 5.71 5.66 -3.48
N GLU B 11 6.58 6.37 -4.20
CA GLU B 11 6.18 7.62 -4.83
C GLU B 11 4.92 7.46 -5.68
N SER B 12 4.70 6.24 -6.17
CA SER B 12 3.53 5.96 -7.00
C SER B 12 2.26 5.84 -6.15
N LEU B 13 2.29 4.94 -5.17
CA LEU B 13 1.13 4.71 -4.30
C LEU B 13 0.71 5.98 -3.55
N ILE B 14 1.65 6.87 -3.32
CA ILE B 14 1.36 8.12 -2.64
C ILE B 14 0.54 9.01 -3.51
N ALA B 15 0.93 9.03 -4.77
CA ALA B 15 0.32 9.89 -5.76
C ALA B 15 -1.05 9.43 -6.18
N VAL B 16 -1.23 8.12 -6.28
CA VAL B 16 -2.53 7.56 -6.62
C VAL B 16 -3.57 8.14 -5.69
N PHE B 17 -3.16 8.31 -4.43
CA PHE B 17 -4.04 8.82 -3.38
C PHE B 17 -4.18 10.33 -3.41
N GLN B 18 -3.07 11.06 -3.31
CA GLN B 18 -3.10 12.52 -3.27
C GLN B 18 -3.48 13.15 -4.61
N LYS B 19 -3.26 12.45 -5.70
CA LYS B 19 -3.60 12.99 -7.02
C LYS B 19 -5.06 13.42 -7.06
N TYR B 20 -5.95 12.50 -6.68
CA TYR B 20 -7.37 12.79 -6.63
C TYR B 20 -7.69 13.54 -5.34
N ALA B 21 -7.01 13.11 -4.29
CA ALA B 21 -7.17 13.68 -2.96
C ALA B 21 -6.85 15.18 -2.93
N GLY B 22 -5.99 15.60 -3.86
CA GLY B 22 -5.62 17.01 -3.93
C GLY B 22 -6.36 17.75 -5.02
N LYS B 23 -5.67 18.03 -6.11
CA LYS B 23 -6.25 18.74 -7.24
C LYS B 23 -6.69 20.14 -6.83
N ASP B 24 -5.71 21.02 -6.62
CA ASP B 24 -5.99 22.40 -6.22
C ASP B 24 -6.69 22.43 -4.86
N GLY B 25 -6.27 21.53 -3.97
CA GLY B 25 -6.87 21.47 -2.65
C GLY B 25 -6.09 20.58 -1.70
N HIS B 26 -5.33 21.19 -0.80
CA HIS B 26 -4.54 20.44 0.17
C HIS B 26 -5.43 19.77 1.20
N SER B 27 -5.09 18.53 1.55
CA SER B 27 -5.86 17.78 2.54
C SER B 27 -5.20 16.44 2.85
N VAL B 28 -5.64 15.79 3.92
CA VAL B 28 -5.08 14.51 4.32
C VAL B 28 -6.07 13.38 4.05
N THR B 29 -6.87 13.55 3.01
CA THR B 29 -7.86 12.54 2.63
C THR B 29 -8.19 12.64 1.15
N LEU B 30 -9.12 11.79 0.71
CA LEU B 30 -9.54 11.77 -0.68
C LEU B 30 -11.07 11.64 -0.78
N SER B 31 -11.56 10.62 -1.48
CA SER B 31 -12.99 10.40 -1.61
C SER B 31 -13.26 9.11 -2.38
N LYS B 32 -14.12 8.27 -1.83
CA LYS B 32 -14.46 7.01 -2.46
C LYS B 32 -14.82 7.22 -3.93
N THR B 33 -15.57 8.29 -4.18
CA THR B 33 -15.99 8.63 -5.53
C THR B 33 -14.77 8.93 -6.40
N GLU B 34 -13.89 9.79 -5.90
CA GLU B 34 -12.68 10.14 -6.63
C GLU B 34 -11.89 8.89 -6.93
N PHE B 35 -11.89 7.97 -5.96
CA PHE B 35 -11.19 6.70 -6.12
C PHE B 35 -11.97 5.82 -7.08
N LEU B 36 -13.30 5.99 -7.09
CA LEU B 36 -14.16 5.23 -7.97
C LEU B 36 -13.78 5.46 -9.41
N SER B 37 -13.84 6.72 -9.82
CA SER B 37 -13.49 7.12 -11.17
C SER B 37 -12.05 6.78 -11.48
N PHE B 38 -11.21 6.73 -10.43
CA PHE B 38 -9.80 6.43 -10.59
C PHE B 38 -9.62 5.06 -11.25
N MET B 39 -10.42 4.09 -10.81
CA MET B 39 -10.35 2.74 -11.36
C MET B 39 -10.84 2.73 -12.79
N ASN B 40 -11.84 3.55 -13.07
CA ASN B 40 -12.42 3.64 -14.40
C ASN B 40 -11.50 4.37 -15.38
N THR B 41 -10.54 5.14 -14.85
CA THR B 41 -9.64 5.90 -15.71
C THR B 41 -8.19 5.39 -15.70
N GLU B 42 -7.70 4.93 -14.55
CA GLU B 42 -6.31 4.49 -14.47
C GLU B 42 -6.16 3.09 -13.86
N LEU B 43 -7.11 2.69 -13.02
CA LEU B 43 -7.05 1.38 -12.40
C LEU B 43 -8.17 0.51 -12.94
N ALA B 44 -8.34 0.56 -14.25
CA ALA B 44 -9.38 -0.20 -14.92
C ALA B 44 -8.96 -1.66 -15.09
N ALA B 45 -7.66 -1.89 -15.12
CA ALA B 45 -7.13 -3.23 -15.26
C ALA B 45 -7.57 -4.10 -14.08
N PHE B 46 -7.88 -3.46 -12.96
CA PHE B 46 -8.32 -4.16 -11.76
C PHE B 46 -9.82 -4.40 -11.80
N THR B 47 -10.55 -3.48 -12.44
CA THR B 47 -12.01 -3.60 -12.55
C THR B 47 -12.40 -4.44 -13.76
N LYS B 48 -11.62 -4.34 -14.82
CA LYS B 48 -11.89 -5.09 -16.04
C LYS B 48 -11.91 -6.58 -15.77
N ASN B 49 -10.72 -7.18 -15.66
CA ASN B 49 -10.61 -8.61 -15.39
C ASN B 49 -10.65 -8.87 -13.88
N GLN B 50 -11.73 -8.41 -13.25
CA GLN B 50 -11.90 -8.59 -11.81
C GLN B 50 -11.92 -10.07 -11.45
N LYS B 51 -12.75 -10.84 -12.15
CA LYS B 51 -12.87 -12.27 -11.89
C LYS B 51 -13.24 -12.52 -10.44
N ASP B 52 -13.86 -11.51 -9.82
CA ASP B 52 -14.27 -11.61 -8.41
C ASP B 52 -15.02 -10.34 -8.00
N PRO B 53 -16.28 -10.48 -7.55
CA PRO B 53 -17.10 -9.34 -7.12
C PRO B 53 -16.82 -8.92 -5.68
N GLY B 54 -15.70 -9.39 -5.14
CA GLY B 54 -15.35 -9.04 -3.77
C GLY B 54 -14.04 -8.28 -3.68
N VAL B 55 -13.52 -7.85 -4.82
CA VAL B 55 -12.28 -7.11 -4.86
C VAL B 55 -12.52 -5.62 -4.62
N LEU B 56 -13.23 -4.99 -5.55
CA LEU B 56 -13.54 -3.57 -5.46
C LEU B 56 -14.66 -3.28 -4.46
N ASP B 57 -15.77 -3.99 -4.61
CA ASP B 57 -16.94 -3.80 -3.76
C ASP B 57 -16.63 -4.06 -2.29
N ARG B 58 -15.77 -5.03 -2.00
CA ARG B 58 -15.44 -5.38 -0.64
C ARG B 58 -14.85 -4.18 0.13
N MET B 59 -13.83 -3.55 -0.45
CA MET B 59 -13.19 -2.41 0.21
C MET B 59 -14.02 -1.14 0.12
N MET B 60 -14.40 -0.77 -1.07
CA MET B 60 -15.17 0.45 -1.28
C MET B 60 -16.43 0.48 -0.41
N LYS B 61 -16.98 -0.68 -0.10
CA LYS B 61 -18.17 -0.76 0.73
C LYS B 61 -17.82 -0.59 2.21
N LYS B 62 -17.01 -1.50 2.72
CA LYS B 62 -16.59 -1.47 4.13
C LYS B 62 -15.46 -0.47 4.37
N LEU B 63 -15.11 0.30 3.35
CA LEU B 63 -14.03 1.29 3.46
C LEU B 63 -14.16 2.15 4.72
N ASP B 64 -15.37 2.23 5.25
CA ASP B 64 -15.62 3.01 6.45
C ASP B 64 -15.66 4.50 6.14
N LEU B 65 -16.49 4.87 5.16
CA LEU B 65 -16.63 6.25 4.75
C LEU B 65 -18.06 6.73 4.98
N ASN B 66 -18.50 6.69 6.23
CA ASN B 66 -19.85 7.12 6.59
C ASN B 66 -19.94 8.64 6.70
N SER B 67 -19.58 9.34 5.63
CA SER B 67 -19.61 10.80 5.60
C SER B 67 -18.99 11.39 6.86
N ASP B 68 -18.02 10.67 7.43
CA ASP B 68 -17.35 11.13 8.63
C ASP B 68 -16.04 11.82 8.28
N GLY B 69 -15.98 12.39 7.08
CA GLY B 69 -14.78 13.08 6.64
C GLY B 69 -14.47 12.83 5.17
N GLN B 70 -13.53 11.94 4.92
CA GLN B 70 -13.13 11.61 3.55
C GLN B 70 -12.28 10.34 3.54
N LEU B 71 -11.65 10.06 2.41
CA LEU B 71 -10.80 8.87 2.26
C LEU B 71 -9.63 8.98 3.25
N ASP B 72 -8.40 8.71 2.80
CA ASP B 72 -7.23 8.78 3.68
C ASP B 72 -5.96 8.35 2.95
N PHE B 73 -4.86 8.37 3.67
CA PHE B 73 -3.57 7.98 3.11
C PHE B 73 -3.52 6.50 2.81
N GLN B 74 -3.77 5.67 3.81
CA GLN B 74 -3.74 4.23 3.61
C GLN B 74 -5.01 3.72 2.98
N GLU B 75 -6.14 4.41 3.17
CA GLU B 75 -7.40 3.95 2.57
C GLU B 75 -7.14 3.55 1.13
N PHE B 76 -6.25 4.28 0.47
CA PHE B 76 -5.89 3.98 -0.90
C PHE B 76 -4.93 2.80 -0.92
N LEU B 77 -3.83 2.91 -0.16
CA LEU B 77 -2.87 1.83 -0.10
C LEU B 77 -3.53 0.55 0.38
N ASN B 78 -4.53 0.72 1.25
CA ASN B 78 -5.30 -0.41 1.77
C ASN B 78 -6.25 -0.88 0.70
N LEU B 79 -7.00 0.07 0.12
CA LEU B 79 -7.94 -0.27 -0.92
C LEU B 79 -7.21 -0.79 -2.14
N ILE B 80 -6.37 0.06 -2.71
CA ILE B 80 -5.57 -0.32 -3.88
C ILE B 80 -4.71 -1.53 -3.57
N GLY B 81 -4.07 -1.52 -2.40
CA GLY B 81 -3.25 -2.65 -2.01
C GLY B 81 -4.11 -3.89 -1.92
N GLY B 82 -5.22 -3.77 -1.20
CA GLY B 82 -6.13 -4.89 -1.07
C GLY B 82 -6.66 -5.37 -2.42
N LEU B 83 -6.96 -4.43 -3.32
CA LEU B 83 -7.44 -4.79 -4.65
C LEU B 83 -6.36 -5.58 -5.37
N ALA B 84 -5.12 -5.16 -5.16
CA ALA B 84 -3.97 -5.83 -5.76
C ALA B 84 -3.92 -7.28 -5.33
N VAL B 85 -4.19 -7.50 -4.06
CA VAL B 85 -4.16 -8.85 -3.50
C VAL B 85 -5.35 -9.65 -3.95
N ALA B 86 -6.36 -8.97 -4.43
CA ALA B 86 -7.58 -9.60 -4.88
C ALA B 86 -7.71 -9.54 -6.40
N CYS B 87 -6.60 -9.27 -7.07
CA CYS B 87 -6.59 -9.17 -8.53
C CYS B 87 -5.18 -9.34 -9.10
N HIS B 88 -4.19 -8.76 -8.42
CA HIS B 88 -2.80 -8.85 -8.88
C HIS B 88 -1.84 -9.06 -7.71
N GLU B 89 -1.55 -10.33 -7.41
CA GLU B 89 -0.65 -10.64 -6.29
C GLU B 89 -0.45 -12.15 -6.16
N SER B 90 0.16 -12.55 -5.06
CA SER B 90 0.40 -13.96 -4.78
C SER B 90 -0.87 -14.66 -4.34
N PHE B 91 -1.78 -13.89 -3.74
CA PHE B 91 -3.05 -14.44 -3.27
C PHE B 91 -3.81 -15.09 -4.41
N VAL B 92 -4.02 -14.34 -5.49
CA VAL B 92 -4.73 -14.83 -6.65
C VAL B 92 -3.80 -15.64 -7.56
N LYS B 93 -2.51 -15.36 -7.48
CA LYS B 93 -1.52 -16.06 -8.30
C LYS B 93 -1.12 -17.39 -7.67
N ALA B 94 -1.48 -17.59 -6.41
CA ALA B 94 -1.15 -18.82 -5.70
C ALA B 94 -2.14 -19.93 -6.03
N ALA B 95 -3.42 -19.56 -6.14
CA ALA B 95 -4.46 -20.53 -6.45
C ALA B 95 -5.38 -20.01 -7.56
N PRO B 96 -4.81 -19.61 -8.70
CA PRO B 96 -5.56 -19.09 -9.84
C PRO B 96 -6.84 -19.88 -10.11
N PRO B 97 -6.74 -21.19 -10.36
CA PRO B 97 -7.91 -22.04 -10.62
C PRO B 97 -8.76 -22.24 -9.37
N GLN B 98 -8.11 -22.31 -8.22
CA GLN B 98 -8.79 -22.50 -6.95
C GLN B 98 -9.40 -21.19 -6.46
N LYS B 99 -10.72 -21.06 -6.62
CA LYS B 99 -11.42 -19.86 -6.19
C LYS B 99 -12.78 -20.20 -5.60
N ARG B 100 -13.51 -21.09 -6.28
CA ARG B 100 -14.83 -21.50 -5.82
C ARG B 100 -14.80 -21.93 -4.36
N PHE B 101 -15.98 -22.03 -3.75
CA PHE B 101 -16.09 -22.42 -2.35
C PHE B 101 -15.35 -21.45 -1.45
N SER A 1 -1.16 -3.85 -26.92
CA SER A 1 -1.83 -3.11 -25.82
C SER A 1 -0.82 -2.54 -24.85
N ARG A 2 -1.25 -1.58 -24.03
CA ARG A 2 -0.37 -0.96 -23.05
C ARG A 2 -0.99 -0.99 -21.66
N PRO A 3 -0.18 -1.18 -20.61
CA PRO A 3 -0.64 -1.23 -19.23
C PRO A 3 -1.23 0.11 -18.76
N THR A 4 -0.77 0.61 -17.62
CA THR A 4 -1.26 1.88 -17.08
C THR A 4 -0.34 2.38 -15.98
N GLU A 5 -0.29 3.70 -15.86
CA GLU A 5 0.54 4.36 -14.85
C GLU A 5 0.40 3.68 -13.49
N THR A 6 -0.84 3.44 -13.07
CA THR A 6 -1.10 2.79 -11.79
C THR A 6 -0.61 1.35 -11.80
N GLU A 7 -0.72 0.70 -12.97
CA GLU A 7 -0.28 -0.68 -13.11
C GLU A 7 1.15 -0.86 -12.60
N ARG A 8 1.99 0.12 -12.88
CA ARG A 8 3.37 0.09 -12.43
C ARG A 8 3.43 0.37 -10.93
N CYS A 9 2.45 1.11 -10.43
CA CYS A 9 2.38 1.46 -9.03
C CYS A 9 2.07 0.23 -8.16
N ILE A 10 1.00 -0.48 -8.51
CA ILE A 10 0.61 -1.66 -7.75
C ILE A 10 1.72 -2.70 -7.72
N GLU A 11 2.18 -3.11 -8.90
CA GLU A 11 3.23 -4.11 -9.01
C GLU A 11 4.45 -3.72 -8.19
N SER A 12 4.64 -2.42 -7.99
CA SER A 12 5.77 -1.91 -7.23
C SER A 12 5.75 -2.36 -5.77
N LEU A 13 4.67 -2.06 -5.05
CA LEU A 13 4.57 -2.40 -3.63
C LEU A 13 4.33 -3.89 -3.38
N ILE A 14 3.72 -4.59 -4.32
CA ILE A 14 3.47 -6.01 -4.15
C ILE A 14 4.77 -6.78 -4.13
N ALA A 15 5.68 -6.30 -4.95
CA ALA A 15 6.97 -6.93 -5.14
C ALA A 15 7.91 -6.70 -3.96
N VAL A 16 7.86 -5.51 -3.39
CA VAL A 16 8.69 -5.19 -2.24
C VAL A 16 8.46 -6.23 -1.15
N PHE A 17 7.20 -6.68 -1.05
CA PHE A 17 6.82 -7.66 -0.04
C PHE A 17 7.18 -9.09 -0.44
N GLN A 18 6.64 -9.56 -1.55
CA GLN A 18 6.89 -10.93 -2.01
C GLN A 18 8.34 -11.15 -2.41
N LYS A 19 9.01 -10.11 -2.87
CA LYS A 19 10.41 -10.25 -3.28
C LYS A 19 11.21 -10.93 -2.17
N TYR A 20 11.08 -10.40 -0.96
CA TYR A 20 11.75 -10.98 0.20
C TYR A 20 10.96 -12.18 0.70
N ALA A 21 9.65 -12.10 0.52
CA ALA A 21 8.74 -13.16 0.93
C ALA A 21 8.86 -14.40 0.05
N GLY A 22 9.63 -14.31 -1.02
CA GLY A 22 9.81 -15.44 -1.92
C GLY A 22 10.94 -16.35 -1.48
N LYS A 23 11.30 -17.29 -2.36
CA LYS A 23 12.38 -18.22 -2.06
C LYS A 23 12.07 -19.04 -0.81
N ASP A 24 11.01 -19.85 -0.89
CA ASP A 24 10.60 -20.68 0.23
C ASP A 24 9.96 -21.97 -0.26
N GLY A 25 8.74 -21.86 -0.78
CA GLY A 25 8.05 -23.04 -1.29
C GLY A 25 6.54 -22.84 -1.33
N HIS A 26 5.87 -23.18 -0.23
CA HIS A 26 4.42 -23.03 -0.15
C HIS A 26 4.04 -21.77 0.63
N SER A 27 2.77 -21.38 0.52
CA SER A 27 2.29 -20.19 1.20
C SER A 27 3.07 -18.96 0.77
N VAL A 28 2.55 -17.78 1.13
CA VAL A 28 3.20 -16.52 0.78
C VAL A 28 3.83 -15.88 2.02
N THR A 29 3.35 -14.71 2.43
CA THR A 29 3.88 -14.01 3.60
C THR A 29 5.38 -13.81 3.50
N LEU A 30 5.89 -12.90 4.32
CA LEU A 30 7.32 -12.60 4.33
C LEU A 30 7.93 -12.85 5.72
N SER A 31 8.40 -11.79 6.38
CA SER A 31 9.01 -11.91 7.71
C SER A 31 9.55 -10.57 8.17
N LYS A 32 9.21 -10.16 9.38
CA LYS A 32 9.67 -8.89 9.92
C LYS A 32 11.19 -8.78 9.81
N THR A 33 11.87 -9.92 9.93
CA THR A 33 13.31 -9.97 9.82
C THR A 33 13.75 -9.64 8.40
N GLU A 34 13.12 -10.28 7.42
CA GLU A 34 13.44 -10.03 6.03
C GLU A 34 13.13 -8.58 5.69
N PHE A 35 12.14 -8.03 6.40
CA PHE A 35 11.74 -6.65 6.23
C PHE A 35 12.82 -5.73 6.77
N LEU A 36 13.49 -6.19 7.83
CA LEU A 36 14.54 -5.40 8.45
C LEU A 36 15.64 -5.10 7.46
N SER A 37 16.23 -6.16 6.94
CA SER A 37 17.32 -6.01 5.99
C SER A 37 16.89 -5.23 4.76
N PHE A 38 15.62 -5.40 4.37
CA PHE A 38 15.08 -4.69 3.21
C PHE A 38 15.15 -3.19 3.41
N MET A 39 14.58 -2.71 4.51
CA MET A 39 14.60 -1.29 4.82
C MET A 39 16.03 -0.78 4.91
N ASN A 40 16.94 -1.65 5.30
CA ASN A 40 18.34 -1.29 5.41
C ASN A 40 18.98 -1.15 4.03
N THR A 41 18.34 -1.74 3.02
CA THR A 41 18.87 -1.72 1.67
C THR A 41 17.89 -1.07 0.69
N GLU A 42 16.91 -1.86 0.24
CA GLU A 42 15.92 -1.40 -0.73
C GLU A 42 15.19 -0.14 -0.26
N LEU A 43 15.14 0.07 1.04
CA LEU A 43 14.47 1.24 1.60
C LEU A 43 15.32 1.90 2.68
N ALA A 44 16.59 2.13 2.36
CA ALA A 44 17.51 2.75 3.29
C ALA A 44 17.19 4.24 3.43
N ALA A 45 16.62 4.81 2.38
CA ALA A 45 16.24 6.21 2.37
C ALA A 45 15.26 6.51 3.50
N PHE A 46 14.53 5.47 3.92
CA PHE A 46 13.55 5.62 4.99
C PHE A 46 14.09 5.07 6.31
N THR A 47 15.42 5.09 6.44
CA THR A 47 16.07 4.60 7.65
C THR A 47 17.59 4.74 7.53
N LYS A 48 18.04 5.83 6.92
CA LYS A 48 19.47 6.07 6.74
C LYS A 48 19.98 7.10 7.74
N ASN A 49 19.15 8.10 8.02
CA ASN A 49 19.52 9.15 8.97
C ASN A 49 18.65 9.09 10.22
N GLN A 50 17.56 8.33 10.16
CA GLN A 50 16.66 8.18 11.28
C GLN A 50 16.14 9.54 11.76
N LYS A 51 15.51 10.28 10.84
CA LYS A 51 14.98 11.59 11.17
C LYS A 51 13.79 11.47 12.12
N ASP A 52 13.04 10.37 11.96
CA ASP A 52 11.88 10.12 12.80
C ASP A 52 11.89 8.68 13.32
N PRO A 53 12.82 8.37 14.24
CA PRO A 53 12.93 7.02 14.81
C PRO A 53 11.60 6.51 15.35
N GLY A 54 11.11 5.42 14.79
CA GLY A 54 9.85 4.85 15.23
C GLY A 54 8.96 4.47 14.07
N VAL A 55 8.99 5.26 13.00
CA VAL A 55 8.19 5.00 11.82
C VAL A 55 8.29 3.54 11.39
N LEU A 56 9.51 3.07 11.21
CA LEU A 56 9.76 1.70 10.80
C LEU A 56 9.39 0.71 11.90
N ASP A 57 9.93 0.95 13.08
CA ASP A 57 9.70 0.08 14.23
C ASP A 57 8.21 -0.04 14.57
N ARG A 58 7.46 1.03 14.35
CA ARG A 58 6.03 1.02 14.66
C ARG A 58 5.30 -0.08 13.89
N MET A 59 5.45 -0.08 12.58
CA MET A 59 4.78 -1.08 11.75
C MET A 59 5.48 -2.44 11.82
N MET A 60 6.81 -2.42 11.78
CA MET A 60 7.58 -3.65 11.82
C MET A 60 7.59 -4.30 13.21
N LYS A 61 7.99 -3.55 14.23
CA LYS A 61 8.04 -4.09 15.59
C LYS A 61 6.64 -4.32 16.15
N LYS A 62 5.81 -3.29 16.08
CA LYS A 62 4.43 -3.36 16.58
C LYS A 62 3.52 -4.04 15.56
N LEU A 63 4.12 -4.58 14.50
CA LEU A 63 3.37 -5.25 13.43
C LEU A 63 2.30 -6.18 13.98
N ASP A 64 2.53 -6.70 15.16
CA ASP A 64 1.59 -7.60 15.81
C ASP A 64 0.93 -8.54 14.81
N LEU A 65 1.73 -9.40 14.20
CA LEU A 65 1.23 -10.36 13.22
C LEU A 65 0.10 -11.21 13.81
N ASN A 66 0.47 -12.10 14.73
CA ASN A 66 -0.49 -12.98 15.39
C ASN A 66 -1.49 -13.57 14.39
N SER A 67 -1.04 -13.75 13.16
CA SER A 67 -1.89 -14.32 12.11
C SER A 67 -1.62 -15.80 11.94
N ASP A 68 -0.48 -16.11 11.33
CA ASP A 68 -0.08 -17.50 11.10
C ASP A 68 1.43 -17.64 11.26
N GLY A 69 1.99 -16.87 12.19
CA GLY A 69 3.43 -16.92 12.42
C GLY A 69 4.20 -16.47 11.21
N GLN A 70 3.66 -15.49 10.49
CA GLN A 70 4.32 -14.96 9.30
C GLN A 70 3.85 -13.55 8.98
N LEU A 71 4.57 -12.87 8.10
CA LEU A 71 4.22 -11.51 7.70
C LEU A 71 2.88 -11.51 6.96
N ASP A 72 2.77 -10.88 5.78
CA ASP A 72 1.49 -10.87 5.06
C ASP A 72 1.55 -10.00 3.80
N PHE A 73 0.39 -9.86 3.16
CA PHE A 73 0.28 -9.07 1.94
C PHE A 73 0.12 -7.57 2.23
N GLN A 74 -0.90 -7.19 3.00
CA GLN A 74 -1.10 -5.78 3.32
C GLN A 74 -0.15 -5.34 4.40
N GLU A 75 0.23 -6.25 5.29
CA GLU A 75 1.16 -5.94 6.35
C GLU A 75 2.31 -5.13 5.80
N PHE A 76 2.88 -5.60 4.70
CA PHE A 76 3.97 -4.87 4.07
C PHE A 76 3.49 -3.54 3.54
N LEU A 77 2.42 -3.56 2.74
CA LEU A 77 1.85 -2.34 2.19
C LEU A 77 1.56 -1.34 3.31
N ASN A 78 1.08 -1.86 4.43
CA ASN A 78 0.78 -1.03 5.60
C ASN A 78 2.09 -0.68 6.28
N LEU A 79 3.01 -1.64 6.29
CA LEU A 79 4.32 -1.46 6.90
C LEU A 79 5.05 -0.33 6.21
N ILE A 80 5.23 -0.46 4.90
CA ILE A 80 5.90 0.56 4.10
C ILE A 80 4.97 1.74 3.84
N GLY A 81 3.73 1.43 3.47
CA GLY A 81 2.77 2.49 3.20
C GLY A 81 2.70 3.44 4.37
N GLY A 82 2.53 2.89 5.57
CA GLY A 82 2.49 3.71 6.76
C GLY A 82 3.75 4.55 6.90
N LEU A 83 4.87 4.01 6.41
CA LEU A 83 6.14 4.74 6.47
C LEU A 83 6.07 5.96 5.58
N ALA A 84 5.54 5.78 4.38
CA ALA A 84 5.40 6.88 3.44
C ALA A 84 4.62 8.03 4.06
N VAL A 85 3.66 7.66 4.90
CA VAL A 85 2.81 8.64 5.57
C VAL A 85 3.45 9.16 6.84
N ALA A 86 4.44 8.45 7.34
CA ALA A 86 5.14 8.84 8.55
C ALA A 86 6.59 9.18 8.26
N CYS A 87 6.91 9.36 6.99
CA CYS A 87 8.27 9.67 6.58
C CYS A 87 8.31 10.31 5.19
N HIS A 88 7.49 9.79 4.27
CA HIS A 88 7.46 10.33 2.92
C HIS A 88 6.37 11.39 2.77
N GLU A 89 6.28 11.98 1.58
CA GLU A 89 5.28 13.01 1.31
C GLU A 89 3.87 12.47 1.43
N SER A 90 3.27 12.60 2.61
CA SER A 90 1.92 12.12 2.85
C SER A 90 1.55 12.28 4.33
N PHE A 91 0.63 13.19 4.60
CA PHE A 91 0.19 13.44 5.98
C PHE A 91 1.31 14.10 6.79
N VAL A 92 2.37 13.35 7.03
CA VAL A 92 3.51 13.84 7.79
C VAL A 92 4.15 15.04 7.09
N LYS A 93 3.97 15.13 5.78
CA LYS A 93 4.53 16.22 4.99
C LYS A 93 4.09 17.58 5.55
N ALA A 94 2.97 17.59 6.27
CA ALA A 94 2.45 18.82 6.84
C ALA A 94 2.93 19.01 8.29
N ALA A 95 4.00 18.31 8.66
CA ALA A 95 4.55 18.40 10.00
C ALA A 95 5.79 19.28 10.05
N PRO A 96 6.81 18.97 9.22
CA PRO A 96 8.05 19.74 9.17
C PRO A 96 7.82 21.24 8.94
N PRO A 97 6.93 21.60 8.00
CA PRO A 97 6.64 23.00 7.70
C PRO A 97 5.58 23.60 8.63
N GLN A 98 5.52 23.11 9.87
CA GLN A 98 4.55 23.60 10.83
C GLN A 98 5.00 23.28 12.26
N LYS A 99 6.31 23.26 12.46
CA LYS A 99 6.88 22.97 13.78
C LYS A 99 7.96 23.97 14.14
N ARG A 100 7.77 25.22 13.72
CA ARG A 100 8.74 26.27 14.00
C ARG A 100 8.08 27.64 13.97
N PHE A 101 7.28 27.88 12.93
CA PHE A 101 6.58 29.15 12.78
C PHE A 101 5.14 28.94 12.32
N SER B 1 23.55 11.79 -6.91
CA SER B 1 23.00 10.61 -6.17
C SER B 1 21.84 9.99 -6.93
N ARG B 2 21.49 8.76 -6.56
CA ARG B 2 20.40 8.04 -7.21
C ARG B 2 19.41 7.51 -6.16
N PRO B 3 18.10 7.53 -6.48
CA PRO B 3 17.05 7.05 -5.57
C PRO B 3 17.17 5.54 -5.31
N THR B 4 16.06 4.81 -5.49
CA THR B 4 16.06 3.36 -5.28
C THR B 4 14.81 2.74 -5.87
N GLU B 5 14.95 1.50 -6.30
CA GLU B 5 13.85 0.74 -6.89
C GLU B 5 12.55 0.90 -6.09
N THR B 6 12.65 0.75 -4.77
CA THR B 6 11.49 0.89 -3.91
C THR B 6 11.00 2.32 -3.89
N GLU B 7 11.93 3.28 -3.99
CA GLU B 7 11.59 4.70 -3.99
C GLU B 7 10.53 4.99 -5.03
N ARG B 8 10.63 4.35 -6.18
CA ARG B 8 9.65 4.52 -7.24
C ARG B 8 8.35 3.80 -6.88
N CYS B 9 8.47 2.77 -6.06
CA CYS B 9 7.32 1.98 -5.63
C CYS B 9 6.43 2.78 -4.68
N ILE B 10 7.03 3.33 -3.63
CA ILE B 10 6.29 4.11 -2.65
C ILE B 10 5.58 5.29 -3.30
N GLU B 11 6.35 6.13 -3.97
CA GLU B 11 5.79 7.31 -4.64
C GLU B 11 4.64 6.94 -5.56
N SER B 12 4.66 5.72 -6.06
CA SER B 12 3.63 5.24 -6.97
C SER B 12 2.24 5.18 -6.32
N LEU B 13 2.12 4.46 -5.21
CA LEU B 13 0.84 4.31 -4.53
C LEU B 13 0.39 5.57 -3.76
N ILE B 14 1.33 6.38 -3.32
CA ILE B 14 0.99 7.60 -2.60
C ILE B 14 0.29 8.57 -3.50
N ALA B 15 0.73 8.57 -4.74
CA ALA B 15 0.23 9.48 -5.74
C ALA B 15 -1.15 9.09 -6.24
N VAL B 16 -1.39 7.80 -6.39
CA VAL B 16 -2.69 7.32 -6.82
C VAL B 16 -3.77 7.89 -5.93
N PHE B 17 -3.43 8.01 -4.65
CA PHE B 17 -4.38 8.53 -3.65
C PHE B 17 -4.47 10.05 -3.65
N GLN B 18 -3.35 10.73 -3.41
CA GLN B 18 -3.34 12.18 -3.36
C GLN B 18 -3.63 12.83 -4.71
N LYS B 19 -3.28 12.14 -5.80
CA LYS B 19 -3.53 12.69 -7.13
C LYS B 19 -4.99 13.13 -7.24
N TYR B 20 -5.89 12.24 -6.88
CA TYR B 20 -7.31 12.55 -6.90
C TYR B 20 -7.68 13.35 -5.66
N ALA B 21 -6.96 13.06 -4.58
CA ALA B 21 -7.17 13.71 -3.29
C ALA B 21 -6.69 15.16 -3.30
N GLY B 22 -6.05 15.58 -4.40
CA GLY B 22 -5.57 16.94 -4.49
C GLY B 22 -6.60 17.88 -5.07
N LYS B 23 -6.18 19.10 -5.39
CA LYS B 23 -7.08 20.11 -5.95
C LYS B 23 -8.22 20.40 -4.99
N ASP B 24 -7.89 20.95 -3.83
CA ASP B 24 -8.89 21.29 -2.81
C ASP B 24 -8.45 22.51 -2.00
N GLY B 25 -7.47 22.32 -1.15
CA GLY B 25 -6.97 23.42 -0.33
C GLY B 25 -6.28 22.94 0.92
N HIS B 26 -7.04 22.76 2.00
CA HIS B 26 -6.49 22.30 3.27
C HIS B 26 -6.75 20.81 3.46
N SER B 27 -6.05 20.22 4.43
CA SER B 27 -6.21 18.80 4.72
C SER B 27 -5.89 17.95 3.51
N VAL B 28 -5.75 16.65 3.71
CA VAL B 28 -5.45 15.72 2.62
C VAL B 28 -6.67 14.87 2.28
N THR B 29 -6.59 13.55 2.48
CA THR B 29 -7.70 12.64 2.19
C THR B 29 -8.19 12.81 0.75
N LEU B 30 -8.95 11.82 0.30
CA LEU B 30 -9.48 11.84 -1.06
C LEU B 30 -11.02 11.75 -1.05
N SER B 31 -11.58 10.66 -1.58
CA SER B 31 -13.03 10.49 -1.62
C SER B 31 -13.39 9.22 -2.38
N LYS B 32 -14.23 8.38 -1.78
CA LYS B 32 -14.64 7.13 -2.41
C LYS B 32 -15.15 7.37 -3.83
N THR B 33 -15.77 8.54 -4.03
CA THR B 33 -16.29 8.91 -5.34
C THR B 33 -15.13 9.14 -6.31
N GLU B 34 -14.14 9.93 -5.88
CA GLU B 34 -12.99 10.19 -6.72
C GLU B 34 -12.25 8.89 -7.00
N PHE B 35 -12.37 7.95 -6.06
CA PHE B 35 -11.75 6.64 -6.20
C PHE B 35 -12.49 5.85 -7.26
N LEU B 36 -13.80 6.07 -7.36
CA LEU B 36 -14.63 5.37 -8.33
C LEU B 36 -14.14 5.63 -9.73
N SER B 37 -14.14 6.90 -10.10
CA SER B 37 -13.73 7.29 -11.43
C SER B 37 -12.28 6.86 -11.71
N PHE B 38 -11.46 6.87 -10.67
CA PHE B 38 -10.06 6.47 -10.80
C PHE B 38 -9.96 5.03 -11.27
N MET B 39 -10.59 4.13 -10.54
CA MET B 39 -10.57 2.71 -10.89
C MET B 39 -11.14 2.50 -12.29
N ASN B 40 -12.04 3.39 -12.70
CA ASN B 40 -12.65 3.31 -14.02
C ASN B 40 -11.66 3.75 -15.09
N THR B 41 -10.63 4.48 -14.69
CA THR B 41 -9.63 4.99 -15.62
C THR B 41 -8.22 4.50 -15.29
N GLU B 42 -7.59 5.16 -14.33
CA GLU B 42 -6.22 4.83 -13.92
C GLU B 42 -6.08 3.37 -13.51
N LEU B 43 -7.17 2.75 -13.10
CA LEU B 43 -7.14 1.36 -12.67
C LEU B 43 -8.31 0.58 -13.27
N ALA B 44 -8.51 0.74 -14.57
CA ALA B 44 -9.58 0.05 -15.26
C ALA B 44 -9.27 -1.43 -15.40
N ALA B 45 -7.98 -1.74 -15.43
CA ALA B 45 -7.54 -3.12 -15.55
C ALA B 45 -8.05 -3.95 -14.38
N PHE B 46 -8.34 -3.28 -13.27
CA PHE B 46 -8.86 -3.95 -12.08
C PHE B 46 -10.36 -3.75 -11.94
N THR B 47 -11.03 -3.54 -13.08
CA THR B 47 -12.47 -3.32 -13.09
C THR B 47 -12.96 -3.09 -14.52
N LYS B 48 -12.37 -3.82 -15.48
CA LYS B 48 -12.76 -3.69 -16.87
C LYS B 48 -13.64 -4.86 -17.31
N ASN B 49 -13.35 -6.05 -16.80
CA ASN B 49 -14.12 -7.24 -17.13
C ASN B 49 -14.89 -7.76 -15.92
N GLN B 50 -14.53 -7.25 -14.74
CA GLN B 50 -15.18 -7.66 -13.50
C GLN B 50 -15.10 -9.18 -13.31
N LYS B 51 -13.88 -9.71 -13.31
CA LYS B 51 -13.68 -11.13 -13.13
C LYS B 51 -14.06 -11.56 -11.72
N ASP B 52 -13.84 -10.66 -10.76
CA ASP B 52 -14.16 -10.93 -9.37
C ASP B 52 -14.91 -9.75 -8.75
N PRO B 53 -16.18 -9.56 -9.15
CA PRO B 53 -17.02 -8.46 -8.64
C PRO B 53 -17.06 -8.45 -7.12
N GLY B 54 -16.58 -7.35 -6.53
CA GLY B 54 -16.56 -7.23 -5.09
C GLY B 54 -15.25 -6.70 -4.56
N VAL B 55 -14.16 -7.09 -5.21
CA VAL B 55 -12.82 -6.65 -4.81
C VAL B 55 -12.79 -5.14 -4.58
N LEU B 56 -13.23 -4.39 -5.59
CA LEU B 56 -13.25 -2.95 -5.51
C LEU B 56 -14.28 -2.45 -4.51
N ASP B 57 -15.50 -2.92 -4.66
CA ASP B 57 -16.61 -2.53 -3.79
C ASP B 57 -16.32 -2.83 -2.32
N ARG B 58 -15.59 -3.92 -2.06
CA ARG B 58 -15.28 -4.30 -0.68
C ARG B 58 -14.53 -3.19 0.05
N MET B 59 -13.42 -2.74 -0.53
CA MET B 59 -12.62 -1.70 0.09
C MET B 59 -13.26 -0.32 -0.07
N MET B 60 -13.77 -0.05 -1.27
CA MET B 60 -14.37 1.25 -1.56
C MET B 60 -15.74 1.42 -0.89
N LYS B 61 -16.65 0.48 -1.14
CA LYS B 61 -17.99 0.56 -0.55
C LYS B 61 -17.96 0.31 0.96
N LYS B 62 -17.34 -0.81 1.35
CA LYS B 62 -17.23 -1.17 2.77
C LYS B 62 -16.09 -0.40 3.44
N LEU B 63 -15.51 0.54 2.71
CA LEU B 63 -14.39 1.34 3.23
C LEU B 63 -14.62 1.81 4.65
N ASP B 64 -15.89 1.96 5.01
CA ASP B 64 -16.26 2.39 6.35
C ASP B 64 -15.29 3.45 6.89
N LEU B 65 -15.26 4.62 6.25
CA LEU B 65 -14.38 5.70 6.66
C LEU B 65 -14.62 6.07 8.12
N ASN B 66 -15.77 6.68 8.39
CA ASN B 66 -16.15 7.09 9.75
C ASN B 66 -14.97 7.75 10.48
N SER B 67 -14.10 8.40 9.72
CA SER B 67 -12.93 9.06 10.29
C SER B 67 -13.20 10.55 10.45
N ASP B 68 -13.20 11.27 9.33
CA ASP B 68 -13.44 12.70 9.34
C ASP B 68 -14.24 13.11 8.10
N GLY B 69 -15.13 12.21 7.67
CA GLY B 69 -15.94 12.48 6.50
C GLY B 69 -15.11 12.61 5.25
N GLN B 70 -14.03 11.81 5.18
CA GLN B 70 -13.14 11.84 4.03
C GLN B 70 -12.37 10.53 3.90
N LEU B 71 -11.74 10.33 2.73
CA LEU B 71 -10.96 9.13 2.49
C LEU B 71 -9.76 9.08 3.44
N ASP B 72 -8.53 8.83 2.93
CA ASP B 72 -7.36 8.79 3.81
C ASP B 72 -6.09 8.39 3.06
N PHE B 73 -5.02 8.22 3.82
CA PHE B 73 -3.72 7.85 3.27
C PHE B 73 -3.60 6.34 3.03
N GLN B 74 -3.79 5.53 4.08
CA GLN B 74 -3.68 4.09 3.92
C GLN B 74 -4.94 3.54 3.30
N GLU B 75 -6.09 4.19 3.56
CA GLU B 75 -7.34 3.74 3.00
C GLU B 75 -7.16 3.40 1.53
N PHE B 76 -6.52 4.31 0.81
CA PHE B 76 -6.27 4.06 -0.61
C PHE B 76 -5.31 2.88 -0.78
N LEU B 77 -4.17 2.94 -0.09
CA LEU B 77 -3.20 1.86 -0.17
C LEU B 77 -3.86 0.53 0.16
N ASN B 78 -4.76 0.55 1.13
CA ASN B 78 -5.50 -0.64 1.53
C ASN B 78 -6.58 -0.91 0.49
N LEU B 79 -7.15 0.18 -0.02
CA LEU B 79 -8.20 0.08 -1.03
C LEU B 79 -7.66 -0.60 -2.27
N ILE B 80 -6.60 -0.02 -2.83
CA ILE B 80 -5.97 -0.58 -4.02
C ILE B 80 -5.10 -1.77 -3.65
N GLY B 81 -4.32 -1.64 -2.58
CA GLY B 81 -3.47 -2.73 -2.14
C GLY B 81 -4.27 -4.00 -1.99
N GLY B 82 -5.38 -3.89 -1.25
CA GLY B 82 -6.25 -5.04 -1.07
C GLY B 82 -6.72 -5.60 -2.41
N LEU B 83 -6.86 -4.72 -3.41
CA LEU B 83 -7.29 -5.14 -4.73
C LEU B 83 -6.21 -6.01 -5.36
N ALA B 84 -4.97 -5.57 -5.23
CA ALA B 84 -3.84 -6.33 -5.78
C ALA B 84 -3.84 -7.75 -5.24
N VAL B 85 -4.27 -7.87 -3.98
CA VAL B 85 -4.31 -9.17 -3.31
C VAL B 85 -5.60 -9.92 -3.62
N ALA B 86 -6.59 -9.20 -4.10
CA ALA B 86 -7.86 -9.80 -4.43
C ALA B 86 -8.14 -9.73 -5.93
N CYS B 87 -7.11 -9.43 -6.69
CA CYS B 87 -7.25 -9.30 -8.14
C CYS B 87 -5.90 -9.46 -8.84
N HIS B 88 -4.85 -8.86 -8.27
CA HIS B 88 -3.52 -8.93 -8.87
C HIS B 88 -2.72 -10.10 -8.29
N GLU B 89 -1.51 -10.29 -8.79
CA GLU B 89 -0.64 -11.37 -8.33
C GLU B 89 -0.27 -11.19 -6.86
N SER B 90 -1.04 -11.81 -5.98
CA SER B 90 -0.80 -11.73 -4.54
C SER B 90 -1.93 -12.41 -3.76
N PHE B 91 -1.60 -13.53 -3.13
CA PHE B 91 -2.59 -14.30 -2.36
C PHE B 91 -3.63 -14.92 -3.28
N VAL B 92 -4.44 -14.08 -3.90
CA VAL B 92 -5.47 -14.54 -4.81
C VAL B 92 -4.87 -15.30 -6.00
N LYS B 93 -3.61 -15.01 -6.31
CA LYS B 93 -2.93 -15.66 -7.41
C LYS B 93 -2.95 -17.18 -7.26
N ALA B 94 -3.12 -17.65 -6.02
CA ALA B 94 -3.17 -19.07 -5.76
C ALA B 94 -4.60 -19.61 -5.75
N ALA B 95 -5.52 -18.85 -6.36
CA ALA B 95 -6.92 -19.25 -6.41
C ALA B 95 -7.29 -19.82 -7.78
N PRO B 96 -7.04 -19.06 -8.87
CA PRO B 96 -7.36 -19.49 -10.23
C PRO B 96 -6.75 -20.85 -10.58
N PRO B 97 -5.47 -21.09 -10.21
CA PRO B 97 -4.79 -22.35 -10.49
C PRO B 97 -5.05 -23.42 -9.44
N GLN B 98 -6.22 -23.37 -8.80
CA GLN B 98 -6.58 -24.33 -7.77
C GLN B 98 -8.09 -24.38 -7.59
N LYS B 99 -8.82 -24.15 -8.67
CA LYS B 99 -10.28 -24.18 -8.63
C LYS B 99 -10.84 -25.00 -9.79
N ARG B 100 -10.13 -26.05 -10.15
CA ARG B 100 -10.56 -26.92 -11.25
C ARG B 100 -9.97 -28.31 -11.11
N PHE B 101 -8.67 -28.38 -10.82
CA PHE B 101 -7.99 -29.65 -10.66
C PHE B 101 -7.04 -29.61 -9.47
N SER A 1 6.24 2.48 -20.60
CA SER A 1 5.17 3.50 -20.55
C SER A 1 3.98 3.10 -21.41
N ARG A 2 3.79 1.78 -21.59
CA ARG A 2 2.70 1.27 -22.39
C ARG A 2 1.44 1.08 -21.55
N PRO A 3 1.55 0.38 -20.41
CA PRO A 3 0.42 0.13 -19.51
C PRO A 3 -0.10 1.42 -18.86
N THR A 4 -0.25 1.42 -17.54
CA THR A 4 -0.74 2.61 -16.83
C THR A 4 0.12 2.92 -15.63
N GLU A 5 0.27 4.21 -15.36
CA GLU A 5 1.07 4.69 -14.24
C GLU A 5 0.78 3.89 -12.97
N THR A 6 -0.51 3.68 -12.70
CA THR A 6 -0.92 2.90 -11.54
C THR A 6 -0.48 1.46 -11.68
N GLU A 7 -0.62 0.92 -12.88
CA GLU A 7 -0.23 -0.47 -13.14
C GLU A 7 1.20 -0.72 -12.66
N ARG A 8 2.04 0.29 -12.80
CA ARG A 8 3.42 0.18 -12.35
C ARG A 8 3.53 0.38 -10.84
N CYS A 9 2.58 1.15 -10.28
CA CYS A 9 2.58 1.42 -8.85
C CYS A 9 2.23 0.17 -8.04
N ILE A 10 1.25 -0.59 -8.53
CA ILE A 10 0.83 -1.80 -7.84
C ILE A 10 1.89 -2.89 -7.91
N GLU A 11 2.31 -3.22 -9.12
CA GLU A 11 3.30 -4.28 -9.32
C GLU A 11 4.54 -4.08 -8.46
N SER A 12 4.84 -2.83 -8.11
CA SER A 12 6.01 -2.55 -7.30
C SER A 12 5.80 -2.92 -5.83
N LEU A 13 4.75 -2.38 -5.21
CA LEU A 13 4.45 -2.65 -3.81
C LEU A 13 4.18 -4.13 -3.55
N ILE A 14 3.70 -4.84 -4.56
CA ILE A 14 3.43 -6.25 -4.42
C ILE A 14 4.73 -7.02 -4.36
N ALA A 15 5.67 -6.56 -5.14
CA ALA A 15 6.97 -7.18 -5.27
C ALA A 15 7.83 -6.95 -4.05
N VAL A 16 7.76 -5.74 -3.50
CA VAL A 16 8.53 -5.42 -2.30
C VAL A 16 8.21 -6.45 -1.22
N PHE A 17 6.96 -6.88 -1.20
CA PHE A 17 6.48 -7.85 -0.21
C PHE A 17 6.86 -9.29 -0.57
N GLN A 18 6.40 -9.76 -1.73
CA GLN A 18 6.66 -11.14 -2.14
C GLN A 18 8.11 -11.38 -2.52
N LYS A 19 8.84 -10.33 -2.92
CA LYS A 19 10.24 -10.51 -3.30
C LYS A 19 11.00 -11.23 -2.19
N TYR A 20 10.89 -10.72 -0.97
CA TYR A 20 11.52 -11.34 0.18
C TYR A 20 10.67 -12.52 0.65
N ALA A 21 9.36 -12.31 0.62
CA ALA A 21 8.39 -13.30 1.04
C ALA A 21 8.54 -14.60 0.25
N GLY A 22 9.07 -14.49 -0.96
CA GLY A 22 9.25 -15.68 -1.79
C GLY A 22 10.70 -16.08 -1.93
N LYS A 23 10.94 -17.21 -2.59
CA LYS A 23 12.29 -17.71 -2.79
C LYS A 23 12.28 -18.99 -3.62
N ASP A 24 11.30 -19.86 -3.35
CA ASP A 24 11.18 -21.12 -4.07
C ASP A 24 10.01 -21.07 -5.05
N GLY A 25 8.97 -20.33 -4.68
CA GLY A 25 7.81 -20.22 -5.55
C GLY A 25 6.89 -19.08 -5.14
N HIS A 26 5.61 -19.40 -4.96
CA HIS A 26 4.63 -18.39 -4.56
C HIS A 26 4.32 -18.49 -3.08
N SER A 27 4.49 -17.39 -2.37
CA SER A 27 4.23 -17.35 -0.93
C SER A 27 3.07 -16.42 -0.61
N VAL A 28 2.48 -16.59 0.57
CA VAL A 28 1.36 -15.76 1.00
C VAL A 28 1.76 -14.80 2.11
N THR A 29 2.87 -15.10 2.78
CA THR A 29 3.37 -14.27 3.85
C THR A 29 4.84 -13.95 3.66
N LEU A 30 5.43 -13.24 4.63
CA LEU A 30 6.83 -12.86 4.56
C LEU A 30 7.50 -13.05 5.93
N SER A 31 8.09 -11.98 6.47
CA SER A 31 8.75 -12.03 7.77
C SER A 31 9.32 -10.65 8.11
N LYS A 32 8.99 -10.16 9.30
CA LYS A 32 9.46 -8.84 9.73
C LYS A 32 10.96 -8.70 9.55
N THR A 33 11.69 -9.77 9.85
CA THR A 33 13.14 -9.79 9.73
C THR A 33 13.56 -9.58 8.27
N GLU A 34 12.86 -10.26 7.36
CA GLU A 34 13.16 -10.12 5.95
C GLU A 34 12.93 -8.68 5.54
N PHE A 35 11.91 -8.08 6.15
CA PHE A 35 11.60 -6.68 5.92
C PHE A 35 12.64 -5.83 6.64
N LEU A 36 13.17 -6.38 7.74
CA LEU A 36 14.19 -5.69 8.51
C LEU A 36 15.40 -5.40 7.64
N SER A 37 15.97 -6.48 7.09
CA SER A 37 17.12 -6.36 6.21
C SER A 37 16.76 -5.59 4.94
N PHE A 38 15.57 -5.87 4.41
CA PHE A 38 15.09 -5.21 3.21
C PHE A 38 15.00 -3.70 3.43
N MET A 39 14.43 -3.32 4.58
CA MET A 39 14.28 -1.91 4.92
C MET A 39 15.64 -1.23 5.04
N ASN A 40 16.64 -2.00 5.46
CA ASN A 40 17.99 -1.46 5.62
C ASN A 40 18.65 -1.25 4.26
N THR A 41 18.14 -1.90 3.23
CA THR A 41 18.69 -1.79 1.89
C THR A 41 17.72 -1.10 0.93
N GLU A 42 16.74 -1.86 0.44
CA GLU A 42 15.75 -1.35 -0.50
C GLU A 42 15.09 -0.06 0.00
N LEU A 43 15.00 0.10 1.31
CA LEU A 43 14.38 1.28 1.88
C LEU A 43 15.29 1.90 2.95
N ALA A 44 16.55 2.09 2.60
CA ALA A 44 17.51 2.67 3.52
C ALA A 44 17.36 4.18 3.59
N ALA A 45 16.89 4.78 2.50
CA ALA A 45 16.69 6.22 2.44
C ALA A 45 15.67 6.67 3.47
N PHE A 46 14.79 5.75 3.88
CA PHE A 46 13.76 6.07 4.87
C PHE A 46 14.14 5.52 6.24
N THR A 47 15.43 5.40 6.49
CA THR A 47 15.93 4.88 7.76
C THR A 47 17.30 5.47 8.11
N LYS A 48 18.18 5.52 7.11
CA LYS A 48 19.52 6.05 7.31
C LYS A 48 19.49 7.40 8.03
N ASN A 49 19.19 8.47 7.29
CA ASN A 49 19.13 9.81 7.87
C ASN A 49 17.69 10.28 8.00
N GLN A 50 17.00 9.79 9.03
CA GLN A 50 15.61 10.17 9.26
C GLN A 50 15.45 10.90 10.59
N LYS A 51 14.63 11.94 10.59
CA LYS A 51 14.40 12.73 11.80
C LYS A 51 13.23 12.17 12.60
N ASP A 52 12.27 11.59 11.89
CA ASP A 52 11.09 11.01 12.53
C ASP A 52 11.37 9.59 13.03
N PRO A 53 11.44 9.39 14.36
CA PRO A 53 11.71 8.08 14.95
C PRO A 53 10.45 7.22 15.10
N GLY A 54 9.40 7.57 14.35
CA GLY A 54 8.15 6.83 14.42
C GLY A 54 7.72 6.28 13.08
N VAL A 55 8.65 6.26 12.12
CA VAL A 55 8.36 5.75 10.79
C VAL A 55 8.53 4.23 10.73
N LEU A 56 9.74 3.77 11.01
CA LEU A 56 10.04 2.35 10.99
C LEU A 56 9.33 1.62 12.12
N ASP A 57 9.48 2.14 13.34
CA ASP A 57 8.85 1.55 14.51
C ASP A 57 7.34 1.43 14.32
N ARG A 58 6.77 2.29 13.50
CA ARG A 58 5.34 2.27 13.25
C ARG A 58 4.91 0.95 12.62
N MET A 59 5.61 0.57 11.54
CA MET A 59 5.28 -0.67 10.84
C MET A 59 5.33 -1.87 11.78
N MET A 60 6.45 -2.02 12.47
CA MET A 60 6.63 -3.14 13.39
C MET A 60 5.56 -3.13 14.48
N LYS A 61 4.98 -1.97 14.73
CA LYS A 61 3.94 -1.83 15.75
C LYS A 61 2.59 -2.33 15.25
N LYS A 62 2.07 -1.72 14.18
CA LYS A 62 0.77 -2.08 13.63
C LYS A 62 0.82 -3.33 12.75
N LEU A 63 1.96 -4.00 12.69
CA LEU A 63 2.09 -5.21 11.87
C LEU A 63 1.36 -6.40 12.49
N ASP A 64 0.84 -6.21 13.70
CA ASP A 64 0.12 -7.26 14.39
C ASP A 64 1.06 -8.43 14.70
N LEU A 65 1.28 -9.29 13.71
CA LEU A 65 2.15 -10.45 13.86
C LEU A 65 1.63 -11.40 14.94
N ASN A 66 1.82 -11.02 16.20
CA ASN A 66 1.37 -11.85 17.32
C ASN A 66 2.12 -13.16 17.36
N SER A 67 3.27 -13.22 16.71
CA SER A 67 4.09 -14.43 16.67
C SER A 67 3.26 -15.64 16.26
N ASP A 68 3.87 -16.81 16.29
CA ASP A 68 3.18 -18.04 15.93
C ASP A 68 2.59 -17.93 14.52
N GLY A 69 3.16 -17.05 13.71
CA GLY A 69 2.66 -16.85 12.36
C GLY A 69 3.71 -16.27 11.44
N GLN A 70 3.30 -15.38 10.55
CA GLN A 70 4.20 -14.76 9.60
C GLN A 70 3.69 -13.38 9.18
N LEU A 71 4.39 -12.75 8.24
CA LEU A 71 4.01 -11.44 7.75
C LEU A 71 2.65 -11.54 7.02
N ASP A 72 2.53 -10.97 5.81
CA ASP A 72 1.25 -11.04 5.08
C ASP A 72 1.30 -10.18 3.82
N PHE A 73 0.12 -9.97 3.22
CA PHE A 73 0.03 -9.18 1.99
C PHE A 73 0.02 -7.68 2.29
N GLN A 74 -0.97 -7.20 3.05
CA GLN A 74 -1.02 -5.78 3.37
C GLN A 74 -0.07 -5.47 4.50
N GLU A 75 0.29 -6.48 5.29
CA GLU A 75 1.23 -6.29 6.39
C GLU A 75 2.43 -5.49 5.86
N PHE A 76 2.75 -5.73 4.59
CA PHE A 76 3.84 -5.03 3.94
C PHE A 76 3.36 -3.66 3.49
N LEU A 77 2.27 -3.62 2.72
CA LEU A 77 1.71 -2.37 2.25
C LEU A 77 1.47 -1.44 3.44
N ASN A 78 1.11 -2.03 4.56
CA ASN A 78 0.89 -1.29 5.79
C ASN A 78 2.23 -0.92 6.39
N LEU A 79 3.17 -1.86 6.32
CA LEU A 79 4.51 -1.65 6.83
C LEU A 79 5.19 -0.53 6.06
N ILE A 80 5.29 -0.69 4.74
CA ILE A 80 5.91 0.30 3.88
C ILE A 80 5.00 1.50 3.69
N GLY A 81 3.71 1.24 3.41
CA GLY A 81 2.77 2.32 3.23
C GLY A 81 2.83 3.28 4.40
N GLY A 82 2.78 2.72 5.60
CA GLY A 82 2.86 3.54 6.80
C GLY A 82 4.07 4.46 6.74
N LEU A 83 5.20 3.94 6.27
CA LEU A 83 6.42 4.74 6.14
C LEU A 83 6.17 5.96 5.28
N ALA A 84 5.55 5.75 4.12
CA ALA A 84 5.24 6.85 3.21
C ALA A 84 4.45 7.95 3.91
N VAL A 85 3.62 7.53 4.85
CA VAL A 85 2.78 8.47 5.59
C VAL A 85 3.52 9.07 6.77
N ALA A 86 4.61 8.42 7.16
CA ALA A 86 5.41 8.87 8.28
C ALA A 86 6.78 9.35 7.82
N CYS A 87 7.01 9.33 6.52
CA CYS A 87 8.27 9.75 5.95
C CYS A 87 8.06 10.59 4.69
N HIS A 88 7.12 10.17 3.85
CA HIS A 88 6.83 10.91 2.62
C HIS A 88 5.90 12.09 2.89
N GLU A 89 5.35 12.67 1.83
CA GLU A 89 4.45 13.82 1.96
C GLU A 89 2.99 13.37 1.96
N SER A 90 2.72 12.22 2.58
CA SER A 90 1.35 11.71 2.66
C SER A 90 0.73 12.02 4.02
N PHE A 91 1.42 12.81 4.82
CA PHE A 91 0.92 13.19 6.15
C PHE A 91 1.95 14.07 6.87
N VAL A 92 3.22 13.72 6.70
CA VAL A 92 4.30 14.46 7.33
C VAL A 92 4.31 15.92 6.85
N LYS A 93 4.91 16.80 7.64
CA LYS A 93 4.98 18.21 7.29
C LYS A 93 3.58 18.82 7.20
N ALA A 94 2.60 18.13 7.77
CA ALA A 94 1.22 18.60 7.75
C ALA A 94 0.71 18.87 9.17
N ALA A 95 1.28 18.17 10.14
CA ALA A 95 0.88 18.34 11.54
C ALA A 95 2.10 18.30 12.47
N PRO A 96 3.12 19.16 12.22
CA PRO A 96 4.32 19.20 13.05
C PRO A 96 4.02 19.55 14.51
N PRO A 97 3.19 20.58 14.76
CA PRO A 97 2.83 20.99 16.12
C PRO A 97 1.67 20.19 16.69
N GLN A 98 0.85 19.62 15.81
CA GLN A 98 -0.30 18.83 16.23
C GLN A 98 0.09 17.78 17.27
N LYS A 99 -0.85 17.45 18.15
CA LYS A 99 -0.60 16.48 19.21
C LYS A 99 -1.60 15.32 19.11
N ARG A 100 -1.15 14.19 18.57
CA ARG A 100 -2.00 13.02 18.42
C ARG A 100 -1.80 12.06 19.58
N PHE A 101 -0.57 11.98 20.08
CA PHE A 101 -0.24 11.09 21.18
C PHE A 101 1.02 11.55 21.90
N SER B 1 16.20 5.47 -13.31
CA SER B 1 16.81 4.28 -12.66
C SER B 1 17.99 4.69 -11.77
N ARG B 2 17.94 5.92 -11.26
CA ARG B 2 19.01 6.42 -10.40
C ARG B 2 18.73 6.07 -8.94
N PRO B 3 17.53 6.38 -8.43
CA PRO B 3 17.15 6.10 -7.04
C PRO B 3 17.06 4.59 -6.77
N THR B 4 15.95 4.14 -6.18
CA THR B 4 15.77 2.72 -5.88
C THR B 4 14.41 2.24 -6.34
N GLU B 5 14.38 0.99 -6.79
CA GLU B 5 13.16 0.36 -7.26
C GLU B 5 11.99 0.64 -6.32
N THR B 6 12.23 0.48 -5.02
CA THR B 6 11.22 0.74 -4.02
C THR B 6 10.85 2.22 -4.00
N GLU B 7 11.86 3.07 -4.11
CA GLU B 7 11.64 4.51 -4.11
C GLU B 7 10.58 4.89 -5.13
N ARG B 8 10.56 4.18 -6.25
CA ARG B 8 9.56 4.42 -7.29
C ARG B 8 8.23 3.78 -6.93
N CYS B 9 8.28 2.71 -6.14
CA CYS B 9 7.07 2.00 -5.74
C CYS B 9 6.24 2.84 -4.76
N ILE B 10 6.92 3.48 -3.82
CA ILE B 10 6.24 4.30 -2.83
C ILE B 10 5.64 5.55 -3.45
N GLU B 11 6.46 6.33 -4.14
CA GLU B 11 6.01 7.58 -4.74
C GLU B 11 4.77 7.38 -5.61
N SER B 12 4.60 6.18 -6.16
CA SER B 12 3.46 5.90 -7.01
C SER B 12 2.17 5.75 -6.20
N LEU B 13 2.17 4.82 -5.24
CA LEU B 13 0.98 4.58 -4.41
C LEU B 13 0.56 5.81 -3.61
N ILE B 14 1.51 6.69 -3.31
CA ILE B 14 1.20 7.90 -2.58
C ILE B 14 0.44 8.87 -3.46
N ALA B 15 0.85 8.86 -4.71
CA ALA B 15 0.30 9.75 -5.71
C ALA B 15 -1.09 9.34 -6.14
N VAL B 16 -1.31 8.04 -6.28
CA VAL B 16 -2.61 7.52 -6.64
C VAL B 16 -3.66 8.06 -5.67
N PHE B 17 -3.24 8.20 -4.41
CA PHE B 17 -4.12 8.68 -3.35
C PHE B 17 -4.26 10.20 -3.36
N GLN B 18 -3.14 10.91 -3.19
CA GLN B 18 -3.16 12.38 -3.13
C GLN B 18 -3.48 13.02 -4.48
N LYS B 19 -3.21 12.33 -5.58
CA LYS B 19 -3.50 12.90 -6.90
C LYS B 19 -4.94 13.38 -6.97
N TYR B 20 -5.86 12.50 -6.60
CA TYR B 20 -7.28 12.85 -6.58
C TYR B 20 -7.59 13.61 -5.31
N ALA B 21 -6.98 13.15 -4.22
CA ALA B 21 -7.16 13.74 -2.90
C ALA B 21 -6.79 15.22 -2.89
N GLY B 22 -5.91 15.62 -3.81
CA GLY B 22 -5.49 17.01 -3.88
C GLY B 22 -6.06 17.73 -5.09
N LYS B 23 -5.81 19.03 -5.17
CA LYS B 23 -6.29 19.84 -6.29
C LYS B 23 -5.82 21.28 -6.15
N ASP B 24 -5.83 21.79 -4.92
CA ASP B 24 -5.41 23.16 -4.66
C ASP B 24 -4.04 23.18 -3.97
N GLY B 25 -3.78 22.17 -3.16
CA GLY B 25 -2.51 22.09 -2.46
C GLY B 25 -2.26 20.72 -1.86
N HIS B 26 -1.95 20.69 -0.57
CA HIS B 26 -1.69 19.43 0.13
C HIS B 26 -2.90 18.99 0.94
N SER B 27 -3.37 17.78 0.68
CA SER B 27 -4.53 17.24 1.38
C SER B 27 -4.14 16.04 2.23
N VAL B 28 -4.98 15.70 3.21
CA VAL B 28 -4.72 14.57 4.09
C VAL B 28 -5.68 13.41 3.80
N THR B 29 -6.79 13.72 3.14
CA THR B 29 -7.78 12.70 2.80
C THR B 29 -8.16 12.77 1.33
N LEU B 30 -9.09 11.94 0.93
CA LEU B 30 -9.54 11.91 -0.46
C LEU B 30 -11.07 11.78 -0.54
N SER B 31 -11.57 10.74 -1.21
CA SER B 31 -13.00 10.52 -1.34
C SER B 31 -13.26 9.26 -2.16
N LYS B 32 -14.06 8.35 -1.62
CA LYS B 32 -14.37 7.10 -2.29
C LYS B 32 -14.80 7.34 -3.74
N THR B 33 -15.61 8.39 -3.94
CA THR B 33 -16.09 8.75 -5.28
C THR B 33 -14.92 9.10 -6.20
N GLU B 34 -13.98 9.87 -5.67
CA GLU B 34 -12.81 10.25 -6.46
C GLU B 34 -12.06 8.98 -6.85
N PHE B 35 -12.06 8.03 -5.93
CA PHE B 35 -11.43 6.74 -6.18
C PHE B 35 -12.32 5.95 -7.12
N LEU B 36 -13.62 6.22 -7.04
CA LEU B 36 -14.60 5.55 -7.90
C LEU B 36 -14.25 5.80 -9.36
N SER B 37 -14.23 7.08 -9.72
CA SER B 37 -13.90 7.50 -11.07
C SER B 37 -12.48 7.10 -11.41
N PHE B 38 -11.57 7.30 -10.46
CA PHE B 38 -10.17 6.95 -10.66
C PHE B 38 -10.01 5.46 -10.96
N MET B 39 -10.71 4.64 -10.20
CA MET B 39 -10.66 3.19 -10.39
C MET B 39 -11.18 2.81 -11.77
N ASN B 40 -12.13 3.59 -12.27
CA ASN B 40 -12.72 3.33 -13.58
C ASN B 40 -11.74 3.69 -14.70
N THR B 41 -10.75 4.52 -14.38
CA THR B 41 -9.77 4.95 -15.36
C THR B 41 -8.37 4.42 -15.05
N GLU B 42 -7.70 5.07 -14.10
CA GLU B 42 -6.35 4.69 -13.71
C GLU B 42 -6.25 3.20 -13.36
N LEU B 43 -7.34 2.62 -12.88
CA LEU B 43 -7.35 1.21 -12.51
C LEU B 43 -8.54 0.49 -13.14
N ALA B 44 -8.71 0.69 -14.44
CA ALA B 44 -9.80 0.07 -15.18
C ALA B 44 -9.49 -1.39 -15.49
N ALA B 45 -8.21 -1.70 -15.63
CA ALA B 45 -7.77 -3.05 -15.91
C ALA B 45 -8.17 -4.02 -14.81
N PHE B 46 -8.36 -3.48 -13.60
CA PHE B 46 -8.74 -4.29 -12.45
C PHE B 46 -10.23 -4.13 -12.15
N THR B 47 -11.01 -3.83 -13.18
CA THR B 47 -12.45 -3.65 -13.01
C THR B 47 -13.19 -4.02 -14.30
N LYS B 48 -12.67 -3.57 -15.44
CA LYS B 48 -13.28 -3.85 -16.73
C LYS B 48 -13.64 -5.33 -16.88
N ASN B 49 -12.64 -6.14 -17.19
CA ASN B 49 -12.85 -7.58 -17.37
C ASN B 49 -12.27 -8.35 -16.19
N GLN B 50 -12.99 -8.37 -15.08
CA GLN B 50 -12.54 -9.08 -13.89
C GLN B 50 -13.51 -10.22 -13.53
N LYS B 51 -12.96 -11.35 -13.12
CA LYS B 51 -13.77 -12.51 -12.76
C LYS B 51 -14.11 -12.48 -11.27
N ASP B 52 -13.21 -11.92 -10.47
CA ASP B 52 -13.41 -11.83 -9.02
C ASP B 52 -14.26 -10.62 -8.67
N PRO B 53 -15.50 -10.83 -8.21
CA PRO B 53 -16.41 -9.74 -7.84
C PRO B 53 -16.20 -9.27 -6.40
N GLY B 54 -15.03 -9.57 -5.84
CA GLY B 54 -14.74 -9.16 -4.47
C GLY B 54 -13.49 -8.31 -4.38
N VAL B 55 -13.01 -7.81 -5.52
CA VAL B 55 -11.82 -6.98 -5.56
C VAL B 55 -12.16 -5.52 -5.24
N LEU B 56 -13.00 -4.93 -6.08
CA LEU B 56 -13.41 -3.54 -5.91
C LEU B 56 -14.27 -3.37 -4.67
N ASP B 57 -15.29 -4.20 -4.54
CA ASP B 57 -16.20 -4.15 -3.40
C ASP B 57 -15.44 -4.29 -2.09
N ARG B 58 -14.29 -4.96 -2.13
CA ARG B 58 -13.48 -5.16 -0.94
C ARG B 58 -13.01 -3.83 -0.37
N MET B 59 -12.43 -2.99 -1.22
CA MET B 59 -11.94 -1.69 -0.79
C MET B 59 -13.04 -0.86 -0.15
N MET B 60 -14.14 -0.70 -0.85
CA MET B 60 -15.27 0.08 -0.34
C MET B 60 -15.79 -0.49 0.98
N LYS B 61 -15.52 -1.77 1.21
CA LYS B 61 -15.97 -2.43 2.43
C LYS B 61 -15.08 -2.09 3.63
N LYS B 62 -13.79 -2.43 3.51
CA LYS B 62 -12.83 -2.20 4.59
C LYS B 62 -12.33 -0.75 4.65
N LEU B 63 -12.89 0.12 3.83
CA LEU B 63 -12.46 1.52 3.81
C LEU B 63 -12.96 2.28 5.05
N ASP B 64 -13.77 1.62 5.86
CA ASP B 64 -14.32 2.22 7.06
C ASP B 64 -15.23 3.41 6.69
N LEU B 65 -14.61 4.56 6.45
CA LEU B 65 -15.35 5.77 6.08
C LEU B 65 -16.28 6.21 7.21
N ASN B 66 -17.41 5.49 7.36
CA ASN B 66 -18.38 5.81 8.39
C ASN B 66 -19.01 7.18 8.16
N SER B 67 -18.91 7.68 6.93
CA SER B 67 -19.46 8.98 6.57
C SER B 67 -19.01 10.05 7.56
N ASP B 68 -19.54 11.27 7.38
CA ASP B 68 -19.19 12.38 8.25
C ASP B 68 -17.68 12.58 8.27
N GLY B 69 -17.00 12.13 7.22
CA GLY B 69 -15.57 12.28 7.14
C GLY B 69 -15.07 12.26 5.70
N GLN B 70 -13.91 11.62 5.50
CA GLN B 70 -13.32 11.53 4.17
C GLN B 70 -12.45 10.28 4.05
N LEU B 71 -11.77 10.14 2.91
CA LEU B 71 -10.90 8.99 2.68
C LEU B 71 -9.72 9.03 3.66
N ASP B 72 -8.47 8.86 3.18
CA ASP B 72 -7.32 8.88 4.08
C ASP B 72 -6.04 8.50 3.35
N PHE B 73 -4.97 8.25 4.11
CA PHE B 73 -3.69 7.88 3.54
C PHE B 73 -3.63 6.40 3.17
N GLN B 74 -3.80 5.52 4.15
CA GLN B 74 -3.77 4.09 3.86
C GLN B 74 -5.10 3.65 3.30
N GLU B 75 -6.16 4.40 3.58
CA GLU B 75 -7.48 4.06 3.05
C GLU B 75 -7.34 3.75 1.57
N PHE B 76 -6.39 4.43 0.92
CA PHE B 76 -6.12 4.22 -0.48
C PHE B 76 -5.24 2.99 -0.65
N LEU B 77 -4.11 2.97 0.05
CA LEU B 77 -3.20 1.84 -0.02
C LEU B 77 -3.95 0.56 0.31
N ASN B 78 -4.93 0.68 1.21
CA ASN B 78 -5.77 -0.44 1.58
C ASN B 78 -6.78 -0.69 0.47
N LEU B 79 -7.31 0.40 -0.07
CA LEU B 79 -8.26 0.33 -1.16
C LEU B 79 -7.64 -0.34 -2.38
N ILE B 80 -6.54 0.25 -2.86
CA ILE B 80 -5.83 -0.27 -4.01
C ILE B 80 -5.02 -1.51 -3.65
N GLY B 81 -4.31 -1.45 -2.52
CA GLY B 81 -3.53 -2.59 -2.08
C GLY B 81 -4.38 -3.83 -2.04
N GLY B 82 -5.56 -3.70 -1.41
CA GLY B 82 -6.48 -4.82 -1.34
C GLY B 82 -6.73 -5.41 -2.72
N LEU B 83 -6.89 -4.53 -3.73
CA LEU B 83 -7.11 -4.98 -5.09
C LEU B 83 -5.99 -5.90 -5.55
N ALA B 84 -4.75 -5.47 -5.32
CA ALA B 84 -3.60 -6.26 -5.71
C ALA B 84 -3.65 -7.67 -5.11
N VAL B 85 -4.23 -7.75 -3.93
CA VAL B 85 -4.34 -9.02 -3.23
C VAL B 85 -5.58 -9.79 -3.67
N ALA B 86 -6.51 -9.09 -4.29
CA ALA B 86 -7.73 -9.70 -4.76
C ALA B 86 -7.80 -9.71 -6.29
N CYS B 87 -6.74 -9.23 -6.93
CA CYS B 87 -6.67 -9.18 -8.38
C CYS B 87 -5.29 -9.61 -8.88
N HIS B 88 -4.24 -9.16 -8.19
CA HIS B 88 -2.88 -9.51 -8.59
C HIS B 88 -2.49 -10.88 -8.04
N GLU B 89 -1.20 -11.20 -8.10
CA GLU B 89 -0.71 -12.49 -7.62
C GLU B 89 -0.20 -12.39 -6.18
N SER B 90 -0.87 -11.57 -5.38
CA SER B 90 -0.48 -11.40 -3.98
C SER B 90 -1.36 -12.24 -3.05
N PHE B 91 -2.19 -13.09 -3.65
CA PHE B 91 -3.09 -13.96 -2.88
C PHE B 91 -3.96 -14.78 -3.82
N VAL B 92 -4.42 -14.15 -4.89
CA VAL B 92 -5.27 -14.81 -5.87
C VAL B 92 -4.54 -16.00 -6.49
N LYS B 93 -5.31 -16.93 -7.04
CA LYS B 93 -4.74 -18.12 -7.66
C LYS B 93 -3.95 -18.95 -6.64
N ALA B 94 -4.20 -18.69 -5.36
CA ALA B 94 -3.51 -19.41 -4.29
C ALA B 94 -4.50 -20.22 -3.45
N ALA B 95 -5.75 -19.75 -3.40
CA ALA B 95 -6.78 -20.43 -2.63
C ALA B 95 -8.11 -20.44 -3.37
N PRO B 96 -8.14 -20.94 -4.63
CA PRO B 96 -9.36 -21.00 -5.43
C PRO B 96 -10.46 -21.83 -4.77
N PRO B 97 -10.12 -23.04 -4.28
CA PRO B 97 -11.09 -23.92 -3.63
C PRO B 97 -11.29 -23.60 -2.15
N GLN B 98 -10.29 -22.96 -1.54
CA GLN B 98 -10.35 -22.60 -0.13
C GLN B 98 -11.65 -21.88 0.20
N LYS B 99 -12.11 -22.05 1.44
CA LYS B 99 -13.35 -21.42 1.88
C LYS B 99 -13.09 -20.53 3.10
N ARG B 100 -13.03 -19.22 2.87
CA ARG B 100 -12.79 -18.27 3.94
C ARG B 100 -14.11 -17.69 4.46
N PHE B 101 -15.07 -17.52 3.56
CA PHE B 101 -16.37 -16.98 3.93
C PHE B 101 -17.44 -17.36 2.91
N SER A 1 -5.00 -0.10 -26.81
CA SER A 1 -5.06 0.55 -25.48
C SER A 1 -3.79 0.29 -24.68
N ARG A 2 -3.31 1.32 -24.00
CA ARG A 2 -2.09 1.20 -23.20
C ARG A 2 -2.43 1.01 -21.72
N PRO A 3 -1.42 0.64 -20.90
CA PRO A 3 -1.62 0.43 -19.46
C PRO A 3 -2.05 1.70 -18.75
N THR A 4 -1.34 2.10 -17.70
CA THR A 4 -1.68 3.31 -16.95
C THR A 4 -0.66 3.57 -15.85
N GLU A 5 -0.48 4.86 -15.56
CA GLU A 5 0.46 5.29 -14.53
C GLU A 5 0.31 4.46 -13.26
N THR A 6 -0.93 4.30 -12.80
CA THR A 6 -1.20 3.52 -11.60
C THR A 6 -0.82 2.06 -11.82
N GLU A 7 -1.06 1.56 -13.03
CA GLU A 7 -0.75 0.17 -13.37
C GLU A 7 0.68 -0.16 -13.01
N ARG A 8 1.58 0.79 -13.23
CA ARG A 8 2.98 0.61 -12.91
C ARG A 8 3.21 0.78 -11.42
N CYS A 9 2.34 1.58 -10.79
CA CYS A 9 2.43 1.84 -9.35
C CYS A 9 2.10 0.60 -8.54
N ILE A 10 0.94 0.01 -8.82
CA ILE A 10 0.51 -1.19 -8.11
C ILE A 10 1.57 -2.28 -8.13
N GLU A 11 1.98 -2.66 -9.34
CA GLU A 11 2.97 -3.72 -9.51
C GLU A 11 4.24 -3.47 -8.69
N SER A 12 4.54 -2.22 -8.41
CA SER A 12 5.74 -1.89 -7.65
C SER A 12 5.64 -2.34 -6.19
N LEU A 13 4.61 -1.90 -5.48
CA LEU A 13 4.45 -2.25 -4.08
C LEU A 13 4.14 -3.73 -3.85
N ILE A 14 3.51 -4.37 -4.81
CA ILE A 14 3.20 -5.78 -4.67
C ILE A 14 4.46 -6.60 -4.69
N ALA A 15 5.39 -6.16 -5.49
CA ALA A 15 6.64 -6.86 -5.69
C ALA A 15 7.63 -6.61 -4.57
N VAL A 16 7.60 -5.42 -3.98
CA VAL A 16 8.47 -5.12 -2.86
C VAL A 16 8.29 -6.22 -1.82
N PHE A 17 7.04 -6.67 -1.71
CA PHE A 17 6.68 -7.73 -0.78
C PHE A 17 7.07 -9.09 -1.37
N GLN A 18 6.54 -9.42 -2.54
CA GLN A 18 6.84 -10.70 -3.20
C GLN A 18 8.33 -10.98 -3.25
N LYS A 19 9.13 -9.93 -3.37
CA LYS A 19 10.58 -10.10 -3.46
C LYS A 19 11.10 -10.83 -2.23
N TYR A 20 10.76 -10.33 -1.05
CA TYR A 20 11.17 -10.96 0.19
C TYR A 20 10.26 -12.14 0.52
N ALA A 21 8.96 -11.86 0.41
CA ALA A 21 7.93 -12.84 0.67
C ALA A 21 8.02 -14.03 -0.27
N GLY A 22 8.75 -13.87 -1.37
CA GLY A 22 8.90 -14.95 -2.33
C GLY A 22 9.85 -16.03 -1.85
N LYS A 23 9.53 -17.28 -2.17
CA LYS A 23 10.36 -18.41 -1.76
C LYS A 23 9.98 -19.67 -2.53
N ASP A 24 8.68 -19.90 -2.67
CA ASP A 24 8.18 -21.07 -3.38
C ASP A 24 6.76 -20.83 -3.88
N GLY A 25 6.27 -21.74 -4.73
CA GLY A 25 4.94 -21.61 -5.27
C GLY A 25 3.87 -22.04 -4.28
N HIS A 26 3.75 -21.30 -3.18
CA HIS A 26 2.76 -21.61 -2.16
C HIS A 26 2.77 -20.56 -1.05
N SER A 27 3.96 -20.09 -0.69
CA SER A 27 4.11 -19.08 0.35
C SER A 27 3.30 -17.83 0.02
N VAL A 28 2.72 -17.22 1.04
CA VAL A 28 1.91 -16.02 0.85
C VAL A 28 2.04 -15.07 2.03
N THR A 29 3.16 -15.17 2.75
CA THR A 29 3.39 -14.32 3.91
C THR A 29 4.87 -13.94 4.03
N LEU A 30 5.11 -12.76 4.60
CA LEU A 30 6.47 -12.27 4.79
C LEU A 30 6.84 -12.34 6.27
N SER A 31 7.75 -11.47 6.72
CA SER A 31 8.15 -11.46 8.11
C SER A 31 8.52 -10.05 8.57
N LYS A 32 8.26 -9.78 9.84
CA LYS A 32 8.55 -8.48 10.43
C LYS A 32 10.00 -8.10 10.19
N THR A 33 10.90 -9.05 10.40
CA THR A 33 12.30 -8.82 10.21
C THR A 33 12.66 -8.75 8.74
N GLU A 34 12.01 -9.58 7.94
CA GLU A 34 12.29 -9.58 6.50
C GLU A 34 12.10 -8.18 5.96
N PHE A 35 11.20 -7.44 6.60
CA PHE A 35 10.94 -6.05 6.23
C PHE A 35 11.99 -5.14 6.86
N LEU A 36 12.25 -5.33 8.15
CA LEU A 36 13.22 -4.51 8.84
C LEU A 36 14.61 -4.73 8.25
N SER A 37 14.84 -5.92 7.71
CA SER A 37 16.11 -6.23 7.07
C SER A 37 16.12 -5.68 5.65
N PHE A 38 14.93 -5.58 5.06
CA PHE A 38 14.77 -5.06 3.70
C PHE A 38 15.31 -3.64 3.60
N MET A 39 14.82 -2.76 4.46
CA MET A 39 15.24 -1.36 4.46
C MET A 39 16.76 -1.25 4.43
N ASN A 40 17.44 -2.23 5.02
CA ASN A 40 18.89 -2.23 5.06
C ASN A 40 19.52 -2.56 3.71
N THR A 41 18.75 -3.17 2.81
CA THR A 41 19.28 -3.55 1.50
C THR A 41 18.80 -2.64 0.37
N GLU A 42 17.49 -2.42 0.26
CA GLU A 42 16.96 -1.60 -0.82
C GLU A 42 16.04 -0.48 -0.35
N LEU A 43 15.63 -0.51 0.92
CA LEU A 43 14.76 0.53 1.46
C LEU A 43 15.46 1.27 2.59
N ALA A 44 16.71 1.64 2.33
CA ALA A 44 17.51 2.36 3.31
C ALA A 44 17.21 3.85 3.28
N ALA A 45 16.84 4.35 2.10
CA ALA A 45 16.52 5.76 1.94
C ALA A 45 15.44 6.18 2.94
N PHE A 46 14.62 5.22 3.36
CA PHE A 46 13.55 5.49 4.31
C PHE A 46 13.98 5.13 5.73
N THR A 47 15.29 5.11 5.96
CA THR A 47 15.85 4.79 7.28
C THR A 47 17.13 5.55 7.55
N LYS A 48 17.98 5.68 6.52
CA LYS A 48 19.25 6.38 6.65
C LYS A 48 19.07 7.69 7.41
N ASN A 49 20.13 8.11 8.10
CA ASN A 49 20.09 9.35 8.89
C ASN A 49 19.21 9.19 10.13
N GLN A 50 17.96 8.77 9.92
CA GLN A 50 17.03 8.57 11.02
C GLN A 50 16.54 9.90 11.58
N LYS A 51 15.83 10.66 10.76
CA LYS A 51 15.30 11.95 11.16
C LYS A 51 13.80 11.88 11.39
N ASP A 52 13.25 10.67 11.40
CA ASP A 52 11.82 10.47 11.61
C ASP A 52 11.57 9.28 12.53
N PRO A 53 11.93 9.40 13.81
CA PRO A 53 11.74 8.34 14.80
C PRO A 53 10.27 7.98 14.97
N GLY A 54 9.80 7.01 14.19
CA GLY A 54 8.41 6.61 14.28
C GLY A 54 7.86 6.02 12.99
N VAL A 55 8.59 6.18 11.89
CA VAL A 55 8.15 5.66 10.59
C VAL A 55 8.38 4.16 10.52
N LEU A 56 9.59 3.75 10.85
CA LEU A 56 9.97 2.34 10.81
C LEU A 56 9.25 1.56 11.91
N ASP A 57 9.33 2.05 13.14
CA ASP A 57 8.70 1.41 14.28
C ASP A 57 7.18 1.34 14.10
N ARG A 58 6.63 2.30 13.36
CA ARG A 58 5.19 2.34 13.13
C ARG A 58 4.71 1.07 12.43
N MET A 59 5.55 0.54 11.55
CA MET A 59 5.21 -0.68 10.82
C MET A 59 5.12 -1.88 11.76
N MET A 60 6.19 -2.10 12.52
CA MET A 60 6.24 -3.22 13.45
C MET A 60 5.19 -3.09 14.54
N LYS A 61 4.74 -1.87 14.77
CA LYS A 61 3.71 -1.62 15.78
C LYS A 61 2.32 -1.98 15.25
N LYS A 62 1.96 -1.39 14.11
CA LYS A 62 0.66 -1.65 13.51
C LYS A 62 0.63 -2.95 12.71
N LEU A 63 1.77 -3.63 12.61
CA LEU A 63 1.85 -4.89 11.89
C LEU A 63 1.06 -5.97 12.59
N ASP A 64 0.93 -5.84 13.90
CA ASP A 64 0.20 -6.81 14.69
C ASP A 64 0.89 -8.17 14.65
N LEU A 65 2.18 -8.18 14.92
CA LEU A 65 2.96 -9.42 14.91
C LEU A 65 2.67 -10.25 16.16
N ASN A 66 3.29 -9.89 17.27
CA ASN A 66 3.09 -10.61 18.52
C ASN A 66 3.53 -12.07 18.38
N SER A 67 4.54 -12.29 17.54
CA SER A 67 5.07 -13.63 17.31
C SER A 67 4.03 -14.50 16.59
N ASP A 68 4.51 -15.33 15.67
CA ASP A 68 3.64 -16.21 14.91
C ASP A 68 2.67 -15.40 14.04
N GLY A 69 2.00 -16.08 13.11
CA GLY A 69 1.07 -15.41 12.23
C GLY A 69 1.69 -15.02 10.91
N GLN A 70 2.93 -14.54 10.96
CA GLN A 70 3.64 -14.12 9.75
C GLN A 70 2.94 -12.95 9.08
N LEU A 71 3.69 -12.18 8.30
CA LEU A 71 3.14 -11.02 7.61
C LEU A 71 1.92 -11.41 6.74
N ASP A 72 1.91 -11.00 5.47
CA ASP A 72 0.81 -11.31 4.55
C ASP A 72 0.87 -10.36 3.35
N PHE A 73 -0.29 -10.02 2.79
CA PHE A 73 -0.35 -9.14 1.63
C PHE A 73 -0.28 -7.65 2.00
N GLN A 74 -1.24 -7.18 2.81
CA GLN A 74 -1.27 -5.77 3.17
C GLN A 74 -0.29 -5.44 4.29
N GLU A 75 -0.09 -6.37 5.22
CA GLU A 75 0.83 -6.12 6.33
C GLU A 75 2.11 -5.48 5.82
N PHE A 76 2.58 -5.95 4.68
CA PHE A 76 3.78 -5.39 4.06
C PHE A 76 3.45 -4.01 3.53
N LEU A 77 2.40 -3.93 2.70
CA LEU A 77 1.96 -2.66 2.15
C LEU A 77 1.69 -1.68 3.29
N ASN A 78 1.23 -2.22 4.40
CA ASN A 78 0.96 -1.43 5.60
C ASN A 78 2.29 -1.05 6.22
N LEU A 79 3.21 -2.00 6.22
CA LEU A 79 4.54 -1.79 6.75
C LEU A 79 5.24 -0.69 5.96
N ILE A 80 5.36 -0.89 4.65
CA ILE A 80 5.98 0.11 3.79
C ILE A 80 5.09 1.34 3.66
N GLY A 81 3.79 1.10 3.48
CA GLY A 81 2.85 2.21 3.37
C GLY A 81 3.00 3.16 4.52
N GLY A 82 2.98 2.61 5.74
CA GLY A 82 3.15 3.44 6.93
C GLY A 82 4.38 4.33 6.82
N LEU A 83 5.48 3.76 6.30
CA LEU A 83 6.71 4.53 6.14
C LEU A 83 6.50 5.72 5.22
N ALA A 84 5.84 5.49 4.09
CA ALA A 84 5.57 6.57 3.14
C ALA A 84 4.82 7.72 3.80
N VAL A 85 4.05 7.39 4.81
CA VAL A 85 3.26 8.39 5.53
C VAL A 85 4.06 9.07 6.62
N ALA A 86 5.16 8.46 7.01
CA ALA A 86 6.01 9.01 8.04
C ALA A 86 7.40 9.33 7.49
N CYS A 87 7.53 9.22 6.17
CA CYS A 87 8.81 9.50 5.50
C CYS A 87 8.57 10.21 4.18
N HIS A 88 7.52 9.82 3.47
CA HIS A 88 7.19 10.42 2.18
C HIS A 88 6.03 11.40 2.31
N GLU A 89 5.82 12.21 1.28
CA GLU A 89 4.74 13.19 1.28
C GLU A 89 3.38 12.51 1.43
N SER A 90 2.70 12.81 2.53
CA SER A 90 1.39 12.23 2.80
C SER A 90 0.83 12.76 4.12
N PHE A 91 1.45 12.36 5.23
CA PHE A 91 1.03 12.80 6.55
C PHE A 91 2.09 13.66 7.20
N VAL A 92 3.36 13.36 6.91
CA VAL A 92 4.47 14.10 7.46
C VAL A 92 4.30 15.61 7.28
N LYS A 93 3.55 15.99 6.25
CA LYS A 93 3.31 17.39 5.96
C LYS A 93 2.03 17.88 6.64
N ALA A 94 1.54 17.12 7.61
CA ALA A 94 0.32 17.47 8.32
C ALA A 94 0.49 17.27 9.83
N ALA A 95 1.74 17.27 10.29
CA ALA A 95 2.03 17.09 11.71
C ALA A 95 2.87 18.24 12.25
N PRO A 96 2.26 19.44 12.42
CA PRO A 96 2.96 20.62 12.93
C PRO A 96 3.56 20.40 14.32
N PRO A 97 2.78 19.84 15.26
CA PRO A 97 3.25 19.59 16.63
C PRO A 97 4.06 18.29 16.73
N GLN A 98 3.77 17.34 15.86
CA GLN A 98 4.47 16.06 15.84
C GLN A 98 5.97 16.26 15.67
N LYS A 99 6.68 16.41 16.79
CA LYS A 99 8.12 16.60 16.75
C LYS A 99 8.83 15.65 17.71
N ARG A 100 10.14 15.80 17.84
CA ARG A 100 10.92 14.95 18.73
C ARG A 100 11.23 15.67 20.04
N PHE A 101 11.99 16.75 19.96
CA PHE A 101 12.36 17.52 21.14
C PHE A 101 12.14 19.01 20.90
N SER B 1 25.82 7.48 -4.64
CA SER B 1 24.79 6.44 -4.34
C SER B 1 23.51 6.70 -5.12
N ARG B 2 22.91 5.63 -5.64
CA ARG B 2 21.68 5.74 -6.41
C ARG B 2 20.47 5.39 -5.55
N PRO B 3 19.26 5.67 -6.04
CA PRO B 3 18.01 5.38 -5.31
C PRO B 3 17.82 3.88 -5.08
N THR B 4 16.68 3.33 -5.50
CA THR B 4 16.41 1.91 -5.32
C THR B 4 15.07 1.53 -5.93
N GLU B 5 15.00 0.29 -6.39
CA GLU B 5 13.79 -0.25 -7.00
C GLU B 5 12.56 0.10 -6.18
N THR B 6 12.62 -0.15 -4.88
CA THR B 6 11.50 0.14 -3.99
C THR B 6 11.24 1.64 -3.93
N GLU B 7 12.32 2.43 -3.97
CA GLU B 7 12.20 3.89 -3.93
C GLU B 7 11.23 4.38 -4.98
N ARG B 8 11.25 3.75 -6.14
CA ARG B 8 10.34 4.12 -7.22
C ARG B 8 8.95 3.53 -6.97
N CYS B 9 8.92 2.41 -6.24
CA CYS B 9 7.67 1.74 -5.92
C CYS B 9 6.82 2.57 -4.95
N ILE B 10 7.43 2.96 -3.83
CA ILE B 10 6.73 3.75 -2.82
C ILE B 10 6.09 5.00 -3.44
N GLU B 11 6.90 5.81 -4.09
CA GLU B 11 6.43 7.05 -4.70
C GLU B 11 5.23 6.83 -5.61
N SER B 12 5.12 5.64 -6.19
CA SER B 12 4.02 5.34 -7.10
C SER B 12 2.67 5.28 -6.37
N LEU B 13 2.55 4.45 -5.35
CA LEU B 13 1.31 4.29 -4.62
C LEU B 13 0.94 5.53 -3.80
N ILE B 14 1.91 6.29 -3.37
CA ILE B 14 1.62 7.49 -2.60
C ILE B 14 0.93 8.51 -3.47
N ALA B 15 1.36 8.56 -4.72
CA ALA B 15 0.87 9.52 -5.66
C ALA B 15 -0.48 9.14 -6.24
N VAL B 16 -0.74 7.84 -6.39
CA VAL B 16 -2.03 7.40 -6.86
C VAL B 16 -3.10 8.06 -6.02
N PHE B 17 -2.78 8.18 -4.73
CA PHE B 17 -3.68 8.80 -3.76
C PHE B 17 -3.61 10.32 -3.88
N GLN B 18 -2.40 10.88 -3.70
CA GLN B 18 -2.21 12.34 -3.79
C GLN B 18 -2.84 12.92 -5.04
N LYS B 19 -2.84 12.16 -6.12
CA LYS B 19 -3.41 12.65 -7.37
C LYS B 19 -4.87 13.04 -7.20
N TYR B 20 -5.67 12.14 -6.64
CA TYR B 20 -7.06 12.41 -6.39
C TYR B 20 -7.22 13.20 -5.11
N ALA B 21 -6.53 12.72 -4.08
CA ALA B 21 -6.54 13.33 -2.77
C ALA B 21 -5.99 14.75 -2.79
N GLY B 22 -5.29 15.10 -3.86
CA GLY B 22 -4.72 16.42 -3.98
C GLY B 22 -5.77 17.47 -4.32
N LYS B 23 -5.61 18.66 -3.75
CA LYS B 23 -6.55 19.75 -4.00
C LYS B 23 -5.97 21.09 -3.52
N ASP B 24 -5.36 21.08 -2.34
CA ASP B 24 -4.76 22.28 -1.79
C ASP B 24 -3.68 21.92 -0.76
N GLY B 25 -2.91 22.93 -0.34
CA GLY B 25 -1.86 22.70 0.62
C GLY B 25 -2.39 22.56 2.04
N HIS B 26 -3.16 21.51 2.29
CA HIS B 26 -3.72 21.27 3.61
C HIS B 26 -4.49 19.95 3.65
N SER B 27 -5.21 19.65 2.57
CA SER B 27 -5.98 18.42 2.48
C SER B 27 -5.09 17.21 2.68
N VAL B 28 -5.63 16.19 3.36
CA VAL B 28 -4.87 14.97 3.62
C VAL B 28 -5.79 13.74 3.61
N THR B 29 -6.90 13.85 2.90
CA THR B 29 -7.85 12.74 2.81
C THR B 29 -8.48 12.66 1.43
N LEU B 30 -8.84 11.44 1.05
CA LEU B 30 -9.47 11.21 -0.25
C LEU B 30 -10.95 10.88 -0.06
N SER B 31 -11.54 10.13 -0.98
CA SER B 31 -12.95 9.76 -0.88
C SER B 31 -13.21 8.39 -1.48
N LYS B 32 -14.18 7.69 -0.90
CA LYS B 32 -14.54 6.36 -1.37
C LYS B 32 -14.85 6.38 -2.86
N THR B 33 -15.61 7.38 -3.28
CA THR B 33 -15.97 7.51 -4.67
C THR B 33 -14.80 8.00 -5.51
N GLU B 34 -13.99 8.88 -4.94
CA GLU B 34 -12.84 9.40 -5.67
C GLU B 34 -11.99 8.22 -6.13
N PHE B 35 -12.02 7.15 -5.35
CA PHE B 35 -11.31 5.93 -5.69
C PHE B 35 -12.11 5.11 -6.68
N LEU B 36 -13.40 4.92 -6.41
CA LEU B 36 -14.24 4.15 -7.30
C LEU B 36 -14.34 4.82 -8.67
N SER B 37 -14.19 6.15 -8.68
CA SER B 37 -14.22 6.91 -9.92
C SER B 37 -12.85 6.84 -10.59
N PHE B 38 -11.82 6.69 -9.76
CA PHE B 38 -10.45 6.60 -10.24
C PHE B 38 -10.27 5.43 -11.21
N MET B 39 -10.65 4.23 -10.75
CA MET B 39 -10.54 3.03 -11.57
C MET B 39 -11.12 3.24 -12.97
N ASN B 40 -12.12 4.12 -13.06
CA ASN B 40 -12.77 4.40 -14.33
C ASN B 40 -11.89 5.27 -15.24
N THR B 41 -10.90 5.96 -14.66
CA THR B 41 -10.03 6.83 -15.46
C THR B 41 -8.64 6.25 -15.70
N GLU B 42 -7.97 5.79 -14.65
CA GLU B 42 -6.61 5.27 -14.81
C GLU B 42 -6.43 3.88 -14.19
N LEU B 43 -7.38 3.43 -13.39
CA LEU B 43 -7.28 2.13 -12.75
C LEU B 43 -8.42 1.23 -13.22
N ALA B 44 -8.64 1.23 -14.54
CA ALA B 44 -9.68 0.42 -15.14
C ALA B 44 -9.22 -1.02 -15.36
N ALA B 45 -7.92 -1.19 -15.58
CA ALA B 45 -7.36 -2.51 -15.79
C ALA B 45 -7.70 -3.44 -14.63
N PHE B 46 -7.93 -2.85 -13.47
CA PHE B 46 -8.28 -3.62 -12.27
C PHE B 46 -9.80 -3.65 -12.07
N THR B 47 -10.54 -3.43 -13.15
CA THR B 47 -12.00 -3.43 -13.07
C THR B 47 -12.62 -3.96 -14.38
N LYS B 48 -12.03 -3.56 -15.51
CA LYS B 48 -12.52 -3.99 -16.82
C LYS B 48 -12.86 -5.49 -16.81
N ASN B 49 -13.82 -5.88 -17.64
CA ASN B 49 -14.24 -7.28 -17.73
C ASN B 49 -15.01 -7.70 -16.48
N GLN B 50 -14.39 -7.51 -15.31
CA GLN B 50 -15.02 -7.86 -14.04
C GLN B 50 -15.05 -9.37 -13.85
N LYS B 51 -13.86 -9.96 -13.73
CA LYS B 51 -13.74 -11.40 -13.53
C LYS B 51 -13.32 -11.72 -12.09
N ASP B 52 -13.37 -10.71 -11.23
CA ASP B 52 -13.00 -10.89 -9.83
C ASP B 52 -13.96 -10.13 -8.91
N PRO B 53 -15.23 -10.57 -8.83
CA PRO B 53 -16.24 -9.94 -8.00
C PRO B 53 -15.85 -9.97 -6.52
N GLY B 54 -15.17 -8.91 -6.07
CA GLY B 54 -14.76 -8.86 -4.67
C GLY B 54 -13.51 -8.03 -4.45
N VAL B 55 -12.81 -7.68 -5.53
CA VAL B 55 -11.58 -6.88 -5.41
C VAL B 55 -11.92 -5.41 -5.16
N LEU B 56 -12.80 -4.89 -6.00
CA LEU B 56 -13.22 -3.50 -5.89
C LEU B 56 -14.06 -3.27 -4.64
N ASP B 57 -15.07 -4.09 -4.46
CA ASP B 57 -15.96 -3.98 -3.29
C ASP B 57 -15.19 -4.18 -2.00
N ARG B 58 -14.11 -4.96 -2.05
CA ARG B 58 -13.29 -5.22 -0.88
C ARG B 58 -12.74 -3.92 -0.29
N MET B 59 -12.42 -2.98 -1.16
CA MET B 59 -11.90 -1.69 -0.72
C MET B 59 -12.93 -0.89 0.04
N MET B 60 -14.10 -0.71 -0.57
CA MET B 60 -15.17 0.06 0.04
C MET B 60 -15.67 -0.62 1.31
N LYS B 61 -15.44 -1.93 1.41
CA LYS B 61 -15.86 -2.69 2.58
C LYS B 61 -14.89 -2.47 3.74
N LYS B 62 -13.62 -2.74 3.50
CA LYS B 62 -12.59 -2.58 4.52
C LYS B 62 -12.14 -1.13 4.68
N LEU B 63 -12.67 -0.23 3.85
CA LEU B 63 -12.32 1.17 3.93
C LEU B 63 -12.84 1.80 5.21
N ASP B 64 -13.91 1.23 5.73
CA ASP B 64 -14.51 1.73 6.95
C ASP B 64 -15.06 3.15 6.76
N LEU B 65 -15.83 3.34 5.70
CA LEU B 65 -16.39 4.65 5.41
C LEU B 65 -17.56 4.97 6.35
N ASN B 66 -18.72 4.42 6.06
CA ASN B 66 -19.90 4.65 6.88
C ASN B 66 -20.26 6.13 6.90
N SER B 67 -19.98 6.82 5.79
CA SER B 67 -20.28 8.25 5.68
C SER B 67 -19.38 9.06 6.62
N ASP B 68 -18.94 10.22 6.14
CA ASP B 68 -18.09 11.10 6.93
C ASP B 68 -16.75 10.41 7.24
N GLY B 69 -15.79 11.20 7.73
CA GLY B 69 -14.49 10.65 8.06
C GLY B 69 -13.49 10.83 6.93
N GLN B 70 -13.95 10.62 5.70
CA GLN B 70 -13.09 10.77 4.53
C GLN B 70 -11.96 9.76 4.55
N LEU B 71 -11.41 9.43 3.37
CA LEU B 71 -10.33 8.48 3.26
C LEU B 71 -9.14 8.86 4.17
N ASP B 72 -7.92 8.87 3.62
CA ASP B 72 -6.72 9.21 4.38
C ASP B 72 -5.48 8.72 3.63
N PHE B 73 -4.43 8.35 4.35
CA PHE B 73 -3.20 7.88 3.73
C PHE B 73 -3.25 6.41 3.33
N GLN B 74 -3.46 5.51 4.31
CA GLN B 74 -3.49 4.08 4.01
C GLN B 74 -4.81 3.63 3.42
N GLU B 75 -5.92 4.23 3.86
CA GLU B 75 -7.24 3.84 3.34
C GLU B 75 -7.18 3.69 1.83
N PHE B 76 -6.45 4.58 1.17
CA PHE B 76 -6.29 4.50 -0.27
C PHE B 76 -5.38 3.32 -0.60
N LEU B 77 -4.21 3.29 0.02
CA LEU B 77 -3.27 2.19 -0.17
C LEU B 77 -3.97 0.88 0.14
N ASN B 78 -4.88 0.93 1.11
CA ASN B 78 -5.66 -0.23 1.50
C ASN B 78 -6.68 -0.51 0.41
N LEU B 79 -7.26 0.58 -0.11
CA LEU B 79 -8.23 0.47 -1.17
C LEU B 79 -7.60 -0.14 -2.40
N ILE B 80 -6.52 0.47 -2.89
CA ILE B 80 -5.81 -0.06 -4.05
C ILE B 80 -5.07 -1.34 -3.68
N GLY B 81 -4.43 -1.33 -2.52
CA GLY B 81 -3.71 -2.51 -2.07
C GLY B 81 -4.60 -3.73 -2.11
N GLY B 82 -5.78 -3.61 -1.52
CA GLY B 82 -6.72 -4.71 -1.52
C GLY B 82 -6.96 -5.24 -2.93
N LEU B 83 -7.07 -4.32 -3.90
CA LEU B 83 -7.28 -4.73 -5.29
C LEU B 83 -6.13 -5.60 -5.78
N ALA B 84 -4.90 -5.16 -5.51
CA ALA B 84 -3.72 -5.91 -5.93
C ALA B 84 -3.76 -7.34 -5.42
N VAL B 85 -4.41 -7.51 -4.28
CA VAL B 85 -4.50 -8.83 -3.65
C VAL B 85 -5.66 -9.64 -4.21
N ALA B 86 -6.58 -8.96 -4.86
CA ALA B 86 -7.73 -9.62 -5.43
C ALA B 86 -7.76 -9.46 -6.95
N CYS B 87 -6.67 -8.92 -7.49
CA CYS B 87 -6.55 -8.71 -8.92
C CYS B 87 -5.12 -9.00 -9.39
N HIS B 88 -4.14 -8.62 -8.57
CA HIS B 88 -2.74 -8.85 -8.91
C HIS B 88 -2.17 -10.04 -8.13
N GLU B 89 -1.00 -10.51 -8.56
CA GLU B 89 -0.35 -11.64 -7.91
C GLU B 89 -0.06 -11.34 -6.45
N SER B 90 -0.70 -12.09 -5.56
CA SER B 90 -0.52 -11.93 -4.12
C SER B 90 -1.34 -12.95 -3.34
N PHE B 91 -2.67 -12.79 -3.39
CA PHE B 91 -3.57 -13.70 -2.70
C PHE B 91 -4.41 -14.49 -3.70
N VAL B 92 -4.73 -13.85 -4.82
CA VAL B 92 -5.54 -14.48 -5.86
C VAL B 92 -4.99 -15.85 -6.24
N LYS B 93 -3.69 -16.04 -6.05
CA LYS B 93 -3.04 -17.30 -6.38
C LYS B 93 -3.00 -18.23 -5.16
N ALA B 94 -3.82 -17.92 -4.15
CA ALA B 94 -3.88 -18.73 -2.94
C ALA B 94 -5.32 -18.98 -2.52
N ALA B 95 -6.25 -18.87 -3.47
CA ALA B 95 -7.66 -19.09 -3.19
C ALA B 95 -8.26 -20.15 -4.11
N PRO B 96 -7.90 -21.44 -3.89
CA PRO B 96 -8.40 -22.54 -4.71
C PRO B 96 -9.93 -22.65 -4.70
N PRO B 97 -10.56 -22.58 -3.52
CA PRO B 97 -12.01 -22.68 -3.40
C PRO B 97 -12.71 -21.37 -3.67
N GLN B 98 -12.01 -20.27 -3.40
CA GLN B 98 -12.56 -18.93 -3.62
C GLN B 98 -12.98 -18.75 -5.08
N LYS B 99 -14.24 -19.08 -5.37
CA LYS B 99 -14.76 -18.95 -6.73
C LYS B 99 -16.10 -18.22 -6.72
N ARG B 100 -16.72 -18.14 -7.89
CA ARG B 100 -18.00 -17.46 -8.03
C ARG B 100 -19.15 -18.48 -8.07
N PHE B 101 -19.17 -19.29 -9.11
CA PHE B 101 -20.21 -20.30 -9.28
C PHE B 101 -19.60 -21.66 -9.64
N SER A 1 1.39 -5.25 -24.46
CA SER A 1 2.54 -4.91 -23.58
C SER A 1 2.46 -3.46 -23.11
N ARG A 2 1.25 -2.94 -23.00
CA ARG A 2 1.04 -1.56 -22.57
C ARG A 2 -0.04 -1.49 -21.48
N PRO A 3 0.32 -1.88 -20.24
CA PRO A 3 -0.61 -1.87 -19.10
C PRO A 3 -1.08 -0.45 -18.75
N THR A 4 -0.94 -0.05 -17.50
CA THR A 4 -1.36 1.27 -17.06
C THR A 4 -0.44 1.80 -15.97
N GLU A 5 -0.34 3.12 -15.91
CA GLU A 5 0.50 3.81 -14.94
C GLU A 5 0.37 3.21 -13.55
N THR A 6 -0.87 3.04 -13.10
CA THR A 6 -1.14 2.46 -11.79
C THR A 6 -0.61 1.03 -11.74
N GLU A 7 -0.79 0.31 -12.84
CA GLU A 7 -0.32 -1.07 -12.93
C GLU A 7 1.15 -1.16 -12.52
N ARG A 8 1.89 -0.08 -12.77
CA ARG A 8 3.29 -0.03 -12.42
C ARG A 8 3.47 0.27 -10.93
N CYS A 9 2.50 0.97 -10.35
CA CYS A 9 2.55 1.32 -8.93
C CYS A 9 2.24 0.12 -8.05
N ILE A 10 1.24 -0.66 -8.45
CA ILE A 10 0.85 -1.84 -7.68
C ILE A 10 1.93 -2.91 -7.74
N GLU A 11 2.32 -3.28 -8.95
CA GLU A 11 3.32 -4.32 -9.15
C GLU A 11 4.59 -4.07 -8.33
N SER A 12 4.87 -2.81 -8.03
CA SER A 12 6.07 -2.46 -7.27
C SER A 12 5.93 -2.83 -5.79
N LEU A 13 4.90 -2.32 -5.13
CA LEU A 13 4.69 -2.58 -3.71
C LEU A 13 4.44 -4.07 -3.43
N ILE A 14 3.87 -4.77 -4.39
CA ILE A 14 3.60 -6.18 -4.22
C ILE A 14 4.88 -6.97 -4.18
N ALA A 15 5.79 -6.54 -5.02
CA ALA A 15 7.05 -7.21 -5.20
C ALA A 15 8.03 -6.93 -4.09
N VAL A 16 7.96 -5.73 -3.53
CA VAL A 16 8.82 -5.39 -2.42
C VAL A 16 8.68 -6.44 -1.33
N PHE A 17 7.43 -6.84 -1.13
CA PHE A 17 7.11 -7.83 -0.10
C PHE A 17 7.34 -9.29 -0.52
N GLN A 18 6.73 -9.74 -1.63
CA GLN A 18 6.88 -11.13 -2.04
C GLN A 18 8.31 -11.47 -2.36
N LYS A 19 9.10 -10.48 -2.73
CA LYS A 19 10.50 -10.72 -3.03
C LYS A 19 11.13 -11.44 -1.85
N TYR A 20 10.93 -10.88 -0.66
CA TYR A 20 11.41 -11.48 0.57
C TYR A 20 10.43 -12.56 1.03
N ALA A 21 9.17 -12.37 0.67
CA ALA A 21 8.09 -13.28 1.03
C ALA A 21 7.95 -14.43 0.04
N GLY A 22 9.01 -14.70 -0.72
CA GLY A 22 8.98 -15.78 -1.69
C GLY A 22 8.69 -17.13 -1.05
N LYS A 23 9.05 -18.20 -1.74
CA LYS A 23 8.84 -19.55 -1.23
C LYS A 23 7.34 -19.84 -1.08
N ASP A 24 6.56 -19.32 -2.02
CA ASP A 24 5.12 -19.52 -1.99
C ASP A 24 4.77 -20.99 -2.18
N GLY A 25 3.51 -21.34 -1.91
CA GLY A 25 3.07 -22.71 -2.06
C GLY A 25 2.56 -23.30 -0.77
N HIS A 26 3.09 -22.84 0.35
CA HIS A 26 2.68 -23.32 1.66
C HIS A 26 1.86 -22.26 2.40
N SER A 27 2.16 -21.00 2.13
CA SER A 27 1.46 -19.89 2.77
C SER A 27 1.91 -18.55 2.19
N VAL A 28 0.97 -17.62 2.09
CA VAL A 28 1.26 -16.29 1.56
C VAL A 28 1.65 -15.33 2.69
N THR A 29 2.91 -15.41 3.09
CA THR A 29 3.42 -14.55 4.16
C THR A 29 4.93 -14.34 4.03
N LEU A 30 5.42 -13.29 4.67
CA LEU A 30 6.84 -12.98 4.65
C LEU A 30 7.43 -13.13 6.06
N SER A 31 7.93 -12.04 6.64
CA SER A 31 8.50 -12.06 7.97
C SER A 31 8.98 -10.66 8.36
N LYS A 32 8.58 -10.21 9.54
CA LYS A 32 8.95 -8.89 10.03
C LYS A 32 10.45 -8.66 9.89
N THR A 33 11.23 -9.73 10.12
CA THR A 33 12.67 -9.65 10.02
C THR A 33 13.12 -9.59 8.56
N GLU A 34 12.54 -10.43 7.71
CA GLU A 34 12.89 -10.42 6.29
C GLU A 34 12.71 -9.04 5.70
N PHE A 35 11.76 -8.29 6.27
CA PHE A 35 11.50 -6.93 5.81
C PHE A 35 12.65 -6.01 6.22
N LEU A 36 13.34 -6.38 7.30
CA LEU A 36 14.46 -5.61 7.79
C LEU A 36 15.51 -5.42 6.72
N SER A 37 16.00 -6.54 6.22
CA SER A 37 17.02 -6.53 5.20
C SER A 37 16.56 -5.71 3.99
N PHE A 38 15.31 -5.93 3.57
CA PHE A 38 14.76 -5.20 2.44
C PHE A 38 14.81 -3.70 2.68
N MET A 39 14.77 -3.33 3.96
CA MET A 39 14.82 -1.92 4.35
C MET A 39 16.22 -1.36 4.16
N ASN A 40 17.17 -1.88 4.94
CA ASN A 40 18.55 -1.43 4.87
C ASN A 40 19.14 -1.55 3.47
N THR A 41 18.51 -2.37 2.63
CA THR A 41 19.00 -2.56 1.26
C THR A 41 18.24 -1.72 0.24
N GLU A 42 17.00 -1.39 0.54
CA GLU A 42 16.18 -0.63 -0.40
C GLU A 42 15.52 0.59 0.24
N LEU A 43 15.02 0.43 1.46
CA LEU A 43 14.37 1.52 2.17
C LEU A 43 15.18 1.88 3.41
N ALA A 44 16.47 2.04 3.23
CA ALA A 44 17.39 2.36 4.32
C ALA A 44 17.42 3.86 4.58
N ALA A 45 17.33 4.64 3.51
CA ALA A 45 17.35 6.10 3.63
C ALA A 45 16.29 6.58 4.62
N PHE A 46 15.27 5.75 4.83
CA PHE A 46 14.19 6.06 5.76
C PHE A 46 14.52 5.60 7.17
N THR A 47 15.31 4.54 7.26
CA THR A 47 15.71 3.98 8.55
C THR A 47 17.22 3.73 8.60
N LYS A 48 17.99 4.74 8.18
CA LYS A 48 19.45 4.62 8.16
C LYS A 48 20.06 5.18 9.44
N ASN A 49 19.65 6.39 9.80
CA ASN A 49 20.16 7.05 11.01
C ASN A 49 19.05 7.24 12.03
N GLN A 50 18.00 6.43 11.92
CA GLN A 50 16.87 6.51 12.85
C GLN A 50 16.36 7.95 12.97
N LYS A 51 16.58 8.75 11.94
CA LYS A 51 16.14 10.14 11.94
C LYS A 51 14.63 10.23 12.19
N ASP A 52 13.90 9.25 11.67
CA ASP A 52 12.46 9.20 11.83
C ASP A 52 12.04 7.85 12.42
N PRO A 53 12.14 7.70 13.75
CA PRO A 53 11.77 6.45 14.43
C PRO A 53 10.26 6.21 14.42
N GLY A 54 9.50 7.22 14.02
CA GLY A 54 8.06 7.09 13.97
C GLY A 54 7.57 6.39 12.72
N VAL A 55 8.38 6.44 11.66
CA VAL A 55 8.03 5.80 10.40
C VAL A 55 8.41 4.32 10.41
N LEU A 56 9.67 4.06 10.72
CA LEU A 56 10.21 2.72 10.76
C LEU A 56 9.48 1.85 11.78
N ASP A 57 9.36 2.36 12.99
CA ASP A 57 8.71 1.64 14.07
C ASP A 57 7.21 1.50 13.81
N ARG A 58 6.64 2.43 13.05
CA ARG A 58 5.21 2.38 12.74
C ARG A 58 4.85 1.07 12.07
N MET A 59 5.77 0.54 11.27
CA MET A 59 5.54 -0.71 10.57
C MET A 59 5.64 -1.89 11.54
N MET A 60 6.77 -1.97 12.23
CA MET A 60 7.00 -3.04 13.18
C MET A 60 5.96 -3.02 14.30
N LYS A 61 5.64 -1.81 14.75
CA LYS A 61 4.64 -1.64 15.80
C LYS A 61 3.29 -2.21 15.38
N LYS A 62 2.81 -1.75 14.23
CA LYS A 62 1.54 -2.21 13.69
C LYS A 62 1.68 -3.55 12.98
N LEU A 63 2.89 -4.11 12.99
CA LEU A 63 3.16 -5.37 12.34
C LEU A 63 2.09 -6.42 12.69
N ASP A 64 1.50 -6.28 13.86
CA ASP A 64 0.46 -7.21 14.30
C ASP A 64 -0.79 -7.06 13.45
N LEU A 65 -0.73 -7.56 12.21
CA LEU A 65 -1.86 -7.48 11.29
C LEU A 65 -2.75 -8.72 11.42
N ASN A 66 -3.46 -8.81 12.53
CA ASN A 66 -4.36 -9.94 12.77
C ASN A 66 -3.58 -11.24 12.92
N SER A 67 -3.11 -11.78 11.80
CA SER A 67 -2.35 -13.02 11.80
C SER A 67 -1.12 -12.90 12.70
N ASP A 68 -0.92 -13.88 13.56
CA ASP A 68 0.21 -13.89 14.48
C ASP A 68 1.18 -15.02 14.13
N GLY A 69 2.45 -14.68 13.95
CA GLY A 69 3.45 -15.67 13.62
C GLY A 69 4.18 -15.35 12.33
N GLN A 70 3.45 -14.88 11.33
CA GLN A 70 4.04 -14.54 10.04
C GLN A 70 3.55 -13.18 9.56
N LEU A 71 4.17 -12.68 8.50
CA LEU A 71 3.79 -11.40 7.94
C LEU A 71 2.37 -11.50 7.35
N ASP A 72 2.14 -11.00 6.13
CA ASP A 72 0.81 -11.08 5.49
C ASP A 72 0.66 -10.05 4.37
N PHE A 73 -0.37 -10.24 3.55
CA PHE A 73 -0.63 -9.34 2.42
C PHE A 73 -0.53 -7.87 2.81
N GLN A 74 -1.31 -7.44 3.80
CA GLN A 74 -1.27 -6.05 4.23
C GLN A 74 -0.06 -5.80 5.11
N GLU A 75 0.34 -6.80 5.90
CA GLU A 75 1.50 -6.67 6.76
C GLU A 75 2.65 -6.01 6.01
N PHE A 76 2.72 -6.27 4.71
CA PHE A 76 3.76 -5.68 3.88
C PHE A 76 3.40 -4.24 3.50
N LEU A 77 2.22 -4.07 2.91
CA LEU A 77 1.76 -2.75 2.49
C LEU A 77 1.62 -1.82 3.69
N ASN A 78 1.24 -2.39 4.84
CA ASN A 78 1.10 -1.61 6.06
C ASN A 78 2.49 -1.23 6.57
N LEU A 79 3.43 -2.14 6.40
CA LEU A 79 4.79 -1.91 6.85
C LEU A 79 5.44 -0.77 6.05
N ILE A 80 5.49 -0.94 4.73
CA ILE A 80 6.07 0.09 3.86
C ILE A 80 5.12 1.27 3.74
N GLY A 81 3.83 0.97 3.58
CA GLY A 81 2.84 2.03 3.47
C GLY A 81 2.95 3.00 4.63
N GLY A 82 2.99 2.45 5.84
CA GLY A 82 3.13 3.28 7.02
C GLY A 82 4.31 4.23 6.90
N LEU A 83 5.39 3.75 6.29
CA LEU A 83 6.58 4.58 6.09
C LEU A 83 6.25 5.77 5.21
N ALA A 84 5.57 5.51 4.09
CA ALA A 84 5.20 6.58 3.18
C ALA A 84 4.41 7.67 3.87
N VAL A 85 3.66 7.27 4.89
CA VAL A 85 2.84 8.21 5.63
C VAL A 85 3.62 8.90 6.73
N ALA A 86 4.76 8.34 7.08
CA ALA A 86 5.59 8.89 8.12
C ALA A 86 6.93 9.36 7.57
N CYS A 87 7.07 9.35 6.25
CA CYS A 87 8.30 9.78 5.61
C CYS A 87 8.02 10.45 4.27
N HIS A 88 7.10 9.89 3.49
CA HIS A 88 6.75 10.46 2.19
C HIS A 88 5.68 11.54 2.34
N GLU A 89 5.34 12.18 1.23
CA GLU A 89 4.33 13.23 1.23
C GLU A 89 2.94 12.65 1.44
N SER A 90 2.42 12.79 2.65
CA SER A 90 1.09 12.27 2.97
C SER A 90 0.64 12.77 4.35
N PHE A 91 1.45 12.50 5.36
CA PHE A 91 1.14 12.91 6.73
C PHE A 91 2.28 13.73 7.32
N VAL A 92 3.50 13.26 7.12
CA VAL A 92 4.68 13.94 7.64
C VAL A 92 5.00 15.20 6.83
N LYS A 93 4.55 15.23 5.59
CA LYS A 93 4.77 16.37 4.72
C LYS A 93 3.50 17.21 4.55
N ALA A 94 2.35 16.61 4.86
CA ALA A 94 1.08 17.30 4.73
C ALA A 94 0.68 17.96 6.05
N ALA A 95 1.64 18.14 6.94
CA ALA A 95 1.38 18.76 8.24
C ALA A 95 2.66 18.87 9.07
N PRO A 96 3.66 19.62 8.56
CA PRO A 96 4.94 19.80 9.26
C PRO A 96 4.76 20.38 10.67
N PRO A 97 3.95 21.45 10.80
CA PRO A 97 3.71 22.10 12.09
C PRO A 97 2.64 21.38 12.91
N GLN A 98 2.04 20.34 12.34
CA GLN A 98 1.00 19.58 13.01
C GLN A 98 1.54 18.22 13.48
N LYS A 99 2.08 18.18 14.69
CA LYS A 99 2.62 16.95 15.24
C LYS A 99 3.14 17.18 16.66
N ARG A 100 2.34 16.81 17.65
CA ARG A 100 2.72 16.97 19.04
C ARG A 100 2.10 15.87 19.91
N PHE A 101 2.75 15.56 21.02
CA PHE A 101 2.27 14.54 21.93
C PHE A 101 2.18 13.18 21.24
N SER B 1 20.01 12.84 -7.89
CA SER B 1 18.83 12.49 -8.71
C SER B 1 18.75 10.98 -8.95
N ARG B 2 19.26 10.21 -7.99
CA ARG B 2 19.25 8.75 -8.10
C ARG B 2 18.75 8.13 -6.80
N PRO B 3 17.42 8.17 -6.57
CA PRO B 3 16.80 7.61 -5.36
C PRO B 3 16.98 6.08 -5.27
N THR B 4 15.88 5.35 -5.10
CA THR B 4 15.94 3.89 -4.99
C THR B 4 14.71 3.25 -5.61
N GLU B 5 14.89 2.03 -6.08
CA GLU B 5 13.83 1.28 -6.72
C GLU B 5 12.53 1.35 -5.93
N THR B 6 12.61 1.11 -4.63
CA THR B 6 11.44 1.19 -3.77
C THR B 6 10.88 2.61 -3.77
N GLU B 7 11.77 3.58 -3.77
CA GLU B 7 11.38 4.99 -3.77
C GLU B 7 10.39 5.25 -4.91
N ARG B 8 10.53 4.48 -5.99
CA ARG B 8 9.64 4.62 -7.13
C ARG B 8 8.31 3.91 -6.87
N CYS B 9 8.35 2.87 -6.03
CA CYS B 9 7.14 2.11 -5.71
C CYS B 9 6.23 2.88 -4.75
N ILE B 10 6.83 3.52 -3.76
CA ILE B 10 6.08 4.29 -2.79
C ILE B 10 5.46 5.53 -3.42
N GLU B 11 6.28 6.33 -4.07
CA GLU B 11 5.83 7.57 -4.70
C GLU B 11 4.64 7.34 -5.62
N SER B 12 4.53 6.14 -6.16
CA SER B 12 3.43 5.83 -7.08
C SER B 12 2.09 5.67 -6.33
N LEU B 13 2.04 4.77 -5.36
CA LEU B 13 0.81 4.53 -4.60
C LEU B 13 0.36 5.77 -3.82
N ILE B 14 1.30 6.60 -3.42
CA ILE B 14 0.97 7.80 -2.69
C ILE B 14 0.25 8.78 -3.56
N ALA B 15 0.70 8.84 -4.79
CA ALA B 15 0.19 9.79 -5.75
C ALA B 15 -1.14 9.37 -6.33
N VAL B 16 -1.36 8.07 -6.45
CA VAL B 16 -2.62 7.59 -6.96
C VAL B 16 -3.75 8.19 -6.12
N PHE B 17 -3.49 8.24 -4.81
CA PHE B 17 -4.48 8.76 -3.87
C PHE B 17 -4.50 10.30 -3.77
N GLN B 18 -3.37 10.92 -3.47
CA GLN B 18 -3.35 12.38 -3.29
C GLN B 18 -3.73 13.10 -4.57
N LYS B 19 -3.52 12.45 -5.70
CA LYS B 19 -3.88 13.06 -6.97
C LYS B 19 -5.34 13.49 -6.90
N TYR B 20 -6.19 12.55 -6.50
CA TYR B 20 -7.61 12.82 -6.32
C TYR B 20 -7.84 13.49 -4.96
N ALA B 21 -6.95 13.15 -4.02
CA ALA B 21 -7.02 13.66 -2.65
C ALA B 21 -6.33 15.00 -2.50
N GLY B 22 -6.14 15.71 -3.62
CA GLY B 22 -5.49 17.01 -3.58
C GLY B 22 -6.22 18.00 -2.67
N LYS B 23 -5.99 19.29 -2.90
CA LYS B 23 -6.63 20.33 -2.11
C LYS B 23 -6.20 20.24 -0.65
N ASP B 24 -4.94 19.88 -0.43
CA ASP B 24 -4.41 19.77 0.93
C ASP B 24 -4.40 21.12 1.63
N GLY B 25 -4.19 21.10 2.94
CA GLY B 25 -4.16 22.33 3.71
C GLY B 25 -5.22 22.36 4.80
N HIS B 26 -6.34 21.69 4.55
CA HIS B 26 -7.42 21.64 5.52
C HIS B 26 -7.52 20.26 6.16
N SER B 27 -7.15 19.22 5.40
CA SER B 27 -7.19 17.86 5.90
C SER B 27 -6.59 16.89 4.89
N VAL B 28 -5.92 15.86 5.39
CA VAL B 28 -5.30 14.85 4.54
C VAL B 28 -6.25 13.70 4.26
N THR B 29 -7.15 13.90 3.31
CA THR B 29 -8.12 12.88 2.95
C THR B 29 -8.58 13.04 1.50
N LEU B 30 -9.15 11.98 0.95
CA LEU B 30 -9.65 11.99 -0.41
C LEU B 30 -11.18 11.80 -0.41
N SER B 31 -11.66 10.71 -0.99
CA SER B 31 -13.09 10.43 -1.04
C SER B 31 -13.34 9.12 -1.77
N LYS B 32 -14.13 8.25 -1.15
CA LYS B 32 -14.44 6.94 -1.74
C LYS B 32 -14.89 7.10 -3.18
N THR B 33 -15.63 8.17 -3.46
CA THR B 33 -16.13 8.44 -4.80
C THR B 33 -15.00 8.92 -5.71
N GLU B 34 -14.19 9.84 -5.22
CA GLU B 34 -13.07 10.36 -6.02
C GLU B 34 -12.18 9.22 -6.49
N PHE B 35 -12.14 8.15 -5.70
CA PHE B 35 -11.35 6.98 -6.05
C PHE B 35 -11.99 6.25 -7.22
N LEU B 36 -13.31 6.38 -7.34
CA LEU B 36 -14.06 5.75 -8.41
C LEU B 36 -13.49 6.13 -9.76
N SER B 37 -13.49 7.43 -10.01
CA SER B 37 -13.00 7.95 -11.26
C SER B 37 -11.58 7.48 -11.54
N PHE B 38 -10.73 7.55 -10.50
CA PHE B 38 -9.34 7.12 -10.62
C PHE B 38 -9.27 5.66 -11.05
N MET B 39 -10.31 4.91 -10.71
CA MET B 39 -10.38 3.50 -11.06
C MET B 39 -10.69 3.32 -12.55
N ASN B 40 -11.86 3.76 -12.95
CA ASN B 40 -12.29 3.64 -14.34
C ASN B 40 -11.31 4.32 -15.30
N THR B 41 -10.47 5.22 -14.78
CA THR B 41 -9.50 5.94 -15.61
C THR B 41 -8.11 5.31 -15.55
N GLU B 42 -7.79 4.65 -14.45
CA GLU B 42 -6.46 4.07 -14.28
C GLU B 42 -6.50 2.60 -13.86
N LEU B 43 -7.42 2.26 -12.96
CA LEU B 43 -7.55 0.89 -12.48
C LEU B 43 -8.91 0.34 -12.88
N ALA B 44 -9.24 0.53 -14.15
CA ALA B 44 -10.53 0.07 -14.69
C ALA B 44 -10.46 -1.40 -15.10
N ALA B 45 -9.31 -1.81 -15.63
CA ALA B 45 -9.12 -3.18 -16.06
C ALA B 45 -9.46 -4.16 -14.93
N PHE B 46 -9.41 -3.67 -13.70
CA PHE B 46 -9.71 -4.48 -12.52
C PHE B 46 -11.19 -4.43 -12.20
N THR B 47 -11.82 -3.30 -12.54
CA THR B 47 -13.25 -3.11 -12.27
C THR B 47 -13.97 -2.58 -13.52
N LYS B 48 -13.70 -3.21 -14.66
CA LYS B 48 -14.32 -2.80 -15.92
C LYS B 48 -15.59 -3.60 -16.20
N ASN B 49 -15.48 -4.92 -16.10
CA ASN B 49 -16.62 -5.80 -16.34
C ASN B 49 -17.04 -6.53 -15.07
N GLN B 50 -16.67 -5.97 -13.93
CA GLN B 50 -17.00 -6.56 -12.64
C GLN B 50 -16.61 -8.04 -12.59
N LYS B 51 -15.61 -8.41 -13.39
CA LYS B 51 -15.15 -9.80 -13.44
C LYS B 51 -14.73 -10.26 -12.05
N ASP B 52 -14.17 -9.34 -11.27
CA ASP B 52 -13.73 -9.65 -9.91
C ASP B 52 -14.36 -8.67 -8.92
N PRO B 53 -15.60 -8.93 -8.51
CA PRO B 53 -16.31 -8.07 -7.56
C PRO B 53 -15.74 -8.15 -6.15
N GLY B 54 -14.86 -9.11 -5.93
CA GLY B 54 -14.24 -9.28 -4.63
C GLY B 54 -13.08 -8.33 -4.39
N VAL B 55 -12.47 -7.88 -5.49
CA VAL B 55 -11.33 -6.97 -5.40
C VAL B 55 -11.81 -5.52 -5.28
N LEU B 56 -12.66 -5.11 -6.22
CA LEU B 56 -13.19 -3.77 -6.25
C LEU B 56 -13.97 -3.45 -4.99
N ASP B 57 -14.90 -4.33 -4.63
CA ASP B 57 -15.73 -4.13 -3.45
C ASP B 57 -14.92 -4.23 -2.17
N ARG B 58 -13.81 -4.96 -2.22
CA ARG B 58 -12.96 -5.13 -1.05
C ARG B 58 -12.48 -3.77 -0.53
N MET B 59 -12.27 -2.85 -1.45
CA MET B 59 -11.81 -1.51 -1.09
C MET B 59 -12.95 -0.70 -0.49
N MET B 60 -14.04 -0.61 -1.23
CA MET B 60 -15.22 0.13 -0.77
C MET B 60 -15.76 -0.46 0.52
N LYS B 61 -15.78 -1.79 0.58
CA LYS B 61 -16.27 -2.48 1.77
C LYS B 61 -15.46 -2.10 2.99
N LYS B 62 -14.14 -2.27 2.89
CA LYS B 62 -13.23 -1.93 3.98
C LYS B 62 -12.94 -0.44 4.04
N LEU B 63 -13.56 0.33 3.14
CA LEU B 63 -13.37 1.77 3.08
C LEU B 63 -13.44 2.40 4.47
N ASP B 64 -14.22 1.78 5.35
CA ASP B 64 -14.37 2.28 6.72
C ASP B 64 -13.06 2.15 7.48
N LEU B 65 -12.10 3.02 7.17
CA LEU B 65 -10.80 3.00 7.83
C LEU B 65 -10.80 3.91 9.05
N ASN B 66 -11.51 3.50 10.10
CA ASN B 66 -11.58 4.29 11.33
C ASN B 66 -12.31 5.61 11.09
N SER B 67 -11.62 6.56 10.47
CA SER B 67 -12.20 7.86 10.18
C SER B 67 -13.47 7.72 9.36
N ASP B 68 -14.53 8.42 9.78
CA ASP B 68 -15.81 8.36 9.09
C ASP B 68 -16.15 9.72 8.48
N GLY B 69 -16.42 9.72 7.18
CA GLY B 69 -16.76 10.95 6.49
C GLY B 69 -15.85 11.22 5.30
N GLN B 70 -14.57 10.94 5.46
CA GLN B 70 -13.59 11.16 4.41
C GLN B 70 -12.67 9.95 4.25
N LEU B 71 -11.89 9.94 3.17
CA LEU B 71 -10.97 8.85 2.91
C LEU B 71 -9.88 8.84 4.00
N ASP B 72 -8.60 8.71 3.64
CA ASP B 72 -7.51 8.71 4.64
C ASP B 72 -6.25 8.08 4.05
N PHE B 73 -5.12 8.29 4.75
CA PHE B 73 -3.83 7.77 4.32
C PHE B 73 -3.91 6.29 3.89
N GLN B 74 -4.38 5.43 4.79
CA GLN B 74 -4.49 4.02 4.46
C GLN B 74 -5.71 3.75 3.61
N GLU B 75 -6.77 4.52 3.84
CA GLU B 75 -8.00 4.36 3.07
C GLU B 75 -7.67 4.23 1.58
N PHE B 76 -6.60 4.90 1.16
CA PHE B 76 -6.18 4.82 -0.23
C PHE B 76 -5.40 3.53 -0.49
N LEU B 77 -4.35 3.32 0.30
CA LEU B 77 -3.51 2.14 0.15
C LEU B 77 -4.32 0.87 0.39
N ASN B 78 -5.30 0.95 1.29
CA ASN B 78 -6.16 -0.18 1.59
C ASN B 78 -7.10 -0.41 0.41
N LEU B 79 -7.54 0.69 -0.20
CA LEU B 79 -8.45 0.62 -1.33
C LEU B 79 -7.77 -0.05 -2.52
N ILE B 80 -6.65 0.52 -2.97
CA ILE B 80 -5.91 -0.04 -4.09
C ILE B 80 -5.17 -1.29 -3.66
N GLY B 81 -4.55 -1.24 -2.49
CA GLY B 81 -3.82 -2.38 -1.97
C GLY B 81 -4.70 -3.61 -1.99
N GLY B 82 -5.90 -3.48 -1.43
CA GLY B 82 -6.84 -4.59 -1.42
C GLY B 82 -7.03 -5.18 -2.81
N LEU B 83 -7.03 -4.32 -3.82
CA LEU B 83 -7.17 -4.79 -5.20
C LEU B 83 -6.01 -5.69 -5.59
N ALA B 84 -4.79 -5.23 -5.28
CA ALA B 84 -3.60 -6.01 -5.60
C ALA B 84 -3.66 -7.41 -5.00
N VAL B 85 -4.34 -7.52 -3.88
CA VAL B 85 -4.46 -8.79 -3.18
C VAL B 85 -5.61 -9.61 -3.72
N ALA B 86 -6.50 -8.96 -4.43
CA ALA B 86 -7.66 -9.63 -5.00
C ALA B 86 -7.63 -9.61 -6.51
N CYS B 87 -6.52 -9.15 -7.08
CA CYS B 87 -6.37 -9.09 -8.53
C CYS B 87 -4.92 -9.36 -8.94
N HIS B 88 -3.97 -8.77 -8.22
CA HIS B 88 -2.56 -8.98 -8.53
C HIS B 88 -2.03 -10.25 -7.87
N GLU B 89 -0.77 -10.57 -8.15
CA GLU B 89 -0.13 -11.75 -7.58
C GLU B 89 0.14 -11.55 -6.09
N SER B 90 -0.69 -12.18 -5.27
CA SER B 90 -0.54 -12.08 -3.82
C SER B 90 -1.46 -13.07 -3.10
N PHE B 91 -2.76 -12.96 -3.39
CA PHE B 91 -3.74 -13.84 -2.78
C PHE B 91 -4.58 -14.55 -3.85
N VAL B 92 -5.01 -13.79 -4.85
CA VAL B 92 -5.82 -14.34 -5.94
C VAL B 92 -4.96 -15.19 -6.88
N LYS B 93 -3.67 -14.92 -6.92
CA LYS B 93 -2.75 -15.65 -7.77
C LYS B 93 -1.90 -16.64 -6.96
N ALA B 94 -1.82 -16.41 -5.65
CA ALA B 94 -1.05 -17.28 -4.78
C ALA B 94 -1.91 -18.40 -4.19
N ALA B 95 -3.07 -18.64 -4.79
CA ALA B 95 -3.97 -19.68 -4.32
C ALA B 95 -5.21 -19.77 -5.20
N PRO B 96 -5.03 -20.10 -6.50
CA PRO B 96 -6.14 -20.23 -7.45
C PRO B 96 -7.18 -21.25 -7.00
N PRO B 97 -6.75 -22.44 -6.57
CA PRO B 97 -7.66 -23.50 -6.12
C PRO B 97 -8.09 -23.31 -4.67
N GLN B 98 -7.56 -22.29 -4.01
CA GLN B 98 -7.88 -22.02 -2.61
C GLN B 98 -8.79 -20.80 -2.50
N LYS B 99 -10.10 -21.03 -2.57
CA LYS B 99 -11.08 -19.94 -2.47
C LYS B 99 -12.49 -20.50 -2.53
N ARG B 100 -13.12 -20.62 -1.36
CA ARG B 100 -14.48 -21.14 -1.27
C ARG B 100 -15.22 -20.53 -0.09
N PHE B 101 -16.54 -20.45 -0.19
CA PHE B 101 -17.37 -19.88 0.87
C PHE B 101 -16.99 -18.43 1.13
N SER A 1 0.83 -2.38 -25.62
CA SER A 1 2.11 -1.62 -25.70
C SER A 1 2.43 -0.94 -24.37
N ARG A 2 1.49 -0.13 -23.89
CA ARG A 2 1.68 0.58 -22.63
C ARG A 2 0.44 0.44 -21.73
N PRO A 3 0.60 -0.17 -20.55
CA PRO A 3 -0.51 -0.38 -19.61
C PRO A 3 -1.02 0.94 -19.03
N THR A 4 -0.63 1.25 -17.80
CA THR A 4 -1.05 2.48 -17.14
C THR A 4 -0.14 2.83 -15.98
N GLU A 5 0.05 4.12 -15.77
CA GLU A 5 0.89 4.63 -14.71
C GLU A 5 0.64 3.88 -13.39
N THR A 6 -0.64 3.68 -13.07
CA THR A 6 -1.00 2.97 -11.86
C THR A 6 -0.60 1.50 -11.96
N GLU A 7 -0.77 0.92 -13.14
CA GLU A 7 -0.42 -0.47 -13.36
C GLU A 7 1.00 -0.76 -12.90
N ARG A 8 1.89 0.20 -13.10
CA ARG A 8 3.28 0.07 -12.68
C ARG A 8 3.43 0.34 -11.19
N CYS A 9 2.52 1.14 -10.64
CA CYS A 9 2.56 1.48 -9.23
C CYS A 9 2.25 0.27 -8.35
N ILE A 10 1.17 -0.45 -8.69
CA ILE A 10 0.77 -1.62 -7.93
C ILE A 10 1.86 -2.68 -7.93
N GLU A 11 2.27 -3.11 -9.11
CA GLU A 11 3.29 -4.13 -9.25
C GLU A 11 4.56 -3.73 -8.49
N SER A 12 4.77 -2.42 -8.35
CA SER A 12 5.95 -1.92 -7.66
C SER A 12 5.98 -2.35 -6.19
N LEU A 13 4.90 -2.04 -5.47
CA LEU A 13 4.82 -2.37 -4.04
C LEU A 13 4.64 -3.87 -3.79
N ILE A 14 3.82 -4.53 -4.58
CA ILE A 14 3.58 -5.96 -4.39
C ILE A 14 4.86 -6.75 -4.46
N ALA A 15 5.81 -6.24 -5.21
CA ALA A 15 7.04 -6.93 -5.43
C ALA A 15 8.07 -6.66 -4.34
N VAL A 16 8.05 -5.46 -3.78
CA VAL A 16 8.94 -5.13 -2.69
C VAL A 16 8.76 -6.18 -1.60
N PHE A 17 7.51 -6.67 -1.51
CA PHE A 17 7.16 -7.69 -0.54
C PHE A 17 7.60 -9.07 -1.03
N GLN A 18 7.09 -9.46 -2.20
CA GLN A 18 7.41 -10.77 -2.77
C GLN A 18 8.92 -11.04 -2.75
N LYS A 19 9.71 -9.99 -2.85
CA LYS A 19 11.16 -10.14 -2.85
C LYS A 19 11.62 -10.73 -1.51
N TYR A 20 11.18 -10.13 -0.41
CA TYR A 20 11.52 -10.63 0.91
C TYR A 20 10.60 -11.79 1.27
N ALA A 21 9.39 -11.71 0.76
CA ALA A 21 8.35 -12.70 1.00
C ALA A 21 8.37 -13.81 -0.06
N GLY A 22 9.49 -13.95 -0.75
CA GLY A 22 9.61 -14.96 -1.78
C GLY A 22 11.05 -15.21 -2.19
N LYS A 23 11.24 -15.89 -3.32
CA LYS A 23 12.58 -16.18 -3.82
C LYS A 23 12.51 -16.90 -5.16
N ASP A 24 11.99 -18.13 -5.15
CA ASP A 24 11.87 -18.93 -6.36
C ASP A 24 10.89 -20.08 -6.16
N GLY A 25 9.89 -19.86 -5.31
CA GLY A 25 8.90 -20.89 -5.04
C GLY A 25 8.24 -20.72 -3.69
N HIS A 26 6.91 -20.77 -3.68
CA HIS A 26 6.15 -20.62 -2.44
C HIS A 26 6.41 -19.26 -1.80
N SER A 27 5.44 -18.36 -1.93
CA SER A 27 5.56 -17.01 -1.37
C SER A 27 4.20 -16.50 -0.92
N VAL A 28 3.77 -16.92 0.26
CA VAL A 28 2.48 -16.50 0.80
C VAL A 28 2.66 -15.48 1.93
N THR A 29 3.82 -15.49 2.57
CA THR A 29 4.10 -14.56 3.65
C THR A 29 5.53 -14.04 3.59
N LEU A 30 5.90 -13.25 4.58
CA LEU A 30 7.23 -12.67 4.66
C LEU A 30 7.78 -12.79 6.09
N SER A 31 8.26 -11.69 6.66
CA SER A 31 8.78 -11.68 8.02
C SER A 31 9.12 -10.25 8.43
N LYS A 32 8.66 -9.85 9.61
CA LYS A 32 8.90 -8.49 10.10
C LYS A 32 10.38 -8.14 9.97
N THR A 33 11.23 -9.08 10.32
CA THR A 33 12.66 -8.86 10.23
C THR A 33 13.14 -8.93 8.79
N GLU A 34 12.65 -9.91 8.03
CA GLU A 34 13.04 -10.03 6.64
C GLU A 34 12.76 -8.72 5.93
N PHE A 35 11.75 -8.00 6.41
CA PHE A 35 11.39 -6.71 5.87
C PHE A 35 12.31 -5.63 6.41
N LEU A 36 12.59 -5.69 7.71
CA LEU A 36 13.45 -4.71 8.35
C LEU A 36 14.91 -4.92 7.94
N SER A 37 15.23 -6.15 7.52
CA SER A 37 16.58 -6.47 7.08
C SER A 37 16.78 -6.03 5.64
N PHE A 38 15.90 -6.48 4.76
CA PHE A 38 15.97 -6.12 3.34
C PHE A 38 15.82 -4.62 3.17
N MET A 39 14.99 -4.01 4.00
CA MET A 39 14.74 -2.57 3.96
C MET A 39 16.07 -1.80 3.88
N ASN A 40 17.07 -2.29 4.57
CA ASN A 40 18.39 -1.65 4.59
C ASN A 40 19.04 -1.63 3.21
N THR A 41 18.59 -2.51 2.31
CA THR A 41 19.16 -2.59 0.98
C THR A 41 18.57 -1.57 0.01
N GLU A 42 17.31 -1.21 0.21
CA GLU A 42 16.65 -0.26 -0.68
C GLU A 42 15.86 0.80 0.07
N LEU A 43 15.20 0.40 1.16
CA LEU A 43 14.40 1.32 1.96
C LEU A 43 15.14 1.68 3.25
N ALA A 44 16.45 1.79 3.13
CA ALA A 44 17.31 2.10 4.26
C ALA A 44 17.28 3.60 4.55
N ALA A 45 17.25 4.41 3.50
CA ALA A 45 17.21 5.86 3.66
C ALA A 45 16.06 6.28 4.56
N PHE A 46 15.05 5.42 4.65
CA PHE A 46 13.88 5.70 5.47
C PHE A 46 13.96 4.94 6.79
N THR A 47 15.19 4.65 7.23
CA THR A 47 15.42 3.93 8.48
C THR A 47 16.76 4.30 9.09
N LYS A 48 17.79 4.40 8.25
CA LYS A 48 19.14 4.76 8.70
C LYS A 48 19.11 5.80 9.81
N ASN A 49 19.02 7.07 9.43
CA ASN A 49 18.99 8.16 10.41
C ASN A 49 17.54 8.52 10.75
N GLN A 50 16.77 8.85 9.73
CA GLN A 50 15.37 9.21 9.89
C GLN A 50 15.19 10.34 10.89
N LYS A 51 13.99 10.89 10.95
CA LYS A 51 13.68 11.98 11.87
C LYS A 51 12.78 11.48 13.01
N ASP A 52 11.98 10.46 12.71
CA ASP A 52 11.06 9.90 13.69
C ASP A 52 11.35 8.41 13.91
N PRO A 53 11.78 8.02 15.13
CA PRO A 53 12.08 6.62 15.44
C PRO A 53 10.85 5.72 15.39
N GLY A 54 9.67 6.32 15.22
CA GLY A 54 8.44 5.56 15.18
C GLY A 54 8.11 5.05 13.79
N VAL A 55 8.70 5.67 12.76
CA VAL A 55 8.45 5.27 11.39
C VAL A 55 8.60 3.75 11.21
N LEU A 56 9.76 3.23 11.60
CA LEU A 56 10.01 1.80 11.49
C LEU A 56 9.15 1.04 12.48
N ASP A 57 9.20 1.46 13.73
CA ASP A 57 8.45 0.82 14.80
C ASP A 57 6.96 0.77 14.44
N ARG A 58 6.52 1.70 13.60
CA ARG A 58 5.13 1.75 13.18
C ARG A 58 4.75 0.46 12.47
N MET A 59 5.54 0.08 11.45
CA MET A 59 5.26 -1.14 10.70
C MET A 59 5.31 -2.35 11.61
N MET A 60 6.42 -2.48 12.34
CA MET A 60 6.60 -3.60 13.25
C MET A 60 5.51 -3.59 14.33
N LYS A 61 5.07 -2.40 14.71
CA LYS A 61 4.04 -2.25 15.73
C LYS A 61 2.67 -2.64 15.18
N LYS A 62 2.26 -1.98 14.10
CA LYS A 62 0.98 -2.25 13.47
C LYS A 62 1.05 -3.48 12.56
N LEU A 63 2.18 -4.18 12.58
CA LEU A 63 2.37 -5.37 11.76
C LEU A 63 1.32 -6.44 12.09
N ASP A 64 0.64 -6.30 13.23
CA ASP A 64 -0.38 -7.25 13.63
C ASP A 64 -1.59 -7.18 12.70
N LEU A 65 -1.40 -7.56 11.45
CA LEU A 65 -2.46 -7.54 10.46
C LEU A 65 -3.21 -8.87 10.46
N ASN A 66 -2.44 -9.96 10.48
CA ASN A 66 -3.01 -11.30 10.49
C ASN A 66 -2.26 -12.21 11.45
N SER A 67 -2.91 -12.54 12.57
CA SER A 67 -2.31 -13.40 13.58
C SER A 67 -2.22 -14.85 13.10
N ASP A 68 -1.29 -15.11 12.18
CA ASP A 68 -1.10 -16.44 11.64
C ASP A 68 0.27 -17.00 12.01
N GLY A 69 1.24 -16.11 12.20
CA GLY A 69 2.57 -16.53 12.56
C GLY A 69 3.64 -15.83 11.75
N GLN A 70 3.30 -15.47 10.52
CA GLN A 70 4.22 -14.78 9.62
C GLN A 70 3.64 -13.45 9.17
N LEU A 71 4.30 -12.80 8.21
CA LEU A 71 3.82 -11.54 7.68
C LEU A 71 2.47 -11.78 7.00
N ASP A 72 2.22 -11.13 5.86
CA ASP A 72 0.95 -11.33 5.13
C ASP A 72 0.76 -10.24 4.08
N PHE A 73 -0.32 -10.38 3.30
CA PHE A 73 -0.63 -9.47 2.22
C PHE A 73 -0.51 -7.99 2.60
N GLN A 74 -1.29 -7.51 3.56
CA GLN A 74 -1.19 -6.10 3.93
C GLN A 74 -0.01 -5.85 4.85
N GLU A 75 0.35 -6.84 5.66
CA GLU A 75 1.49 -6.68 6.56
C GLU A 75 2.66 -6.08 5.81
N PHE A 76 2.75 -6.38 4.52
CA PHE A 76 3.81 -5.81 3.71
C PHE A 76 3.46 -4.39 3.30
N LEU A 77 2.29 -4.22 2.69
CA LEU A 77 1.82 -2.90 2.27
C LEU A 77 1.68 -1.96 3.46
N ASN A 78 1.29 -2.52 4.60
CA ASN A 78 1.15 -1.75 5.82
C ASN A 78 2.52 -1.37 6.36
N LEU A 79 3.49 -2.27 6.16
CA LEU A 79 4.84 -2.02 6.63
C LEU A 79 5.48 -0.90 5.84
N ILE A 80 5.56 -1.04 4.52
CA ILE A 80 6.14 0.01 3.69
C ILE A 80 5.17 1.17 3.56
N GLY A 81 3.90 0.86 3.34
CA GLY A 81 2.90 1.91 3.25
C GLY A 81 2.97 2.81 4.46
N GLY A 82 2.96 2.19 5.64
CA GLY A 82 3.07 2.95 6.87
C GLY A 82 4.26 3.90 6.85
N LEU A 83 5.37 3.46 6.25
CA LEU A 83 6.56 4.28 6.15
C LEU A 83 6.28 5.51 5.29
N ALA A 84 5.62 5.29 4.16
CA ALA A 84 5.29 6.39 3.26
C ALA A 84 4.51 7.47 3.99
N VAL A 85 3.72 7.03 4.95
CA VAL A 85 2.90 7.94 5.74
C VAL A 85 3.66 8.51 6.91
N ALA A 86 4.77 7.88 7.25
CA ALA A 86 5.60 8.32 8.36
C ALA A 86 6.96 8.82 7.86
N CYS A 87 7.08 9.01 6.56
CA CYS A 87 8.33 9.48 5.97
C CYS A 87 8.10 10.13 4.60
N HIS A 88 7.22 9.55 3.80
CA HIS A 88 6.94 10.09 2.47
C HIS A 88 5.78 11.09 2.51
N GLU A 89 5.61 11.84 1.42
CA GLU A 89 4.55 12.83 1.33
C GLU A 89 3.19 12.20 1.58
N SER A 90 2.77 12.17 2.83
CA SER A 90 1.48 11.60 3.21
C SER A 90 1.30 11.63 4.73
N PHE A 91 0.44 12.51 5.20
CA PHE A 91 0.17 12.64 6.64
C PHE A 91 1.31 13.37 7.34
N VAL A 92 2.55 12.93 7.09
CA VAL A 92 3.73 13.55 7.70
C VAL A 92 3.65 15.07 7.67
N LYS A 93 2.97 15.60 6.67
CA LYS A 93 2.83 17.05 6.52
C LYS A 93 1.62 17.56 7.31
N ALA A 94 0.53 16.79 7.29
CA ALA A 94 -0.69 17.17 8.00
C ALA A 94 -0.82 16.40 9.31
N ALA A 95 0.32 16.04 9.90
CA ALA A 95 0.32 15.30 11.15
C ALA A 95 -0.06 16.21 12.33
N PRO A 96 0.78 17.22 12.65
CA PRO A 96 0.53 18.15 13.75
C PRO A 96 -0.93 18.57 13.87
N PRO A 97 -1.54 19.10 12.79
CA PRO A 97 -2.94 19.52 12.81
C PRO A 97 -3.86 18.53 13.53
N GLN A 98 -3.60 17.24 13.31
CA GLN A 98 -4.39 16.19 13.94
C GLN A 98 -4.40 16.34 15.46
N LYS A 99 -3.31 16.86 16.01
CA LYS A 99 -3.20 17.04 17.45
C LYS A 99 -3.34 15.72 18.19
N ARG A 100 -3.48 15.79 19.51
CA ARG A 100 -3.62 14.60 20.33
C ARG A 100 -4.47 14.88 21.56
N PHE A 101 -4.76 13.84 22.33
CA PHE A 101 -5.57 13.98 23.53
C PHE A 101 -4.89 14.90 24.54
N SER B 1 21.88 10.42 -8.69
CA SER B 1 21.57 10.02 -10.09
C SER B 1 20.40 9.03 -10.13
N ARG B 2 20.54 7.94 -9.40
CA ARG B 2 19.50 6.92 -9.36
C ARG B 2 19.18 6.52 -7.91
N PRO B 3 17.94 6.74 -7.45
CA PRO B 3 17.51 6.39 -6.09
C PRO B 3 17.48 4.89 -5.86
N THR B 4 16.30 4.31 -5.88
CA THR B 4 16.15 2.87 -5.67
C THR B 4 14.80 2.37 -6.19
N GLU B 5 14.82 1.14 -6.69
CA GLU B 5 13.62 0.52 -7.25
C GLU B 5 12.41 0.73 -6.34
N THR B 6 12.62 0.57 -5.03
CA THR B 6 11.55 0.76 -4.07
C THR B 6 11.16 2.24 -3.99
N GLU B 7 12.16 3.11 -4.07
CA GLU B 7 11.93 4.55 -4.02
C GLU B 7 10.86 4.96 -5.03
N ARG B 8 10.87 4.32 -6.19
CA ARG B 8 9.91 4.60 -7.24
C ARG B 8 8.57 3.92 -6.95
N CYS B 9 8.63 2.81 -6.21
CA CYS B 9 7.42 2.06 -5.87
C CYS B 9 6.53 2.84 -4.90
N ILE B 10 7.13 3.40 -3.85
CA ILE B 10 6.36 4.15 -2.86
C ILE B 10 5.70 5.36 -3.50
N GLU B 11 6.50 6.21 -4.13
CA GLU B 11 5.98 7.41 -4.77
C GLU B 11 4.87 7.07 -5.76
N SER B 12 4.93 5.86 -6.31
CA SER B 12 3.93 5.42 -7.27
C SER B 12 2.53 5.37 -6.66
N LEU B 13 2.39 4.63 -5.56
CA LEU B 13 1.10 4.47 -4.91
C LEU B 13 0.63 5.74 -4.20
N ILE B 14 1.53 6.43 -3.51
CA ILE B 14 1.18 7.64 -2.80
C ILE B 14 0.54 8.66 -3.71
N ALA B 15 0.92 8.62 -4.95
CA ALA B 15 0.46 9.59 -5.91
C ALA B 15 -0.87 9.20 -6.54
N VAL B 16 -1.11 7.92 -6.70
CA VAL B 16 -2.38 7.46 -7.23
C VAL B 16 -3.49 8.05 -6.37
N PHE B 17 -3.16 8.22 -5.09
CA PHE B 17 -4.08 8.78 -4.12
C PHE B 17 -4.12 10.30 -4.23
N GLN B 18 -2.96 10.93 -4.06
CA GLN B 18 -2.84 12.39 -4.14
C GLN B 18 -3.54 12.94 -5.37
N LYS B 19 -3.56 12.16 -6.44
CA LYS B 19 -4.20 12.60 -7.67
C LYS B 19 -5.69 12.84 -7.44
N TYR B 20 -6.36 11.84 -6.87
CA TYR B 20 -7.77 11.95 -6.56
C TYR B 20 -7.96 12.73 -5.27
N ALA B 21 -6.99 12.56 -4.39
CA ALA B 21 -6.98 13.19 -3.07
C ALA B 21 -6.28 14.55 -3.10
N GLY B 22 -6.16 15.13 -4.29
CA GLY B 22 -5.51 16.43 -4.43
C GLY B 22 -5.79 17.08 -5.76
N LYS B 23 -5.00 18.09 -6.11
CA LYS B 23 -5.18 18.81 -7.36
C LYS B 23 -4.10 19.88 -7.53
N ASP B 24 -4.16 20.90 -6.67
CA ASP B 24 -3.20 22.00 -6.73
C ASP B 24 -3.21 22.80 -5.43
N GLY B 25 -3.51 22.12 -4.33
CA GLY B 25 -3.55 22.79 -3.04
C GLY B 25 -4.44 22.07 -2.04
N HIS B 26 -3.91 21.83 -0.85
CA HIS B 26 -4.66 21.15 0.20
C HIS B 26 -5.05 19.74 -0.24
N SER B 27 -4.35 18.74 0.28
CA SER B 27 -4.62 17.35 -0.05
C SER B 27 -4.34 16.44 1.15
N VAL B 28 -5.31 16.37 2.06
CA VAL B 28 -5.17 15.55 3.25
C VAL B 28 -6.02 14.29 3.16
N THR B 29 -7.07 14.33 2.35
CA THR B 29 -7.96 13.19 2.17
C THR B 29 -8.39 13.03 0.72
N LEU B 30 -9.25 12.06 0.49
CA LEU B 30 -9.76 11.78 -0.85
C LEU B 30 -11.28 11.55 -0.80
N SER B 31 -11.75 10.45 -1.39
CA SER B 31 -13.17 10.13 -1.40
C SER B 31 -13.37 8.74 -2.00
N LYS B 32 -14.14 7.90 -1.32
CA LYS B 32 -14.39 6.55 -1.80
C LYS B 32 -14.82 6.57 -3.25
N THR B 33 -15.69 7.51 -3.60
CA THR B 33 -16.15 7.63 -4.96
C THR B 33 -15.08 8.25 -5.86
N GLU B 34 -14.41 9.28 -5.37
CA GLU B 34 -13.36 9.92 -6.15
C GLU B 34 -12.35 8.87 -6.56
N PHE B 35 -12.21 7.84 -5.73
CA PHE B 35 -11.30 6.74 -5.99
C PHE B 35 -11.94 5.77 -6.97
N LEU B 36 -13.23 5.45 -6.75
CA LEU B 36 -13.95 4.54 -7.61
C LEU B 36 -14.22 5.16 -8.97
N SER B 37 -14.24 6.49 -9.02
CA SER B 37 -14.48 7.22 -10.26
C SER B 37 -13.20 7.31 -11.07
N PHE B 38 -12.13 7.81 -10.44
CA PHE B 38 -10.84 7.94 -11.10
C PHE B 38 -10.31 6.57 -11.50
N MET B 39 -10.58 5.57 -10.66
CA MET B 39 -10.14 4.20 -10.92
C MET B 39 -10.45 3.79 -12.35
N ASN B 40 -11.59 4.24 -12.86
CA ASN B 40 -12.01 3.91 -14.22
C ASN B 40 -11.06 4.47 -15.27
N THR B 41 -10.26 5.46 -14.90
CA THR B 41 -9.33 6.09 -15.84
C THR B 41 -8.01 5.31 -15.97
N GLU B 42 -7.60 4.65 -14.89
CA GLU B 42 -6.33 3.92 -14.91
C GLU B 42 -6.45 2.53 -14.28
N LEU B 43 -7.23 2.43 -13.21
CA LEU B 43 -7.42 1.15 -12.52
C LEU B 43 -8.78 0.57 -12.85
N ALA B 44 -9.20 0.79 -14.09
CA ALA B 44 -10.49 0.31 -14.56
C ALA B 44 -10.44 -1.17 -14.91
N ALA B 45 -9.32 -1.59 -15.49
CA ALA B 45 -9.14 -2.99 -15.86
C ALA B 45 -9.38 -3.91 -14.66
N PHE B 46 -9.21 -3.36 -13.46
CA PHE B 46 -9.41 -4.11 -12.23
C PHE B 46 -10.77 -3.80 -11.62
N THR B 47 -11.73 -3.42 -12.47
CA THR B 47 -13.07 -3.09 -12.02
C THR B 47 -14.10 -3.35 -13.12
N LYS B 48 -13.74 -2.97 -14.35
CA LYS B 48 -14.63 -3.15 -15.51
C LYS B 48 -15.39 -4.48 -15.44
N ASN B 49 -14.76 -5.56 -15.88
CA ASN B 49 -15.38 -6.88 -15.86
C ASN B 49 -15.01 -7.61 -14.57
N GLN B 50 -13.71 -7.77 -14.35
CA GLN B 50 -13.20 -8.43 -13.16
C GLN B 50 -13.80 -9.84 -13.02
N LYS B 51 -13.23 -10.62 -12.10
CA LYS B 51 -13.69 -11.98 -11.86
C LYS B 51 -14.42 -12.07 -10.52
N ASP B 52 -14.03 -11.20 -9.59
CA ASP B 52 -14.65 -11.17 -8.27
C ASP B 52 -15.27 -9.80 -7.98
N PRO B 53 -16.61 -9.73 -7.82
CA PRO B 53 -17.31 -8.47 -7.55
C PRO B 53 -16.94 -7.88 -6.19
N GLY B 54 -16.18 -8.63 -5.39
CA GLY B 54 -15.79 -8.16 -4.08
C GLY B 54 -14.53 -7.32 -4.10
N VAL B 55 -13.73 -7.45 -5.16
CA VAL B 55 -12.49 -6.70 -5.27
C VAL B 55 -12.71 -5.21 -4.99
N LEU B 56 -13.65 -4.61 -5.72
CA LEU B 56 -13.95 -3.20 -5.54
C LEU B 56 -14.63 -2.98 -4.19
N ASP B 57 -15.68 -3.75 -3.95
CA ASP B 57 -16.43 -3.65 -2.72
C ASP B 57 -15.52 -3.79 -1.51
N ARG B 58 -14.40 -4.50 -1.69
CA ARG B 58 -13.44 -4.70 -0.62
C ARG B 58 -12.91 -3.35 -0.11
N MET B 59 -12.42 -2.53 -1.04
CA MET B 59 -11.89 -1.22 -0.67
C MET B 59 -12.98 -0.38 -0.03
N MET B 60 -14.11 -0.24 -0.72
CA MET B 60 -15.23 0.54 -0.21
C MET B 60 -15.74 -0.03 1.10
N LYS B 61 -15.64 -1.35 1.25
CA LYS B 61 -16.08 -2.02 2.47
C LYS B 61 -15.10 -1.76 3.61
N LYS B 62 -13.84 -2.13 3.40
CA LYS B 62 -12.81 -1.94 4.41
C LYS B 62 -12.30 -0.50 4.44
N LEU B 63 -12.93 0.37 3.65
CA LEU B 63 -12.51 1.77 3.59
C LEU B 63 -12.59 2.45 4.96
N ASP B 64 -13.29 1.81 5.90
CA ASP B 64 -13.44 2.35 7.24
C ASP B 64 -12.10 2.33 7.98
N LEU B 65 -11.15 3.12 7.50
CA LEU B 65 -9.82 3.19 8.11
C LEU B 65 -9.79 4.27 9.18
N ASN B 66 -10.35 5.43 8.85
CA ASN B 66 -10.40 6.56 9.78
C ASN B 66 -11.76 7.23 9.73
N SER B 67 -12.54 7.07 10.80
CA SER B 67 -13.87 7.67 10.87
C SER B 67 -13.77 9.18 11.08
N ASP B 68 -13.40 9.89 10.03
CA ASP B 68 -13.28 11.34 10.10
C ASP B 68 -14.30 12.02 9.18
N GLY B 69 -14.67 11.34 8.11
CA GLY B 69 -15.64 11.91 7.17
C GLY B 69 -15.21 11.73 5.73
N GLN B 70 -13.90 11.71 5.50
CA GLN B 70 -13.35 11.55 4.17
C GLN B 70 -12.43 10.34 4.12
N LEU B 71 -11.71 10.18 3.00
CA LEU B 71 -10.78 9.07 2.85
C LEU B 71 -9.67 9.22 3.89
N ASP B 72 -8.42 8.93 3.53
CA ASP B 72 -7.30 9.07 4.45
C ASP B 72 -6.05 8.36 3.93
N PHE B 73 -4.96 8.51 4.66
CA PHE B 73 -3.68 7.95 4.29
C PHE B 73 -3.75 6.48 3.83
N GLN B 74 -4.19 5.57 4.71
CA GLN B 74 -4.26 4.17 4.31
C GLN B 74 -5.51 3.89 3.50
N GLU B 75 -6.58 4.64 3.76
CA GLU B 75 -7.82 4.44 3.00
C GLU B 75 -7.50 4.35 1.52
N PHE B 76 -6.47 5.06 1.09
CA PHE B 76 -6.07 5.01 -0.29
C PHE B 76 -5.28 3.74 -0.56
N LEU B 77 -4.21 3.53 0.21
CA LEU B 77 -3.37 2.35 0.07
C LEU B 77 -4.17 1.08 0.30
N ASN B 78 -5.15 1.16 1.20
CA ASN B 78 -6.01 0.03 1.51
C ASN B 78 -6.96 -0.21 0.35
N LEU B 79 -7.38 0.89 -0.29
CA LEU B 79 -8.31 0.80 -1.40
C LEU B 79 -7.63 0.13 -2.59
N ILE B 80 -6.53 0.70 -3.07
CA ILE B 80 -5.81 0.11 -4.19
C ILE B 80 -5.06 -1.13 -3.74
N GLY B 81 -4.40 -1.04 -2.58
CA GLY B 81 -3.68 -2.18 -2.06
C GLY B 81 -4.60 -3.38 -2.00
N GLY B 82 -5.77 -3.18 -1.39
CA GLY B 82 -6.74 -4.25 -1.31
C GLY B 82 -7.01 -4.88 -2.67
N LEU B 83 -7.04 -4.05 -3.72
CA LEU B 83 -7.27 -4.53 -5.07
C LEU B 83 -6.14 -5.46 -5.51
N ALA B 84 -4.90 -5.04 -5.23
CA ALA B 84 -3.75 -5.85 -5.59
C ALA B 84 -3.85 -7.24 -4.98
N VAL B 85 -4.46 -7.30 -3.82
CA VAL B 85 -4.64 -8.55 -3.11
C VAL B 85 -5.87 -9.30 -3.57
N ALA B 86 -6.76 -8.58 -4.24
CA ALA B 86 -7.98 -9.16 -4.74
C ALA B 86 -8.02 -9.19 -6.26
N CYS B 87 -6.86 -8.93 -6.87
CA CYS B 87 -6.77 -8.93 -8.33
C CYS B 87 -5.33 -9.14 -8.81
N HIS B 88 -4.36 -8.54 -8.11
CA HIS B 88 -2.96 -8.68 -8.49
C HIS B 88 -2.32 -9.86 -7.76
N GLU B 89 -1.12 -10.25 -8.21
CA GLU B 89 -0.40 -11.35 -7.61
C GLU B 89 -0.17 -11.13 -6.12
N SER B 90 -1.13 -11.59 -5.32
CA SER B 90 -1.04 -11.45 -3.87
C SER B 90 -2.31 -11.98 -3.20
N PHE B 91 -2.19 -13.13 -2.55
CA PHE B 91 -3.33 -13.76 -1.86
C PHE B 91 -4.27 -14.41 -2.87
N VAL B 92 -4.64 -13.68 -3.91
CA VAL B 92 -5.55 -14.19 -4.94
C VAL B 92 -5.18 -15.61 -5.37
N LYS B 93 -3.89 -15.93 -5.27
CA LYS B 93 -3.40 -17.26 -5.64
C LYS B 93 -3.50 -18.23 -4.47
N ALA B 94 -3.19 -17.73 -3.27
CA ALA B 94 -3.24 -18.56 -2.07
C ALA B 94 -4.50 -18.30 -1.27
N ALA B 95 -5.57 -17.90 -1.95
CA ALA B 95 -6.85 -17.62 -1.30
C ALA B 95 -7.54 -18.90 -0.85
N PRO B 96 -7.96 -19.76 -1.80
CA PRO B 96 -8.63 -21.02 -1.51
C PRO B 96 -8.05 -21.75 -0.30
N PRO B 97 -6.73 -22.03 -0.29
CA PRO B 97 -6.08 -22.73 0.82
C PRO B 97 -6.55 -22.21 2.19
N GLN B 98 -6.73 -20.90 2.30
CA GLN B 98 -7.18 -20.29 3.54
C GLN B 98 -8.48 -20.91 4.02
N LYS B 99 -9.32 -21.33 3.07
CA LYS B 99 -10.60 -21.94 3.41
C LYS B 99 -11.48 -20.97 4.20
N ARG B 100 -12.58 -21.48 4.75
CA ARG B 100 -13.49 -20.66 5.52
C ARG B 100 -14.17 -21.48 6.61
N PHE B 101 -14.95 -20.82 7.46
CA PHE B 101 -15.65 -21.50 8.54
C PHE B 101 -16.64 -22.54 7.99
N SER A 1 7.04 -3.97 -19.82
CA SER A 1 6.02 -3.00 -20.28
C SER A 1 5.34 -2.30 -19.09
N ARG A 2 4.90 -1.07 -19.31
CA ARG A 2 4.24 -0.31 -18.25
C ARG A 2 3.00 0.41 -18.80
N PRO A 3 1.83 -0.24 -18.73
CA PRO A 3 0.57 0.34 -19.22
C PRO A 3 0.25 1.69 -18.59
N THR A 4 -0.33 1.65 -17.41
CA THR A 4 -0.69 2.87 -16.70
C THR A 4 0.19 3.08 -15.47
N GLU A 5 0.45 4.35 -15.18
CA GLU A 5 1.27 4.74 -14.04
C GLU A 5 0.90 3.94 -12.80
N THR A 6 -0.40 3.87 -12.50
CA THR A 6 -0.88 3.15 -11.35
C THR A 6 -0.61 1.66 -11.51
N GLU A 7 -0.78 1.15 -12.73
CA GLU A 7 -0.56 -0.26 -13.02
C GLU A 7 0.82 -0.69 -12.53
N ARG A 8 1.82 0.12 -12.83
CA ARG A 8 3.18 -0.16 -12.39
C ARG A 8 3.30 0.11 -10.90
N CYS A 9 2.46 1.01 -10.40
CA CYS A 9 2.47 1.38 -8.99
C CYS A 9 2.09 0.19 -8.12
N ILE A 10 0.97 -0.46 -8.43
CA ILE A 10 0.50 -1.60 -7.66
C ILE A 10 1.58 -2.68 -7.60
N GLU A 11 2.02 -3.15 -8.76
CA GLU A 11 3.05 -4.17 -8.83
C GLU A 11 4.28 -3.75 -8.04
N SER A 12 4.48 -2.45 -7.94
CA SER A 12 5.62 -1.89 -7.23
C SER A 12 5.60 -2.25 -5.74
N LEU A 13 4.52 -1.92 -5.06
CA LEU A 13 4.39 -2.18 -3.62
C LEU A 13 4.20 -3.67 -3.31
N ILE A 14 3.57 -4.41 -4.20
CA ILE A 14 3.33 -5.83 -3.98
C ILE A 14 4.61 -6.63 -4.05
N ALA A 15 5.45 -6.23 -4.98
CA ALA A 15 6.70 -6.92 -5.23
C ALA A 15 7.73 -6.68 -4.16
N VAL A 16 7.72 -5.47 -3.60
CA VAL A 16 8.63 -5.16 -2.52
C VAL A 16 8.46 -6.24 -1.44
N PHE A 17 7.20 -6.62 -1.24
CA PHE A 17 6.85 -7.66 -0.28
C PHE A 17 7.27 -9.03 -0.81
N GLN A 18 6.74 -9.39 -1.99
CA GLN A 18 7.03 -10.68 -2.61
C GLN A 18 8.51 -10.98 -2.66
N LYS A 19 9.30 -10.01 -3.13
CA LYS A 19 10.74 -10.20 -3.26
C LYS A 19 11.34 -10.79 -1.98
N TYR A 20 11.04 -10.17 -0.84
CA TYR A 20 11.52 -10.67 0.44
C TYR A 20 10.67 -11.83 0.92
N ALA A 21 9.42 -11.82 0.47
CA ALA A 21 8.45 -12.84 0.84
C ALA A 21 8.46 -14.00 -0.16
N GLY A 22 9.55 -14.15 -0.90
CA GLY A 22 9.64 -15.24 -1.86
C GLY A 22 10.82 -16.15 -1.60
N LYS A 23 10.59 -17.19 -0.81
CA LYS A 23 11.64 -18.14 -0.48
C LYS A 23 11.11 -19.57 -0.52
N ASP A 24 10.33 -19.88 -1.55
CA ASP A 24 9.76 -21.21 -1.71
C ASP A 24 8.82 -21.55 -0.54
N GLY A 25 7.54 -21.69 -0.85
CA GLY A 25 6.57 -22.02 0.18
C GLY A 25 5.81 -20.80 0.67
N HIS A 26 4.61 -21.05 1.21
CA HIS A 26 3.77 -19.96 1.71
C HIS A 26 3.29 -19.06 0.58
N SER A 27 4.20 -18.22 0.08
CA SER A 27 3.88 -17.29 -1.01
C SER A 27 2.76 -16.33 -0.60
N VAL A 28 2.55 -16.19 0.70
CA VAL A 28 1.52 -15.29 1.21
C VAL A 28 1.96 -14.61 2.51
N THR A 29 3.26 -14.63 2.76
CA THR A 29 3.80 -14.00 3.97
C THR A 29 5.26 -13.61 3.76
N LEU A 30 5.88 -13.10 4.82
CA LEU A 30 7.27 -12.67 4.77
C LEU A 30 7.94 -12.88 6.13
N SER A 31 8.50 -11.82 6.72
CA SER A 31 9.16 -11.91 8.02
C SER A 31 9.56 -10.52 8.50
N LYS A 32 9.18 -10.19 9.74
CA LYS A 32 9.48 -8.88 10.30
C LYS A 32 10.97 -8.53 10.13
N THR A 33 11.83 -9.53 10.33
CA THR A 33 13.26 -9.35 10.20
C THR A 33 13.63 -9.18 8.72
N GLU A 34 13.03 -10.00 7.87
CA GLU A 34 13.29 -9.90 6.44
C GLU A 34 13.00 -8.49 5.96
N PHE A 35 12.05 -7.84 6.63
CA PHE A 35 11.68 -6.47 6.31
C PHE A 35 12.83 -5.53 6.67
N LEU A 36 13.54 -5.88 7.75
CA LEU A 36 14.66 -5.09 8.23
C LEU A 36 15.67 -4.86 7.12
N SER A 37 16.16 -5.98 6.61
CA SER A 37 17.16 -5.94 5.57
C SER A 37 16.67 -5.18 4.34
N PHE A 38 15.34 -5.17 4.14
CA PHE A 38 14.76 -4.47 3.00
C PHE A 38 15.15 -3.00 3.03
N MET A 39 14.96 -2.37 4.18
CA MET A 39 15.30 -0.95 4.34
C MET A 39 16.79 -0.76 4.11
N ASN A 40 17.57 -1.66 4.68
CA ASN A 40 19.03 -1.62 4.58
C ASN A 40 19.49 -1.80 3.13
N THR A 41 18.64 -2.35 2.27
CA THR A 41 19.01 -2.57 0.88
C THR A 41 18.33 -1.62 -0.10
N GLU A 42 17.00 -1.53 -0.05
CA GLU A 42 16.28 -0.68 -0.99
C GLU A 42 15.33 0.30 -0.31
N LEU A 43 15.65 0.72 0.90
CA LEU A 43 14.82 1.67 1.63
C LEU A 43 15.58 2.22 2.84
N ALA A 44 16.84 2.60 2.62
CA ALA A 44 17.67 3.15 3.68
C ALA A 44 17.26 4.58 3.99
N ALA A 45 16.74 5.27 2.97
CA ALA A 45 16.30 6.65 3.14
C ALA A 45 15.25 6.75 4.23
N PHE A 46 14.49 5.68 4.43
CA PHE A 46 13.46 5.64 5.45
C PHE A 46 14.05 5.29 6.81
N THR A 47 15.34 4.98 6.85
CA THR A 47 16.01 4.61 8.10
C THR A 47 17.26 5.47 8.33
N LYS A 48 17.69 6.21 7.31
CA LYS A 48 18.86 7.06 7.43
C LYS A 48 18.68 8.08 8.54
N ASN A 49 19.76 8.32 9.30
CA ASN A 49 19.73 9.28 10.42
C ASN A 49 19.07 8.67 11.64
N GLN A 50 17.91 8.04 11.44
CA GLN A 50 17.16 7.42 12.54
C GLN A 50 16.59 8.47 13.47
N LYS A 51 16.34 9.67 12.94
CA LYS A 51 15.78 10.75 13.73
C LYS A 51 14.36 10.42 14.17
N ASP A 52 13.66 9.67 13.32
CA ASP A 52 12.28 9.27 13.61
C ASP A 52 12.19 7.76 13.82
N PRO A 53 12.43 7.31 15.07
CA PRO A 53 12.37 5.88 15.41
C PRO A 53 10.96 5.38 15.68
N GLY A 54 9.99 5.89 14.92
CA GLY A 54 8.61 5.48 15.12
C GLY A 54 7.89 5.20 13.80
N VAL A 55 8.62 5.28 12.70
CA VAL A 55 8.03 5.02 11.38
C VAL A 55 8.03 3.53 11.05
N LEU A 56 9.21 2.95 10.94
CA LEU A 56 9.36 1.55 10.61
C LEU A 56 9.03 0.64 11.80
N ASP A 57 9.66 0.93 12.92
CA ASP A 57 9.46 0.13 14.14
C ASP A 57 7.98 0.05 14.52
N ARG A 58 7.20 1.04 14.15
CA ARG A 58 5.79 1.06 14.49
C ARG A 58 5.02 -0.05 13.78
N MET A 59 5.14 -0.12 12.47
CA MET A 59 4.44 -1.14 11.69
C MET A 59 5.08 -2.51 11.83
N MET A 60 6.40 -2.56 11.77
CA MET A 60 7.13 -3.83 11.88
C MET A 60 6.93 -4.47 13.24
N LYS A 61 7.05 -3.69 14.31
CA LYS A 61 6.87 -4.22 15.66
C LYS A 61 5.41 -4.56 15.90
N LYS A 62 4.54 -3.59 15.64
CA LYS A 62 3.10 -3.77 15.83
C LYS A 62 2.48 -4.52 14.65
N LEU A 63 3.32 -5.00 13.73
CA LEU A 63 2.86 -5.72 12.54
C LEU A 63 1.79 -6.76 12.89
N ASP A 64 1.81 -7.24 14.13
CA ASP A 64 0.82 -8.22 14.57
C ASP A 64 -0.55 -7.57 14.72
N LEU A 65 -1.10 -7.11 13.60
CA LEU A 65 -2.41 -6.46 13.60
C LEU A 65 -3.49 -7.40 13.07
N ASN A 66 -3.14 -8.15 12.03
CA ASN A 66 -4.09 -9.09 11.43
C ASN A 66 -3.61 -10.53 11.60
N SER A 67 -2.31 -10.73 11.44
CA SER A 67 -1.71 -12.06 11.57
C SER A 67 -1.33 -12.33 13.02
N ASP A 68 -0.76 -13.51 13.26
CA ASP A 68 -0.34 -13.89 14.61
C ASP A 68 0.92 -14.75 14.55
N GLY A 69 1.80 -14.46 13.59
CA GLY A 69 3.03 -15.21 13.45
C GLY A 69 3.93 -14.66 12.37
N GLN A 70 3.62 -14.99 11.12
CA GLN A 70 4.41 -14.52 9.99
C GLN A 70 3.93 -13.16 9.50
N LEU A 71 4.59 -12.64 8.48
CA LEU A 71 4.24 -11.36 7.92
C LEU A 71 2.88 -11.46 7.20
N ASP A 72 2.74 -10.87 6.01
CA ASP A 72 1.47 -10.96 5.27
C ASP A 72 1.52 -10.07 4.02
N PHE A 73 0.61 -10.34 3.09
CA PHE A 73 0.54 -9.60 1.84
C PHE A 73 0.40 -8.09 2.07
N GLN A 74 -0.65 -7.66 2.77
CA GLN A 74 -0.83 -6.24 3.00
C GLN A 74 0.05 -5.78 4.14
N GLU A 75 0.46 -6.71 5.02
CA GLU A 75 1.32 -6.32 6.12
C GLU A 75 2.41 -5.43 5.59
N PHE A 76 2.90 -5.72 4.40
CA PHE A 76 3.91 -4.87 3.81
C PHE A 76 3.25 -3.62 3.26
N LEU A 77 2.23 -3.80 2.41
CA LEU A 77 1.50 -2.66 1.87
C LEU A 77 1.12 -1.73 3.03
N ASN A 78 0.86 -2.36 4.18
CA ASN A 78 0.52 -1.67 5.41
C ASN A 78 1.78 -1.09 6.03
N LEU A 79 2.78 -1.95 6.19
CA LEU A 79 4.04 -1.55 6.79
C LEU A 79 4.69 -0.43 6.00
N ILE A 80 4.95 -0.69 4.71
CA ILE A 80 5.55 0.31 3.84
C ILE A 80 4.57 1.41 3.50
N GLY A 81 3.31 1.03 3.23
CA GLY A 81 2.31 2.05 2.92
C GLY A 81 2.28 3.10 4.00
N GLY A 82 2.18 2.64 5.24
CA GLY A 82 2.19 3.56 6.37
C GLY A 82 3.48 4.37 6.43
N LEU A 83 4.62 3.74 6.08
CA LEU A 83 5.90 4.43 6.09
C LEU A 83 5.86 5.55 5.07
N ALA A 84 5.23 5.29 3.94
CA ALA A 84 5.09 6.27 2.88
C ALA A 84 4.46 7.53 3.43
N VAL A 85 3.54 7.34 4.35
CA VAL A 85 2.81 8.43 4.98
C VAL A 85 3.58 9.01 6.16
N ALA A 86 4.54 8.24 6.66
CA ALA A 86 5.34 8.67 7.79
C ALA A 86 6.79 8.88 7.37
N CYS A 87 7.03 8.97 6.08
CA CYS A 87 8.37 9.17 5.56
C CYS A 87 8.36 9.66 4.12
N HIS A 88 7.49 9.10 3.29
CA HIS A 88 7.43 9.49 1.88
C HIS A 88 6.29 10.48 1.62
N GLU A 89 6.53 11.74 1.97
CA GLU A 89 5.54 12.80 1.76
C GLU A 89 4.19 12.41 2.39
N SER A 90 3.13 13.13 1.97
CA SER A 90 1.78 12.89 2.49
C SER A 90 1.56 13.56 3.84
N PHE A 91 2.22 13.05 4.87
CA PHE A 91 2.09 13.60 6.21
C PHE A 91 3.40 14.26 6.66
N VAL A 92 4.52 13.64 6.30
CA VAL A 92 5.83 14.17 6.67
C VAL A 92 6.10 15.51 6.01
N LYS A 93 5.47 15.74 4.86
CA LYS A 93 5.65 17.00 4.13
C LYS A 93 4.57 18.00 4.51
N ALA A 94 3.39 17.49 4.88
CA ALA A 94 2.27 18.35 5.27
C ALA A 94 2.58 19.09 6.56
N ALA A 95 3.38 18.49 7.42
CA ALA A 95 3.74 19.09 8.69
C ALA A 95 5.08 18.55 9.21
N PRO A 96 6.18 18.86 8.49
CA PRO A 96 7.52 18.41 8.87
C PRO A 96 7.91 18.84 10.28
N PRO A 97 7.71 20.13 10.62
CA PRO A 97 8.05 20.66 11.95
C PRO A 97 7.00 20.31 13.00
N GLN A 98 5.77 20.09 12.55
CA GLN A 98 4.67 19.75 13.44
C GLN A 98 4.87 18.38 14.06
N LYS A 99 5.62 18.33 15.15
CA LYS A 99 5.90 17.07 15.84
C LYS A 99 6.75 17.30 17.08
N ARG A 100 6.85 16.27 17.92
CA ARG A 100 7.63 16.36 19.15
C ARG A 100 7.99 14.98 19.68
N PHE A 101 6.97 14.21 20.02
CA PHE A 101 7.18 12.86 20.54
C PHE A 101 5.94 11.99 20.29
N SER B 1 13.83 11.36 -11.72
CA SER B 1 14.86 10.40 -11.27
C SER B 1 14.24 9.25 -10.50
N ARG B 2 14.86 8.08 -10.57
CA ARG B 2 14.37 6.90 -9.87
C ARG B 2 15.51 6.15 -9.18
N PRO B 3 15.80 6.49 -7.90
CA PRO B 3 16.87 5.85 -7.13
C PRO B 3 16.73 4.33 -7.07
N THR B 4 15.92 3.87 -6.14
CA THR B 4 15.69 2.44 -5.96
C THR B 4 14.28 2.04 -6.39
N GLU B 5 14.18 0.83 -6.92
CA GLU B 5 12.91 0.29 -7.38
C GLU B 5 11.79 0.56 -6.38
N THR B 6 12.06 0.25 -5.11
CA THR B 6 11.07 0.47 -4.06
C THR B 6 10.80 1.96 -3.90
N GLU B 7 11.85 2.77 -3.99
CA GLU B 7 11.72 4.21 -3.85
C GLU B 7 10.63 4.74 -4.76
N ARG B 8 10.64 4.30 -6.01
CA ARG B 8 9.64 4.71 -6.98
C ARG B 8 8.32 4.01 -6.67
N CYS B 9 8.41 2.84 -6.03
CA CYS B 9 7.24 2.06 -5.67
C CYS B 9 6.37 2.82 -4.67
N ILE B 10 6.98 3.27 -3.58
CA ILE B 10 6.26 4.00 -2.54
C ILE B 10 5.53 5.20 -3.13
N GLU B 11 6.28 6.08 -3.77
CA GLU B 11 5.70 7.27 -4.39
C GLU B 11 4.58 6.89 -5.36
N SER B 12 4.68 5.69 -5.91
CA SER B 12 3.69 5.19 -6.85
C SER B 12 2.31 5.05 -6.22
N LEU B 13 2.22 4.30 -5.12
CA LEU B 13 0.95 4.07 -4.44
C LEU B 13 0.43 5.31 -3.70
N ILE B 14 1.34 6.14 -3.21
CA ILE B 14 0.94 7.34 -2.48
C ILE B 14 0.31 8.36 -3.39
N ALA B 15 0.86 8.46 -4.57
CA ALA B 15 0.44 9.45 -5.54
C ALA B 15 -0.89 9.09 -6.16
N VAL B 16 -1.14 7.81 -6.35
CA VAL B 16 -2.41 7.37 -6.88
C VAL B 16 -3.51 7.99 -6.03
N PHE B 17 -3.25 8.01 -4.73
CA PHE B 17 -4.17 8.61 -3.77
C PHE B 17 -4.16 10.13 -3.88
N GLN B 18 -2.98 10.72 -3.70
CA GLN B 18 -2.81 12.18 -3.76
C GLN B 18 -3.45 12.78 -5.01
N LYS B 19 -3.15 12.19 -6.16
CA LYS B 19 -3.67 12.70 -7.42
C LYS B 19 -5.17 12.98 -7.34
N TYR B 20 -5.93 11.99 -6.87
CA TYR B 20 -7.38 12.14 -6.72
C TYR B 20 -7.67 12.89 -5.44
N ALA B 21 -6.77 12.76 -4.48
CA ALA B 21 -6.89 13.38 -3.18
C ALA B 21 -6.27 14.77 -3.15
N GLY B 22 -6.08 15.38 -4.32
CA GLY B 22 -5.50 16.70 -4.39
C GLY B 22 -6.41 17.71 -5.06
N LYS B 23 -7.23 18.38 -4.26
CA LYS B 23 -8.16 19.38 -4.78
C LYS B 23 -8.20 20.61 -3.88
N ASP B 24 -7.03 21.05 -3.43
CA ASP B 24 -6.92 22.21 -2.56
C ASP B 24 -7.65 21.97 -1.24
N GLY B 25 -6.88 21.93 -0.16
CA GLY B 25 -7.46 21.70 1.15
C GLY B 25 -7.31 20.27 1.63
N HIS B 26 -7.35 20.07 2.93
CA HIS B 26 -7.22 18.74 3.51
C HIS B 26 -5.83 18.16 3.25
N SER B 27 -5.59 17.72 2.03
CA SER B 27 -4.30 17.15 1.65
C SER B 27 -4.00 15.89 2.48
N VAL B 28 -5.04 15.30 3.06
CA VAL B 28 -4.88 14.10 3.87
C VAL B 28 -6.07 13.16 3.70
N THR B 29 -6.84 13.36 2.64
CA THR B 29 -8.01 12.51 2.38
C THR B 29 -8.34 12.52 0.89
N LEU B 30 -9.42 11.84 0.54
CA LEU B 30 -9.87 11.75 -0.85
C LEU B 30 -11.40 11.66 -0.91
N SER B 31 -11.93 10.60 -1.54
CA SER B 31 -13.38 10.41 -1.65
C SER B 31 -13.67 9.06 -2.28
N LYS B 32 -14.54 8.28 -1.63
CA LYS B 32 -14.89 6.96 -2.13
C LYS B 32 -15.28 7.00 -3.60
N THR B 33 -16.03 8.05 -3.98
CA THR B 33 -16.47 8.21 -5.36
C THR B 33 -15.28 8.59 -6.24
N GLU B 34 -14.44 9.50 -5.74
CA GLU B 34 -13.26 9.92 -6.49
C GLU B 34 -12.42 8.69 -6.84
N PHE B 35 -12.49 7.69 -5.97
CA PHE B 35 -11.77 6.44 -6.18
C PHE B 35 -12.38 5.69 -7.37
N LEU B 36 -13.69 5.82 -7.51
CA LEU B 36 -14.42 5.17 -8.61
C LEU B 36 -13.80 5.53 -9.94
N SER B 37 -13.78 6.82 -10.21
CA SER B 37 -13.27 7.33 -11.46
C SER B 37 -11.82 6.90 -11.68
N PHE B 38 -11.09 6.69 -10.58
CA PHE B 38 -9.69 6.27 -10.67
C PHE B 38 -9.57 4.97 -11.46
N MET B 39 -10.37 3.98 -11.10
CA MET B 39 -10.37 2.71 -11.79
C MET B 39 -10.75 2.91 -13.25
N ASN B 40 -11.77 3.72 -13.47
CA ASN B 40 -12.26 4.02 -14.81
C ASN B 40 -11.21 4.73 -15.65
N THR B 41 -10.20 5.33 -15.00
CA THR B 41 -9.17 6.07 -15.74
C THR B 41 -7.81 5.35 -15.77
N GLU B 42 -7.30 4.96 -14.61
CA GLU B 42 -5.99 4.32 -14.56
C GLU B 42 -5.99 3.00 -13.79
N LEU B 43 -7.12 2.30 -13.80
CA LEU B 43 -7.23 1.02 -13.12
C LEU B 43 -8.50 0.30 -13.55
N ALA B 44 -8.73 0.27 -14.86
CA ALA B 44 -9.91 -0.39 -15.40
C ALA B 44 -9.72 -1.90 -15.38
N ALA B 45 -8.46 -2.34 -15.49
CA ALA B 45 -8.13 -3.75 -15.47
C ALA B 45 -8.65 -4.41 -14.20
N PHE B 46 -8.73 -3.63 -13.12
CA PHE B 46 -9.22 -4.14 -11.85
C PHE B 46 -10.75 -4.12 -11.80
N THR B 47 -11.38 -3.57 -12.84
CA THR B 47 -12.83 -3.49 -12.89
C THR B 47 -13.38 -4.09 -14.19
N LYS B 48 -12.50 -4.37 -15.15
CA LYS B 48 -12.92 -4.95 -16.42
C LYS B 48 -13.62 -6.28 -16.21
N ASN B 49 -14.69 -6.52 -16.97
CA ASN B 49 -15.47 -7.76 -16.87
C ASN B 49 -16.40 -7.72 -15.67
N GLN B 50 -15.88 -7.32 -14.51
CA GLN B 50 -16.66 -7.25 -13.30
C GLN B 50 -17.04 -8.64 -12.79
N LYS B 51 -16.22 -9.62 -13.12
CA LYS B 51 -16.46 -10.99 -12.70
C LYS B 51 -16.32 -11.11 -11.18
N ASP B 52 -15.44 -10.30 -10.62
CA ASP B 52 -15.21 -10.31 -9.18
C ASP B 52 -15.69 -9.00 -8.55
N PRO B 53 -16.98 -8.91 -8.19
CA PRO B 53 -17.55 -7.72 -7.58
C PRO B 53 -17.32 -7.63 -6.07
N GLY B 54 -16.14 -8.06 -5.64
CA GLY B 54 -15.82 -8.04 -4.22
C GLY B 54 -14.42 -7.51 -3.94
N VAL B 55 -13.72 -7.08 -4.98
CA VAL B 55 -12.37 -6.56 -4.83
C VAL B 55 -12.38 -5.07 -4.47
N LEU B 56 -12.89 -4.26 -5.38
CA LEU B 56 -12.96 -2.82 -5.19
C LEU B 56 -14.05 -2.42 -4.20
N ASP B 57 -15.26 -2.91 -4.46
CA ASP B 57 -16.41 -2.60 -3.63
C ASP B 57 -16.17 -2.95 -2.16
N ARG B 58 -15.30 -3.92 -1.91
CA ARG B 58 -15.02 -4.33 -0.54
C ARG B 58 -14.31 -3.24 0.25
N MET B 59 -13.20 -2.73 -0.29
CA MET B 59 -12.44 -1.70 0.40
C MET B 59 -13.11 -0.33 0.30
N MET B 60 -13.61 0.00 -0.88
CA MET B 60 -14.27 1.29 -1.08
C MET B 60 -15.53 1.42 -0.24
N LYS B 61 -16.37 0.39 -0.23
CA LYS B 61 -17.60 0.42 0.55
C LYS B 61 -17.28 0.35 2.04
N LYS B 62 -16.48 -0.65 2.42
CA LYS B 62 -16.09 -0.83 3.82
C LYS B 62 -14.94 0.10 4.20
N LEU B 63 -14.58 1.01 3.29
CA LEU B 63 -13.49 1.95 3.53
C LEU B 63 -13.57 2.57 4.91
N ASP B 64 -14.78 2.65 5.47
CA ASP B 64 -14.97 3.21 6.81
C ASP B 64 -14.40 2.27 7.87
N LEU B 65 -13.08 2.08 7.83
CA LEU B 65 -12.41 1.21 8.79
C LEU B 65 -11.68 2.02 9.85
N ASN B 66 -11.06 3.11 9.44
CA ASN B 66 -10.33 3.98 10.36
C ASN B 66 -10.98 5.36 10.44
N SER B 67 -11.41 5.87 9.31
CA SER B 67 -12.05 7.18 9.25
C SER B 67 -13.56 7.06 9.48
N ASP B 68 -14.25 8.18 9.42
CA ASP B 68 -15.69 8.20 9.62
C ASP B 68 -16.35 9.28 8.76
N GLY B 69 -15.80 9.50 7.57
CA GLY B 69 -16.34 10.49 6.67
C GLY B 69 -15.64 10.51 5.32
N GLN B 70 -14.47 11.14 5.27
CA GLN B 70 -13.70 11.23 4.04
C GLN B 70 -12.79 10.03 3.88
N LEU B 71 -12.05 10.00 2.77
CA LEU B 71 -11.13 8.91 2.50
C LEU B 71 -9.96 8.96 3.49
N ASP B 72 -8.72 8.75 3.03
CA ASP B 72 -7.57 8.80 3.92
C ASP B 72 -6.29 8.38 3.18
N PHE B 73 -5.14 8.73 3.76
CA PHE B 73 -3.86 8.42 3.16
C PHE B 73 -3.68 6.93 2.89
N GLN B 74 -3.77 6.10 3.92
CA GLN B 74 -3.62 4.66 3.71
C GLN B 74 -4.89 4.06 3.18
N GLU B 75 -6.03 4.73 3.41
CA GLU B 75 -7.28 4.21 2.89
C GLU B 75 -7.08 3.76 1.46
N PHE B 76 -6.28 4.51 0.72
CA PHE B 76 -6.00 4.13 -0.64
C PHE B 76 -4.99 3.00 -0.63
N LEU B 77 -3.84 3.22 0.03
CA LEU B 77 -2.83 2.18 0.14
C LEU B 77 -3.52 0.89 0.58
N ASN B 78 -4.55 1.06 1.40
CA ASN B 78 -5.36 -0.05 1.91
C ASN B 78 -6.31 -0.52 0.81
N LEU B 79 -7.04 0.44 0.25
CA LEU B 79 -8.01 0.15 -0.79
C LEU B 79 -7.35 -0.51 -1.98
N ILE B 80 -6.37 0.18 -2.57
CA ILE B 80 -5.64 -0.34 -3.71
C ILE B 80 -4.70 -1.46 -3.29
N GLY B 81 -4.02 -1.29 -2.16
CA GLY B 81 -3.12 -2.34 -1.70
C GLY B 81 -3.85 -3.66 -1.64
N GLY B 82 -5.01 -3.65 -0.98
CA GLY B 82 -5.81 -4.85 -0.90
C GLY B 82 -6.24 -5.34 -2.27
N LEU B 83 -6.52 -4.41 -3.20
CA LEU B 83 -6.92 -4.79 -4.55
C LEU B 83 -5.77 -5.51 -5.22
N ALA B 84 -4.56 -5.05 -4.96
CA ALA B 84 -3.36 -5.66 -5.51
C ALA B 84 -3.31 -7.13 -5.15
N VAL B 85 -3.80 -7.43 -3.96
CA VAL B 85 -3.83 -8.79 -3.45
C VAL B 85 -5.08 -9.54 -3.91
N ALA B 86 -6.07 -8.78 -4.35
CA ALA B 86 -7.31 -9.36 -4.81
C ALA B 86 -7.50 -9.12 -6.30
N CYS B 87 -6.42 -8.76 -6.98
CA CYS B 87 -6.48 -8.49 -8.41
C CYS B 87 -5.10 -8.50 -9.05
N HIS B 88 -4.12 -7.90 -8.39
CA HIS B 88 -2.77 -7.85 -8.93
C HIS B 88 -1.86 -8.91 -8.33
N GLU B 89 -2.00 -10.14 -8.81
CA GLU B 89 -1.19 -11.26 -8.33
C GLU B 89 -1.26 -11.39 -6.80
N SER B 90 -0.32 -12.13 -6.23
CA SER B 90 -0.26 -12.35 -4.78
C SER B 90 -1.22 -13.44 -4.35
N PHE B 91 -2.52 -13.15 -4.42
CA PHE B 91 -3.54 -14.12 -4.02
C PHE B 91 -4.34 -14.59 -5.23
N VAL B 92 -4.61 -13.68 -6.16
CA VAL B 92 -5.38 -14.00 -7.35
C VAL B 92 -4.63 -14.99 -8.24
N LYS B 93 -3.30 -14.97 -8.15
CA LYS B 93 -2.47 -15.87 -8.95
C LYS B 93 -2.15 -17.14 -8.17
N ALA B 94 -2.10 -17.04 -6.85
CA ALA B 94 -1.80 -18.18 -6.00
C ALA B 94 -2.91 -19.22 -6.06
N ALA B 95 -4.14 -18.75 -6.28
CA ALA B 95 -5.29 -19.64 -6.37
C ALA B 95 -6.40 -19.02 -7.21
N PRO B 96 -6.16 -18.85 -8.52
CA PRO B 96 -7.15 -18.28 -9.44
C PRO B 96 -8.47 -19.04 -9.45
N PRO B 97 -8.42 -20.38 -9.55
CA PRO B 97 -9.63 -21.22 -9.56
C PRO B 97 -10.19 -21.44 -8.16
N GLN B 98 -9.33 -21.36 -7.16
CA GLN B 98 -9.74 -21.56 -5.78
C GLN B 98 -10.65 -20.43 -5.31
N LYS B 99 -11.95 -20.57 -5.60
CA LYS B 99 -12.92 -19.56 -5.21
C LYS B 99 -14.33 -19.99 -5.61
N ARG B 100 -15.33 -19.28 -5.10
CA ARG B 100 -16.72 -19.60 -5.40
C ARG B 100 -17.63 -18.40 -5.10
N PHE B 101 -17.68 -18.00 -3.83
CA PHE B 101 -18.50 -16.87 -3.42
C PHE B 101 -17.96 -16.24 -2.14
N SER A 1 2.17 3.48 -22.20
CA SER A 1 1.67 3.15 -23.56
C SER A 1 0.48 2.20 -23.49
N ARG A 2 0.76 0.93 -23.25
CA ARG A 2 -0.28 -0.08 -23.16
C ARG A 2 -0.79 -0.23 -21.72
N PRO A 3 0.12 -0.41 -20.75
CA PRO A 3 -0.24 -0.56 -19.33
C PRO A 3 -0.80 0.74 -18.75
N THR A 4 -0.29 1.15 -17.59
CA THR A 4 -0.76 2.38 -16.95
C THR A 4 0.10 2.71 -15.74
N GLU A 5 0.25 4.01 -15.51
CA GLU A 5 1.04 4.51 -14.39
C GLU A 5 0.73 3.75 -13.11
N THR A 6 -0.56 3.55 -12.84
CA THR A 6 -0.97 2.82 -11.65
C THR A 6 -0.51 1.37 -11.74
N GLU A 7 -0.64 0.79 -12.94
CA GLU A 7 -0.23 -0.59 -13.16
C GLU A 7 1.20 -0.82 -12.68
N ARG A 8 2.04 0.20 -12.82
CA ARG A 8 3.43 0.10 -12.39
C ARG A 8 3.54 0.29 -10.88
N CYS A 9 2.70 1.17 -10.34
CA CYS A 9 2.72 1.45 -8.90
C CYS A 9 2.30 0.21 -8.10
N ILE A 10 1.30 -0.50 -8.60
CA ILE A 10 0.81 -1.69 -7.92
C ILE A 10 1.83 -2.82 -7.99
N GLU A 11 2.22 -3.18 -9.21
CA GLU A 11 3.16 -4.27 -9.43
C GLU A 11 4.43 -4.11 -8.59
N SER A 12 4.78 -2.87 -8.27
CA SER A 12 5.99 -2.62 -7.50
C SER A 12 5.80 -2.98 -6.02
N LEU A 13 4.79 -2.41 -5.37
CA LEU A 13 4.53 -2.68 -3.96
C LEU A 13 4.26 -4.16 -3.69
N ILE A 14 3.69 -4.84 -4.67
CA ILE A 14 3.41 -6.25 -4.53
C ILE A 14 4.69 -7.05 -4.52
N ALA A 15 5.61 -6.62 -5.37
CA ALA A 15 6.87 -7.30 -5.56
C ALA A 15 7.83 -7.02 -4.42
N VAL A 16 7.77 -5.83 -3.85
CA VAL A 16 8.62 -5.50 -2.72
C VAL A 16 8.45 -6.60 -1.67
N PHE A 17 7.21 -7.05 -1.53
CA PHE A 17 6.87 -8.11 -0.59
C PHE A 17 7.27 -9.47 -1.15
N GLN A 18 6.73 -9.83 -2.31
CA GLN A 18 7.02 -11.13 -2.93
C GLN A 18 8.53 -11.41 -2.98
N LYS A 19 9.32 -10.35 -3.10
CA LYS A 19 10.76 -10.51 -3.16
C LYS A 19 11.29 -11.18 -1.90
N TYR A 20 10.91 -10.65 -0.74
CA TYR A 20 11.33 -11.22 0.53
C TYR A 20 10.43 -12.40 0.88
N ALA A 21 9.13 -12.13 0.78
CA ALA A 21 8.10 -13.12 1.08
C ALA A 21 8.26 -14.38 0.24
N GLY A 22 8.35 -14.20 -1.07
CA GLY A 22 8.51 -15.33 -1.96
C GLY A 22 9.82 -16.06 -1.77
N LYS A 23 10.15 -16.95 -2.69
CA LYS A 23 11.39 -17.71 -2.62
C LYS A 23 11.45 -18.54 -1.35
N ASP A 24 11.23 -19.85 -1.49
CA ASP A 24 11.25 -20.76 -0.36
C ASP A 24 10.18 -20.39 0.67
N GLY A 25 9.77 -21.35 1.47
CA GLY A 25 8.76 -21.10 2.48
C GLY A 25 7.36 -21.37 1.97
N HIS A 26 6.45 -21.67 2.89
CA HIS A 26 5.06 -21.94 2.54
C HIS A 26 4.19 -20.71 2.76
N SER A 27 3.00 -20.72 2.15
CA SER A 27 2.06 -19.61 2.29
C SER A 27 2.66 -18.32 1.71
N VAL A 28 1.79 -17.44 1.24
CA VAL A 28 2.22 -16.17 0.66
C VAL A 28 2.42 -15.12 1.75
N THR A 29 3.33 -15.40 2.66
CA THR A 29 3.63 -14.48 3.76
C THR A 29 5.11 -14.11 3.78
N LEU A 30 5.47 -13.30 4.77
CA LEU A 30 6.85 -12.85 4.93
C LEU A 30 7.29 -13.04 6.39
N SER A 31 8.03 -12.09 6.93
CA SER A 31 8.48 -12.16 8.31
C SER A 31 8.96 -10.79 8.77
N LYS A 32 8.58 -10.42 9.98
CA LYS A 32 8.95 -9.12 10.54
C LYS A 32 10.43 -8.85 10.40
N THR A 33 11.26 -9.89 10.54
CA THR A 33 12.68 -9.72 10.43
C THR A 33 13.13 -9.50 8.99
N GLU A 34 12.73 -10.39 8.10
CA GLU A 34 13.08 -10.25 6.69
C GLU A 34 12.61 -8.90 6.20
N PHE A 35 11.55 -8.42 6.84
CA PHE A 35 10.98 -7.13 6.52
C PHE A 35 11.81 -6.02 7.13
N LEU A 36 12.22 -6.22 8.39
CA LEU A 36 13.04 -5.24 9.07
C LEU A 36 14.42 -5.15 8.44
N SER A 37 14.82 -6.20 7.72
CA SER A 37 16.10 -6.23 7.03
C SER A 37 16.00 -5.47 5.72
N PHE A 38 14.78 -5.43 5.17
CA PHE A 38 14.52 -4.73 3.91
C PHE A 38 14.64 -3.22 4.10
N MET A 39 14.45 -2.77 5.34
CA MET A 39 14.53 -1.35 5.66
C MET A 39 15.96 -0.84 5.63
N ASN A 40 16.88 -1.63 6.16
CA ASN A 40 18.29 -1.25 6.20
C ASN A 40 18.93 -1.36 4.82
N THR A 41 18.29 -2.13 3.93
CA THR A 41 18.84 -2.33 2.59
C THR A 41 18.06 -1.57 1.52
N GLU A 42 16.89 -2.10 1.16
CA GLU A 42 16.06 -1.52 0.11
C GLU A 42 15.46 -0.16 0.50
N LEU A 43 15.16 0.03 1.78
CA LEU A 43 14.58 1.27 2.25
C LEU A 43 15.45 1.90 3.32
N ALA A 44 16.75 1.89 3.08
CA ALA A 44 17.71 2.45 4.03
C ALA A 44 17.68 3.97 3.99
N ALA A 45 17.26 4.51 2.86
CA ALA A 45 17.17 5.96 2.69
C ALA A 45 16.17 6.56 3.67
N PHE A 46 15.23 5.72 4.12
CA PHE A 46 14.21 6.17 5.07
C PHE A 46 14.61 5.85 6.51
N THR A 47 15.42 4.81 6.68
CA THR A 47 15.88 4.41 8.00
C THR A 47 17.41 4.34 8.04
N LYS A 48 18.06 5.33 7.45
CA LYS A 48 19.52 5.38 7.42
C LYS A 48 20.06 6.05 8.67
N ASN A 49 19.88 7.35 8.77
CA ASN A 49 20.36 8.12 9.92
C ASN A 49 19.32 8.16 11.03
N GLN A 50 18.25 7.37 10.89
CA GLN A 50 17.18 7.34 11.89
C GLN A 50 16.59 8.73 12.10
N LYS A 51 16.46 9.48 11.02
CA LYS A 51 15.91 10.83 11.09
C LYS A 51 14.53 10.82 11.76
N ASP A 52 13.75 9.79 11.46
CA ASP A 52 12.42 9.66 12.03
C ASP A 52 12.20 8.25 12.60
N PRO A 53 12.29 8.09 13.93
CA PRO A 53 12.12 6.80 14.59
C PRO A 53 10.67 6.30 14.56
N GLY A 54 9.78 7.09 13.97
CA GLY A 54 8.39 6.71 13.89
C GLY A 54 8.01 6.13 12.53
N VAL A 55 8.98 6.02 11.64
CA VAL A 55 8.73 5.48 10.31
C VAL A 55 8.80 3.96 10.30
N LEU A 56 9.97 3.44 10.65
CA LEU A 56 10.21 2.00 10.67
C LEU A 56 9.55 1.34 11.87
N ASP A 57 9.82 1.88 13.06
CA ASP A 57 9.28 1.34 14.29
C ASP A 57 7.75 1.25 14.24
N ARG A 58 7.13 2.20 13.56
CA ARG A 58 5.68 2.25 13.45
C ARG A 58 5.15 1.04 12.68
N MET A 59 5.84 0.64 11.63
CA MET A 59 5.40 -0.50 10.82
C MET A 59 5.37 -1.77 11.64
N MET A 60 6.50 -2.08 12.26
CA MET A 60 6.62 -3.29 13.07
C MET A 60 5.77 -3.20 14.33
N LYS A 61 5.58 -1.99 14.82
CA LYS A 61 4.77 -1.78 16.03
C LYS A 61 3.28 -1.85 15.69
N LYS A 62 2.85 -0.99 14.76
CA LYS A 62 1.45 -0.95 14.34
C LYS A 62 1.14 -2.05 13.32
N LEU A 63 2.11 -2.94 13.07
CA LEU A 63 1.91 -4.02 12.10
C LEU A 63 0.57 -4.69 12.29
N ASP A 64 0.10 -4.71 13.52
CA ASP A 64 -1.18 -5.30 13.85
C ASP A 64 -1.43 -6.61 13.10
N LEU A 65 -0.99 -7.71 13.69
CA LEU A 65 -1.17 -9.03 13.07
C LEU A 65 -0.94 -10.14 14.09
N ASN A 66 -1.94 -10.99 14.26
CA ASN A 66 -1.84 -12.11 15.21
C ASN A 66 -2.52 -13.35 14.65
N SER A 67 -2.63 -13.43 13.33
CA SER A 67 -3.26 -14.56 12.67
C SER A 67 -2.26 -15.28 11.76
N ASP A 68 -2.50 -16.57 11.54
CA ASP A 68 -1.61 -17.38 10.70
C ASP A 68 -0.28 -17.61 11.40
N GLY A 69 0.44 -16.53 11.69
CA GLY A 69 1.73 -16.64 12.34
C GLY A 69 2.87 -16.08 11.51
N GLN A 70 2.53 -15.26 10.51
CA GLN A 70 3.53 -14.67 9.65
C GLN A 70 3.07 -13.31 9.11
N LEU A 71 3.88 -12.72 8.25
CA LEU A 71 3.55 -11.44 7.66
C LEU A 71 2.33 -11.59 6.76
N ASP A 72 2.28 -10.90 5.63
CA ASP A 72 1.15 -11.03 4.71
C ASP A 72 1.22 -10.00 3.59
N PHE A 73 0.21 -10.02 2.72
CA PHE A 73 0.13 -9.13 1.58
C PHE A 73 0.09 -7.65 1.98
N GLN A 74 -0.90 -7.26 2.78
CA GLN A 74 -1.02 -5.87 3.19
C GLN A 74 0.02 -5.55 4.24
N GLU A 75 0.47 -6.56 4.98
CA GLU A 75 1.48 -6.35 6.01
C GLU A 75 2.59 -5.47 5.48
N PHE A 76 2.91 -5.67 4.20
CA PHE A 76 3.94 -4.90 3.54
C PHE A 76 3.40 -3.55 3.10
N LEU A 77 2.31 -3.54 2.34
CA LEU A 77 1.72 -2.30 1.88
C LEU A 77 1.45 -1.40 3.09
N ASN A 78 1.10 -2.02 4.21
CA ASN A 78 0.86 -1.30 5.46
C ASN A 78 2.19 -0.89 6.08
N LEU A 79 3.09 -1.86 6.19
CA LEU A 79 4.42 -1.61 6.76
C LEU A 79 5.13 -0.53 5.95
N ILE A 80 5.29 -0.78 4.65
CA ILE A 80 5.94 0.16 3.76
C ILE A 80 5.07 1.39 3.53
N GLY A 81 3.78 1.16 3.26
CA GLY A 81 2.88 2.28 3.04
C GLY A 81 2.95 3.25 4.20
N GLY A 82 2.84 2.71 5.41
CA GLY A 82 2.94 3.55 6.60
C GLY A 82 4.19 4.40 6.58
N LEU A 83 5.29 3.86 6.03
CA LEU A 83 6.53 4.61 5.94
C LEU A 83 6.33 5.84 5.08
N ALA A 84 5.68 5.65 3.93
CA ALA A 84 5.41 6.75 3.01
C ALA A 84 4.68 7.88 3.71
N VAL A 85 3.86 7.52 4.68
CA VAL A 85 3.09 8.49 5.43
C VAL A 85 3.88 9.07 6.59
N ALA A 86 4.96 8.39 6.95
CA ALA A 86 5.80 8.84 8.03
C ALA A 86 7.20 9.21 7.54
N CYS A 87 7.34 9.34 6.23
CA CYS A 87 8.63 9.69 5.63
C CYS A 87 8.45 10.30 4.24
N HIS A 88 7.52 9.76 3.46
CA HIS A 88 7.30 10.26 2.10
C HIS A 88 5.98 11.04 2.00
N GLU A 89 5.93 12.19 2.67
CA GLU A 89 4.74 13.03 2.63
C GLU A 89 3.50 12.26 3.10
N SER A 90 2.32 12.86 2.88
CA SER A 90 1.05 12.23 3.26
C SER A 90 0.81 12.34 4.76
N PHE A 91 1.69 13.04 5.47
CA PHE A 91 1.56 13.21 6.92
C PHE A 91 2.82 13.85 7.51
N VAL A 92 3.97 13.27 7.19
CA VAL A 92 5.24 13.78 7.68
C VAL A 92 5.47 15.22 7.24
N LYS A 93 4.87 15.57 6.10
CA LYS A 93 5.01 16.93 5.57
C LYS A 93 4.45 17.96 6.54
N ALA A 94 3.14 17.92 6.76
CA ALA A 94 2.48 18.86 7.66
C ALA A 94 2.91 18.60 9.10
N ALA A 95 2.61 17.41 9.61
CA ALA A 95 2.95 17.04 10.97
C ALA A 95 2.42 18.05 11.99
N PRO A 96 1.11 18.39 11.92
CA PRO A 96 0.51 19.35 12.86
C PRO A 96 0.69 18.89 14.30
N PRO A 97 0.34 17.63 14.62
CA PRO A 97 0.49 17.08 15.96
C PRO A 97 1.87 16.49 16.18
N GLN A 98 2.29 15.61 15.27
CA GLN A 98 3.60 14.97 15.34
C GLN A 98 3.97 14.57 16.77
N LYS A 99 3.63 13.34 17.15
CA LYS A 99 3.92 12.84 18.48
C LYS A 99 5.06 11.82 18.45
N ARG A 100 6.18 12.16 19.07
CA ARG A 100 7.33 11.27 19.12
C ARG A 100 7.30 10.40 20.36
N PHE A 101 7.39 11.03 21.53
CA PHE A 101 7.37 10.31 22.80
C PHE A 101 6.30 10.88 23.73
N SER B 1 19.50 4.19 -10.56
CA SER B 1 20.85 4.82 -10.47
C SER B 1 21.08 5.44 -9.10
N ARG B 2 20.48 6.61 -8.86
CA ARG B 2 20.63 7.30 -7.59
C ARG B 2 19.54 6.87 -6.61
N PRO B 3 18.25 6.93 -7.03
CA PRO B 3 17.12 6.54 -6.18
C PRO B 3 17.11 5.04 -5.89
N THR B 4 15.95 4.39 -6.07
CA THR B 4 15.83 2.96 -5.83
C THR B 4 14.48 2.45 -6.29
N GLU B 5 14.48 1.20 -6.74
CA GLU B 5 13.27 0.55 -7.23
C GLU B 5 12.09 0.80 -6.28
N THR B 6 12.35 0.62 -4.98
CA THR B 6 11.32 0.85 -3.98
C THR B 6 10.90 2.32 -3.97
N GLU B 7 11.89 3.20 -4.08
CA GLU B 7 11.64 4.63 -4.08
C GLU B 7 10.57 4.99 -5.12
N ARG B 8 10.56 4.27 -6.23
CA ARG B 8 9.59 4.51 -7.28
C ARG B 8 8.24 3.88 -6.93
N CYS B 9 8.29 2.73 -6.27
CA CYS B 9 7.07 2.02 -5.88
C CYS B 9 6.27 2.82 -4.86
N ILE B 10 6.97 3.43 -3.91
CA ILE B 10 6.33 4.22 -2.87
C ILE B 10 5.74 5.51 -3.44
N GLU B 11 6.59 6.30 -4.10
CA GLU B 11 6.15 7.58 -4.66
C GLU B 11 4.94 7.43 -5.55
N SER B 12 4.76 6.26 -6.14
CA SER B 12 3.62 6.02 -7.03
C SER B 12 2.32 5.86 -6.25
N LEU B 13 2.28 4.91 -5.32
CA LEU B 13 1.08 4.66 -4.53
C LEU B 13 0.66 5.90 -3.73
N ILE B 14 1.61 6.73 -3.35
CA ILE B 14 1.30 7.92 -2.60
C ILE B 14 0.60 8.93 -3.48
N ALA B 15 1.07 8.99 -4.71
CA ALA B 15 0.57 9.93 -5.67
C ALA B 15 -0.77 9.52 -6.24
N VAL B 16 -1.02 8.22 -6.36
CA VAL B 16 -2.30 7.74 -6.83
C VAL B 16 -3.38 8.40 -6.00
N PHE B 17 -3.09 8.51 -4.70
CA PHE B 17 -4.01 9.13 -3.75
C PHE B 17 -3.95 10.65 -3.86
N GLN B 18 -2.77 11.24 -3.66
CA GLN B 18 -2.61 12.69 -3.73
C GLN B 18 -3.25 13.27 -4.99
N LYS B 19 -3.25 12.50 -6.06
CA LYS B 19 -3.83 12.96 -7.31
C LYS B 19 -5.31 13.31 -7.14
N TYR B 20 -6.07 12.37 -6.59
CA TYR B 20 -7.48 12.58 -6.34
C TYR B 20 -7.66 13.37 -5.05
N ALA B 21 -6.99 12.90 -4.02
CA ALA B 21 -7.03 13.49 -2.69
C ALA B 21 -6.61 14.96 -2.72
N GLY B 22 -5.46 15.23 -3.31
CA GLY B 22 -4.97 16.59 -3.39
C GLY B 22 -5.83 17.47 -4.27
N LYS B 23 -5.32 18.66 -4.59
CA LYS B 23 -6.07 19.60 -5.43
C LYS B 23 -7.39 19.98 -4.78
N ASP B 24 -7.44 21.19 -4.23
CA ASP B 24 -8.65 21.69 -3.57
C ASP B 24 -9.04 20.79 -2.40
N GLY B 25 -9.78 21.35 -1.45
CA GLY B 25 -10.21 20.59 -0.29
C GLY B 25 -9.23 20.71 0.86
N HIS B 26 -9.73 20.50 2.08
CA HIS B 26 -8.90 20.58 3.27
C HIS B 26 -8.47 19.19 3.74
N SER B 27 -7.45 19.13 4.59
CA SER B 27 -6.96 17.87 5.11
C SER B 27 -6.43 16.98 3.98
N VAL B 28 -5.45 16.14 4.31
CA VAL B 28 -4.87 15.23 3.34
C VAL B 28 -5.69 13.96 3.20
N THR B 29 -6.95 14.12 2.79
CA THR B 29 -7.84 12.98 2.60
C THR B 29 -8.40 12.94 1.19
N LEU B 30 -9.25 11.96 0.95
CA LEU B 30 -9.88 11.78 -0.36
C LEU B 30 -11.38 11.59 -0.19
N SER B 31 -11.97 10.69 -0.97
CA SER B 31 -13.40 10.42 -0.87
C SER B 31 -13.73 9.10 -1.57
N LYS B 32 -14.56 8.30 -0.94
CA LYS B 32 -14.94 7.00 -1.48
C LYS B 32 -15.38 7.10 -2.93
N THR B 33 -16.05 8.19 -3.30
CA THR B 33 -16.51 8.36 -4.65
C THR B 33 -15.37 8.70 -5.60
N GLU B 34 -14.60 9.74 -5.27
CA GLU B 34 -13.47 10.12 -6.11
C GLU B 34 -12.55 8.92 -6.28
N PHE B 35 -12.59 8.06 -5.27
CA PHE B 35 -11.80 6.83 -5.28
C PHE B 35 -12.46 5.79 -6.16
N LEU B 36 -13.78 5.67 -6.03
CA LEU B 36 -14.52 4.71 -6.84
C LEU B 36 -14.51 5.12 -8.31
N SER B 37 -14.26 6.40 -8.56
CA SER B 37 -14.19 6.91 -9.93
C SER B 37 -12.81 6.60 -10.52
N PHE B 38 -11.82 6.48 -9.64
CA PHE B 38 -10.45 6.17 -10.05
C PHE B 38 -10.36 4.74 -10.57
N MET B 39 -11.28 3.89 -10.13
CA MET B 39 -11.30 2.49 -10.53
C MET B 39 -11.76 2.33 -11.97
N ASN B 40 -12.78 3.09 -12.36
CA ASN B 40 -13.31 3.02 -13.72
C ASN B 40 -12.38 3.69 -14.71
N THR B 41 -11.49 4.54 -14.21
CA THR B 41 -10.57 5.27 -15.08
C THR B 41 -9.14 4.74 -14.99
N GLU B 42 -8.45 5.09 -13.91
CA GLU B 42 -7.05 4.70 -13.72
C GLU B 42 -6.87 3.20 -13.49
N LEU B 43 -7.84 2.57 -12.84
CA LEU B 43 -7.75 1.14 -12.56
C LEU B 43 -8.93 0.40 -13.16
N ALA B 44 -9.27 0.76 -14.40
CA ALA B 44 -10.39 0.15 -15.10
C ALA B 44 -10.03 -1.25 -15.56
N ALA B 45 -8.73 -1.49 -15.75
CA ALA B 45 -8.24 -2.79 -16.18
C ALA B 45 -8.57 -3.86 -15.14
N PHE B 46 -8.77 -3.43 -13.90
CA PHE B 46 -9.08 -4.35 -12.81
C PHE B 46 -10.58 -4.43 -12.59
N THR B 47 -11.30 -3.35 -12.92
CA THR B 47 -12.74 -3.30 -12.75
C THR B 47 -13.42 -2.93 -14.07
N LYS B 48 -12.96 -3.52 -15.15
CA LYS B 48 -13.52 -3.25 -16.47
C LYS B 48 -14.72 -4.15 -16.74
N ASN B 49 -14.46 -5.44 -16.96
CA ASN B 49 -15.53 -6.40 -17.23
C ASN B 49 -16.06 -7.02 -15.94
N GLN B 50 -15.66 -6.46 -14.79
CA GLN B 50 -16.12 -6.96 -13.51
C GLN B 50 -15.78 -8.44 -13.34
N LYS B 51 -14.60 -8.83 -13.83
CA LYS B 51 -14.15 -10.21 -13.73
C LYS B 51 -14.18 -10.69 -12.29
N ASP B 52 -13.82 -9.81 -11.37
CA ASP B 52 -13.79 -10.14 -9.95
C ASP B 52 -14.49 -9.06 -9.13
N PRO B 53 -15.75 -9.32 -8.71
CA PRO B 53 -16.53 -8.37 -7.92
C PRO B 53 -16.02 -8.19 -6.49
N GLY B 54 -14.96 -8.93 -6.15
CA GLY B 54 -14.39 -8.83 -4.82
C GLY B 54 -13.15 -7.95 -4.77
N VAL B 55 -12.78 -7.38 -5.90
CA VAL B 55 -11.61 -6.51 -5.96
C VAL B 55 -11.95 -5.08 -5.55
N LEU B 56 -12.84 -4.46 -6.31
CA LEU B 56 -13.26 -3.08 -6.05
C LEU B 56 -14.20 -2.98 -4.86
N ASP B 57 -15.24 -3.80 -4.86
CA ASP B 57 -16.23 -3.80 -3.79
C ASP B 57 -15.58 -4.02 -2.43
N ARG B 58 -14.51 -4.81 -2.41
CA ARG B 58 -13.81 -5.12 -1.17
C ARG B 58 -13.16 -3.88 -0.57
N MET B 59 -12.59 -3.03 -1.42
CA MET B 59 -11.93 -1.82 -0.96
C MET B 59 -12.91 -0.90 -0.26
N MET B 60 -13.99 -0.58 -0.94
CA MET B 60 -15.01 0.31 -0.40
C MET B 60 -15.75 -0.34 0.76
N LYS B 61 -15.86 -1.66 0.72
CA LYS B 61 -16.54 -2.39 1.77
C LYS B 61 -15.64 -2.53 3.00
N LYS B 62 -14.48 -3.13 2.80
CA LYS B 62 -13.51 -3.32 3.88
C LYS B 62 -12.70 -2.05 4.16
N LEU B 63 -13.07 -0.94 3.49
CA LEU B 63 -12.36 0.32 3.68
C LEU B 63 -12.10 0.60 5.15
N ASP B 64 -13.01 0.13 5.98
CA ASP B 64 -12.90 0.31 7.42
C ASP B 64 -12.40 1.71 7.79
N LEU B 65 -13.33 2.64 7.94
CA LEU B 65 -12.99 4.01 8.31
C LEU B 65 -14.22 4.77 8.80
N ASN B 66 -14.13 5.30 10.02
CA ASN B 66 -15.23 6.05 10.60
C ASN B 66 -14.71 7.24 11.41
N SER B 67 -13.51 7.70 11.07
CA SER B 67 -12.91 8.83 11.77
C SER B 67 -12.66 9.99 10.80
N ASP B 68 -12.65 11.20 11.33
CA ASP B 68 -12.44 12.40 10.52
C ASP B 68 -13.65 12.68 9.64
N GLY B 69 -13.98 11.73 8.77
CA GLY B 69 -15.12 11.89 7.89
C GLY B 69 -14.73 11.87 6.42
N GLN B 70 -13.54 11.35 6.13
CA GLN B 70 -13.07 11.29 4.75
C GLN B 70 -12.12 10.11 4.55
N LEU B 71 -11.57 9.99 3.35
CA LEU B 71 -10.64 8.92 3.04
C LEU B 71 -9.37 9.10 3.88
N ASP B 72 -8.20 8.81 3.31
CA ASP B 72 -6.94 8.97 4.04
C ASP B 72 -5.76 8.39 3.28
N PHE B 73 -4.59 8.47 3.89
CA PHE B 73 -3.35 7.99 3.28
C PHE B 73 -3.39 6.48 3.00
N GLN B 74 -3.59 5.67 4.03
CA GLN B 74 -3.63 4.23 3.83
C GLN B 74 -4.93 3.81 3.17
N GLU B 75 -5.98 4.61 3.34
CA GLU B 75 -7.27 4.30 2.73
C GLU B 75 -7.06 3.88 1.28
N PHE B 76 -6.11 4.54 0.63
CA PHE B 76 -5.79 4.24 -0.75
C PHE B 76 -4.89 3.02 -0.85
N LEU B 77 -3.77 3.03 -0.13
CA LEU B 77 -2.87 1.89 -0.16
C LEU B 77 -3.63 0.62 0.20
N ASN B 78 -4.61 0.77 1.09
CA ASN B 78 -5.46 -0.33 1.49
C ASN B 78 -6.47 -0.63 0.40
N LEU B 79 -7.15 0.43 -0.06
CA LEU B 79 -8.15 0.29 -1.11
C LEU B 79 -7.50 -0.31 -2.35
N ILE B 80 -6.47 0.37 -2.86
CA ILE B 80 -5.76 -0.10 -4.03
C ILE B 80 -4.94 -1.34 -3.73
N GLY B 81 -4.21 -1.32 -2.61
CA GLY B 81 -3.41 -2.47 -2.24
C GLY B 81 -4.27 -3.71 -2.21
N GLY B 82 -5.41 -3.62 -1.53
CA GLY B 82 -6.32 -4.75 -1.48
C GLY B 82 -6.65 -5.28 -2.87
N LEU B 83 -6.73 -4.38 -3.85
CA LEU B 83 -7.01 -4.78 -5.22
C LEU B 83 -5.91 -5.69 -5.73
N ALA B 84 -4.66 -5.29 -5.47
CA ALA B 84 -3.51 -6.07 -5.90
C ALA B 84 -3.59 -7.49 -5.37
N VAL B 85 -4.19 -7.63 -4.19
CA VAL B 85 -4.33 -8.93 -3.56
C VAL B 85 -5.56 -9.66 -4.06
N ALA B 86 -6.47 -8.93 -4.67
CA ALA B 86 -7.69 -9.50 -5.19
C ALA B 86 -7.75 -9.41 -6.71
N CYS B 87 -6.61 -9.08 -7.32
CA CYS B 87 -6.54 -8.95 -8.77
C CYS B 87 -5.11 -9.11 -9.29
N HIS B 88 -4.15 -8.56 -8.56
CA HIS B 88 -2.75 -8.65 -8.97
C HIS B 88 -1.95 -9.61 -8.09
N GLU B 89 -2.28 -10.90 -8.18
CA GLU B 89 -1.59 -11.92 -7.39
C GLU B 89 -1.64 -11.61 -5.90
N SER B 90 -0.84 -12.33 -5.12
CA SER B 90 -0.78 -12.15 -3.67
C SER B 90 -2.00 -12.76 -2.97
N PHE B 91 -2.84 -13.44 -3.74
CA PHE B 91 -4.03 -14.08 -3.18
C PHE B 91 -4.94 -14.59 -4.29
N VAL B 92 -5.25 -13.72 -5.24
CA VAL B 92 -6.12 -14.08 -6.36
C VAL B 92 -5.51 -15.23 -7.17
N LYS B 93 -4.19 -15.34 -7.14
CA LYS B 93 -3.48 -16.38 -7.87
C LYS B 93 -3.91 -17.77 -7.37
N ALA B 94 -3.56 -18.07 -6.12
CA ALA B 94 -3.90 -19.35 -5.52
C ALA B 94 -5.41 -19.49 -5.33
N ALA B 95 -5.97 -18.60 -4.51
CA ALA B 95 -7.41 -18.62 -4.25
C ALA B 95 -7.87 -19.98 -3.75
N PRO B 96 -7.21 -20.55 -2.72
CA PRO B 96 -7.59 -21.85 -2.17
C PRO B 96 -9.04 -21.85 -1.68
N PRO B 97 -9.44 -20.85 -0.87
CA PRO B 97 -10.80 -20.74 -0.38
C PRO B 97 -11.70 -19.97 -1.34
N GLN B 98 -11.24 -18.78 -1.75
CA GLN B 98 -11.97 -17.94 -2.68
C GLN B 98 -13.47 -17.95 -2.40
N LYS B 99 -13.93 -16.99 -1.59
CA LYS B 99 -15.33 -16.88 -1.23
C LYS B 99 -15.98 -15.69 -1.94
N ARG B 100 -16.94 -15.97 -2.81
CA ARG B 100 -17.63 -14.92 -3.55
C ARG B 100 -18.91 -14.51 -2.82
N PHE B 101 -19.84 -15.44 -2.70
CA PHE B 101 -21.10 -15.18 -2.03
C PHE B 101 -21.38 -16.22 -0.95
N SER A 1 4.05 3.32 -20.62
CA SER A 1 4.82 2.62 -21.69
C SER A 1 3.90 1.73 -22.52
N ARG A 2 2.83 1.24 -21.90
CA ARG A 2 1.88 0.38 -22.58
C ARG A 2 0.62 0.18 -21.73
N PRO A 3 0.75 -0.46 -20.56
CA PRO A 3 -0.38 -0.71 -19.65
C PRO A 3 -0.96 0.58 -19.08
N THR A 4 -0.58 0.91 -17.86
CA THR A 4 -1.07 2.12 -17.21
C THR A 4 -0.17 2.52 -16.03
N GLU A 5 -0.04 3.82 -15.83
CA GLU A 5 0.78 4.36 -14.76
C GLU A 5 0.53 3.60 -13.46
N THR A 6 -0.74 3.41 -13.12
CA THR A 6 -1.11 2.69 -11.91
C THR A 6 -0.63 1.25 -11.99
N GLU A 7 -0.74 0.66 -13.17
CA GLU A 7 -0.31 -0.73 -13.37
C GLU A 7 1.12 -0.92 -12.89
N ARG A 8 1.94 0.11 -13.04
CA ARG A 8 3.33 0.05 -12.62
C ARG A 8 3.45 0.27 -11.11
N CYS A 9 2.65 1.19 -10.58
CA CYS A 9 2.67 1.50 -9.16
C CYS A 9 2.36 0.26 -8.32
N ILE A 10 1.38 -0.52 -8.74
CA ILE A 10 0.99 -1.73 -8.02
C ILE A 10 2.08 -2.79 -8.07
N GLU A 11 2.48 -3.16 -9.28
CA GLU A 11 3.50 -4.20 -9.46
C GLU A 11 4.75 -3.94 -8.64
N SER A 12 5.02 -2.67 -8.36
CA SER A 12 6.22 -2.31 -7.60
C SER A 12 6.09 -2.70 -6.12
N LEU A 13 5.04 -2.23 -5.46
CA LEU A 13 4.83 -2.51 -4.03
C LEU A 13 4.61 -4.01 -3.75
N ILE A 14 4.08 -4.72 -4.72
CA ILE A 14 3.85 -6.15 -4.55
C ILE A 14 5.16 -6.89 -4.54
N ALA A 15 6.05 -6.42 -5.38
CA ALA A 15 7.34 -7.04 -5.56
C ALA A 15 8.30 -6.75 -4.41
N VAL A 16 8.18 -5.57 -3.82
CA VAL A 16 9.01 -5.23 -2.68
C VAL A 16 8.85 -6.33 -1.64
N PHE A 17 7.61 -6.81 -1.53
CA PHE A 17 7.26 -7.87 -0.61
C PHE A 17 7.75 -9.23 -1.14
N GLN A 18 7.30 -9.60 -2.35
CA GLN A 18 7.67 -10.86 -2.97
C GLN A 18 9.17 -11.10 -2.93
N LYS A 19 9.96 -10.03 -2.96
CA LYS A 19 11.41 -10.17 -2.95
C LYS A 19 11.88 -10.95 -1.72
N TYR A 20 11.44 -10.51 -0.54
CA TYR A 20 11.79 -11.19 0.69
C TYR A 20 10.88 -12.39 0.90
N ALA A 21 9.59 -12.14 0.73
CA ALA A 21 8.56 -13.14 0.88
C ALA A 21 8.80 -14.34 -0.04
N GLY A 22 9.50 -14.11 -1.14
CA GLY A 22 9.79 -15.18 -2.09
C GLY A 22 8.82 -15.19 -3.24
N LYS A 23 9.23 -15.80 -4.35
CA LYS A 23 8.39 -15.88 -5.54
C LYS A 23 8.81 -17.04 -6.43
N ASP A 24 8.18 -18.20 -6.24
CA ASP A 24 8.50 -19.39 -7.02
C ASP A 24 7.38 -20.42 -6.91
N GLY A 25 6.97 -20.70 -5.68
CA GLY A 25 5.92 -21.68 -5.46
C GLY A 25 4.59 -21.02 -5.11
N HIS A 26 4.63 -20.13 -4.13
CA HIS A 26 3.42 -19.44 -3.69
C HIS A 26 3.76 -18.11 -3.01
N SER A 27 4.41 -18.20 -1.85
CA SER A 27 4.81 -17.00 -1.10
C SER A 27 3.59 -16.16 -0.75
N VAL A 28 2.86 -16.58 0.28
CA VAL A 28 1.67 -15.87 0.72
C VAL A 28 1.99 -14.87 1.84
N THR A 29 3.15 -15.05 2.48
CA THR A 29 3.55 -14.16 3.57
C THR A 29 5.04 -13.84 3.48
N LEU A 30 5.50 -13.01 4.42
CA LEU A 30 6.89 -12.60 4.48
C LEU A 30 7.48 -12.92 5.86
N SER A 31 7.86 -11.88 6.61
CA SER A 31 8.40 -12.05 7.95
C SER A 31 8.83 -10.69 8.50
N LYS A 32 8.38 -10.39 9.71
CA LYS A 32 8.71 -9.12 10.34
C LYS A 32 10.21 -8.86 10.29
N THR A 33 11.00 -9.92 10.41
CA THR A 33 12.44 -9.82 10.38
C THR A 33 12.93 -9.57 8.96
N GLU A 34 12.39 -10.29 7.99
CA GLU A 34 12.79 -10.11 6.60
C GLU A 34 12.55 -8.67 6.17
N PHE A 35 11.55 -8.04 6.79
CA PHE A 35 11.23 -6.66 6.49
C PHE A 35 12.33 -5.74 7.03
N LEU A 36 13.00 -6.19 8.09
CA LEU A 36 14.07 -5.43 8.70
C LEU A 36 15.14 -5.09 7.70
N SER A 37 15.70 -6.14 7.12
CA SER A 37 16.77 -6.00 6.16
C SER A 37 16.36 -5.10 5.00
N PHE A 38 15.15 -5.30 4.49
CA PHE A 38 14.64 -4.51 3.37
C PHE A 38 14.64 -3.03 3.73
N MET A 39 14.50 -2.73 5.01
CA MET A 39 14.49 -1.35 5.48
C MET A 39 15.91 -0.77 5.51
N ASN A 40 16.85 -1.59 5.96
CA ASN A 40 18.25 -1.18 6.05
C ASN A 40 18.92 -1.11 4.68
N THR A 41 18.34 -1.77 3.68
CA THR A 41 18.95 -1.79 2.34
C THR A 41 18.33 -0.78 1.37
N GLU A 42 17.07 -1.01 1.01
CA GLU A 42 16.39 -0.16 0.02
C GLU A 42 15.55 0.95 0.65
N LEU A 43 15.17 0.79 1.91
CA LEU A 43 14.37 1.80 2.59
C LEU A 43 15.08 2.33 3.82
N ALA A 44 16.37 2.63 3.64
CA ALA A 44 17.19 3.14 4.73
C ALA A 44 16.96 4.63 4.93
N ALA A 45 16.67 5.34 3.84
CA ALA A 45 16.43 6.77 3.90
C ALA A 45 15.28 7.08 4.86
N PHE A 46 14.42 6.09 5.08
CA PHE A 46 13.28 6.25 5.97
C PHE A 46 13.64 5.84 7.41
N THR A 47 14.83 5.26 7.57
CA THR A 47 15.28 4.83 8.89
C THR A 47 16.48 5.66 9.36
N LYS A 48 17.26 6.17 8.40
CA LYS A 48 18.42 6.98 8.72
C LYS A 48 18.06 8.14 9.64
N ASN A 49 17.48 9.19 9.05
CA ASN A 49 17.07 10.36 9.82
C ASN A 49 16.07 9.96 10.90
N GLN A 50 14.98 9.33 10.46
CA GLN A 50 13.93 8.88 11.37
C GLN A 50 13.33 10.04 12.16
N LYS A 51 14.02 10.47 13.21
CA LYS A 51 13.52 11.56 14.03
C LYS A 51 12.16 11.22 14.63
N ASP A 52 11.90 9.93 14.77
CA ASP A 52 10.64 9.46 15.32
C ASP A 52 10.69 7.95 15.58
N PRO A 53 10.78 7.54 16.86
CA PRO A 53 10.85 6.12 17.22
C PRO A 53 9.47 5.46 17.30
N GLY A 54 8.57 5.86 16.41
CA GLY A 54 7.23 5.30 16.40
C GLY A 54 6.74 4.99 14.99
N VAL A 55 7.61 5.16 14.00
CA VAL A 55 7.24 4.89 12.62
C VAL A 55 7.42 3.42 12.26
N LEU A 56 8.66 2.94 12.33
CA LEU A 56 8.98 1.56 12.01
C LEU A 56 8.34 0.57 12.98
N ASP A 57 8.51 0.81 14.28
CA ASP A 57 7.97 -0.07 15.31
C ASP A 57 6.46 -0.26 15.16
N ARG A 58 5.74 0.83 14.93
CA ARG A 58 4.29 0.76 14.77
C ARG A 58 3.90 -0.16 13.62
N MET A 59 4.81 -0.31 12.67
CA MET A 59 4.56 -1.15 11.50
C MET A 59 4.41 -2.61 11.87
N MET A 60 5.41 -3.10 12.56
CA MET A 60 5.45 -4.50 12.97
C MET A 60 4.49 -4.78 14.12
N LYS A 61 4.53 -3.97 15.16
CA LYS A 61 3.65 -4.18 16.31
C LYS A 61 2.19 -3.95 15.91
N LYS A 62 1.90 -2.80 15.31
CA LYS A 62 0.56 -2.46 14.87
C LYS A 62 0.23 -3.13 13.52
N LEU A 63 1.14 -3.97 13.03
CA LEU A 63 0.95 -4.65 11.76
C LEU A 63 -0.42 -5.26 11.63
N ASP A 64 -1.01 -5.61 12.77
CA ASP A 64 -2.33 -6.21 12.81
C ASP A 64 -2.61 -7.11 11.61
N LEU A 65 -2.16 -8.36 11.68
CA LEU A 65 -2.35 -9.31 10.60
C LEU A 65 -2.83 -10.66 11.12
N ASN A 66 -3.57 -11.39 10.30
CA ASN A 66 -4.08 -12.70 10.68
C ASN A 66 -4.11 -13.64 9.47
N SER A 67 -3.01 -14.36 9.27
CA SER A 67 -2.91 -15.30 8.16
C SER A 67 -2.29 -16.62 8.63
N ASP A 68 -1.16 -16.52 9.32
CA ASP A 68 -0.47 -17.70 9.83
C ASP A 68 0.73 -17.29 10.69
N GLY A 69 0.56 -16.21 11.45
CA GLY A 69 1.63 -15.73 12.29
C GLY A 69 2.80 -15.14 11.51
N GLN A 70 2.58 -14.89 10.23
CA GLN A 70 3.62 -14.34 9.37
C GLN A 70 3.19 -13.00 8.79
N LEU A 71 4.03 -12.45 7.91
CA LEU A 71 3.74 -11.18 7.27
C LEU A 71 2.56 -11.34 6.31
N ASP A 72 2.61 -10.70 5.14
CA ASP A 72 1.54 -10.80 4.16
C ASP A 72 1.76 -9.85 3.00
N PHE A 73 0.95 -10.01 1.96
CA PHE A 73 1.05 -9.17 0.78
C PHE A 73 0.84 -7.70 1.14
N GLN A 74 -0.34 -7.36 1.65
CA GLN A 74 -0.64 -5.99 2.03
C GLN A 74 0.21 -5.58 3.22
N GLU A 75 0.57 -6.54 4.08
CA GLU A 75 1.39 -6.24 5.26
C GLU A 75 2.53 -5.31 4.87
N PHE A 76 3.11 -5.56 3.72
CA PHE A 76 4.21 -4.74 3.22
C PHE A 76 3.64 -3.40 2.77
N LEU A 77 2.64 -3.44 1.89
CA LEU A 77 2.00 -2.23 1.41
C LEU A 77 1.51 -1.41 2.61
N ASN A 78 1.09 -2.13 3.64
CA ASN A 78 0.61 -1.52 4.88
C ASN A 78 1.79 -0.97 5.67
N LEU A 79 2.79 -1.83 5.83
CA LEU A 79 3.97 -1.45 6.56
C LEU A 79 4.72 -0.34 5.84
N ILE A 80 5.12 -0.59 4.59
CA ILE A 80 5.84 0.39 3.79
C ILE A 80 4.95 1.59 3.47
N GLY A 81 3.72 1.33 3.04
CA GLY A 81 2.81 2.42 2.75
C GLY A 81 2.67 3.31 3.95
N GLY A 82 2.39 2.69 5.09
CA GLY A 82 2.27 3.45 6.33
C GLY A 82 3.53 4.27 6.60
N LEU A 83 4.68 3.77 6.13
CA LEU A 83 5.96 4.47 6.32
C LEU A 83 5.97 5.75 5.54
N ALA A 84 5.54 5.67 4.29
CA ALA A 84 5.51 6.84 3.43
C ALA A 84 4.67 7.94 4.07
N VAL A 85 3.63 7.54 4.78
CA VAL A 85 2.75 8.49 5.45
C VAL A 85 3.29 8.89 6.81
N ALA A 86 4.22 8.09 7.32
CA ALA A 86 4.81 8.35 8.62
C ALA A 86 6.30 8.63 8.49
N CYS A 87 6.74 8.93 7.27
CA CYS A 87 8.16 9.21 7.04
C CYS A 87 8.41 9.92 5.70
N HIS A 88 7.57 9.66 4.69
CA HIS A 88 7.77 10.29 3.39
C HIS A 88 7.14 11.69 3.33
N GLU A 89 7.46 12.52 4.31
CA GLU A 89 6.94 13.89 4.39
C GLU A 89 5.48 13.98 3.96
N SER A 90 4.71 12.93 4.22
CA SER A 90 3.30 12.92 3.86
C SER A 90 2.45 13.38 5.03
N PHE A 91 2.42 12.57 6.09
CA PHE A 91 1.66 12.90 7.29
C PHE A 91 2.58 13.38 8.40
N VAL A 92 3.77 12.80 8.47
CA VAL A 92 4.75 13.17 9.47
C VAL A 92 5.08 14.65 9.40
N LYS A 93 5.06 15.19 8.18
CA LYS A 93 5.35 16.59 7.96
C LYS A 93 4.26 17.48 8.58
N ALA A 94 3.12 16.88 8.90
CA ALA A 94 2.01 17.62 9.49
C ALA A 94 1.39 16.84 10.65
N ALA A 95 2.20 16.52 11.66
CA ALA A 95 1.72 15.79 12.83
C ALA A 95 2.06 16.53 14.13
N PRO A 96 1.48 17.73 14.34
CA PRO A 96 1.72 18.51 15.55
C PRO A 96 1.35 17.78 16.83
N PRO A 97 0.16 17.15 16.88
CA PRO A 97 -0.29 16.42 18.07
C PRO A 97 0.32 15.03 18.17
N GLN A 98 1.10 14.65 17.15
CA GLN A 98 1.74 13.35 17.13
C GLN A 98 3.13 13.39 17.76
N LYS A 99 3.44 14.51 18.42
CA LYS A 99 4.74 14.68 19.07
C LYS A 99 5.88 14.43 18.09
N ARG A 100 7.11 14.61 18.56
CA ARG A 100 8.28 14.41 17.72
C ARG A 100 9.02 13.13 18.12
N PHE A 101 8.94 12.78 19.39
CA PHE A 101 9.60 11.58 19.90
C PHE A 101 8.96 11.11 21.20
N SER B 1 17.30 4.24 -11.64
CA SER B 1 17.78 5.39 -12.45
C SER B 1 18.71 6.29 -11.65
N ARG B 2 18.50 6.32 -10.34
CA ARG B 2 19.32 7.14 -9.46
C ARG B 2 19.05 6.79 -7.99
N PRO B 3 17.82 7.04 -7.51
CA PRO B 3 17.43 6.75 -6.12
C PRO B 3 17.44 5.26 -5.82
N THR B 4 16.26 4.65 -5.84
CA THR B 4 16.14 3.22 -5.57
C THR B 4 14.81 2.67 -6.08
N GLU B 5 14.85 1.43 -6.53
CA GLU B 5 13.67 0.76 -7.06
C GLU B 5 12.46 1.00 -6.17
N THR B 6 12.65 0.81 -4.87
CA THR B 6 11.58 1.02 -3.90
C THR B 6 11.14 2.48 -3.90
N GLU B 7 12.12 3.38 -4.02
CA GLU B 7 11.84 4.81 -4.03
C GLU B 7 10.77 5.14 -5.08
N ARG B 8 10.78 4.40 -6.19
CA ARG B 8 9.82 4.61 -7.26
C ARG B 8 8.48 3.96 -6.92
N CYS B 9 8.53 2.77 -6.32
CA CYS B 9 7.32 2.05 -5.95
C CYS B 9 6.45 2.86 -5.01
N ILE B 10 7.07 3.51 -4.04
CA ILE B 10 6.34 4.32 -3.06
C ILE B 10 5.71 5.55 -3.71
N GLU B 11 6.54 6.36 -4.36
CA GLU B 11 6.07 7.59 -5.00
C GLU B 11 4.88 7.34 -5.91
N SER B 12 4.78 6.14 -6.46
CA SER B 12 3.68 5.82 -7.36
C SER B 12 2.34 5.69 -6.63
N LEU B 13 2.29 4.83 -5.62
CA LEU B 13 1.06 4.60 -4.86
C LEU B 13 0.59 5.85 -4.11
N ILE B 14 1.52 6.71 -3.74
CA ILE B 14 1.17 7.92 -3.03
C ILE B 14 0.46 8.88 -3.95
N ALA B 15 0.93 8.89 -5.18
CA ALA B 15 0.44 9.79 -6.19
C ALA B 15 -0.91 9.37 -6.73
N VAL B 16 -1.15 8.06 -6.81
CA VAL B 16 -2.44 7.56 -7.26
C VAL B 16 -3.52 8.23 -6.41
N PHE B 17 -3.20 8.37 -5.13
CA PHE B 17 -4.10 9.00 -4.17
C PHE B 17 -4.11 10.52 -4.35
N GLN B 18 -2.93 11.13 -4.25
CA GLN B 18 -2.79 12.59 -4.39
C GLN B 18 -3.50 13.10 -5.64
N LYS B 19 -3.58 12.29 -6.68
CA LYS B 19 -4.22 12.72 -7.92
C LYS B 19 -5.66 13.15 -7.67
N TYR B 20 -6.44 12.29 -7.02
CA TYR B 20 -7.82 12.60 -6.70
C TYR B 20 -7.86 13.46 -5.45
N ALA B 21 -7.12 13.01 -4.45
CA ALA B 21 -7.04 13.68 -3.16
C ALA B 21 -6.58 15.13 -3.30
N GLY B 22 -5.85 15.41 -4.38
CA GLY B 22 -5.36 16.75 -4.62
C GLY B 22 -3.93 16.92 -4.14
N LYS B 23 -3.24 17.92 -4.69
CA LYS B 23 -1.86 18.20 -4.32
C LYS B 23 -1.49 19.64 -4.64
N ASP B 24 -1.64 20.52 -3.65
CA ASP B 24 -1.32 21.93 -3.83
C ASP B 24 -1.17 22.62 -2.48
N GLY B 25 -2.15 22.42 -1.61
CA GLY B 25 -2.11 23.03 -0.29
C GLY B 25 -1.75 22.03 0.80
N HIS B 26 -2.44 20.91 0.83
CA HIS B 26 -2.18 19.87 1.82
C HIS B 26 -2.66 18.51 1.32
N SER B 27 -3.97 18.35 1.17
CA SER B 27 -4.54 17.10 0.71
C SER B 27 -4.17 15.95 1.65
N VAL B 28 -4.88 15.86 2.77
CA VAL B 28 -4.63 14.81 3.75
C VAL B 28 -5.54 13.61 3.53
N THR B 29 -6.62 13.81 2.78
CA THR B 29 -7.57 12.74 2.52
C THR B 29 -8.04 12.77 1.07
N LEU B 30 -8.89 11.81 0.72
CA LEU B 30 -9.43 11.71 -0.63
C LEU B 30 -10.97 11.68 -0.57
N SER B 31 -11.58 10.57 -0.99
CA SER B 31 -13.03 10.41 -0.97
C SER B 31 -13.42 9.07 -1.58
N LYS B 32 -14.23 8.31 -0.87
CA LYS B 32 -14.67 7.01 -1.35
C LYS B 32 -15.19 7.10 -2.77
N THR B 33 -15.85 8.20 -3.09
CA THR B 33 -16.39 8.42 -4.42
C THR B 33 -15.27 8.74 -5.41
N GLU B 34 -14.34 9.60 -5.03
CA GLU B 34 -13.24 9.95 -5.92
C GLU B 34 -12.46 8.71 -6.31
N PHE B 35 -12.47 7.72 -5.42
CA PHE B 35 -11.79 6.46 -5.66
C PHE B 35 -12.51 5.67 -6.74
N LEU B 36 -13.82 5.90 -6.83
CA LEU B 36 -14.66 5.22 -7.81
C LEU B 36 -14.14 5.45 -9.21
N SER B 37 -14.09 6.72 -9.57
CA SER B 37 -13.64 7.10 -10.89
C SER B 37 -12.25 6.55 -11.21
N PHE B 38 -11.34 6.66 -10.23
CA PHE B 38 -9.98 6.15 -10.41
C PHE B 38 -9.99 4.68 -10.77
N MET B 39 -11.01 3.96 -10.30
CA MET B 39 -11.13 2.54 -10.57
C MET B 39 -11.62 2.30 -11.99
N ASN B 40 -12.58 3.11 -12.41
CA ASN B 40 -13.15 2.98 -13.75
C ASN B 40 -12.20 3.48 -14.84
N THR B 41 -11.21 4.30 -14.46
CA THR B 41 -10.28 4.86 -15.44
C THR B 41 -8.95 4.11 -15.53
N GLU B 42 -8.16 4.16 -14.47
CA GLU B 42 -6.83 3.55 -14.47
C GLU B 42 -6.80 2.15 -13.87
N LEU B 43 -7.79 1.83 -13.05
CA LEU B 43 -7.86 0.50 -12.42
C LEU B 43 -9.14 -0.22 -12.82
N ALA B 44 -9.44 -0.18 -14.10
CA ALA B 44 -10.64 -0.82 -14.62
C ALA B 44 -10.42 -2.31 -14.82
N ALA B 45 -9.19 -2.69 -15.15
CA ALA B 45 -8.84 -4.08 -15.37
C ALA B 45 -9.16 -4.90 -14.12
N PHE B 46 -9.20 -4.24 -12.97
CA PHE B 46 -9.49 -4.91 -11.70
C PHE B 46 -11.00 -4.91 -11.41
N THR B 47 -11.75 -4.17 -12.22
CA THR B 47 -13.20 -4.09 -12.05
C THR B 47 -13.93 -4.75 -13.20
N LYS B 48 -13.30 -4.77 -14.38
CA LYS B 48 -13.89 -5.38 -15.56
C LYS B 48 -14.32 -6.82 -15.29
N ASN B 49 -13.34 -7.72 -15.32
CA ASN B 49 -13.62 -9.14 -15.06
C ASN B 49 -14.23 -9.32 -13.67
N GLN B 50 -13.53 -8.82 -12.65
CA GLN B 50 -13.99 -8.90 -11.27
C GLN B 50 -14.19 -10.35 -10.84
N LYS B 51 -15.33 -10.93 -11.22
CA LYS B 51 -15.63 -12.31 -10.86
C LYS B 51 -15.66 -12.46 -9.34
N ASP B 52 -15.95 -11.36 -8.65
CA ASP B 52 -16.01 -11.36 -7.19
C ASP B 52 -16.58 -10.04 -6.68
N PRO B 53 -17.84 -10.03 -6.20
CA PRO B 53 -18.48 -8.82 -5.68
C PRO B 53 -18.11 -8.53 -4.24
N GLY B 54 -16.87 -8.80 -3.87
CA GLY B 54 -16.42 -8.56 -2.51
C GLY B 54 -15.04 -7.93 -2.45
N VAL B 55 -14.47 -7.60 -3.61
CA VAL B 55 -13.15 -6.98 -3.66
C VAL B 55 -13.23 -5.47 -3.48
N LEU B 56 -13.90 -4.80 -4.41
CA LEU B 56 -14.04 -3.35 -4.38
C LEU B 56 -14.84 -2.87 -3.16
N ASP B 57 -16.00 -3.47 -2.95
CA ASP B 57 -16.88 -3.09 -1.84
C ASP B 57 -16.16 -3.18 -0.49
N ARG B 58 -15.44 -4.26 -0.27
CA ARG B 58 -14.71 -4.46 0.98
C ARG B 58 -13.72 -3.32 1.22
N MET B 59 -13.29 -2.69 0.13
CA MET B 59 -12.32 -1.60 0.23
C MET B 59 -12.89 -0.40 0.94
N MET B 60 -14.01 0.06 0.44
CA MET B 60 -14.69 1.23 0.99
C MET B 60 -15.37 0.93 2.32
N LYS B 61 -16.14 -0.14 2.38
CA LYS B 61 -16.83 -0.50 3.62
C LYS B 61 -15.83 -0.89 4.71
N LYS B 62 -14.94 -1.83 4.39
CA LYS B 62 -13.93 -2.27 5.34
C LYS B 62 -12.73 -1.31 5.38
N LEU B 63 -12.86 -0.19 4.66
CA LEU B 63 -11.78 0.81 4.60
C LEU B 63 -11.23 1.13 5.98
N ASP B 64 -12.07 0.98 6.99
CA ASP B 64 -11.68 1.24 8.37
C ASP B 64 -10.70 2.39 8.49
N LEU B 65 -11.20 3.62 8.50
CA LEU B 65 -10.35 4.81 8.61
C LEU B 65 -10.91 5.79 9.63
N ASN B 66 -10.02 6.58 10.23
CA ASN B 66 -10.42 7.56 11.23
C ASN B 66 -9.54 8.80 11.15
N SER B 67 -9.96 9.77 10.33
CA SER B 67 -9.21 11.00 10.15
C SER B 67 -10.15 12.20 10.18
N ASP B 68 -11.22 12.14 9.38
CA ASP B 68 -12.20 13.21 9.30
C ASP B 68 -13.37 12.80 8.42
N GLY B 69 -13.74 11.54 8.49
CA GLY B 69 -14.85 11.04 7.67
C GLY B 69 -14.51 11.00 6.19
N GLN B 70 -13.23 11.12 5.87
CA GLN B 70 -12.78 11.09 4.49
C GLN B 70 -11.82 9.93 4.24
N LEU B 71 -11.26 9.88 3.03
CA LEU B 71 -10.32 8.84 2.66
C LEU B 71 -9.01 9.05 3.43
N ASP B 72 -7.86 8.83 2.79
CA ASP B 72 -6.57 9.01 3.45
C ASP B 72 -5.43 8.55 2.56
N PHE B 73 -4.21 8.85 2.97
CA PHE B 73 -3.03 8.47 2.21
C PHE B 73 -2.95 6.94 2.06
N GLN B 74 -2.85 6.24 3.18
CA GLN B 74 -2.78 4.78 3.13
C GLN B 74 -4.10 4.20 2.66
N GLU B 75 -5.21 4.89 2.92
CA GLU B 75 -6.52 4.42 2.52
C GLU B 75 -6.46 3.91 1.08
N PHE B 76 -5.74 4.63 0.25
CA PHE B 76 -5.58 4.24 -1.14
C PHE B 76 -4.66 3.03 -1.22
N LEU B 77 -3.49 3.14 -0.62
CA LEU B 77 -2.54 2.03 -0.60
C LEU B 77 -3.23 0.80 0.00
N ASN B 78 -4.12 1.05 0.94
CA ASN B 78 -4.89 0.00 1.60
C ASN B 78 -5.96 -0.50 0.65
N LEU B 79 -6.70 0.44 0.08
CA LEU B 79 -7.76 0.11 -0.84
C LEU B 79 -7.20 -0.54 -2.10
N ILE B 80 -6.32 0.18 -2.78
CA ILE B 80 -5.69 -0.33 -4.01
C ILE B 80 -4.80 -1.53 -3.71
N GLY B 81 -3.96 -1.42 -2.68
CA GLY B 81 -3.09 -2.51 -2.32
C GLY B 81 -3.92 -3.75 -2.06
N GLY B 82 -4.94 -3.60 -1.24
CA GLY B 82 -5.84 -4.71 -0.96
C GLY B 82 -6.43 -5.29 -2.23
N LEU B 83 -6.59 -4.44 -3.25
CA LEU B 83 -7.14 -4.88 -4.53
C LEU B 83 -6.18 -5.83 -5.22
N ALA B 84 -4.92 -5.45 -5.25
CA ALA B 84 -3.89 -6.28 -5.87
C ALA B 84 -3.89 -7.67 -5.25
N VAL B 85 -4.17 -7.74 -3.96
CA VAL B 85 -4.20 -9.00 -3.25
C VAL B 85 -5.55 -9.69 -3.39
N ALA B 86 -6.55 -8.91 -3.79
CA ALA B 86 -7.89 -9.45 -3.96
C ALA B 86 -8.34 -9.35 -5.42
N CYS B 87 -7.38 -9.17 -6.32
CA CYS B 87 -7.70 -9.05 -7.73
C CYS B 87 -6.47 -9.23 -8.63
N HIS B 88 -5.28 -8.84 -8.15
CA HIS B 88 -4.07 -8.98 -8.97
C HIS B 88 -3.48 -10.39 -8.86
N GLU B 89 -4.30 -11.41 -9.08
CA GLU B 89 -3.87 -12.80 -9.03
C GLU B 89 -2.86 -13.06 -7.91
N SER B 90 -3.00 -12.32 -6.81
CA SER B 90 -2.10 -12.49 -5.68
C SER B 90 -2.69 -13.46 -4.66
N PHE B 91 -3.79 -13.06 -4.03
CA PHE B 91 -4.46 -13.90 -3.05
C PHE B 91 -5.73 -14.50 -3.64
N VAL B 92 -6.40 -13.73 -4.48
CA VAL B 92 -7.63 -14.19 -5.13
C VAL B 92 -7.38 -15.47 -5.92
N LYS B 93 -6.18 -15.59 -6.48
CA LYS B 93 -5.81 -16.77 -7.25
C LYS B 93 -5.74 -18.00 -6.36
N ALA B 94 -5.67 -17.78 -5.05
CA ALA B 94 -5.59 -18.89 -4.10
C ALA B 94 -6.52 -18.66 -2.90
N ALA B 95 -7.81 -18.51 -3.18
CA ALA B 95 -8.79 -18.30 -2.13
C ALA B 95 -9.93 -19.31 -2.22
N PRO B 96 -9.63 -20.61 -2.00
CA PRO B 96 -10.64 -21.68 -2.07
C PRO B 96 -11.79 -21.47 -1.07
N PRO B 97 -11.46 -21.17 0.20
CA PRO B 97 -12.48 -20.95 1.24
C PRO B 97 -13.11 -19.56 1.16
N GLN B 98 -12.61 -18.74 0.24
CA GLN B 98 -13.13 -17.38 0.08
C GLN B 98 -14.26 -17.34 -0.95
N LYS B 99 -14.74 -18.51 -1.35
CA LYS B 99 -15.81 -18.60 -2.33
C LYS B 99 -15.46 -17.83 -3.60
N ARG B 100 -16.36 -17.89 -4.59
CA ARG B 100 -16.14 -17.20 -5.85
C ARG B 100 -17.06 -15.98 -5.97
N PHE B 101 -18.22 -16.07 -5.36
CA PHE B 101 -19.20 -14.98 -5.39
C PHE B 101 -20.18 -15.09 -4.24
N SER A 1 2.20 -5.12 -22.74
CA SER A 1 3.29 -4.48 -21.95
C SER A 1 3.01 -3.00 -21.74
N ARG A 2 3.47 -2.47 -20.62
CA ARG A 2 3.28 -1.05 -20.30
C ARG A 2 1.80 -0.70 -20.24
N PRO A 3 1.06 -1.30 -19.27
CA PRO A 3 -0.38 -1.05 -19.11
C PRO A 3 -0.67 0.40 -18.73
N THR A 4 -1.42 0.62 -17.64
CA THR A 4 -1.76 1.96 -17.20
C THR A 4 -0.80 2.45 -16.13
N GLU A 5 -0.71 3.77 -16.02
CA GLU A 5 0.17 4.42 -15.06
C GLU A 5 0.09 3.76 -13.68
N THR A 6 -1.13 3.53 -13.20
CA THR A 6 -1.31 2.92 -11.90
C THR A 6 -0.85 1.47 -11.91
N GLU A 7 -1.03 0.80 -13.06
CA GLU A 7 -0.63 -0.59 -13.21
C GLU A 7 0.83 -0.78 -12.78
N ARG A 8 1.69 0.11 -13.26
CA ARG A 8 3.10 0.06 -12.91
C ARG A 8 3.29 0.37 -11.42
N CYS A 9 2.37 1.14 -10.86
CA CYS A 9 2.42 1.53 -9.45
C CYS A 9 2.15 0.33 -8.53
N ILE A 10 0.98 -0.27 -8.68
CA ILE A 10 0.60 -1.40 -7.84
C ILE A 10 1.70 -2.45 -7.80
N GLU A 11 2.11 -2.93 -8.96
CA GLU A 11 3.15 -3.96 -9.05
C GLU A 11 4.40 -3.57 -8.27
N SER A 12 4.62 -2.27 -8.12
CA SER A 12 5.79 -1.79 -7.40
C SER A 12 5.79 -2.25 -5.94
N LEU A 13 4.72 -1.92 -5.20
CA LEU A 13 4.62 -2.28 -3.79
C LEU A 13 4.30 -3.75 -3.54
N ILE A 14 3.62 -4.40 -4.47
CA ILE A 14 3.30 -5.80 -4.30
C ILE A 14 4.54 -6.65 -4.34
N ALA A 15 5.45 -6.25 -5.20
CA ALA A 15 6.67 -6.99 -5.42
C ALA A 15 7.68 -6.78 -4.31
N VAL A 16 7.70 -5.60 -3.71
CA VAL A 16 8.60 -5.34 -2.60
C VAL A 16 8.40 -6.45 -1.58
N PHE A 17 7.14 -6.84 -1.44
CA PHE A 17 6.75 -7.91 -0.53
C PHE A 17 7.09 -9.28 -1.14
N GLN A 18 6.52 -9.55 -2.31
CA GLN A 18 6.76 -10.83 -3.01
C GLN A 18 8.24 -11.16 -3.10
N LYS A 19 9.10 -10.15 -3.07
CA LYS A 19 10.53 -10.40 -3.17
C LYS A 19 11.04 -11.14 -1.95
N TYR A 20 10.75 -10.61 -0.76
CA TYR A 20 11.15 -11.26 0.48
C TYR A 20 10.17 -12.36 0.83
N ALA A 21 8.90 -12.05 0.59
CA ALA A 21 7.79 -12.95 0.87
C ALA A 21 7.77 -14.14 -0.08
N GLY A 22 8.30 -13.94 -1.29
CA GLY A 22 8.33 -15.01 -2.26
C GLY A 22 9.72 -15.27 -2.80
N LYS A 23 10.18 -16.51 -2.67
CA LYS A 23 11.50 -16.89 -3.15
C LYS A 23 11.51 -18.34 -3.62
N ASP A 24 10.36 -18.81 -4.10
CA ASP A 24 10.25 -20.18 -4.60
C ASP A 24 8.96 -20.36 -5.39
N GLY A 25 8.52 -19.30 -6.06
CA GLY A 25 7.32 -19.37 -6.86
C GLY A 25 6.10 -18.88 -6.09
N HIS A 26 5.78 -19.56 -4.99
CA HIS A 26 4.63 -19.18 -4.17
C HIS A 26 4.96 -18.00 -3.27
N SER A 27 3.94 -17.24 -2.89
CA SER A 27 4.11 -16.07 -2.04
C SER A 27 2.79 -15.66 -1.40
N VAL A 28 2.71 -15.77 -0.07
CA VAL A 28 1.51 -15.41 0.65
C VAL A 28 1.82 -14.56 1.88
N THR A 29 2.88 -14.94 2.60
CA THR A 29 3.28 -14.21 3.80
C THR A 29 4.79 -13.98 3.82
N LEU A 30 5.19 -12.93 4.53
CA LEU A 30 6.60 -12.59 4.66
C LEU A 30 7.07 -12.84 6.09
N SER A 31 7.84 -11.91 6.66
CA SER A 31 8.32 -12.04 8.04
C SER A 31 8.92 -10.74 8.53
N LYS A 32 8.54 -10.35 9.74
CA LYS A 32 9.03 -9.11 10.34
C LYS A 32 10.56 -9.02 10.23
N THR A 33 11.23 -10.14 10.45
CA THR A 33 12.68 -10.20 10.38
C THR A 33 13.16 -10.01 8.94
N GLU A 34 12.52 -10.73 8.01
CA GLU A 34 12.91 -10.62 6.61
C GLU A 34 12.78 -9.17 6.14
N PHE A 35 11.84 -8.45 6.75
CA PHE A 35 11.62 -7.05 6.41
C PHE A 35 12.81 -6.20 6.88
N LEU A 36 13.46 -6.65 7.95
CA LEU A 36 14.61 -5.96 8.51
C LEU A 36 15.65 -5.67 7.44
N SER A 37 16.11 -6.74 6.83
CA SER A 37 17.13 -6.64 5.81
C SER A 37 16.68 -5.74 4.66
N PHE A 38 15.47 -5.94 4.19
CA PHE A 38 14.92 -5.14 3.10
C PHE A 38 14.92 -3.67 3.46
N MET A 39 14.37 -3.35 4.62
CA MET A 39 14.32 -1.96 5.08
C MET A 39 15.73 -1.42 5.29
N ASN A 40 16.65 -2.29 5.65
CA ASN A 40 18.04 -1.89 5.87
C ASN A 40 18.74 -1.62 4.54
N THR A 41 18.17 -2.15 3.46
CA THR A 41 18.75 -1.97 2.13
C THR A 41 17.79 -1.24 1.19
N GLU A 42 16.84 -2.00 0.65
CA GLU A 42 15.85 -1.45 -0.28
C GLU A 42 15.26 -0.14 0.22
N LEU A 43 15.03 -0.05 1.52
CA LEU A 43 14.47 1.17 2.11
C LEU A 43 15.28 1.61 3.32
N ALA A 44 16.59 1.70 3.14
CA ALA A 44 17.48 2.10 4.21
C ALA A 44 17.49 3.62 4.39
N ALA A 45 17.37 4.34 3.27
CA ALA A 45 17.36 5.80 3.29
C ALA A 45 16.25 6.32 4.20
N PHE A 46 15.21 5.52 4.38
CA PHE A 46 14.08 5.91 5.23
C PHE A 46 14.28 5.43 6.67
N THR A 47 15.52 5.04 6.99
CA THR A 47 15.84 4.57 8.33
C THR A 47 17.20 5.12 8.78
N LYS A 48 18.15 5.11 7.86
CA LYS A 48 19.50 5.61 8.15
C LYS A 48 19.46 7.08 8.55
N ASN A 49 19.41 7.33 9.86
CA ASN A 49 19.37 8.70 10.37
C ASN A 49 18.16 9.44 9.82
N GLN A 50 17.03 9.30 10.50
CA GLN A 50 15.79 9.95 10.08
C GLN A 50 15.23 10.82 11.21
N LYS A 51 14.82 12.03 10.87
CA LYS A 51 14.26 12.96 11.86
C LYS A 51 13.04 12.35 12.53
N ASP A 52 12.35 11.46 11.82
CA ASP A 52 11.16 10.80 12.35
C ASP A 52 11.49 9.40 12.87
N PRO A 53 11.57 9.23 14.20
CA PRO A 53 11.89 7.93 14.81
C PRO A 53 10.67 7.02 14.91
N GLY A 54 9.54 7.45 14.35
CA GLY A 54 8.33 6.66 14.39
C GLY A 54 8.02 5.99 13.06
N VAL A 55 8.71 6.39 12.01
CA VAL A 55 8.50 5.83 10.68
C VAL A 55 8.59 4.31 10.70
N LEU A 56 9.76 3.79 11.11
CA LEU A 56 9.98 2.37 11.18
C LEU A 56 9.12 1.74 12.27
N ASP A 57 9.21 2.31 13.46
CA ASP A 57 8.44 1.83 14.61
C ASP A 57 6.95 1.77 14.30
N ARG A 58 6.52 2.63 13.38
CA ARG A 58 5.11 2.67 12.98
C ARG A 58 4.69 1.33 12.37
N MET A 59 5.50 0.82 11.45
CA MET A 59 5.20 -0.45 10.80
C MET A 59 5.33 -1.61 11.78
N MET A 60 6.48 -1.70 12.42
CA MET A 60 6.72 -2.78 13.39
C MET A 60 5.72 -2.73 14.52
N LYS A 61 5.19 -1.53 14.78
CA LYS A 61 4.21 -1.35 15.84
C LYS A 61 2.96 -2.18 15.57
N LYS A 62 2.32 -1.92 14.43
CA LYS A 62 1.11 -2.64 14.06
C LYS A 62 1.43 -4.01 13.45
N LEU A 63 2.72 -4.28 13.24
CA LEU A 63 3.14 -5.55 12.65
C LEU A 63 3.18 -6.67 13.69
N ASP A 64 2.74 -6.36 14.91
CA ASP A 64 2.73 -7.37 15.98
C ASP A 64 1.95 -8.61 15.57
N LEU A 65 2.64 -9.51 14.87
CA LEU A 65 2.02 -10.75 14.40
C LEU A 65 1.79 -11.71 15.56
N ASN A 66 0.52 -12.02 15.82
CA ASN A 66 0.17 -12.93 16.90
C ASN A 66 -0.42 -14.23 16.34
N SER A 67 -1.30 -14.08 15.36
CA SER A 67 -1.94 -15.24 14.74
C SER A 67 -1.26 -15.60 13.42
N ASP A 68 -1.48 -16.83 12.96
CA ASP A 68 -0.89 -17.31 11.72
C ASP A 68 0.59 -17.65 11.92
N GLY A 69 1.34 -16.70 12.46
CA GLY A 69 2.75 -16.92 12.68
C GLY A 69 3.61 -16.43 11.53
N GLN A 70 3.07 -15.50 10.75
CA GLN A 70 3.79 -14.95 9.61
C GLN A 70 3.28 -13.56 9.25
N LEU A 71 4.04 -12.87 8.38
CA LEU A 71 3.66 -11.54 7.95
C LEU A 71 2.35 -11.60 7.15
N ASP A 72 2.26 -10.96 5.99
CA ASP A 72 1.03 -10.99 5.20
C ASP A 72 1.15 -10.13 3.95
N PHE A 73 0.02 -9.95 3.26
CA PHE A 73 -0.03 -9.14 2.06
C PHE A 73 -0.03 -7.66 2.36
N GLN A 74 -0.98 -7.22 3.19
CA GLN A 74 -1.06 -5.81 3.55
C GLN A 74 -0.02 -5.47 4.59
N GLU A 75 0.33 -6.45 5.43
CA GLU A 75 1.33 -6.23 6.47
C GLU A 75 2.53 -5.49 5.89
N PHE A 76 2.83 -5.75 4.62
CA PHE A 76 3.93 -5.09 3.94
C PHE A 76 3.49 -3.72 3.48
N LEU A 77 2.40 -3.67 2.73
CA LEU A 77 1.86 -2.41 2.24
C LEU A 77 1.60 -1.47 3.42
N ASN A 78 1.21 -2.07 4.54
CA ASN A 78 0.96 -1.32 5.76
C ASN A 78 2.29 -0.94 6.38
N LEU A 79 3.24 -1.87 6.33
CA LEU A 79 4.57 -1.61 6.87
C LEU A 79 5.25 -0.50 6.09
N ILE A 80 5.38 -0.70 4.77
CA ILE A 80 6.00 0.29 3.90
C ILE A 80 5.08 1.48 3.69
N GLY A 81 3.79 1.22 3.45
CA GLY A 81 2.84 2.28 3.26
C GLY A 81 2.90 3.28 4.39
N GLY A 82 2.84 2.78 5.62
CA GLY A 82 2.92 3.66 6.78
C GLY A 82 4.14 4.56 6.69
N LEU A 83 5.24 4.03 6.14
CA LEU A 83 6.46 4.82 5.99
C LEU A 83 6.20 6.01 5.07
N ALA A 84 5.53 5.75 3.96
CA ALA A 84 5.22 6.81 3.00
C ALA A 84 4.46 7.93 3.68
N VAL A 85 3.62 7.57 4.63
CA VAL A 85 2.82 8.54 5.36
C VAL A 85 3.63 9.19 6.47
N ALA A 86 4.73 8.56 6.82
CA ALA A 86 5.60 9.06 7.87
C ALA A 86 6.98 9.41 7.33
N CYS A 87 7.10 9.52 6.02
CA CYS A 87 8.38 9.85 5.40
C CYS A 87 8.24 10.37 3.98
N HIS A 88 7.18 9.99 3.27
CA HIS A 88 6.99 10.46 1.89
C HIS A 88 6.12 11.71 1.82
N GLU A 89 6.14 12.50 2.88
CA GLU A 89 5.37 13.74 2.92
C GLU A 89 3.86 13.51 2.74
N SER A 90 3.42 12.27 2.90
CA SER A 90 1.99 11.96 2.76
C SER A 90 1.22 12.50 3.95
N PHE A 91 1.70 12.17 5.15
CA PHE A 91 1.08 12.63 6.38
C PHE A 91 2.01 13.59 7.10
N VAL A 92 3.31 13.27 7.06
CA VAL A 92 4.32 14.10 7.71
C VAL A 92 4.31 15.52 7.15
N LYS A 93 3.83 15.66 5.91
CA LYS A 93 3.76 16.96 5.26
C LYS A 93 2.53 17.74 5.71
N ALA A 94 1.70 17.12 6.56
CA ALA A 94 0.49 17.77 7.05
C ALA A 94 0.83 18.86 8.06
N ALA A 95 1.91 18.66 8.81
CA ALA A 95 2.32 19.63 9.82
C ALA A 95 3.85 19.76 9.86
N PRO A 96 4.47 20.16 8.73
CA PRO A 96 5.93 20.33 8.64
C PRO A 96 6.48 21.33 9.65
N PRO A 97 5.84 22.53 9.76
CA PRO A 97 6.28 23.57 10.68
C PRO A 97 5.79 23.36 12.10
N GLN A 98 4.76 22.53 12.26
CA GLN A 98 4.20 22.25 13.58
C GLN A 98 5.28 21.88 14.58
N LYS A 99 5.54 22.78 15.53
CA LYS A 99 6.56 22.56 16.54
C LYS A 99 6.24 21.31 17.37
N ARG A 100 7.07 21.05 18.38
CA ARG A 100 6.88 19.88 19.24
C ARG A 100 7.32 20.18 20.66
N PHE A 101 6.51 20.94 21.38
CA PHE A 101 6.81 21.30 22.76
C PHE A 101 8.12 22.08 22.83
N SER B 1 18.19 12.35 -8.07
CA SER B 1 17.17 11.73 -8.96
C SER B 1 17.41 10.23 -9.12
N ARG B 2 16.33 9.48 -9.31
CA ARG B 2 16.41 8.04 -9.48
C ARG B 2 17.05 7.38 -8.25
N PRO B 3 16.38 7.48 -7.09
CA PRO B 3 16.88 6.90 -5.83
C PRO B 3 16.96 5.37 -5.89
N THR B 4 16.35 4.68 -4.93
CA THR B 4 16.38 3.22 -4.89
C THR B 4 15.14 2.64 -5.55
N GLU B 5 15.27 1.40 -5.99
CA GLU B 5 14.21 0.67 -6.65
C GLU B 5 12.87 0.83 -5.91
N THR B 6 12.90 0.64 -4.60
CA THR B 6 11.70 0.76 -3.79
C THR B 6 11.22 2.21 -3.76
N GLU B 7 12.17 3.15 -3.78
CA GLU B 7 11.84 4.58 -3.75
C GLU B 7 10.82 4.91 -4.83
N ARG B 8 11.08 4.41 -6.03
CA ARG B 8 10.17 4.65 -7.15
C ARG B 8 8.84 3.93 -6.92
N CYS B 9 8.89 2.85 -6.14
CA CYS B 9 7.69 2.06 -5.84
C CYS B 9 6.75 2.81 -4.91
N ILE B 10 7.23 3.18 -3.73
CA ILE B 10 6.42 3.89 -2.75
C ILE B 10 5.70 5.08 -3.39
N GLU B 11 6.47 5.97 -3.99
CA GLU B 11 5.91 7.16 -4.62
C GLU B 11 4.78 6.82 -5.58
N SER B 12 4.81 5.62 -6.14
CA SER B 12 3.80 5.19 -7.07
C SER B 12 2.41 5.15 -6.44
N LEU B 13 2.26 4.40 -5.35
CA LEU B 13 0.98 4.26 -4.68
C LEU B 13 0.58 5.48 -3.84
N ILE B 14 1.55 6.23 -3.35
CA ILE B 14 1.25 7.40 -2.57
C ILE B 14 0.58 8.47 -3.41
N ALA B 15 1.05 8.56 -4.63
CA ALA B 15 0.59 9.56 -5.56
C ALA B 15 -0.77 9.24 -6.15
N VAL B 16 -1.06 7.95 -6.32
CA VAL B 16 -2.36 7.56 -6.83
C VAL B 16 -3.41 8.22 -5.96
N PHE B 17 -3.10 8.28 -4.67
CA PHE B 17 -3.97 8.90 -3.68
C PHE B 17 -3.84 10.42 -3.76
N GLN B 18 -2.63 10.94 -3.57
CA GLN B 18 -2.38 12.38 -3.61
C GLN B 18 -2.97 13.03 -4.85
N LYS B 19 -3.16 12.26 -5.91
CA LYS B 19 -3.71 12.82 -7.14
C LYS B 19 -5.16 13.22 -6.94
N TYR B 20 -5.97 12.30 -6.45
CA TYR B 20 -7.38 12.60 -6.19
C TYR B 20 -7.51 13.30 -4.85
N ALA B 21 -6.71 12.83 -3.90
CA ALA B 21 -6.69 13.34 -2.54
C ALA B 21 -6.08 14.74 -2.47
N GLY B 22 -5.19 15.04 -3.41
CA GLY B 22 -4.55 16.35 -3.44
C GLY B 22 -4.71 17.04 -4.77
N LYS B 23 -5.27 18.25 -4.74
CA LYS B 23 -5.48 19.03 -5.95
C LYS B 23 -5.36 20.52 -5.68
N ASP B 24 -4.55 20.87 -4.67
CA ASP B 24 -4.36 22.26 -4.30
C ASP B 24 -3.16 22.41 -3.37
N GLY B 25 -2.17 21.55 -3.56
CA GLY B 25 -0.97 21.61 -2.73
C GLY B 25 -1.05 20.67 -1.54
N HIS B 26 -2.03 20.88 -0.67
CA HIS B 26 -2.21 20.05 0.51
C HIS B 26 -2.89 18.73 0.14
N SER B 27 -2.65 17.70 0.95
CA SER B 27 -3.23 16.39 0.71
C SER B 27 -3.17 15.53 1.97
N VAL B 28 -4.33 15.20 2.52
CA VAL B 28 -4.40 14.39 3.73
C VAL B 28 -5.45 13.27 3.60
N THR B 29 -6.60 13.61 3.02
CA THR B 29 -7.68 12.65 2.84
C THR B 29 -8.27 12.74 1.45
N LEU B 30 -8.85 11.64 0.99
CA LEU B 30 -9.47 11.57 -0.31
C LEU B 30 -10.99 11.44 -0.18
N SER B 31 -11.63 10.56 -0.95
CA SER B 31 -13.07 10.37 -0.87
C SER B 31 -13.48 9.12 -1.63
N LYS B 32 -14.32 8.30 -1.01
CA LYS B 32 -14.80 7.07 -1.64
C LYS B 32 -15.31 7.33 -3.05
N THR B 33 -16.01 8.44 -3.22
CA THR B 33 -16.56 8.82 -4.51
C THR B 33 -15.44 9.20 -5.48
N GLU B 34 -14.51 10.03 -5.01
CA GLU B 34 -13.40 10.44 -5.86
C GLU B 34 -12.63 9.22 -6.36
N PHE B 35 -12.64 8.16 -5.55
CA PHE B 35 -11.95 6.93 -5.91
C PHE B 35 -12.69 6.25 -7.07
N LEU B 36 -14.00 6.47 -7.14
CA LEU B 36 -14.82 5.89 -8.20
C LEU B 36 -14.25 6.17 -9.56
N SER B 37 -14.12 7.45 -9.85
CA SER B 37 -13.61 7.89 -11.13
C SER B 37 -12.22 7.32 -11.41
N PHE B 38 -11.34 7.41 -10.41
CA PHE B 38 -9.98 6.89 -10.55
C PHE B 38 -9.99 5.41 -10.90
N MET B 39 -10.73 4.63 -10.12
CA MET B 39 -10.84 3.20 -10.35
C MET B 39 -11.49 2.92 -11.70
N ASN B 40 -12.37 3.81 -12.12
CA ASN B 40 -13.06 3.67 -13.40
C ASN B 40 -12.11 3.97 -14.56
N THR B 41 -11.02 4.68 -14.26
CA THR B 41 -10.06 5.06 -15.28
C THR B 41 -8.67 4.48 -14.98
N GLU B 42 -7.95 5.15 -14.08
CA GLU B 42 -6.60 4.73 -13.69
C GLU B 42 -6.53 3.23 -13.41
N LEU B 43 -7.56 2.69 -12.79
CA LEU B 43 -7.61 1.26 -12.47
C LEU B 43 -8.92 0.65 -12.93
N ALA B 44 -9.28 0.88 -14.18
CA ALA B 44 -10.53 0.36 -14.73
C ALA B 44 -10.37 -1.10 -15.16
N ALA B 45 -9.18 -1.44 -15.65
CA ALA B 45 -8.90 -2.80 -16.10
C ALA B 45 -9.13 -3.79 -14.97
N PHE B 46 -9.02 -3.32 -13.73
CA PHE B 46 -9.23 -4.19 -12.56
C PHE B 46 -10.68 -4.15 -12.10
N THR B 47 -11.57 -3.64 -12.96
CA THR B 47 -12.98 -3.56 -12.65
C THR B 47 -13.82 -3.93 -13.87
N LYS B 48 -13.41 -3.42 -15.03
CA LYS B 48 -14.11 -3.70 -16.28
C LYS B 48 -14.14 -5.19 -16.57
N ASN B 49 -15.23 -5.85 -16.17
CA ASN B 49 -15.39 -7.28 -16.39
C ASN B 49 -14.25 -8.06 -15.74
N GLN B 50 -14.41 -8.37 -14.44
CA GLN B 50 -13.40 -9.10 -13.70
C GLN B 50 -13.99 -10.38 -13.09
N LYS B 51 -13.26 -11.48 -13.23
CA LYS B 51 -13.71 -12.76 -12.69
C LYS B 51 -13.93 -12.67 -11.18
N ASP B 52 -13.20 -11.76 -10.53
CA ASP B 52 -13.32 -11.57 -9.09
C ASP B 52 -14.20 -10.36 -8.77
N PRO B 53 -15.45 -10.60 -8.34
CA PRO B 53 -16.39 -9.53 -7.99
C PRO B 53 -16.17 -8.96 -6.59
N GLY B 54 -15.11 -9.43 -5.93
CA GLY B 54 -14.81 -8.95 -4.59
C GLY B 54 -13.65 -7.98 -4.54
N VAL B 55 -12.91 -7.89 -5.65
CA VAL B 55 -11.77 -6.99 -5.73
C VAL B 55 -12.15 -5.56 -5.34
N LEU B 56 -13.09 -4.98 -6.07
CA LEU B 56 -13.55 -3.63 -5.79
C LEU B 56 -14.29 -3.58 -4.46
N ASP B 57 -15.27 -4.46 -4.32
CA ASP B 57 -16.07 -4.53 -3.10
C ASP B 57 -15.18 -4.69 -1.86
N ARG B 58 -14.00 -5.28 -2.06
CA ARG B 58 -13.07 -5.49 -0.97
C ARG B 58 -12.62 -4.15 -0.38
N MET B 59 -12.25 -3.21 -1.24
CA MET B 59 -11.81 -1.90 -0.80
C MET B 59 -12.97 -1.10 -0.21
N MET B 60 -14.04 -0.97 -0.98
CA MET B 60 -15.22 -0.24 -0.54
C MET B 60 -15.80 -0.85 0.71
N LYS B 61 -15.57 -2.14 0.90
CA LYS B 61 -16.06 -2.86 2.07
C LYS B 61 -15.48 -2.25 3.35
N LYS B 62 -14.16 -2.28 3.45
CA LYS B 62 -13.47 -1.74 4.63
C LYS B 62 -13.35 -0.22 4.56
N LEU B 63 -13.74 0.37 3.43
CA LEU B 63 -13.66 1.82 3.26
C LEU B 63 -14.84 2.53 3.92
N ASP B 64 -15.68 1.78 4.64
CA ASP B 64 -16.83 2.36 5.32
C ASP B 64 -16.39 3.49 6.26
N LEU B 65 -16.25 4.69 5.70
CA LEU B 65 -15.83 5.85 6.48
C LEU B 65 -16.96 6.34 7.37
N ASN B 66 -16.74 6.27 8.68
CA ASN B 66 -17.74 6.72 9.66
C ASN B 66 -17.27 7.95 10.39
N SER B 67 -16.00 7.95 10.79
CA SER B 67 -15.43 9.09 11.51
C SER B 67 -14.62 9.97 10.57
N ASP B 68 -14.38 11.21 11.01
CA ASP B 68 -13.63 12.17 10.20
C ASP B 68 -14.49 12.73 9.08
N GLY B 69 -15.06 11.84 8.29
CA GLY B 69 -15.90 12.26 7.18
C GLY B 69 -15.14 12.35 5.88
N GLN B 70 -14.03 11.62 5.81
CA GLN B 70 -13.19 11.62 4.61
C GLN B 70 -12.38 10.35 4.49
N LEU B 71 -11.78 10.13 3.32
CA LEU B 71 -10.96 8.95 3.07
C LEU B 71 -9.73 8.99 4.00
N ASP B 72 -8.52 8.74 3.47
CA ASP B 72 -7.32 8.76 4.31
C ASP B 72 -6.08 8.38 3.51
N PHE B 73 -4.97 8.20 4.23
CA PHE B 73 -3.71 7.82 3.59
C PHE B 73 -3.68 6.34 3.23
N GLN B 74 -3.92 5.48 4.22
CA GLN B 74 -3.91 4.05 3.97
C GLN B 74 -5.20 3.63 3.29
N GLU B 75 -6.29 4.33 3.59
CA GLU B 75 -7.58 4.01 2.97
C GLU B 75 -7.41 3.76 1.48
N PHE B 76 -6.46 4.48 0.88
CA PHE B 76 -6.18 4.29 -0.54
C PHE B 76 -5.30 3.07 -0.75
N LEU B 77 -4.17 3.04 -0.05
CA LEU B 77 -3.25 1.91 -0.13
C LEU B 77 -3.99 0.62 0.22
N ASN B 78 -4.96 0.74 1.13
CA ASN B 78 -5.78 -0.38 1.53
C ASN B 78 -6.80 -0.67 0.43
N LEU B 79 -7.34 0.41 -0.14
CA LEU B 79 -8.32 0.28 -1.21
C LEU B 79 -7.66 -0.36 -2.43
N ILE B 80 -6.60 0.27 -2.92
CA ILE B 80 -5.88 -0.25 -4.08
C ILE B 80 -5.06 -1.48 -3.71
N GLY B 81 -4.38 -1.41 -2.57
CA GLY B 81 -3.58 -2.56 -2.12
C GLY B 81 -4.41 -3.82 -2.11
N GLY B 82 -5.57 -3.75 -1.48
CA GLY B 82 -6.46 -4.91 -1.44
C GLY B 82 -6.70 -5.46 -2.83
N LEU B 83 -6.77 -4.58 -3.83
CA LEU B 83 -6.98 -5.01 -5.20
C LEU B 83 -5.82 -5.87 -5.66
N ALA B 84 -4.60 -5.41 -5.37
CA ALA B 84 -3.40 -6.16 -5.75
C ALA B 84 -3.46 -7.58 -5.20
N VAL B 85 -4.02 -7.71 -4.01
CA VAL B 85 -4.14 -9.01 -3.36
C VAL B 85 -5.32 -9.79 -3.91
N ALA B 86 -6.22 -9.08 -4.56
CA ALA B 86 -7.41 -9.70 -5.13
C ALA B 86 -7.44 -9.57 -6.66
N CYS B 87 -6.29 -9.24 -7.24
CA CYS B 87 -6.21 -9.07 -8.68
C CYS B 87 -4.77 -9.15 -9.22
N HIS B 88 -3.79 -8.80 -8.39
CA HIS B 88 -2.40 -8.82 -8.84
C HIS B 88 -1.70 -10.15 -8.49
N GLU B 89 -2.49 -11.22 -8.38
CA GLU B 89 -1.95 -12.53 -8.08
C GLU B 89 -1.22 -12.57 -6.73
N SER B 90 -1.44 -11.56 -5.89
CA SER B 90 -0.78 -11.53 -4.59
C SER B 90 -1.42 -12.56 -3.67
N PHE B 91 -2.74 -12.53 -3.58
CA PHE B 91 -3.48 -13.48 -2.75
C PHE B 91 -4.31 -14.40 -3.65
N VAL B 92 -4.88 -13.83 -4.69
CA VAL B 92 -5.68 -14.59 -5.64
C VAL B 92 -4.89 -15.72 -6.26
N LYS B 93 -3.57 -15.56 -6.30
CA LYS B 93 -2.69 -16.59 -6.87
C LYS B 93 -2.42 -17.70 -5.87
N ALA B 94 -2.95 -17.57 -4.66
CA ALA B 94 -2.75 -18.57 -3.62
C ALA B 94 -3.57 -19.83 -3.92
N ALA B 95 -4.72 -19.66 -4.56
CA ALA B 95 -5.58 -20.79 -4.90
C ALA B 95 -6.22 -20.60 -6.27
N PRO B 96 -5.40 -20.49 -7.33
CA PRO B 96 -5.89 -20.31 -8.70
C PRO B 96 -6.80 -21.46 -9.16
N PRO B 97 -6.38 -22.71 -8.94
CA PRO B 97 -7.16 -23.88 -9.35
C PRO B 97 -8.26 -24.24 -8.35
N GLN B 98 -8.15 -23.73 -7.13
CA GLN B 98 -9.15 -24.01 -6.09
C GLN B 98 -10.56 -23.75 -6.60
N LYS B 99 -11.32 -24.83 -6.80
CA LYS B 99 -12.68 -24.73 -7.28
C LYS B 99 -13.55 -23.90 -6.33
N ARG B 100 -14.83 -23.79 -6.64
CA ARG B 100 -15.76 -23.03 -5.81
C ARG B 100 -17.15 -23.66 -5.81
N PHE B 101 -17.28 -24.76 -5.08
CA PHE B 101 -18.56 -25.47 -4.99
C PHE B 101 -19.01 -25.94 -6.37
N SER A 1 5.92 1.56 -18.27
CA SER A 1 6.69 0.53 -19.02
C SER A 1 5.91 0.05 -20.24
N ARG A 2 4.58 0.09 -20.16
CA ARG A 2 3.72 -0.33 -21.25
C ARG A 2 2.25 -0.17 -20.89
N PRO A 3 1.83 -0.70 -19.74
CA PRO A 3 0.44 -0.61 -19.28
C PRO A 3 0.07 0.80 -18.83
N THR A 4 -0.59 0.93 -17.69
CA THR A 4 -1.00 2.24 -17.16
C THR A 4 -0.12 2.65 -16.00
N GLU A 5 0.00 3.96 -15.82
CA GLU A 5 0.81 4.55 -14.77
C GLU A 5 0.58 3.83 -13.43
N THR A 6 -0.69 3.64 -13.07
CA THR A 6 -1.03 2.96 -11.83
C THR A 6 -0.57 1.51 -11.88
N GLU A 7 -0.76 0.88 -13.04
CA GLU A 7 -0.36 -0.51 -13.22
C GLU A 7 1.08 -0.71 -12.80
N ARG A 8 1.90 0.32 -12.99
CA ARG A 8 3.30 0.25 -12.62
C ARG A 8 3.48 0.47 -11.11
N CYS A 9 2.56 1.21 -10.51
CA CYS A 9 2.62 1.49 -9.07
C CYS A 9 2.25 0.27 -8.25
N ILE A 10 1.23 -0.46 -8.70
CA ILE A 10 0.76 -1.64 -7.99
C ILE A 10 1.79 -2.76 -8.02
N GLU A 11 2.19 -3.15 -9.22
CA GLU A 11 3.16 -4.23 -9.40
C GLU A 11 4.41 -4.03 -8.56
N SER A 12 4.76 -2.80 -8.27
CA SER A 12 5.95 -2.51 -7.48
C SER A 12 5.79 -2.89 -6.01
N LEU A 13 4.77 -2.35 -5.34
CA LEU A 13 4.54 -2.63 -3.93
C LEU A 13 4.20 -4.10 -3.66
N ILE A 14 3.62 -4.77 -4.64
CA ILE A 14 3.28 -6.17 -4.49
C ILE A 14 4.52 -7.01 -4.44
N ALA A 15 5.48 -6.60 -5.24
CA ALA A 15 6.71 -7.33 -5.40
C ALA A 15 7.65 -7.12 -4.23
N VAL A 16 7.72 -5.90 -3.72
CA VAL A 16 8.54 -5.62 -2.57
C VAL A 16 8.21 -6.64 -1.48
N PHE A 17 6.94 -7.02 -1.45
CA PHE A 17 6.44 -7.97 -0.48
C PHE A 17 6.73 -9.43 -0.84
N GLN A 18 6.25 -9.87 -2.00
CA GLN A 18 6.42 -11.27 -2.42
C GLN A 18 7.86 -11.59 -2.80
N LYS A 19 8.64 -10.60 -3.19
CA LYS A 19 10.02 -10.86 -3.56
C LYS A 19 10.73 -11.62 -2.44
N TYR A 20 10.63 -11.07 -1.23
CA TYR A 20 11.21 -11.70 -0.06
C TYR A 20 10.29 -12.80 0.43
N ALA A 21 9.01 -12.49 0.40
CA ALA A 21 7.95 -13.39 0.85
C ALA A 21 7.88 -14.67 0.01
N GLY A 22 8.59 -14.67 -1.13
CA GLY A 22 8.58 -15.84 -1.99
C GLY A 22 9.35 -17.00 -1.38
N LYS A 23 8.84 -17.53 -0.26
CA LYS A 23 9.48 -18.65 0.41
C LYS A 23 9.11 -19.97 -0.24
N ASP A 24 7.81 -20.19 -0.42
CA ASP A 24 7.32 -21.42 -1.04
C ASP A 24 6.14 -21.13 -1.97
N GLY A 25 5.68 -22.16 -2.67
CA GLY A 25 4.57 -21.99 -3.58
C GLY A 25 3.23 -21.97 -2.87
N HIS A 26 3.17 -22.63 -1.71
CA HIS A 26 1.95 -22.69 -0.92
C HIS A 26 2.00 -21.72 0.25
N SER A 27 2.69 -20.59 0.04
CA SER A 27 2.82 -19.58 1.09
C SER A 27 2.91 -18.19 0.47
N VAL A 28 2.25 -17.22 1.11
CA VAL A 28 2.26 -15.85 0.62
C VAL A 28 2.36 -14.86 1.78
N THR A 29 3.49 -14.91 2.49
CA THR A 29 3.72 -14.02 3.62
C THR A 29 5.21 -13.70 3.77
N LEU A 30 5.53 -12.91 4.78
CA LEU A 30 6.91 -12.51 5.04
C LEU A 30 7.19 -12.54 6.55
N SER A 31 8.24 -11.86 6.98
CA SER A 31 8.58 -11.79 8.40
C SER A 31 8.95 -10.37 8.79
N LYS A 32 8.39 -9.89 9.89
CA LYS A 32 8.68 -8.53 10.36
C LYS A 32 10.18 -8.29 10.42
N THR A 33 10.90 -9.30 10.88
CA THR A 33 12.35 -9.22 10.98
C THR A 33 12.99 -9.31 9.58
N GLU A 34 12.48 -10.20 8.75
CA GLU A 34 13.02 -10.36 7.40
C GLU A 34 12.91 -9.04 6.65
N PHE A 35 11.87 -8.29 6.97
CA PHE A 35 11.64 -6.99 6.35
C PHE A 35 12.70 -5.99 6.80
N LEU A 36 13.26 -6.21 7.99
CA LEU A 36 14.28 -5.32 8.54
C LEU A 36 15.45 -5.20 7.60
N SER A 37 16.04 -6.34 7.30
CA SER A 37 17.20 -6.39 6.43
C SER A 37 16.87 -5.85 5.04
N PHE A 38 15.73 -6.26 4.50
CA PHE A 38 15.30 -5.81 3.18
C PHE A 38 15.20 -4.30 3.14
N MET A 39 14.94 -3.70 4.30
CA MET A 39 14.82 -2.25 4.41
C MET A 39 16.19 -1.58 4.39
N ASN A 40 17.04 -1.98 5.32
CA ASN A 40 18.38 -1.42 5.44
C ASN A 40 19.19 -1.59 4.14
N THR A 41 18.76 -2.52 3.29
CA THR A 41 19.48 -2.77 2.04
C THR A 41 18.86 -2.04 0.85
N GLU A 42 17.55 -1.83 0.88
CA GLU A 42 16.87 -1.19 -0.23
C GLU A 42 16.02 0.01 0.21
N LEU A 43 15.39 -0.11 1.36
CA LEU A 43 14.55 0.96 1.88
C LEU A 43 15.25 1.65 3.05
N ALA A 44 16.56 1.74 2.96
CA ALA A 44 17.37 2.37 3.99
C ALA A 44 17.27 3.88 3.91
N ALA A 45 17.05 4.39 2.70
CA ALA A 45 16.92 5.82 2.48
C ALA A 45 15.86 6.42 3.40
N PHE A 46 14.89 5.59 3.78
CA PHE A 46 13.82 6.03 4.66
C PHE A 46 14.23 5.88 6.12
N THR A 47 15.11 4.93 6.39
CA THR A 47 15.59 4.68 7.75
C THR A 47 16.74 5.62 8.11
N LYS A 48 17.55 5.96 7.12
CA LYS A 48 18.69 6.87 7.34
C LYS A 48 18.21 8.29 7.55
N ASN A 49 17.11 8.65 6.91
CA ASN A 49 16.55 9.99 7.03
C ASN A 49 15.17 9.94 7.68
N GLN A 50 15.06 9.16 8.75
CA GLN A 50 13.80 9.01 9.46
C GLN A 50 13.31 10.34 10.02
N LYS A 51 14.12 10.93 10.90
CA LYS A 51 13.77 12.20 11.51
C LYS A 51 12.46 12.09 12.28
N ASP A 52 12.16 10.86 12.72
CA ASP A 52 10.93 10.60 13.46
C ASP A 52 10.90 9.15 13.95
N PRO A 53 10.86 8.92 15.28
CA PRO A 53 10.83 7.58 15.86
C PRO A 53 9.48 6.89 15.72
N GLY A 54 8.59 7.46 14.90
CA GLY A 54 7.27 6.87 14.71
C GLY A 54 7.06 6.35 13.30
N VAL A 55 8.12 6.36 12.49
CA VAL A 55 8.03 5.89 11.11
C VAL A 55 8.19 4.37 11.04
N LEU A 56 9.36 3.89 11.46
CA LEU A 56 9.63 2.47 11.44
C LEU A 56 8.76 1.73 12.46
N ASP A 57 8.78 2.22 13.69
CA ASP A 57 7.98 1.62 14.76
C ASP A 57 6.51 1.55 14.37
N ARG A 58 6.08 2.46 13.50
CA ARG A 58 4.69 2.50 13.06
C ARG A 58 4.29 1.18 12.39
N MET A 59 5.08 0.75 11.41
CA MET A 59 4.80 -0.50 10.70
C MET A 59 4.70 -1.66 11.68
N MET A 60 5.73 -1.82 12.49
CA MET A 60 5.79 -2.90 13.47
C MET A 60 4.55 -2.90 14.37
N LYS A 61 4.09 -1.71 14.73
CA LYS A 61 2.91 -1.59 15.59
C LYS A 61 1.64 -1.81 14.78
N LYS A 62 1.68 -1.45 13.51
CA LYS A 62 0.53 -1.60 12.63
C LYS A 62 0.39 -3.02 12.11
N LEU A 63 1.49 -3.78 12.10
CA LEU A 63 1.44 -5.16 11.61
C LEU A 63 0.91 -6.13 12.66
N ASP A 64 0.45 -5.61 13.80
CA ASP A 64 -0.09 -6.47 14.85
C ASP A 64 -1.26 -7.28 14.32
N LEU A 65 -0.96 -8.21 13.41
CA LEU A 65 -1.97 -9.07 12.81
C LEU A 65 -2.44 -10.15 13.77
N ASN A 66 -3.61 -10.71 13.50
CA ASN A 66 -4.17 -11.75 14.35
C ASN A 66 -3.83 -13.14 13.81
N SER A 67 -2.79 -13.23 12.99
CA SER A 67 -2.38 -14.50 12.41
C SER A 67 -1.33 -15.16 13.30
N ASP A 68 -0.52 -14.34 13.96
CA ASP A 68 0.54 -14.85 14.84
C ASP A 68 1.37 -15.91 14.13
N GLY A 69 1.46 -15.81 12.81
CA GLY A 69 2.22 -16.76 12.04
C GLY A 69 3.29 -16.11 11.18
N GLN A 70 2.87 -15.24 10.27
CA GLN A 70 3.81 -14.55 9.39
C GLN A 70 3.27 -13.19 8.95
N LEU A 71 4.03 -12.50 8.11
CA LEU A 71 3.63 -11.19 7.61
C LEU A 71 2.36 -11.34 6.76
N ASP A 72 2.30 -10.72 5.59
CA ASP A 72 1.10 -10.85 4.74
C ASP A 72 1.21 -9.97 3.50
N PHE A 73 0.10 -9.84 2.78
CA PHE A 73 0.06 -9.04 1.57
C PHE A 73 0.09 -7.54 1.88
N GLN A 74 -0.89 -7.06 2.64
CA GLN A 74 -0.92 -5.66 2.99
C GLN A 74 0.04 -5.38 4.13
N GLU A 75 0.30 -6.39 4.95
CA GLU A 75 1.24 -6.24 6.06
C GLU A 75 2.48 -5.49 5.56
N PHE A 76 2.81 -5.72 4.31
CA PHE A 76 3.93 -5.07 3.67
C PHE A 76 3.53 -3.67 3.23
N LEU A 77 2.44 -3.59 2.46
CA LEU A 77 1.93 -2.30 2.00
C LEU A 77 1.64 -1.40 3.18
N ASN A 78 1.21 -2.00 4.29
CA ASN A 78 0.93 -1.27 5.51
C ASN A 78 2.25 -0.89 6.16
N LEU A 79 3.18 -1.84 6.16
CA LEU A 79 4.49 -1.61 6.74
C LEU A 79 5.25 -0.56 5.94
N ILE A 80 5.41 -0.79 4.63
CA ILE A 80 6.10 0.15 3.76
C ILE A 80 5.24 1.38 3.51
N GLY A 81 3.96 1.16 3.23
CA GLY A 81 3.07 2.27 2.98
C GLY A 81 3.14 3.28 4.11
N GLY A 82 3.01 2.78 5.33
CA GLY A 82 3.11 3.65 6.50
C GLY A 82 4.37 4.50 6.45
N LEU A 83 5.48 3.90 6.03
CA LEU A 83 6.75 4.64 5.93
C LEU A 83 6.59 5.82 4.98
N ALA A 84 5.99 5.57 3.82
CA ALA A 84 5.77 6.62 2.83
C ALA A 84 5.03 7.79 3.43
N VAL A 85 4.13 7.49 4.35
CA VAL A 85 3.33 8.51 5.01
C VAL A 85 4.08 9.16 6.15
N ALA A 86 5.14 8.50 6.58
CA ALA A 86 5.95 8.99 7.69
C ALA A 86 7.37 9.31 7.25
N CYS A 87 7.61 9.33 5.93
CA CYS A 87 8.95 9.60 5.42
C CYS A 87 8.91 10.22 4.03
N HIS A 88 8.01 9.76 3.17
CA HIS A 88 7.93 10.29 1.82
C HIS A 88 6.98 11.48 1.73
N GLU A 89 5.68 11.21 1.54
CA GLU A 89 4.69 12.26 1.44
C GLU A 89 3.47 11.98 2.31
N SER A 90 2.53 12.91 2.34
CA SER A 90 1.33 12.75 3.13
C SER A 90 1.68 12.63 4.62
N PHE A 91 1.29 13.64 5.40
CA PHE A 91 1.56 13.66 6.83
C PHE A 91 3.03 14.01 7.12
N VAL A 92 3.95 13.33 6.44
CA VAL A 92 5.37 13.59 6.61
C VAL A 92 5.68 15.08 6.67
N LYS A 93 5.22 15.79 5.66
CA LYS A 93 5.45 17.23 5.58
C LYS A 93 4.26 18.00 6.19
N ALA A 94 3.57 17.37 7.12
CA ALA A 94 2.42 17.99 7.78
C ALA A 94 2.13 17.32 9.11
N ALA A 95 3.15 16.74 9.73
CA ALA A 95 2.99 16.06 11.01
C ALA A 95 3.22 17.03 12.18
N PRO A 96 4.46 17.48 12.39
CA PRO A 96 4.79 18.40 13.49
C PRO A 96 3.82 19.58 13.63
N PRO A 97 3.30 20.13 12.51
CA PRO A 97 2.36 21.26 12.58
C PRO A 97 0.97 20.83 13.03
N GLN A 98 0.63 19.57 12.75
CA GLN A 98 -0.67 19.04 13.13
C GLN A 98 -0.90 19.15 14.64
N LYS A 99 0.07 18.68 15.42
CA LYS A 99 -0.03 18.73 16.86
C LYS A 99 0.73 19.94 17.42
N ARG A 100 0.07 20.73 18.25
CA ARG A 100 0.68 21.91 18.84
C ARG A 100 1.61 21.52 19.99
N PHE A 101 2.87 21.94 19.89
CA PHE A 101 3.86 21.64 20.91
C PHE A 101 4.09 20.14 21.02
N SER B 1 14.07 5.53 -11.95
CA SER B 1 14.21 6.88 -12.56
C SER B 1 15.52 7.55 -12.13
N ARG B 2 15.99 7.20 -10.94
CA ARG B 2 17.23 7.77 -10.42
C ARG B 2 17.56 7.19 -9.04
N PRO B 3 16.60 7.23 -8.10
CA PRO B 3 16.78 6.72 -6.74
C PRO B 3 16.83 5.18 -6.71
N THR B 4 16.12 4.57 -5.77
CA THR B 4 16.09 3.12 -5.65
C THR B 4 14.78 2.55 -6.16
N GLU B 5 14.85 1.30 -6.62
CA GLU B 5 13.71 0.60 -7.16
C GLU B 5 12.47 0.79 -6.28
N THR B 6 12.64 0.58 -4.98
CA THR B 6 11.54 0.75 -4.04
C THR B 6 11.09 2.21 -4.02
N GLU B 7 12.06 3.12 -4.02
CA GLU B 7 11.76 4.55 -4.00
C GLU B 7 10.75 4.91 -5.08
N ARG B 8 10.79 4.18 -6.19
CA ARG B 8 9.87 4.42 -7.30
C ARG B 8 8.51 3.78 -7.01
N CYS B 9 8.51 2.71 -6.22
CA CYS B 9 7.27 2.01 -5.88
C CYS B 9 6.44 2.81 -4.87
N ILE B 10 7.11 3.40 -3.90
CA ILE B 10 6.44 4.19 -2.88
C ILE B 10 5.80 5.45 -3.44
N GLU B 11 6.61 6.27 -4.09
CA GLU B 11 6.14 7.53 -4.66
C GLU B 11 4.91 7.34 -5.55
N SER B 12 4.77 6.17 -6.15
CA SER B 12 3.65 5.91 -7.03
C SER B 12 2.33 5.77 -6.27
N LEU B 13 2.27 4.85 -5.30
CA LEU B 13 1.05 4.61 -4.53
C LEU B 13 0.66 5.82 -3.68
N ILE B 14 1.63 6.63 -3.28
CA ILE B 14 1.34 7.81 -2.49
C ILE B 14 0.61 8.84 -3.31
N ALA B 15 1.01 8.90 -4.57
CA ALA B 15 0.49 9.88 -5.49
C ALA B 15 -0.90 9.52 -5.99
N VAL B 16 -1.12 8.23 -6.25
CA VAL B 16 -2.43 7.79 -6.68
C VAL B 16 -3.47 8.33 -5.70
N PHE B 17 -3.05 8.40 -4.44
CA PHE B 17 -3.89 8.86 -3.36
C PHE B 17 -4.00 10.40 -3.28
N GLN B 18 -2.86 11.07 -3.11
CA GLN B 18 -2.85 12.53 -2.98
C GLN B 18 -3.19 13.25 -4.27
N LYS B 19 -2.95 12.62 -5.42
CA LYS B 19 -3.25 13.26 -6.68
C LYS B 19 -4.68 13.75 -6.70
N TYR B 20 -5.60 12.86 -6.37
CA TYR B 20 -7.01 13.19 -6.28
C TYR B 20 -7.30 13.86 -4.96
N ALA B 21 -6.67 13.31 -3.92
CA ALA B 21 -6.82 13.79 -2.55
C ALA B 21 -6.32 15.22 -2.38
N GLY B 22 -5.60 15.73 -3.38
CA GLY B 22 -5.08 17.08 -3.30
C GLY B 22 -6.18 18.13 -3.42
N LYS B 23 -7.06 18.16 -2.42
CA LYS B 23 -8.16 19.11 -2.41
C LYS B 23 -7.70 20.47 -1.88
N ASP B 24 -7.05 20.46 -0.72
CA ASP B 24 -6.55 21.69 -0.11
C ASP B 24 -5.20 21.46 0.53
N GLY B 25 -4.59 22.55 1.01
CA GLY B 25 -3.28 22.45 1.65
C GLY B 25 -3.36 21.92 3.06
N HIS B 26 -4.50 22.17 3.72
CA HIS B 26 -4.70 21.71 5.09
C HIS B 26 -5.56 20.46 5.13
N SER B 27 -5.44 19.63 4.10
CA SER B 27 -6.20 18.39 4.02
C SER B 27 -5.40 17.30 3.29
N VAL B 28 -5.49 16.07 3.79
CA VAL B 28 -4.78 14.95 3.19
C VAL B 28 -5.64 13.70 3.17
N THR B 29 -6.75 13.75 2.44
CA THR B 29 -7.67 12.63 2.34
C THR B 29 -8.34 12.59 0.97
N LEU B 30 -9.20 11.60 0.77
CA LEU B 30 -9.93 11.44 -0.49
C LEU B 30 -11.39 11.05 -0.21
N SER B 31 -12.05 10.50 -1.21
CA SER B 31 -13.44 10.06 -1.05
C SER B 31 -13.64 8.71 -1.70
N LYS B 32 -14.28 7.79 -0.97
CA LYS B 32 -14.55 6.45 -1.49
C LYS B 32 -15.17 6.53 -2.88
N THR B 33 -16.09 7.47 -3.05
CA THR B 33 -16.76 7.66 -4.33
C THR B 33 -15.81 8.31 -5.33
N GLU B 34 -15.04 9.29 -4.88
CA GLU B 34 -14.10 9.97 -5.77
C GLU B 34 -13.12 8.97 -6.35
N PHE B 35 -12.81 7.95 -5.55
CA PHE B 35 -11.89 6.90 -5.97
C PHE B 35 -12.53 6.05 -7.07
N LEU B 36 -13.86 5.99 -7.08
CA LEU B 36 -14.58 5.22 -8.09
C LEU B 36 -14.20 5.64 -9.48
N SER B 37 -14.43 6.91 -9.76
CA SER B 37 -14.14 7.48 -11.06
C SER B 37 -12.66 7.34 -11.41
N PHE B 38 -11.80 7.66 -10.45
CA PHE B 38 -10.36 7.57 -10.66
C PHE B 38 -9.96 6.15 -11.05
N MET B 39 -10.75 5.18 -10.62
CA MET B 39 -10.49 3.78 -10.93
C MET B 39 -10.92 3.45 -12.36
N ASN B 40 -12.18 3.71 -12.67
CA ASN B 40 -12.71 3.43 -14.00
C ASN B 40 -11.94 4.16 -15.10
N THR B 41 -11.19 5.20 -14.72
CA THR B 41 -10.44 5.98 -15.70
C THR B 41 -8.97 5.55 -15.79
N GLU B 42 -8.42 5.07 -14.69
CA GLU B 42 -7.02 4.68 -14.67
C GLU B 42 -6.81 3.26 -14.14
N LEU B 43 -7.59 2.87 -13.15
CA LEU B 43 -7.48 1.53 -12.57
C LEU B 43 -8.66 0.69 -12.99
N ALA B 44 -9.11 0.90 -14.23
CA ALA B 44 -10.24 0.16 -14.78
C ALA B 44 -9.80 -1.23 -15.21
N ALA B 45 -8.53 -1.36 -15.57
CA ALA B 45 -7.99 -2.65 -15.98
C ALA B 45 -8.24 -3.72 -14.93
N PHE B 46 -8.35 -3.27 -13.68
CA PHE B 46 -8.59 -4.18 -12.56
C PHE B 46 -10.09 -4.42 -12.38
N THR B 47 -10.89 -3.44 -12.77
CA THR B 47 -12.34 -3.53 -12.66
C THR B 47 -12.94 -4.27 -13.85
N LYS B 48 -12.32 -4.12 -15.02
CA LYS B 48 -12.81 -4.78 -16.22
C LYS B 48 -12.50 -6.28 -16.19
N ASN B 49 -11.40 -6.63 -15.54
CA ASN B 49 -11.00 -8.03 -15.42
C ASN B 49 -11.02 -8.47 -13.96
N GLN B 50 -12.08 -8.10 -13.25
CA GLN B 50 -12.22 -8.45 -11.85
C GLN B 50 -12.25 -9.95 -11.65
N LYS B 51 -13.23 -10.61 -12.25
CA LYS B 51 -13.36 -12.06 -12.13
C LYS B 51 -13.53 -12.46 -10.66
N ASP B 52 -14.04 -11.54 -9.86
CA ASP B 52 -14.25 -11.77 -8.44
C ASP B 52 -14.98 -10.59 -7.80
N PRO B 53 -16.18 -10.82 -7.24
CA PRO B 53 -16.96 -9.76 -6.60
C PRO B 53 -16.42 -9.36 -5.23
N GLY B 54 -15.21 -9.80 -4.90
CA GLY B 54 -14.61 -9.47 -3.61
C GLY B 54 -13.39 -8.59 -3.74
N VAL B 55 -13.11 -8.13 -4.95
CA VAL B 55 -11.95 -7.27 -5.19
C VAL B 55 -12.27 -5.82 -4.88
N LEU B 56 -13.21 -5.25 -5.62
CA LEU B 56 -13.62 -3.88 -5.43
C LEU B 56 -14.30 -3.70 -4.08
N ASP B 57 -15.29 -4.54 -3.83
CA ASP B 57 -16.03 -4.48 -2.57
C ASP B 57 -15.10 -4.60 -1.37
N ARG B 58 -13.97 -5.26 -1.58
CA ARG B 58 -12.99 -5.44 -0.50
C ARG B 58 -12.52 -4.09 0.04
N MET B 59 -12.06 -3.22 -0.86
CA MET B 59 -11.58 -1.90 -0.46
C MET B 59 -12.64 -1.15 0.33
N MET B 60 -13.82 -1.04 -0.27
CA MET B 60 -14.93 -0.34 0.36
C MET B 60 -15.23 -0.88 1.76
N LYS B 61 -15.11 -2.19 1.92
CA LYS B 61 -15.35 -2.83 3.20
C LYS B 61 -14.16 -2.63 4.14
N LYS B 62 -12.98 -2.55 3.55
CA LYS B 62 -11.74 -2.38 4.32
C LYS B 62 -11.52 -0.92 4.72
N LEU B 63 -12.12 0.01 3.98
CA LEU B 63 -11.95 1.43 4.29
C LEU B 63 -12.88 1.89 5.42
N ASP B 64 -13.58 0.95 6.06
CA ASP B 64 -14.47 1.31 7.15
C ASP B 64 -13.69 1.99 8.27
N LEU B 65 -13.20 3.20 7.99
CA LEU B 65 -12.42 3.96 8.95
C LEU B 65 -13.31 4.58 10.02
N ASN B 66 -12.70 4.93 11.15
CA ASN B 66 -13.44 5.51 12.26
C ASN B 66 -13.38 7.04 12.22
N SER B 67 -13.10 7.59 11.04
CA SER B 67 -13.04 9.03 10.88
C SER B 67 -14.39 9.59 10.46
N ASP B 68 -15.15 8.80 9.71
CA ASP B 68 -16.47 9.21 9.23
C ASP B 68 -16.41 10.58 8.58
N GLY B 69 -15.24 10.93 8.03
CA GLY B 69 -15.07 12.22 7.38
C GLY B 69 -14.63 12.09 5.94
N GLN B 70 -13.46 11.49 5.73
CA GLN B 70 -12.92 11.33 4.39
C GLN B 70 -12.04 10.10 4.29
N LEU B 71 -11.45 9.87 3.11
CA LEU B 71 -10.58 8.73 2.89
C LEU B 71 -9.33 8.87 3.78
N ASP B 72 -8.13 8.66 3.24
CA ASP B 72 -6.91 8.79 4.04
C ASP B 72 -5.68 8.39 3.25
N PHE B 73 -4.55 8.27 3.95
CA PHE B 73 -3.29 7.89 3.31
C PHE B 73 -3.28 6.42 2.93
N GLN B 74 -3.44 5.53 3.91
CA GLN B 74 -3.44 4.10 3.61
C GLN B 74 -4.79 3.69 3.06
N GLU B 75 -5.85 4.43 3.42
CA GLU B 75 -7.18 4.14 2.91
C GLU B 75 -7.11 3.85 1.43
N PHE B 76 -6.17 4.53 0.77
CA PHE B 76 -5.93 4.36 -0.64
C PHE B 76 -5.09 3.11 -0.87
N LEU B 77 -3.94 3.05 -0.20
CA LEU B 77 -3.04 1.91 -0.31
C LEU B 77 -3.79 0.63 0.07
N ASN B 78 -4.72 0.76 1.01
CA ASN B 78 -5.54 -0.36 1.45
C ASN B 78 -6.58 -0.65 0.38
N LEU B 79 -7.15 0.43 -0.15
CA LEU B 79 -8.16 0.32 -1.19
C LEU B 79 -7.55 -0.27 -2.46
N ILE B 80 -6.51 0.41 -2.97
CA ILE B 80 -5.82 -0.05 -4.18
C ILE B 80 -4.99 -1.28 -3.89
N GLY B 81 -4.26 -1.26 -2.78
CA GLY B 81 -3.44 -2.40 -2.42
C GLY B 81 -4.26 -3.67 -2.41
N GLY B 82 -5.40 -3.63 -1.73
CA GLY B 82 -6.28 -4.78 -1.69
C GLY B 82 -6.59 -5.29 -3.09
N LEU B 83 -6.80 -4.38 -4.03
CA LEU B 83 -7.07 -4.76 -5.42
C LEU B 83 -5.93 -5.58 -5.98
N ALA B 84 -4.70 -5.11 -5.76
CA ALA B 84 -3.52 -5.81 -6.24
C ALA B 84 -3.49 -7.26 -5.73
N VAL B 85 -4.00 -7.45 -4.54
CA VAL B 85 -4.04 -8.76 -3.92
C VAL B 85 -5.23 -9.56 -4.41
N ALA B 86 -6.20 -8.87 -4.99
CA ALA B 86 -7.40 -9.51 -5.49
C ALA B 86 -7.54 -9.37 -7.00
N CYS B 87 -6.47 -8.92 -7.66
CA CYS B 87 -6.51 -8.74 -9.11
C CYS B 87 -5.13 -8.89 -9.74
N HIS B 88 -4.09 -8.36 -9.09
CA HIS B 88 -2.75 -8.45 -9.65
C HIS B 88 -2.03 -9.72 -9.20
N GLU B 89 -1.39 -9.68 -8.04
CA GLU B 89 -0.66 -10.84 -7.53
C GLU B 89 -1.00 -11.10 -6.06
N SER B 90 -0.43 -12.16 -5.51
CA SER B 90 -0.68 -12.52 -4.11
C SER B 90 -2.16 -12.80 -3.89
N PHE B 91 -2.48 -14.06 -3.60
CA PHE B 91 -3.86 -14.47 -3.35
C PHE B 91 -4.65 -14.59 -4.66
N VAL B 92 -4.56 -13.55 -5.50
CA VAL B 92 -5.25 -13.55 -6.79
C VAL B 92 -5.13 -14.87 -7.51
N LYS B 93 -3.89 -15.32 -7.68
CA LYS B 93 -3.61 -16.59 -8.34
C LYS B 93 -3.51 -17.73 -7.34
N ALA B 94 -4.17 -17.59 -6.20
CA ALA B 94 -4.16 -18.60 -5.16
C ALA B 94 -5.35 -18.46 -4.22
N ALA B 95 -6.45 -17.91 -4.75
CA ALA B 95 -7.66 -17.72 -3.96
C ALA B 95 -8.59 -18.93 -4.06
N PRO B 96 -9.20 -19.16 -5.23
CA PRO B 96 -10.11 -20.29 -5.45
C PRO B 96 -9.59 -21.62 -4.91
N PRO B 97 -8.27 -21.89 -4.99
CA PRO B 97 -7.70 -23.16 -4.50
C PRO B 97 -7.62 -23.19 -2.98
N GLN B 98 -7.50 -22.01 -2.38
CA GLN B 98 -7.41 -21.91 -0.92
C GLN B 98 -8.62 -22.53 -0.25
N LYS B 99 -9.81 -22.13 -0.69
CA LYS B 99 -11.05 -22.66 -0.14
C LYS B 99 -11.60 -23.79 -1.00
N ARG B 100 -11.89 -24.92 -0.37
CA ARG B 100 -12.43 -26.07 -1.09
C ARG B 100 -13.91 -25.88 -1.41
N PHE B 101 -14.26 -25.99 -2.68
CA PHE B 101 -15.65 -25.82 -3.11
C PHE B 101 -16.14 -24.41 -2.81
N SER A 1 -0.91 -7.57 -17.96
CA SER A 1 0.20 -6.61 -17.76
C SER A 1 -0.34 -5.19 -17.59
N ARG A 2 -0.78 -4.59 -18.70
CA ARG A 2 -1.32 -3.24 -18.68
C ARG A 2 -0.29 -2.25 -18.14
N PRO A 3 0.31 -1.43 -19.01
CA PRO A 3 1.34 -0.45 -18.63
C PRO A 3 0.78 0.85 -18.06
N THR A 4 -0.48 0.83 -17.67
CA THR A 4 -1.13 2.02 -17.12
C THR A 4 -0.33 2.59 -15.96
N GLU A 5 -0.34 3.91 -15.86
CA GLU A 5 0.37 4.63 -14.83
C GLU A 5 0.18 3.97 -13.47
N THR A 6 -1.06 3.60 -13.16
CA THR A 6 -1.36 2.97 -11.90
C THR A 6 -0.82 1.55 -11.88
N GLU A 7 -0.91 0.85 -13.02
CA GLU A 7 -0.41 -0.52 -13.11
C GLU A 7 1.03 -0.60 -12.63
N ARG A 8 1.88 0.24 -13.20
CA ARG A 8 3.28 0.28 -12.80
C ARG A 8 3.42 0.58 -11.31
N CYS A 9 2.42 1.27 -10.76
CA CYS A 9 2.43 1.63 -9.34
C CYS A 9 2.12 0.42 -8.46
N ILE A 10 1.00 -0.24 -8.71
CA ILE A 10 0.60 -1.40 -7.92
C ILE A 10 1.70 -2.46 -7.89
N GLU A 11 2.12 -2.91 -9.06
CA GLU A 11 3.16 -3.93 -9.17
C GLU A 11 4.40 -3.57 -8.37
N SER A 12 4.63 -2.28 -8.20
CA SER A 12 5.81 -1.82 -7.46
C SER A 12 5.79 -2.27 -6.00
N LEU A 13 4.72 -1.94 -5.27
CA LEU A 13 4.62 -2.30 -3.86
C LEU A 13 4.32 -3.79 -3.62
N ILE A 14 3.66 -4.44 -4.55
CA ILE A 14 3.35 -5.84 -4.39
C ILE A 14 4.60 -6.68 -4.42
N ALA A 15 5.53 -6.25 -5.25
CA ALA A 15 6.76 -6.96 -5.46
C ALA A 15 7.76 -6.72 -4.35
N VAL A 16 7.76 -5.52 -3.77
CA VAL A 16 8.64 -5.24 -2.64
C VAL A 16 8.44 -6.33 -1.61
N PHE A 17 7.20 -6.77 -1.51
CA PHE A 17 6.80 -7.82 -0.58
C PHE A 17 7.19 -9.19 -1.13
N GLN A 18 6.66 -9.53 -2.31
CA GLN A 18 6.94 -10.82 -2.94
C GLN A 18 8.43 -11.12 -3.00
N LYS A 19 9.23 -10.15 -3.39
CA LYS A 19 10.67 -10.35 -3.50
C LYS A 19 11.25 -11.02 -2.26
N TYR A 20 10.94 -10.49 -1.09
CA TYR A 20 11.42 -11.07 0.15
C TYR A 20 10.53 -12.23 0.57
N ALA A 21 9.25 -12.09 0.21
CA ALA A 21 8.23 -13.09 0.52
C ALA A 21 8.17 -14.19 -0.53
N GLY A 22 9.24 -14.34 -1.31
CA GLY A 22 9.27 -15.37 -2.34
C GLY A 22 10.68 -15.74 -2.74
N LYS A 23 11.12 -16.91 -2.33
CA LYS A 23 12.47 -17.40 -2.64
C LYS A 23 12.45 -18.87 -3.03
N ASP A 24 11.81 -19.69 -2.21
CA ASP A 24 11.73 -21.12 -2.47
C ASP A 24 10.59 -21.76 -1.69
N GLY A 25 10.04 -22.85 -2.21
CA GLY A 25 8.96 -23.54 -1.55
C GLY A 25 7.66 -22.77 -1.63
N HIS A 26 7.40 -21.94 -0.61
CA HIS A 26 6.18 -21.14 -0.56
C HIS A 26 6.48 -19.67 -0.78
N SER A 27 5.43 -18.88 -0.98
CA SER A 27 5.59 -17.44 -1.20
C SER A 27 4.27 -16.71 -0.94
N VAL A 28 3.74 -16.87 0.27
CA VAL A 28 2.49 -16.23 0.64
C VAL A 28 2.68 -15.23 1.78
N THR A 29 3.73 -15.43 2.57
CA THR A 29 4.01 -14.54 3.68
C THR A 29 5.50 -14.27 3.83
N LEU A 30 5.83 -13.13 4.39
CA LEU A 30 7.22 -12.73 4.61
C LEU A 30 7.57 -12.86 6.10
N SER A 31 8.54 -12.09 6.55
CA SER A 31 8.94 -12.10 7.96
C SER A 31 9.36 -10.72 8.41
N LYS A 32 8.94 -10.34 9.62
CA LYS A 32 9.27 -9.04 10.17
C LYS A 32 10.77 -8.77 10.05
N THR A 33 11.57 -9.82 10.23
CA THR A 33 13.01 -9.71 10.14
C THR A 33 13.45 -9.55 8.68
N GLU A 34 12.84 -10.34 7.79
CA GLU A 34 13.18 -10.26 6.37
C GLU A 34 13.01 -8.82 5.87
N PHE A 35 12.09 -8.10 6.50
CA PHE A 35 11.82 -6.72 6.14
C PHE A 35 12.97 -5.84 6.60
N LEU A 36 13.58 -6.21 7.72
CA LEU A 36 14.71 -5.47 8.27
C LEU A 36 15.75 -5.21 7.22
N SER A 37 16.25 -6.29 6.67
CA SER A 37 17.28 -6.21 5.65
C SER A 37 16.75 -5.50 4.41
N PHE A 38 15.54 -5.86 4.00
CA PHE A 38 14.91 -5.27 2.82
C PHE A 38 14.80 -3.75 2.98
N MET A 39 14.67 -3.30 4.22
CA MET A 39 14.55 -1.88 4.51
C MET A 39 15.90 -1.18 4.43
N ASN A 40 16.90 -1.80 5.06
CA ASN A 40 18.25 -1.23 5.08
C ASN A 40 18.91 -1.29 3.71
N THR A 41 18.42 -2.16 2.83
CA THR A 41 19.00 -2.31 1.49
C THR A 41 18.29 -1.45 0.45
N GLU A 42 16.98 -1.29 0.58
CA GLU A 42 16.22 -0.52 -0.39
C GLU A 42 15.35 0.55 0.27
N LEU A 43 15.69 0.92 1.49
CA LEU A 43 14.94 1.94 2.22
C LEU A 43 15.77 2.48 3.38
N ALA A 44 17.04 2.75 3.10
CA ALA A 44 17.96 3.28 4.10
C ALA A 44 17.68 4.75 4.36
N ALA A 45 17.09 5.42 3.39
CA ALA A 45 16.76 6.83 3.51
C ALA A 45 15.66 7.05 4.55
N PHE A 46 15.00 5.97 4.95
CA PHE A 46 13.92 6.06 5.93
C PHE A 46 14.34 5.40 7.25
N THR A 47 15.62 5.07 7.39
CA THR A 47 16.11 4.43 8.61
C THR A 47 17.50 4.97 9.00
N LYS A 48 18.32 5.27 7.99
CA LYS A 48 19.68 5.77 8.23
C LYS A 48 19.71 6.78 9.38
N ASN A 49 19.33 8.02 9.09
CA ASN A 49 19.31 9.07 10.11
C ASN A 49 18.38 8.72 11.26
N GLN A 50 17.48 7.78 11.02
CA GLN A 50 16.52 7.36 12.04
C GLN A 50 15.52 8.48 12.35
N LYS A 51 15.34 9.38 11.40
CA LYS A 51 14.42 10.49 11.58
C LYS A 51 13.00 9.98 11.79
N ASP A 52 12.26 10.63 12.68
CA ASP A 52 10.88 10.23 12.98
C ASP A 52 10.86 8.83 13.60
N PRO A 53 10.66 8.74 14.92
CA PRO A 53 10.63 7.47 15.64
C PRO A 53 9.24 6.82 15.65
N GLY A 54 8.41 7.19 14.69
CA GLY A 54 7.07 6.63 14.62
C GLY A 54 6.74 6.04 13.26
N VAL A 55 7.68 6.13 12.33
CA VAL A 55 7.47 5.60 10.98
C VAL A 55 7.79 4.12 10.92
N LEU A 56 8.97 3.76 11.42
CA LEU A 56 9.43 2.39 11.43
C LEU A 56 8.70 1.58 12.50
N ASP A 57 8.73 2.10 13.72
CA ASP A 57 8.09 1.46 14.85
C ASP A 57 6.60 1.20 14.58
N ARG A 58 6.00 2.05 13.76
CA ARG A 58 4.59 1.91 13.42
C ARG A 58 4.30 0.56 12.76
N MET A 59 5.06 0.25 11.73
CA MET A 59 4.88 -1.02 11.01
C MET A 59 4.96 -2.20 11.95
N MET A 60 6.04 -2.26 12.72
CA MET A 60 6.25 -3.35 13.65
C MET A 60 5.16 -3.38 14.72
N LYS A 61 4.59 -2.22 15.01
CA LYS A 61 3.52 -2.12 16.01
C LYS A 61 2.19 -2.59 15.41
N LYS A 62 1.96 -2.22 14.17
CA LYS A 62 0.73 -2.61 13.47
C LYS A 62 0.82 -4.03 12.94
N LEU A 63 2.04 -4.52 12.75
CA LEU A 63 2.26 -5.87 12.26
C LEU A 63 1.61 -6.88 13.17
N ASP A 64 1.82 -6.71 14.45
CA ASP A 64 1.27 -7.60 15.45
C ASP A 64 1.86 -9.00 15.31
N LEU A 65 3.19 -9.08 15.23
CA LEU A 65 3.88 -10.35 15.09
C LEU A 65 3.42 -11.35 16.17
N ASN A 66 2.44 -12.17 15.81
CA ASN A 66 1.92 -13.16 16.75
C ASN A 66 0.89 -14.06 16.07
N SER A 67 -0.14 -13.44 15.49
CA SER A 67 -1.19 -14.19 14.81
C SER A 67 -0.67 -14.79 13.51
N ASP A 68 -1.03 -16.05 13.27
CA ASP A 68 -0.61 -16.76 12.06
C ASP A 68 0.85 -17.21 12.19
N GLY A 69 1.72 -16.29 12.56
CA GLY A 69 3.13 -16.61 12.71
C GLY A 69 3.94 -16.23 11.49
N GLN A 70 3.39 -15.30 10.69
CA GLN A 70 4.07 -14.86 9.48
C GLN A 70 3.54 -13.51 9.02
N LEU A 71 4.27 -12.88 8.09
CA LEU A 71 3.87 -11.59 7.56
C LEU A 71 2.57 -11.76 6.76
N ASP A 72 2.45 -11.11 5.60
CA ASP A 72 1.23 -11.24 4.79
C ASP A 72 1.24 -10.26 3.60
N PHE A 73 0.05 -9.97 3.08
CA PHE A 73 -0.09 -9.08 1.93
C PHE A 73 -0.12 -7.58 2.30
N GLN A 74 -1.09 -7.17 3.11
CA GLN A 74 -1.23 -5.76 3.47
C GLN A 74 -0.23 -5.31 4.52
N GLU A 75 0.12 -6.19 5.47
CA GLU A 75 1.07 -5.81 6.49
C GLU A 75 2.31 -5.18 5.84
N PHE A 76 2.58 -5.56 4.60
CA PHE A 76 3.70 -5.00 3.87
C PHE A 76 3.34 -3.62 3.38
N LEU A 77 2.22 -3.53 2.68
CA LEU A 77 1.74 -2.25 2.19
C LEU A 77 1.55 -1.32 3.37
N ASN A 78 1.15 -1.90 4.51
CA ASN A 78 0.96 -1.16 5.75
C ASN A 78 2.33 -0.87 6.35
N LEU A 79 3.19 -1.88 6.34
CA LEU A 79 4.54 -1.75 6.88
C LEU A 79 5.27 -0.62 6.16
N ILE A 80 5.38 -0.74 4.85
CA ILE A 80 6.04 0.27 4.03
C ILE A 80 5.15 1.48 3.81
N GLY A 81 3.87 1.23 3.50
CA GLY A 81 2.94 2.32 3.29
C GLY A 81 2.96 3.27 4.47
N GLY A 82 2.83 2.71 5.68
CA GLY A 82 2.87 3.53 6.87
C GLY A 82 4.09 4.43 6.88
N LEU A 83 5.24 3.89 6.47
CA LEU A 83 6.47 4.68 6.41
C LEU A 83 6.29 5.90 5.51
N ALA A 84 5.71 5.68 4.34
CA ALA A 84 5.48 6.77 3.39
C ALA A 84 4.67 7.89 4.04
N VAL A 85 3.80 7.50 4.95
CA VAL A 85 2.95 8.46 5.64
C VAL A 85 3.65 9.06 6.84
N ALA A 86 4.70 8.41 7.27
CA ALA A 86 5.46 8.88 8.42
C ALA A 86 6.87 9.30 8.00
N CYS A 87 7.07 9.46 6.70
CA CYS A 87 8.37 9.88 6.17
C CYS A 87 8.22 10.55 4.81
N HIS A 88 7.31 10.03 3.98
CA HIS A 88 7.10 10.59 2.64
C HIS A 88 6.02 11.67 2.67
N GLU A 89 6.06 12.54 1.67
CA GLU A 89 5.08 13.63 1.56
C GLU A 89 3.66 13.09 1.46
N SER A 90 2.99 12.98 2.60
CA SER A 90 1.63 12.47 2.65
C SER A 90 0.86 13.08 3.82
N PHE A 91 1.27 12.72 5.03
CA PHE A 91 0.63 13.24 6.23
C PHE A 91 1.64 13.97 7.12
N VAL A 92 2.89 13.50 7.10
CA VAL A 92 3.95 14.10 7.89
C VAL A 92 4.02 15.61 7.67
N LYS A 93 3.57 16.05 6.50
CA LYS A 93 3.61 17.47 6.16
C LYS A 93 2.29 18.15 6.56
N ALA A 94 1.87 17.95 7.81
CA ALA A 94 0.65 18.53 8.31
C ALA A 94 0.68 18.69 9.83
N ALA A 95 1.11 17.64 10.52
CA ALA A 95 1.20 17.65 11.97
C ALA A 95 2.52 17.07 12.45
N PRO A 96 3.65 17.72 12.13
CA PRO A 96 4.98 17.25 12.53
C PRO A 96 5.11 17.11 14.05
N PRO A 97 4.67 18.12 14.83
CA PRO A 97 4.75 18.08 16.28
C PRO A 97 3.62 17.28 16.92
N GLN A 98 2.43 17.42 16.35
CA GLN A 98 1.25 16.71 16.84
C GLN A 98 1.44 15.20 16.71
N LYS A 99 0.86 14.45 17.65
CA LYS A 99 0.96 12.99 17.64
C LYS A 99 -0.17 12.36 18.45
N ARG A 100 -1.16 11.82 17.75
CA ARG A 100 -2.30 11.18 18.41
C ARG A 100 -3.10 10.35 17.42
N PHE A 101 -2.86 9.04 17.43
CA PHE A 101 -3.57 8.14 16.53
C PHE A 101 -3.28 8.48 15.07
N SER B 1 14.72 12.48 -2.92
CA SER B 1 14.29 11.74 -4.14
C SER B 1 14.65 10.26 -4.05
N ARG B 2 15.94 9.96 -4.22
CA ARG B 2 16.44 8.59 -4.16
C ARG B 2 15.73 7.72 -5.20
N PRO B 3 16.43 7.37 -6.29
CA PRO B 3 15.87 6.54 -7.38
C PRO B 3 15.86 5.04 -7.09
N THR B 4 16.03 4.69 -5.83
CA THR B 4 16.06 3.28 -5.45
C THR B 4 14.82 2.55 -5.94
N GLU B 5 15.02 1.29 -6.31
CA GLU B 5 13.95 0.45 -6.83
C GLU B 5 12.69 0.59 -5.99
N THR B 6 12.86 0.57 -4.67
CA THR B 6 11.72 0.71 -3.77
C THR B 6 11.19 2.14 -3.79
N GLU B 7 12.10 3.12 -3.89
CA GLU B 7 11.69 4.52 -3.93
C GLU B 7 10.64 4.74 -5.01
N ARG B 8 10.97 4.31 -6.22
CA ARG B 8 10.05 4.45 -7.34
C ARG B 8 8.74 3.73 -7.05
N CYS B 9 8.80 2.71 -6.19
CA CYS B 9 7.61 1.93 -5.84
C CYS B 9 6.71 2.70 -4.88
N ILE B 10 7.27 3.17 -3.77
CA ILE B 10 6.48 3.91 -2.78
C ILE B 10 5.78 5.10 -3.41
N GLU B 11 6.55 5.98 -4.04
CA GLU B 11 6.01 7.18 -4.67
C GLU B 11 4.86 6.86 -5.63
N SER B 12 4.88 5.65 -6.17
CA SER B 12 3.84 5.24 -7.11
C SER B 12 2.45 5.20 -6.45
N LEU B 13 2.31 4.44 -5.37
CA LEU B 13 1.03 4.31 -4.69
C LEU B 13 0.63 5.54 -3.87
N ILE B 14 1.60 6.30 -3.40
CA ILE B 14 1.28 7.49 -2.62
C ILE B 14 0.62 8.53 -3.49
N ALA B 15 1.07 8.58 -4.72
CA ALA B 15 0.60 9.57 -5.67
C ALA B 15 -0.76 9.21 -6.25
N VAL B 16 -1.02 7.91 -6.42
CA VAL B 16 -2.31 7.48 -6.91
C VAL B 16 -3.38 8.13 -6.05
N PHE B 17 -3.04 8.24 -4.77
CA PHE B 17 -3.92 8.83 -3.77
C PHE B 17 -3.88 10.37 -3.87
N GLN B 18 -2.69 10.93 -3.70
CA GLN B 18 -2.50 12.39 -3.75
C GLN B 18 -3.15 13.00 -4.99
N LYS B 19 -2.93 12.39 -6.14
CA LYS B 19 -3.45 12.90 -7.39
C LYS B 19 -4.94 13.26 -7.28
N TYR B 20 -5.74 12.33 -6.78
CA TYR B 20 -7.16 12.57 -6.59
C TYR B 20 -7.39 13.34 -5.30
N ALA B 21 -6.53 13.06 -4.34
CA ALA B 21 -6.59 13.67 -3.02
C ALA B 21 -5.85 15.01 -2.96
N GLY B 22 -5.64 15.62 -4.13
CA GLY B 22 -4.95 16.89 -4.19
C GLY B 22 -5.26 17.66 -5.46
N LYS B 23 -6.06 18.71 -5.34
CA LYS B 23 -6.43 19.53 -6.48
C LYS B 23 -6.38 21.02 -6.14
N ASP B 24 -7.01 21.39 -5.04
CA ASP B 24 -7.03 22.78 -4.60
C ASP B 24 -7.40 22.88 -3.12
N GLY B 25 -6.95 23.96 -2.48
CA GLY B 25 -7.22 24.15 -1.07
C GLY B 25 -6.46 23.20 -0.19
N HIS B 26 -7.08 22.06 0.13
CA HIS B 26 -6.45 21.05 0.97
C HIS B 26 -6.08 19.82 0.16
N SER B 27 -5.30 18.92 0.78
CA SER B 27 -4.88 17.70 0.12
C SER B 27 -4.42 16.66 1.14
N VAL B 28 -5.29 16.33 2.08
CA VAL B 28 -4.96 15.36 3.11
C VAL B 28 -5.85 14.11 3.01
N THR B 29 -7.03 14.27 2.42
CA THR B 29 -7.95 13.14 2.26
C THR B 29 -8.64 13.17 0.90
N LEU B 30 -9.03 11.99 0.45
CA LEU B 30 -9.71 11.84 -0.83
C LEU B 30 -11.21 11.57 -0.60
N SER B 31 -11.85 10.90 -1.55
CA SER B 31 -13.26 10.57 -1.42
C SER B 31 -13.56 9.23 -2.07
N LYS B 32 -14.37 8.42 -1.40
CA LYS B 32 -14.73 7.10 -1.92
C LYS B 32 -15.19 7.20 -3.38
N THR B 33 -15.89 8.29 -3.70
CA THR B 33 -16.38 8.51 -5.04
C THR B 33 -15.25 8.92 -5.97
N GLU B 34 -14.36 9.80 -5.49
CA GLU B 34 -13.23 10.23 -6.31
C GLU B 34 -12.42 9.03 -6.77
N PHE B 35 -12.44 7.97 -5.96
CA PHE B 35 -11.72 6.75 -6.29
C PHE B 35 -12.43 6.03 -7.43
N LEU B 36 -13.75 6.15 -7.47
CA LEU B 36 -14.56 5.52 -8.50
C LEU B 36 -14.00 5.82 -9.88
N SER B 37 -13.93 7.10 -10.17
CA SER B 37 -13.45 7.56 -11.45
C SER B 37 -11.98 7.19 -11.63
N PHE B 38 -11.18 7.41 -10.58
CA PHE B 38 -9.77 7.09 -10.61
C PHE B 38 -9.54 5.62 -10.93
N MET B 39 -10.49 4.79 -10.53
CA MET B 39 -10.40 3.35 -10.77
C MET B 39 -10.75 3.02 -12.22
N ASN B 40 -11.84 3.58 -12.71
CA ASN B 40 -12.30 3.34 -14.06
C ASN B 40 -11.37 3.97 -15.10
N THR B 41 -10.57 4.94 -14.68
CA THR B 41 -9.66 5.62 -15.60
C THR B 41 -8.26 5.01 -15.62
N GLU B 42 -7.80 4.55 -14.46
CA GLU B 42 -6.47 3.98 -14.35
C GLU B 42 -6.47 2.61 -13.69
N LEU B 43 -7.62 1.94 -13.69
CA LEU B 43 -7.74 0.62 -13.10
C LEU B 43 -9.00 -0.08 -13.61
N ALA B 44 -9.22 0.02 -14.92
CA ALA B 44 -10.38 -0.59 -15.56
C ALA B 44 -10.19 -2.10 -15.69
N ALA B 45 -8.93 -2.52 -15.70
CA ALA B 45 -8.61 -3.95 -15.81
C ALA B 45 -9.03 -4.71 -14.55
N PHE B 46 -9.34 -3.97 -13.49
CA PHE B 46 -9.76 -4.58 -12.23
C PHE B 46 -11.24 -4.30 -11.94
N THR B 47 -11.95 -3.78 -12.93
CA THR B 47 -13.37 -3.47 -12.76
C THR B 47 -14.18 -3.79 -14.01
N LYS B 48 -13.57 -3.59 -15.18
CA LYS B 48 -14.23 -3.84 -16.46
C LYS B 48 -15.05 -5.13 -16.42
N ASN B 49 -14.38 -6.27 -16.56
CA ASN B 49 -15.06 -7.56 -16.55
C ASN B 49 -15.77 -7.79 -15.21
N GLN B 50 -15.38 -7.04 -14.19
CA GLN B 50 -15.97 -7.16 -12.87
C GLN B 50 -15.61 -8.50 -12.23
N LYS B 51 -14.50 -9.09 -12.68
CA LYS B 51 -14.04 -10.36 -12.14
C LYS B 51 -13.74 -10.24 -10.65
N ASP B 52 -14.09 -11.28 -9.90
CA ASP B 52 -13.87 -11.28 -8.46
C ASP B 52 -14.71 -10.19 -7.79
N PRO B 53 -15.82 -10.58 -7.12
CA PRO B 53 -16.71 -9.63 -6.45
C PRO B 53 -16.28 -9.31 -5.02
N GLY B 54 -15.00 -9.53 -4.71
CA GLY B 54 -14.50 -9.27 -3.37
C GLY B 54 -13.28 -8.36 -3.36
N VAL B 55 -12.83 -7.95 -4.54
CA VAL B 55 -11.66 -7.09 -4.65
C VAL B 55 -12.05 -5.63 -4.50
N LEU B 56 -13.04 -5.21 -5.26
CA LEU B 56 -13.53 -3.85 -5.23
C LEU B 56 -14.35 -3.59 -3.97
N ASP B 57 -15.33 -4.45 -3.73
CA ASP B 57 -16.20 -4.33 -2.58
C ASP B 57 -15.40 -4.31 -1.28
N ARG B 58 -14.25 -4.97 -1.28
CA ARG B 58 -13.39 -5.04 -0.11
C ARG B 58 -12.97 -3.64 0.35
N MET B 59 -12.44 -2.86 -0.58
CA MET B 59 -11.98 -1.50 -0.28
C MET B 59 -13.10 -0.69 0.35
N MET B 60 -14.25 -0.65 -0.32
CA MET B 60 -15.39 0.11 0.16
C MET B 60 -15.88 -0.43 1.49
N LYS B 61 -15.67 -1.71 1.73
CA LYS B 61 -16.09 -2.33 2.99
C LYS B 61 -15.11 -1.98 4.10
N LYS B 62 -13.82 -1.98 3.78
CA LYS B 62 -12.78 -1.67 4.74
C LYS B 62 -12.64 -0.16 4.94
N LEU B 63 -13.09 0.61 3.94
CA LEU B 63 -13.02 2.06 4.01
C LEU B 63 -13.77 2.57 5.21
N ASP B 64 -14.97 2.05 5.40
CA ASP B 64 -15.80 2.46 6.52
C ASP B 64 -16.21 3.92 6.38
N LEU B 65 -16.71 4.28 5.20
CA LEU B 65 -17.14 5.65 4.94
C LEU B 65 -18.10 6.13 6.02
N ASN B 66 -17.57 6.81 7.03
CA ASN B 66 -18.37 7.32 8.13
C ASN B 66 -17.53 8.16 9.09
N SER B 67 -16.47 7.55 9.61
CA SER B 67 -15.58 8.24 10.55
C SER B 67 -14.77 9.32 9.83
N ASP B 68 -14.67 10.48 10.47
CA ASP B 68 -13.93 11.61 9.90
C ASP B 68 -14.73 12.29 8.79
N GLY B 69 -15.24 11.49 7.86
CA GLY B 69 -16.01 12.05 6.76
C GLY B 69 -15.18 12.24 5.52
N GLN B 70 -14.06 11.52 5.44
CA GLN B 70 -13.18 11.63 4.28
C GLN B 70 -12.27 10.41 4.17
N LEU B 71 -11.62 10.27 3.02
CA LEU B 71 -10.71 9.17 2.78
C LEU B 71 -9.50 9.31 3.71
N ASP B 72 -8.29 9.04 3.22
CA ASP B 72 -7.09 9.17 4.06
C ASP B 72 -5.84 8.64 3.35
N PHE B 73 -4.82 8.28 4.14
CA PHE B 73 -3.55 7.79 3.58
C PHE B 73 -3.57 6.28 3.27
N GLN B 74 -3.80 5.43 4.28
CA GLN B 74 -3.76 3.99 4.08
C GLN B 74 -5.01 3.45 3.41
N GLU B 75 -6.17 4.03 3.70
CA GLU B 75 -7.40 3.56 3.08
C GLU B 75 -7.21 3.44 1.57
N PHE B 76 -6.30 4.24 1.03
CA PHE B 76 -6.00 4.19 -0.40
C PHE B 76 -5.13 2.98 -0.67
N LEU B 77 -4.02 2.89 0.05
CA LEU B 77 -3.13 1.76 -0.09
C LEU B 77 -3.91 0.48 0.19
N ASN B 78 -4.86 0.59 1.12
CA ASN B 78 -5.73 -0.53 1.46
C ASN B 78 -6.78 -0.71 0.36
N LEU B 79 -7.33 0.41 -0.08
CA LEU B 79 -8.34 0.40 -1.14
C LEU B 79 -7.78 -0.27 -2.39
N ILE B 80 -6.67 0.28 -2.90
CA ILE B 80 -6.02 -0.26 -4.07
C ILE B 80 -5.20 -1.50 -3.73
N GLY B 81 -4.45 -1.44 -2.63
CA GLY B 81 -3.66 -2.58 -2.22
C GLY B 81 -4.51 -3.82 -2.14
N GLY B 82 -5.64 -3.71 -1.43
CA GLY B 82 -6.55 -4.84 -1.32
C GLY B 82 -6.87 -5.42 -2.69
N LEU B 83 -7.09 -4.55 -3.68
CA LEU B 83 -7.38 -5.00 -5.03
C LEU B 83 -6.26 -5.89 -5.55
N ALA B 84 -5.02 -5.43 -5.38
CA ALA B 84 -3.86 -6.19 -5.83
C ALA B 84 -3.87 -7.60 -5.25
N VAL B 85 -4.40 -7.71 -4.04
CA VAL B 85 -4.46 -9.00 -3.36
C VAL B 85 -5.69 -9.79 -3.76
N ALA B 86 -6.65 -9.10 -4.34
CA ALA B 86 -7.87 -9.74 -4.77
C ALA B 86 -8.00 -9.71 -6.29
N CYS B 87 -6.89 -9.40 -6.97
CA CYS B 87 -6.87 -9.35 -8.43
C CYS B 87 -5.46 -9.57 -8.97
N HIS B 88 -4.47 -9.02 -8.28
CA HIS B 88 -3.07 -9.16 -8.73
C HIS B 88 -2.43 -10.39 -8.10
N GLU B 89 -1.37 -10.88 -8.74
CA GLU B 89 -0.66 -12.06 -8.26
C GLU B 89 -0.09 -11.82 -6.86
N SER B 90 -0.85 -12.21 -5.84
CA SER B 90 -0.43 -12.05 -4.46
C SER B 90 -1.03 -13.14 -3.58
N PHE B 91 -2.34 -13.10 -3.41
CA PHE B 91 -3.04 -14.09 -2.60
C PHE B 91 -4.08 -14.83 -3.42
N VAL B 92 -4.68 -14.14 -4.39
CA VAL B 92 -5.70 -14.73 -5.24
C VAL B 92 -5.22 -16.04 -5.87
N LYS B 93 -3.91 -16.17 -6.01
CA LYS B 93 -3.32 -17.38 -6.59
C LYS B 93 -2.99 -18.40 -5.50
N ALA B 94 -3.97 -18.68 -4.65
CA ALA B 94 -3.78 -19.64 -3.56
C ALA B 94 -5.10 -20.26 -3.14
N ALA B 95 -6.11 -19.41 -2.96
CA ALA B 95 -7.43 -19.87 -2.54
C ALA B 95 -8.53 -19.20 -3.36
N PRO B 96 -8.58 -19.47 -4.68
CA PRO B 96 -9.58 -18.89 -5.57
C PRO B 96 -11.02 -19.20 -5.13
N PRO B 97 -11.31 -20.48 -4.80
CA PRO B 97 -12.64 -20.88 -4.36
C PRO B 97 -12.89 -20.57 -2.89
N GLN B 98 -11.87 -20.77 -2.06
CA GLN B 98 -11.98 -20.50 -0.63
C GLN B 98 -12.25 -19.03 -0.37
N LYS B 99 -13.00 -18.76 0.70
CA LYS B 99 -13.33 -17.39 1.06
C LYS B 99 -13.71 -17.29 2.53
N ARG B 100 -12.80 -16.77 3.35
CA ARG B 100 -13.04 -16.62 4.78
C ARG B 100 -12.00 -15.70 5.41
N PHE B 101 -12.38 -14.45 5.62
CA PHE B 101 -11.49 -13.47 6.23
C PHE B 101 -10.24 -13.28 5.37
N SER A 1 2.65 -6.52 -18.36
CA SER A 1 2.91 -5.13 -18.80
C SER A 1 2.17 -4.13 -17.90
N ARG A 2 2.30 -2.84 -18.24
CA ARG A 2 1.65 -1.79 -17.48
C ARG A 2 1.26 -0.63 -18.38
N PRO A 3 0.06 -0.69 -18.98
CA PRO A 3 -0.44 0.35 -19.89
C PRO A 3 -0.82 1.64 -19.17
N THR A 4 -0.72 1.64 -17.86
CA THR A 4 -1.07 2.82 -17.06
C THR A 4 -0.08 3.04 -15.93
N GLU A 5 0.17 4.31 -15.63
CA GLU A 5 1.08 4.70 -14.57
C GLU A 5 0.80 3.92 -13.29
N THR A 6 -0.47 3.89 -12.91
CA THR A 6 -0.89 3.16 -11.71
C THR A 6 -0.56 1.69 -11.86
N GLU A 7 -0.72 1.16 -13.07
CA GLU A 7 -0.43 -0.24 -13.35
C GLU A 7 0.96 -0.60 -12.84
N ARG A 8 1.89 0.35 -12.98
CA ARG A 8 3.26 0.15 -12.54
C ARG A 8 3.36 0.37 -11.03
N CYS A 9 2.45 1.19 -10.50
CA CYS A 9 2.43 1.49 -9.07
C CYS A 9 2.10 0.24 -8.24
N ILE A 10 1.10 -0.51 -8.67
CA ILE A 10 0.70 -1.70 -7.97
C ILE A 10 1.80 -2.74 -7.95
N GLU A 11 2.26 -3.13 -9.14
CA GLU A 11 3.32 -4.14 -9.26
C GLU A 11 4.53 -3.78 -8.42
N SER A 12 4.73 -2.49 -8.17
CA SER A 12 5.87 -2.02 -7.39
C SER A 12 5.80 -2.46 -5.93
N LEU A 13 4.71 -2.13 -5.24
CA LEU A 13 4.55 -2.47 -3.83
C LEU A 13 4.31 -3.96 -3.59
N ILE A 14 3.73 -4.66 -4.54
CA ILE A 14 3.48 -6.08 -4.38
C ILE A 14 4.78 -6.85 -4.33
N ALA A 15 5.72 -6.38 -5.11
CA ALA A 15 7.00 -7.02 -5.25
C ALA A 15 7.91 -6.79 -4.05
N VAL A 16 7.83 -5.61 -3.46
CA VAL A 16 8.63 -5.30 -2.29
C VAL A 16 8.35 -6.32 -1.19
N PHE A 17 7.09 -6.75 -1.13
CA PHE A 17 6.64 -7.70 -0.12
C PHE A 17 7.00 -9.15 -0.49
N GLN A 18 6.50 -9.63 -1.62
CA GLN A 18 6.74 -11.01 -2.04
C GLN A 18 8.21 -11.27 -2.38
N LYS A 19 8.92 -10.25 -2.85
CA LYS A 19 10.32 -10.44 -3.21
C LYS A 19 11.08 -11.09 -2.05
N TYR A 20 10.94 -10.52 -0.87
CA TYR A 20 11.58 -11.08 0.32
C TYR A 20 10.74 -12.23 0.85
N ALA A 21 9.43 -12.02 0.80
CA ALA A 21 8.46 -13.00 1.27
C ALA A 21 8.63 -14.35 0.55
N GLY A 22 9.21 -14.31 -0.65
CA GLY A 22 9.42 -15.52 -1.40
C GLY A 22 9.85 -15.25 -2.83
N LYS A 23 11.15 -15.10 -3.04
CA LYS A 23 11.68 -14.83 -4.37
C LYS A 23 11.62 -16.07 -5.24
N ASP A 24 11.94 -17.22 -4.65
CA ASP A 24 11.90 -18.48 -5.38
C ASP A 24 10.81 -19.41 -4.83
N GLY A 25 9.69 -19.47 -5.54
CA GLY A 25 8.59 -20.31 -5.12
C GLY A 25 7.33 -19.52 -4.81
N HIS A 26 6.39 -20.14 -4.11
CA HIS A 26 5.14 -19.49 -3.76
C HIS A 26 5.40 -18.22 -2.94
N SER A 27 4.32 -17.55 -2.54
CA SER A 27 4.43 -16.33 -1.76
C SER A 27 3.11 -15.97 -1.10
N VAL A 28 2.97 -16.34 0.17
CA VAL A 28 1.76 -16.05 0.93
C VAL A 28 2.02 -15.05 2.04
N THR A 29 3.17 -15.20 2.69
CA THR A 29 3.56 -14.31 3.78
C THR A 29 5.04 -13.93 3.66
N LEU A 30 5.52 -13.16 4.62
CA LEU A 30 6.91 -12.72 4.62
C LEU A 30 7.57 -13.01 5.98
N SER A 31 8.20 -11.99 6.59
CA SER A 31 8.84 -12.16 7.87
C SER A 31 9.27 -10.80 8.42
N LYS A 32 8.92 -10.54 9.68
CA LYS A 32 9.27 -9.26 10.31
C LYS A 32 10.75 -8.95 10.13
N THR A 33 11.59 -9.97 10.27
CA THR A 33 13.03 -9.81 10.12
C THR A 33 13.41 -9.64 8.65
N GLU A 34 12.81 -10.46 7.78
CA GLU A 34 13.11 -10.38 6.35
C GLU A 34 12.87 -8.96 5.83
N PHE A 35 11.94 -8.26 6.47
CA PHE A 35 11.62 -6.90 6.09
C PHE A 35 12.74 -5.95 6.53
N LEU A 36 13.47 -6.34 7.58
CA LEU A 36 14.56 -5.54 8.10
C LEU A 36 15.59 -5.27 7.03
N SER A 37 16.13 -6.35 6.50
CA SER A 37 17.16 -6.26 5.49
C SER A 37 16.67 -5.47 4.27
N PHE A 38 15.38 -5.58 3.98
CA PHE A 38 14.80 -4.88 2.84
C PHE A 38 15.03 -3.37 2.96
N MET A 39 14.93 -2.86 4.18
CA MET A 39 15.13 -1.43 4.42
C MET A 39 16.62 -1.10 4.34
N ASN A 40 17.45 -2.01 4.79
CA ASN A 40 18.89 -1.83 4.77
C ASN A 40 19.45 -1.95 3.36
N THR A 41 18.68 -2.56 2.45
CA THR A 41 19.14 -2.76 1.08
C THR A 41 18.43 -1.87 0.06
N GLU A 42 17.12 -1.75 0.16
CA GLU A 42 16.37 -0.96 -0.82
C GLU A 42 15.46 0.10 -0.20
N LEU A 43 15.15 -0.03 1.08
CA LEU A 43 14.30 0.94 1.76
C LEU A 43 15.05 1.58 2.92
N ALA A 44 16.25 2.04 2.63
CA ALA A 44 17.09 2.68 3.63
C ALA A 44 16.72 4.15 3.80
N ALA A 45 16.22 4.76 2.73
CA ALA A 45 15.82 6.15 2.76
C ALA A 45 14.80 6.38 3.88
N PHE A 46 14.09 5.33 4.25
CA PHE A 46 13.09 5.39 5.31
C PHE A 46 13.69 4.95 6.65
N THR A 47 15.02 5.00 6.75
CA THR A 47 15.72 4.61 7.97
C THR A 47 17.23 4.72 7.79
N LYS A 48 17.66 5.77 7.09
CA LYS A 48 19.08 6.00 6.84
C LYS A 48 19.63 7.07 7.77
N ASN A 49 18.84 8.11 8.00
CA ASN A 49 19.25 9.20 8.88
C ASN A 49 18.66 9.03 10.27
N GLN A 50 17.54 8.31 10.35
CA GLN A 50 16.86 8.08 11.61
C GLN A 50 16.33 9.38 12.21
N LYS A 51 15.75 10.22 11.35
CA LYS A 51 15.19 11.49 11.80
C LYS A 51 14.24 11.28 12.97
N ASP A 52 13.64 10.10 13.04
CA ASP A 52 12.72 9.76 14.10
C ASP A 52 12.69 8.24 14.33
N PRO A 53 12.92 7.79 15.57
CA PRO A 53 12.93 6.36 15.90
C PRO A 53 11.53 5.81 16.18
N GLY A 54 10.51 6.47 15.64
CA GLY A 54 9.15 6.02 15.85
C GLY A 54 8.41 5.77 14.56
N VAL A 55 9.09 5.91 13.42
CA VAL A 55 8.46 5.69 12.13
C VAL A 55 8.46 4.22 11.75
N LEU A 56 9.65 3.65 11.57
CA LEU A 56 9.78 2.25 11.19
C LEU A 56 9.52 1.32 12.38
N ASP A 57 10.24 1.57 13.47
CA ASP A 57 10.14 0.73 14.67
C ASP A 57 8.70 0.62 15.17
N ARG A 58 8.10 1.75 15.50
CA ARG A 58 6.73 1.76 16.00
C ARG A 58 5.76 1.12 15.01
N MET A 59 5.99 1.32 13.72
CA MET A 59 5.12 0.77 12.71
C MET A 59 5.36 -0.73 12.53
N MET A 60 6.61 -1.13 12.49
CA MET A 60 6.94 -2.55 12.33
C MET A 60 6.49 -3.34 13.55
N LYS A 61 6.64 -2.74 14.73
CA LYS A 61 6.24 -3.39 15.97
C LYS A 61 4.73 -3.31 16.18
N LYS A 62 4.15 -2.13 15.96
CA LYS A 62 2.72 -1.93 16.12
C LYS A 62 1.94 -2.42 14.90
N LEU A 63 2.63 -3.05 13.95
CA LEU A 63 1.98 -3.57 12.75
C LEU A 63 0.90 -4.59 13.08
N ASP A 64 0.86 -5.04 14.32
CA ASP A 64 -0.14 -6.01 14.76
C ASP A 64 0.26 -7.42 14.32
N LEU A 65 0.99 -8.12 15.18
CA LEU A 65 1.42 -9.48 14.87
C LEU A 65 1.19 -10.40 16.08
N ASN A 66 -0.04 -10.44 16.56
CA ASN A 66 -0.39 -11.27 17.71
C ASN A 66 -0.54 -12.74 17.30
N SER A 67 0.55 -13.33 16.86
CA SER A 67 0.55 -14.73 16.43
C SER A 67 -0.47 -14.95 15.31
N ASP A 68 -0.69 -13.92 14.51
CA ASP A 68 -1.63 -14.01 13.40
C ASP A 68 -1.21 -15.07 12.40
N GLY A 69 0.07 -15.05 12.04
CA GLY A 69 0.59 -16.03 11.09
C GLY A 69 1.57 -15.42 10.10
N GLN A 70 2.79 -15.19 10.55
CA GLN A 70 3.82 -14.60 9.69
C GLN A 70 3.41 -13.21 9.22
N LEU A 71 4.17 -12.65 8.28
CA LEU A 71 3.89 -11.33 7.75
C LEU A 71 2.54 -11.37 7.00
N ASP A 72 2.46 -10.72 5.84
CA ASP A 72 1.21 -10.72 5.06
C ASP A 72 1.29 -9.76 3.88
N PHE A 73 0.39 -9.96 2.91
CA PHE A 73 0.34 -9.13 1.70
C PHE A 73 0.28 -7.64 2.02
N GLN A 74 -0.74 -7.20 2.74
CA GLN A 74 -0.86 -5.78 3.05
C GLN A 74 0.04 -5.40 4.21
N GLU A 75 0.42 -6.37 5.04
CA GLU A 75 1.31 -6.08 6.15
C GLU A 75 2.44 -5.23 5.65
N PHE A 76 2.97 -5.59 4.49
CA PHE A 76 4.05 -4.83 3.90
C PHE A 76 3.53 -3.49 3.38
N LEU A 77 2.50 -3.55 2.54
CA LEU A 77 1.92 -2.32 2.00
C LEU A 77 1.59 -1.37 3.13
N ASN A 78 1.12 -1.92 4.24
CA ASN A 78 0.80 -1.14 5.43
C ASN A 78 2.10 -0.78 6.14
N LEU A 79 3.04 -1.72 6.11
CA LEU A 79 4.32 -1.49 6.77
C LEU A 79 5.07 -0.38 6.09
N ILE A 80 5.31 -0.52 4.78
CA ILE A 80 6.00 0.50 4.02
C ILE A 80 5.08 1.68 3.76
N GLY A 81 3.83 1.40 3.40
CA GLY A 81 2.88 2.47 3.16
C GLY A 81 2.80 3.39 4.36
N GLY A 82 2.60 2.79 5.54
CA GLY A 82 2.55 3.59 6.76
C GLY A 82 3.77 4.48 6.91
N LEU A 83 4.95 3.95 6.59
CA LEU A 83 6.19 4.73 6.67
C LEU A 83 6.11 5.91 5.72
N ALA A 84 5.60 5.65 4.52
CA ALA A 84 5.45 6.71 3.53
C ALA A 84 4.67 7.88 4.11
N VAL A 85 3.74 7.54 4.99
CA VAL A 85 2.89 8.53 5.63
C VAL A 85 3.57 9.12 6.86
N ALA A 86 4.57 8.43 7.36
CA ALA A 86 5.30 8.87 8.54
C ALA A 86 6.74 9.25 8.18
N CYS A 87 6.99 9.41 6.88
CA CYS A 87 8.32 9.77 6.41
C CYS A 87 8.24 10.41 5.02
N HIS A 88 7.40 9.84 4.15
CA HIS A 88 7.25 10.37 2.80
C HIS A 88 6.14 11.40 2.73
N GLU A 89 6.13 12.20 1.67
CA GLU A 89 5.12 13.23 1.49
C GLU A 89 3.72 12.63 1.47
N SER A 90 2.93 12.94 2.51
CA SER A 90 1.57 12.43 2.61
C SER A 90 0.90 12.96 3.87
N PHE A 91 1.55 12.73 5.01
CA PHE A 91 1.01 13.18 6.30
C PHE A 91 2.05 14.00 7.05
N VAL A 92 3.28 13.50 7.08
CA VAL A 92 4.37 14.18 7.78
C VAL A 92 4.60 15.57 7.17
N LYS A 93 4.40 15.68 5.87
CA LYS A 93 4.59 16.94 5.17
C LYS A 93 3.28 17.72 5.12
N ALA A 94 2.27 17.25 5.86
CA ALA A 94 0.97 17.92 5.90
C ALA A 94 0.44 17.99 7.32
N ALA A 95 1.34 18.04 8.29
CA ALA A 95 0.95 18.11 9.70
C ALA A 95 1.68 19.25 10.42
N PRO A 96 1.51 20.50 9.94
CA PRO A 96 2.15 21.66 10.57
C PRO A 96 1.83 21.77 12.06
N PRO A 97 0.56 21.62 12.45
CA PRO A 97 0.15 21.70 13.87
C PRO A 97 0.65 20.50 14.66
N GLN A 98 0.74 19.36 13.99
CA GLN A 98 1.21 18.13 14.62
C GLN A 98 2.63 18.30 15.15
N LYS A 99 2.73 18.78 16.39
CA LYS A 99 4.02 18.99 17.02
C LYS A 99 4.32 17.91 18.05
N ARG A 100 5.59 17.58 18.21
CA ARG A 100 6.01 16.55 19.16
C ARG A 100 5.94 17.09 20.59
N PHE A 101 6.24 18.37 20.76
CA PHE A 101 6.20 18.99 22.07
C PHE A 101 5.20 20.14 22.12
N SER B 1 13.82 12.36 -6.54
CA SER B 1 14.39 11.26 -7.35
C SER B 1 14.12 9.90 -6.71
N ARG B 2 14.63 8.84 -7.34
CA ARG B 2 14.43 7.49 -6.84
C ARG B 2 15.64 6.61 -7.16
N PRO B 3 16.66 6.61 -6.28
CA PRO B 3 17.89 5.83 -6.49
C PRO B 3 17.68 4.33 -6.31
N THR B 4 16.47 3.94 -5.94
CA THR B 4 16.15 2.53 -5.74
C THR B 4 14.79 2.18 -6.31
N GLU B 5 14.69 0.95 -6.82
CA GLU B 5 13.45 0.45 -7.39
C GLU B 5 12.28 0.71 -6.45
N THR B 6 12.45 0.35 -5.18
CA THR B 6 11.41 0.56 -4.18
C THR B 6 11.10 2.05 -4.06
N GLU B 7 12.13 2.88 -4.17
CA GLU B 7 11.96 4.32 -4.08
C GLU B 7 10.87 4.79 -5.03
N ARG B 8 10.81 4.15 -6.20
CA ARG B 8 9.80 4.48 -7.20
C ARG B 8 8.46 3.82 -6.84
N CYS B 9 8.54 2.71 -6.11
CA CYS B 9 7.35 1.97 -5.71
C CYS B 9 6.49 2.80 -4.75
N ILE B 10 7.13 3.42 -3.76
CA ILE B 10 6.42 4.22 -2.78
C ILE B 10 5.74 5.42 -3.43
N GLU B 11 6.52 6.24 -4.13
CA GLU B 11 5.98 7.43 -4.80
C GLU B 11 4.80 7.08 -5.69
N SER B 12 4.77 5.86 -6.19
CA SER B 12 3.71 5.42 -7.07
C SER B 12 2.35 5.36 -6.37
N LEU B 13 2.25 4.60 -5.28
CA LEU B 13 1.00 4.44 -4.56
C LEU B 13 0.57 5.69 -3.79
N ILE B 14 1.52 6.52 -3.39
CA ILE B 14 1.18 7.73 -2.67
C ILE B 14 0.44 8.70 -3.55
N ALA B 15 0.83 8.70 -4.80
CA ALA B 15 0.30 9.62 -5.79
C ALA B 15 -1.09 9.21 -6.25
N VAL B 16 -1.34 7.92 -6.35
CA VAL B 16 -2.64 7.43 -6.75
C VAL B 16 -3.70 7.96 -5.81
N PHE B 17 -3.32 8.08 -4.55
CA PHE B 17 -4.24 8.56 -3.51
C PHE B 17 -4.37 10.08 -3.50
N GLN B 18 -3.26 10.78 -3.29
CA GLN B 18 -3.26 12.25 -3.21
C GLN B 18 -3.62 12.89 -4.54
N LYS B 19 -3.29 12.24 -5.65
CA LYS B 19 -3.59 12.82 -6.96
C LYS B 19 -5.06 13.23 -7.03
N TYR B 20 -5.94 12.30 -6.69
CA TYR B 20 -7.37 12.56 -6.68
C TYR B 20 -7.74 13.28 -5.38
N ALA B 21 -7.10 12.85 -4.30
CA ALA B 21 -7.32 13.41 -2.98
C ALA B 21 -7.04 14.91 -2.96
N GLY B 22 -6.21 15.37 -3.89
CA GLY B 22 -5.88 16.78 -3.94
C GLY B 22 -4.73 17.06 -4.90
N LYS B 23 -5.05 17.26 -6.17
CA LYS B 23 -4.05 17.53 -7.18
C LYS B 23 -3.50 18.95 -7.03
N ASP B 24 -4.39 19.89 -6.74
CA ASP B 24 -3.99 21.29 -6.57
C ASP B 24 -4.22 21.75 -5.13
N GLY B 25 -3.14 21.79 -4.37
CA GLY B 25 -3.24 22.21 -2.97
C GLY B 25 -2.82 21.12 -2.00
N HIS B 26 -3.18 21.27 -0.73
CA HIS B 26 -2.85 20.30 0.29
C HIS B 26 -3.40 18.93 -0.07
N SER B 27 -3.19 17.95 0.82
CA SER B 27 -3.67 16.60 0.60
C SER B 27 -3.63 15.79 1.90
N VAL B 28 -4.77 15.69 2.56
CA VAL B 28 -4.88 14.93 3.80
C VAL B 28 -5.77 13.72 3.63
N THR B 29 -6.86 13.90 2.88
CA THR B 29 -7.80 12.81 2.61
C THR B 29 -8.22 12.80 1.15
N LEU B 30 -9.11 11.89 0.81
CA LEU B 30 -9.60 11.76 -0.56
C LEU B 30 -11.13 11.74 -0.59
N SER B 31 -11.72 10.74 -1.26
CA SER B 31 -13.17 10.63 -1.35
C SER B 31 -13.54 9.29 -1.96
N LYS B 32 -14.46 8.58 -1.31
CA LYS B 32 -14.90 7.27 -1.81
C LYS B 32 -15.28 7.34 -3.28
N THR B 33 -15.96 8.41 -3.65
CA THR B 33 -16.39 8.62 -5.03
C THR B 33 -15.21 9.01 -5.91
N GLU B 34 -14.37 9.91 -5.44
CA GLU B 34 -13.21 10.34 -6.21
C GLU B 34 -12.36 9.14 -6.62
N PHE B 35 -12.39 8.10 -5.79
CA PHE B 35 -11.64 6.89 -6.07
C PHE B 35 -12.29 6.11 -7.20
N LEU B 36 -13.60 6.30 -7.37
CA LEU B 36 -14.35 5.61 -8.41
C LEU B 36 -13.78 5.91 -9.78
N SER B 37 -13.75 7.19 -10.09
CA SER B 37 -13.26 7.64 -11.39
C SER B 37 -11.82 7.20 -11.62
N PHE B 38 -11.05 7.12 -10.53
CA PHE B 38 -9.65 6.70 -10.62
C PHE B 38 -9.53 5.32 -11.26
N MET B 39 -10.47 4.44 -10.92
CA MET B 39 -10.48 3.09 -11.46
C MET B 39 -10.94 3.11 -12.91
N ASN B 40 -11.88 3.99 -13.21
CA ASN B 40 -12.42 4.12 -14.55
C ASN B 40 -11.41 4.79 -15.49
N THR B 41 -10.43 5.48 -14.92
CA THR B 41 -9.45 6.20 -15.74
C THR B 41 -8.06 5.55 -15.73
N GLU B 42 -7.58 5.12 -14.56
CA GLU B 42 -6.23 4.55 -14.49
C GLU B 42 -6.20 3.19 -13.80
N LEU B 43 -7.23 2.84 -13.06
CA LEU B 43 -7.27 1.55 -12.37
C LEU B 43 -8.47 0.75 -12.84
N ALA B 44 -8.63 0.66 -14.16
CA ALA B 44 -9.73 -0.07 -14.76
C ALA B 44 -9.42 -1.56 -14.84
N ALA B 45 -8.13 -1.89 -14.95
CA ALA B 45 -7.71 -3.28 -15.01
C ALA B 45 -8.23 -4.06 -13.81
N PHE B 46 -8.49 -3.34 -12.72
CA PHE B 46 -9.00 -3.94 -11.50
C PHE B 46 -10.52 -3.84 -11.44
N THR B 47 -11.15 -3.63 -12.59
CA THR B 47 -12.60 -3.51 -12.68
C THR B 47 -13.04 -3.24 -14.11
N LYS B 48 -12.38 -3.90 -15.06
CA LYS B 48 -12.71 -3.73 -16.47
C LYS B 48 -13.54 -4.91 -16.98
N ASN B 49 -13.20 -6.11 -16.53
CA ASN B 49 -13.91 -7.31 -16.94
C ASN B 49 -14.93 -7.71 -15.88
N GLN B 50 -14.69 -7.31 -14.65
CA GLN B 50 -15.59 -7.62 -13.54
C GLN B 50 -15.62 -9.13 -13.27
N LYS B 51 -14.45 -9.75 -13.31
CA LYS B 51 -14.35 -11.19 -13.07
C LYS B 51 -15.05 -11.57 -11.76
N ASP B 52 -15.09 -10.61 -10.84
CA ASP B 52 -15.73 -10.83 -9.55
C ASP B 52 -16.23 -9.50 -8.98
N PRO B 53 -17.53 -9.42 -8.61
CA PRO B 53 -18.12 -8.20 -8.06
C PRO B 53 -17.90 -8.07 -6.55
N GLY B 54 -16.86 -8.72 -6.04
CA GLY B 54 -16.59 -8.65 -4.62
C GLY B 54 -15.18 -8.17 -4.32
N VAL B 55 -14.43 -7.80 -5.36
CA VAL B 55 -13.06 -7.33 -5.18
C VAL B 55 -13.03 -5.84 -4.84
N LEU B 56 -13.49 -5.01 -5.77
CA LEU B 56 -13.50 -3.57 -5.58
C LEU B 56 -14.64 -3.13 -4.66
N ASP B 57 -15.84 -3.56 -5.00
CA ASP B 57 -17.04 -3.18 -4.24
C ASP B 57 -16.92 -3.53 -2.76
N ARG B 58 -16.71 -4.81 -2.47
CA ARG B 58 -16.61 -5.26 -1.08
C ARG B 58 -15.46 -4.56 -0.36
N MET B 59 -14.37 -4.29 -1.07
CA MET B 59 -13.22 -3.65 -0.47
C MET B 59 -13.47 -2.15 -0.27
N MET B 60 -14.05 -1.49 -1.27
CA MET B 60 -14.33 -0.07 -1.17
C MET B 60 -15.39 0.19 -0.10
N LYS B 61 -16.37 -0.71 -0.02
CA LYS B 61 -17.44 -0.58 0.96
C LYS B 61 -16.98 -1.03 2.35
N LYS B 62 -16.31 -2.17 2.40
CA LYS B 62 -15.82 -2.71 3.67
C LYS B 62 -14.51 -2.04 4.11
N LEU B 63 -14.10 -1.01 3.37
CA LEU B 63 -12.86 -0.29 3.69
C LEU B 63 -12.92 0.33 5.08
N ASP B 64 -14.10 0.34 5.69
CA ASP B 64 -14.28 0.91 7.03
C ASP B 64 -14.34 2.43 6.97
N LEU B 65 -15.55 2.96 6.84
CA LEU B 65 -15.75 4.41 6.77
C LEU B 65 -16.91 4.83 7.67
N ASN B 66 -16.84 4.46 8.94
CA ASN B 66 -17.88 4.79 9.90
C ASN B 66 -17.76 6.25 10.36
N SER B 67 -17.95 7.17 9.43
CA SER B 67 -17.85 8.60 9.72
C SER B 67 -16.49 8.95 10.31
N ASP B 68 -15.47 8.19 9.92
CA ASP B 68 -14.11 8.42 10.41
C ASP B 68 -13.63 9.81 10.02
N GLY B 69 -13.83 10.17 8.75
CA GLY B 69 -13.41 11.48 8.28
C GLY B 69 -12.80 11.43 6.89
N GLN B 70 -13.67 11.33 5.88
CA GLN B 70 -13.20 11.27 4.49
C GLN B 70 -12.33 10.05 4.26
N LEU B 71 -11.70 9.98 3.09
CA LEU B 71 -10.83 8.87 2.75
C LEU B 71 -9.62 8.86 3.69
N ASP B 72 -8.42 8.61 3.17
CA ASP B 72 -7.21 8.59 4.01
C ASP B 72 -5.99 8.09 3.25
N PHE B 73 -4.81 8.39 3.77
CA PHE B 73 -3.55 8.00 3.15
C PHE B 73 -3.49 6.50 2.83
N GLN B 74 -3.61 5.64 3.85
CA GLN B 74 -3.55 4.21 3.61
C GLN B 74 -4.86 3.69 3.08
N GLU B 75 -5.96 4.40 3.34
CA GLU B 75 -7.26 3.97 2.84
C GLU B 75 -7.10 3.58 1.39
N PHE B 76 -6.38 4.39 0.65
CA PHE B 76 -6.13 4.09 -0.75
C PHE B 76 -5.18 2.91 -0.89
N LEU B 77 -4.02 3.01 -0.24
CA LEU B 77 -3.04 1.92 -0.29
C LEU B 77 -3.71 0.61 0.08
N ASN B 78 -4.62 0.68 1.05
CA ASN B 78 -5.37 -0.48 1.49
C ASN B 78 -6.47 -0.77 0.48
N LEU B 79 -7.04 0.29 -0.08
CA LEU B 79 -8.09 0.16 -1.06
C LEU B 79 -7.57 -0.51 -2.31
N ILE B 80 -6.55 0.09 -2.92
CA ILE B 80 -5.94 -0.47 -4.11
C ILE B 80 -5.09 -1.69 -3.76
N GLY B 81 -4.31 -1.57 -2.68
CA GLY B 81 -3.48 -2.68 -2.25
C GLY B 81 -4.32 -3.92 -2.07
N GLY B 82 -5.40 -3.79 -1.30
CA GLY B 82 -6.30 -4.91 -1.08
C GLY B 82 -6.75 -5.54 -2.40
N LEU B 83 -7.06 -4.69 -3.39
CA LEU B 83 -7.48 -5.20 -4.70
C LEU B 83 -6.37 -6.00 -5.33
N ALA B 84 -5.15 -5.49 -5.20
CA ALA B 84 -3.99 -6.19 -5.75
C ALA B 84 -3.93 -7.62 -5.22
N VAL B 85 -4.40 -7.77 -3.99
CA VAL B 85 -4.42 -9.08 -3.33
C VAL B 85 -5.66 -9.87 -3.69
N ALA B 86 -6.67 -9.16 -4.20
CA ALA B 86 -7.91 -9.80 -4.59
C ALA B 86 -8.11 -9.74 -6.10
N CYS B 87 -7.04 -9.43 -6.82
CA CYS B 87 -7.08 -9.33 -8.27
C CYS B 87 -5.69 -9.51 -8.86
N HIS B 88 -4.69 -8.87 -8.25
CA HIS B 88 -3.32 -8.97 -8.73
C HIS B 88 -2.59 -10.14 -8.09
N GLU B 89 -1.48 -10.54 -8.70
CA GLU B 89 -0.69 -11.66 -8.19
C GLU B 89 -0.22 -11.39 -6.76
N SER B 90 -0.74 -12.16 -5.81
CA SER B 90 -0.37 -12.02 -4.41
C SER B 90 -1.11 -13.02 -3.55
N PHE B 91 -2.44 -13.04 -3.66
CA PHE B 91 -3.26 -13.98 -2.90
C PHE B 91 -4.20 -14.76 -3.82
N VAL B 92 -4.83 -14.05 -4.75
CA VAL B 92 -5.75 -14.67 -5.68
C VAL B 92 -5.03 -15.71 -6.54
N LYS B 93 -3.77 -15.45 -6.84
CA LYS B 93 -2.96 -16.36 -7.63
C LYS B 93 -2.20 -17.34 -6.73
N ALA B 94 -2.55 -17.36 -5.45
CA ALA B 94 -1.91 -18.24 -4.49
C ALA B 94 -2.93 -18.87 -3.55
N ALA B 95 -4.15 -19.04 -4.05
CA ALA B 95 -5.22 -19.62 -3.24
C ALA B 95 -5.92 -20.76 -3.99
N PRO B 96 -5.18 -21.80 -4.41
CA PRO B 96 -5.75 -22.94 -5.12
C PRO B 96 -6.92 -23.58 -4.37
N PRO B 97 -6.77 -23.83 -3.05
CA PRO B 97 -7.84 -24.43 -2.25
C PRO B 97 -9.00 -23.46 -2.05
N GLN B 98 -8.68 -22.17 -1.99
CA GLN B 98 -9.69 -21.13 -1.80
C GLN B 98 -10.71 -21.17 -2.93
N LYS B 99 -11.75 -21.98 -2.75
CA LYS B 99 -12.80 -22.11 -3.76
C LYS B 99 -14.06 -21.36 -3.32
N ARG B 100 -14.79 -20.84 -4.30
CA ARG B 100 -16.03 -20.11 -4.02
C ARG B 100 -17.16 -21.05 -3.64
N PHE B 101 -17.16 -22.24 -4.25
CA PHE B 101 -18.19 -23.24 -3.96
C PHE B 101 -17.56 -24.52 -3.42
N SER A 1 1.64 -0.77 -26.09
CA SER A 1 2.24 0.58 -26.21
C SER A 1 2.71 1.11 -24.86
N ARG A 2 1.80 1.15 -23.89
CA ARG A 2 2.13 1.62 -22.55
C ARG A 2 0.99 1.31 -21.58
N PRO A 3 1.31 0.68 -20.44
CA PRO A 3 0.30 0.33 -19.42
C PRO A 3 -0.26 1.58 -18.72
N THR A 4 0.20 1.84 -17.50
CA THR A 4 -0.27 2.99 -16.74
C THR A 4 0.56 3.20 -15.49
N GLU A 5 0.77 4.47 -15.16
CA GLU A 5 1.55 4.85 -13.98
C GLU A 5 1.17 3.99 -12.78
N THR A 6 -0.13 3.89 -12.52
CA THR A 6 -0.63 3.10 -11.41
C THR A 6 -0.26 1.64 -11.60
N GLU A 7 -0.37 1.16 -12.84
CA GLU A 7 -0.04 -0.23 -13.14
C GLU A 7 1.33 -0.60 -12.58
N ARG A 8 2.26 0.35 -12.64
CA ARG A 8 3.60 0.14 -12.13
C ARG A 8 3.64 0.29 -10.61
N CYS A 9 2.71 1.09 -10.08
CA CYS A 9 2.64 1.34 -8.65
C CYS A 9 2.25 0.07 -7.87
N ILE A 10 1.28 -0.68 -8.41
CA ILE A 10 0.83 -1.90 -7.77
C ILE A 10 1.86 -3.00 -7.86
N GLU A 11 2.30 -3.30 -9.08
CA GLU A 11 3.27 -4.37 -9.31
C GLU A 11 4.50 -4.21 -8.42
N SER A 12 4.81 -2.98 -8.03
CA SER A 12 5.98 -2.73 -7.20
C SER A 12 5.73 -3.13 -5.74
N LEU A 13 4.68 -2.58 -5.13
CA LEU A 13 4.36 -2.89 -3.75
C LEU A 13 4.11 -4.38 -3.52
N ILE A 14 3.68 -5.07 -4.54
CA ILE A 14 3.44 -6.50 -4.45
C ILE A 14 4.74 -7.25 -4.42
N ALA A 15 5.67 -6.76 -5.21
CA ALA A 15 6.97 -7.35 -5.36
C ALA A 15 7.85 -7.11 -4.14
N VAL A 16 7.73 -5.94 -3.55
CA VAL A 16 8.49 -5.61 -2.35
C VAL A 16 8.20 -6.64 -1.27
N PHE A 17 6.95 -7.08 -1.23
CA PHE A 17 6.51 -8.06 -0.22
C PHE A 17 6.90 -9.49 -0.58
N GLN A 18 6.43 -9.98 -1.72
CA GLN A 18 6.72 -11.36 -2.15
C GLN A 18 8.20 -11.59 -2.41
N LYS A 19 8.86 -10.61 -3.02
CA LYS A 19 10.29 -10.75 -3.33
C LYS A 19 11.06 -11.25 -2.11
N TYR A 20 10.86 -10.60 -0.97
CA TYR A 20 11.51 -11.01 0.26
C TYR A 20 10.77 -12.19 0.86
N ALA A 21 9.45 -12.11 0.76
CA ALA A 21 8.55 -13.13 1.27
C ALA A 21 8.82 -14.49 0.63
N GLY A 22 9.48 -14.50 -0.51
CA GLY A 22 9.77 -15.74 -1.20
C GLY A 22 11.26 -15.98 -1.38
N LYS A 23 12.00 -14.91 -1.60
CA LYS A 23 13.46 -15.00 -1.79
C LYS A 23 13.78 -15.72 -3.10
N ASP A 24 13.45 -17.00 -3.16
CA ASP A 24 13.70 -17.80 -4.36
C ASP A 24 12.39 -18.15 -5.06
N GLY A 25 11.38 -17.31 -4.88
CA GLY A 25 10.10 -17.55 -5.51
C GLY A 25 8.95 -16.99 -4.70
N HIS A 26 8.32 -17.85 -3.90
CA HIS A 26 7.19 -17.44 -3.07
C HIS A 26 6.78 -18.56 -2.12
N SER A 27 6.52 -18.21 -0.87
CA SER A 27 6.13 -19.19 0.14
C SER A 27 5.04 -18.63 1.05
N VAL A 28 4.28 -17.67 0.55
CA VAL A 28 3.21 -17.06 1.33
C VAL A 28 3.76 -16.30 2.53
N THR A 29 3.23 -15.10 2.75
CA THR A 29 3.66 -14.26 3.86
C THR A 29 5.16 -13.99 3.82
N LEU A 30 5.56 -12.87 4.40
CA LEU A 30 6.96 -12.49 4.44
C LEU A 30 7.57 -12.80 5.81
N SER A 31 8.23 -11.81 6.43
CA SER A 31 8.84 -12.01 7.74
C SER A 31 9.34 -10.68 8.28
N LYS A 32 8.87 -10.30 9.47
CA LYS A 32 9.27 -9.04 10.08
C LYS A 32 10.78 -8.88 10.08
N THR A 33 11.50 -9.99 10.26
CA THR A 33 12.95 -9.97 10.28
C THR A 33 13.49 -9.81 8.85
N GLU A 34 12.89 -10.52 7.91
CA GLU A 34 13.33 -10.43 6.52
C GLU A 34 13.20 -8.99 6.02
N PHE A 35 12.24 -8.28 6.60
CA PHE A 35 11.99 -6.88 6.24
C PHE A 35 13.13 -6.01 6.78
N LEU A 36 13.68 -6.40 7.92
CA LEU A 36 14.76 -5.67 8.55
C LEU A 36 15.88 -5.37 7.57
N SER A 37 16.43 -6.44 7.03
CA SER A 37 17.53 -6.32 6.09
C SER A 37 17.13 -5.57 4.83
N PHE A 38 16.07 -6.04 4.17
CA PHE A 38 15.58 -5.41 2.96
C PHE A 38 15.23 -3.95 3.19
N MET A 39 14.70 -3.65 4.37
CA MET A 39 14.33 -2.29 4.73
C MET A 39 15.58 -1.44 4.98
N ASN A 40 16.65 -2.09 5.41
CA ASN A 40 17.91 -1.40 5.67
C ASN A 40 18.59 -1.01 4.37
N THR A 41 18.19 -1.65 3.28
CA THR A 41 18.78 -1.39 1.97
C THR A 41 17.77 -0.70 1.04
N GLU A 42 16.89 -1.49 0.44
CA GLU A 42 15.88 -0.98 -0.48
C GLU A 42 15.17 0.25 0.09
N LEU A 43 15.04 0.31 1.40
CA LEU A 43 14.38 1.42 2.05
C LEU A 43 15.20 1.92 3.24
N ALA A 44 16.47 2.19 2.98
CA ALA A 44 17.37 2.67 4.02
C ALA A 44 17.16 4.16 4.28
N ALA A 45 16.97 4.91 3.20
CA ALA A 45 16.76 6.36 3.29
C ALA A 45 15.60 6.67 4.24
N PHE A 46 14.67 5.73 4.36
CA PHE A 46 13.51 5.92 5.23
C PHE A 46 13.86 5.59 6.68
N THR A 47 14.64 4.53 6.86
CA THR A 47 15.04 4.09 8.20
C THR A 47 16.34 4.80 8.61
N LYS A 48 17.48 4.23 8.21
CA LYS A 48 18.80 4.79 8.53
C LYS A 48 18.83 5.40 9.94
N ASN A 49 18.64 6.71 10.02
CA ASN A 49 18.64 7.40 11.31
C ASN A 49 17.89 8.73 11.21
N GLN A 50 16.72 8.69 10.55
CA GLN A 50 15.90 9.89 10.39
C GLN A 50 15.63 10.56 11.73
N LYS A 51 14.87 11.65 11.70
CA LYS A 51 14.53 12.39 12.91
C LYS A 51 13.17 11.96 13.45
N ASP A 52 12.79 10.72 13.15
CA ASP A 52 11.50 10.19 13.60
C ASP A 52 11.62 8.70 13.92
N PRO A 53 11.73 8.35 15.21
CA PRO A 53 11.84 6.95 15.64
C PRO A 53 10.51 6.19 15.58
N GLY A 54 9.47 6.87 15.12
CA GLY A 54 8.16 6.23 15.02
C GLY A 54 7.91 5.62 13.66
N VAL A 55 8.61 6.12 12.64
CA VAL A 55 8.43 5.61 11.28
C VAL A 55 8.48 4.09 11.24
N LEU A 56 9.61 3.52 11.65
CA LEU A 56 9.78 2.08 11.67
C LEU A 56 8.88 1.45 12.74
N ASP A 57 8.88 2.06 13.90
CA ASP A 57 8.08 1.57 15.01
C ASP A 57 6.61 1.47 14.62
N ARG A 58 6.19 2.27 13.66
CA ARG A 58 4.81 2.27 13.20
C ARG A 58 4.50 1.01 12.37
N MET A 59 5.30 0.77 11.33
CA MET A 59 5.11 -0.38 10.48
C MET A 59 5.10 -1.68 11.28
N MET A 60 6.15 -1.89 12.05
CA MET A 60 6.29 -3.09 12.86
C MET A 60 5.22 -3.18 13.94
N LYS A 61 4.65 -2.05 14.32
CA LYS A 61 3.61 -2.03 15.36
C LYS A 61 2.33 -2.72 14.88
N LYS A 62 1.74 -2.18 13.82
CA LYS A 62 0.50 -2.73 13.27
C LYS A 62 0.68 -4.16 12.78
N LEU A 63 1.91 -4.51 12.40
CA LEU A 63 2.21 -5.85 11.91
C LEU A 63 1.89 -6.91 12.95
N ASP A 64 1.80 -6.50 14.21
CA ASP A 64 1.52 -7.44 15.27
C ASP A 64 2.66 -8.44 15.41
N LEU A 65 3.88 -7.91 15.57
CA LEU A 65 5.07 -8.74 15.68
C LEU A 65 4.83 -9.99 16.52
N ASN A 66 4.90 -11.15 15.85
CA ASN A 66 4.69 -12.42 16.53
C ASN A 66 5.44 -13.54 15.81
N SER A 67 6.14 -14.37 16.57
CA SER A 67 6.90 -15.47 16.01
C SER A 67 6.00 -16.64 15.61
N ASP A 68 4.82 -16.70 16.24
CA ASP A 68 3.86 -17.77 15.96
C ASP A 68 2.86 -17.33 14.90
N GLY A 69 3.35 -16.66 13.85
CA GLY A 69 2.48 -16.20 12.79
C GLY A 69 3.21 -16.03 11.47
N GLN A 70 3.21 -14.80 10.96
CA GLN A 70 3.89 -14.50 9.69
C GLN A 70 3.47 -13.12 9.20
N LEU A 71 4.20 -12.61 8.20
CA LEU A 71 3.89 -11.30 7.63
C LEU A 71 2.59 -11.41 6.81
N ASP A 72 2.52 -10.79 5.64
CA ASP A 72 1.31 -10.86 4.82
C ASP A 72 1.38 -9.94 3.61
N PHE A 73 0.33 -9.96 2.81
CA PHE A 73 0.25 -9.13 1.61
C PHE A 73 0.24 -7.65 1.96
N GLN A 74 -0.73 -7.23 2.76
CA GLN A 74 -0.80 -5.84 3.15
C GLN A 74 0.20 -5.55 4.25
N GLU A 75 0.62 -6.60 4.97
CA GLU A 75 1.60 -6.44 6.03
C GLU A 75 2.72 -5.53 5.54
N PHE A 76 3.06 -5.68 4.26
CA PHE A 76 4.08 -4.86 3.64
C PHE A 76 3.50 -3.51 3.26
N LEU A 77 2.41 -3.53 2.50
CA LEU A 77 1.76 -2.29 2.09
C LEU A 77 1.49 -1.43 3.31
N ASN A 78 1.20 -2.08 4.42
CA ASN A 78 0.95 -1.40 5.69
C ASN A 78 2.29 -0.96 6.28
N LEU A 79 3.24 -1.89 6.33
CA LEU A 79 4.57 -1.61 6.86
C LEU A 79 5.22 -0.49 6.04
N ILE A 80 5.36 -0.71 4.74
CA ILE A 80 5.96 0.27 3.84
C ILE A 80 5.04 1.48 3.62
N GLY A 81 3.76 1.22 3.36
CA GLY A 81 2.82 2.31 3.15
C GLY A 81 2.88 3.27 4.31
N GLY A 82 2.78 2.73 5.52
CA GLY A 82 2.86 3.57 6.71
C GLY A 82 4.10 4.45 6.69
N LEU A 83 5.18 3.94 6.10
CA LEU A 83 6.43 4.70 6.00
C LEU A 83 6.22 5.93 5.13
N ALA A 84 5.58 5.72 3.99
CA ALA A 84 5.33 6.82 3.08
C ALA A 84 4.58 7.95 3.78
N VAL A 85 3.74 7.55 4.73
CA VAL A 85 2.95 8.51 5.50
C VAL A 85 3.74 9.04 6.69
N ALA A 86 4.80 8.34 7.05
CA ALA A 86 5.62 8.72 8.18
C ALA A 86 7.05 9.05 7.75
N CYS A 87 7.25 9.20 6.44
CA CYS A 87 8.57 9.51 5.90
C CYS A 87 8.44 10.27 4.58
N HIS A 88 7.54 9.83 3.71
CA HIS A 88 7.34 10.49 2.43
C HIS A 88 6.41 11.68 2.57
N GLU A 89 6.62 12.71 1.74
CA GLU A 89 5.80 13.91 1.77
C GLU A 89 4.32 13.57 1.57
N SER A 90 3.63 13.24 2.66
CA SER A 90 2.22 12.90 2.59
C SER A 90 1.68 12.56 3.98
N PHE A 91 0.97 13.51 4.59
CA PHE A 91 0.40 13.32 5.93
C PHE A 91 1.42 13.60 7.03
N VAL A 92 2.70 13.35 6.74
CA VAL A 92 3.76 13.56 7.72
C VAL A 92 3.70 14.97 8.31
N LYS A 93 3.14 15.08 9.51
CA LYS A 93 3.02 16.38 10.18
C LYS A 93 2.30 17.39 9.30
N ALA A 94 1.43 16.90 8.43
CA ALA A 94 0.68 17.76 7.53
C ALA A 94 1.62 18.61 6.66
N ALA A 95 2.53 17.93 5.96
CA ALA A 95 3.49 18.61 5.10
C ALA A 95 2.78 19.32 3.95
N PRO A 96 2.13 18.56 3.05
CA PRO A 96 1.40 19.11 1.91
C PRO A 96 0.62 20.38 2.23
N PRO A 97 -0.26 20.35 3.25
CA PRO A 97 -1.05 21.52 3.64
C PRO A 97 -0.20 22.65 4.22
N GLN A 98 1.08 22.36 4.48
CA GLN A 98 1.98 23.36 5.03
C GLN A 98 2.76 24.07 3.93
N LYS A 99 2.15 24.18 2.75
CA LYS A 99 2.79 24.83 1.61
C LYS A 99 4.12 24.17 1.28
N ARG A 100 4.89 24.82 0.40
CA ARG A 100 6.19 24.30 0.00
C ARG A 100 7.27 24.69 0.99
N PHE A 101 7.56 25.99 1.07
CA PHE A 101 8.58 26.50 1.98
C PHE A 101 7.99 27.55 2.91
N SER B 1 22.29 9.25 -10.07
CA SER B 1 22.44 8.16 -11.08
C SER B 1 21.14 7.36 -11.20
N ARG B 2 20.67 6.83 -10.08
CA ARG B 2 19.45 6.03 -10.06
C ARG B 2 18.99 5.76 -8.63
N PRO B 3 17.72 6.06 -8.31
CA PRO B 3 17.16 5.86 -6.97
C PRO B 3 17.03 4.37 -6.63
N THR B 4 15.82 3.84 -6.69
CA THR B 4 15.58 2.43 -6.39
C THR B 4 14.16 2.03 -6.77
N GLU B 5 14.04 0.78 -7.24
CA GLU B 5 12.77 0.23 -7.65
C GLU B 5 11.67 0.56 -6.64
N THR B 6 11.96 0.30 -5.36
CA THR B 6 11.02 0.58 -4.29
C THR B 6 10.73 2.08 -4.22
N GLU B 7 11.78 2.89 -4.40
CA GLU B 7 11.62 4.34 -4.35
C GLU B 7 10.48 4.79 -5.27
N ARG B 8 10.35 4.12 -6.41
CA ARG B 8 9.30 4.44 -7.36
C ARG B 8 7.97 3.81 -6.92
N CYS B 9 8.05 2.72 -6.17
CA CYS B 9 6.85 2.02 -5.69
C CYS B 9 6.07 2.88 -4.69
N ILE B 10 6.78 3.53 -3.79
CA ILE B 10 6.15 4.36 -2.78
C ILE B 10 5.57 5.64 -3.38
N GLU B 11 6.41 6.39 -4.08
CA GLU B 11 5.98 7.65 -4.69
C GLU B 11 4.73 7.49 -5.53
N SER B 12 4.51 6.29 -6.06
CA SER B 12 3.34 6.04 -6.89
C SER B 12 2.07 5.90 -6.05
N LEU B 13 2.08 4.98 -5.08
CA LEU B 13 0.91 4.75 -4.24
C LEU B 13 0.51 6.01 -3.46
N ILE B 14 1.46 6.90 -3.21
CA ILE B 14 1.18 8.13 -2.52
C ILE B 14 0.45 9.08 -3.42
N ALA B 15 0.87 9.07 -4.66
CA ALA B 15 0.34 9.94 -5.69
C ALA B 15 -1.05 9.53 -6.13
N VAL B 16 -1.28 8.22 -6.19
CA VAL B 16 -2.59 7.71 -6.56
C VAL B 16 -3.65 8.25 -5.62
N PHE B 17 -3.25 8.39 -4.35
CA PHE B 17 -4.16 8.89 -3.31
C PHE B 17 -4.31 10.40 -3.33
N GLN B 18 -3.20 11.12 -3.15
CA GLN B 18 -3.23 12.59 -3.12
C GLN B 18 -3.66 13.20 -4.45
N LYS B 19 -3.19 12.62 -5.56
CA LYS B 19 -3.53 13.15 -6.87
C LYS B 19 -5.04 13.39 -6.99
N TYR B 20 -5.83 12.39 -6.63
CA TYR B 20 -7.28 12.52 -6.66
C TYR B 20 -7.75 13.27 -5.43
N ALA B 21 -7.09 12.94 -4.32
CA ALA B 21 -7.39 13.54 -3.03
C ALA B 21 -7.21 15.06 -3.05
N GLY B 22 -6.47 15.56 -4.02
CA GLY B 22 -6.25 16.99 -4.13
C GLY B 22 -6.76 17.57 -5.43
N LYS B 23 -6.64 16.81 -6.51
CA LYS B 23 -7.10 17.25 -7.83
C LYS B 23 -6.22 18.39 -8.33
N ASP B 24 -6.30 19.54 -7.66
CA ASP B 24 -5.50 20.70 -8.04
C ASP B 24 -4.42 20.98 -7.00
N GLY B 25 -3.97 19.93 -6.32
CA GLY B 25 -2.94 20.09 -5.31
C GLY B 25 -3.07 19.08 -4.19
N HIS B 26 -3.69 19.49 -3.09
CA HIS B 26 -3.87 18.62 -1.94
C HIS B 26 -4.78 19.27 -0.90
N SER B 27 -5.71 18.49 -0.36
CA SER B 27 -6.64 19.00 0.64
C SER B 27 -6.89 17.98 1.74
N VAL B 28 -5.93 17.08 1.95
CA VAL B 28 -6.05 16.05 2.97
C VAL B 28 -7.19 15.09 2.65
N THR B 29 -6.91 13.80 2.82
CA THR B 29 -7.91 12.75 2.55
C THR B 29 -8.42 12.83 1.12
N LEU B 30 -8.88 11.70 0.61
CA LEU B 30 -9.41 11.63 -0.75
C LEU B 30 -10.95 11.60 -0.72
N SER B 31 -11.56 10.64 -1.40
CA SER B 31 -13.01 10.53 -1.43
C SER B 31 -13.43 9.24 -2.11
N LYS B 32 -14.20 8.41 -1.41
CA LYS B 32 -14.65 7.13 -1.96
C LYS B 32 -15.23 7.30 -3.35
N THR B 33 -15.93 8.41 -3.56
CA THR B 33 -16.54 8.70 -4.86
C THR B 33 -15.47 9.10 -5.87
N GLU B 34 -14.53 9.94 -5.44
CA GLU B 34 -13.46 10.38 -6.33
C GLU B 34 -12.67 9.18 -6.83
N PHE B 35 -12.63 8.13 -6.01
CA PHE B 35 -11.92 6.90 -6.36
C PHE B 35 -12.69 6.16 -7.44
N LEU B 36 -14.01 6.29 -7.43
CA LEU B 36 -14.87 5.63 -8.41
C LEU B 36 -14.39 5.90 -9.82
N SER B 37 -14.36 7.17 -10.15
CA SER B 37 -13.96 7.59 -11.49
C SER B 37 -12.53 7.20 -11.79
N PHE B 38 -11.60 7.62 -10.93
CA PHE B 38 -10.19 7.32 -11.11
C PHE B 38 -9.94 5.82 -11.18
N MET B 39 -10.71 5.06 -10.40
CA MET B 39 -10.59 3.62 -10.38
C MET B 39 -11.15 3.01 -11.66
N ASN B 40 -12.11 3.71 -12.27
CA ASN B 40 -12.72 3.24 -13.51
C ASN B 40 -11.76 3.42 -14.68
N THR B 41 -10.77 4.28 -14.50
CA THR B 41 -9.80 4.57 -15.54
C THR B 41 -8.41 4.02 -15.18
N GLU B 42 -7.69 4.76 -14.36
CA GLU B 42 -6.34 4.36 -13.93
C GLU B 42 -6.29 2.90 -13.50
N LEU B 43 -7.40 2.41 -12.95
CA LEU B 43 -7.47 1.02 -12.49
C LEU B 43 -8.75 0.37 -12.98
N ALA B 44 -9.00 0.46 -14.27
CA ALA B 44 -10.19 -0.13 -14.88
C ALA B 44 -10.02 -1.63 -15.06
N ALA B 45 -8.84 -2.02 -15.51
CA ALA B 45 -8.52 -3.43 -15.74
C ALA B 45 -8.82 -4.27 -14.49
N PHE B 46 -8.74 -3.63 -13.33
CA PHE B 46 -8.99 -4.31 -12.06
C PHE B 46 -10.49 -4.39 -11.77
N THR B 47 -11.20 -3.30 -12.06
CA THR B 47 -12.64 -3.24 -11.84
C THR B 47 -13.40 -3.75 -13.07
N LYS B 48 -13.63 -2.86 -14.04
CA LYS B 48 -14.34 -3.21 -15.28
C LYS B 48 -15.47 -4.21 -15.02
N ASN B 49 -15.20 -5.49 -15.22
CA ASN B 49 -16.19 -6.54 -15.01
C ASN B 49 -15.51 -7.89 -14.79
N GLN B 50 -14.46 -7.90 -13.97
CA GLN B 50 -13.73 -9.12 -13.68
C GLN B 50 -14.66 -10.22 -13.20
N LYS B 51 -14.09 -11.37 -12.86
CA LYS B 51 -14.88 -12.51 -12.39
C LYS B 51 -14.88 -12.56 -10.87
N ASP B 52 -14.71 -11.40 -10.24
CA ASP B 52 -14.70 -11.31 -8.78
C ASP B 52 -15.33 -10.02 -8.31
N PRO B 53 -16.59 -10.07 -7.85
CA PRO B 53 -17.32 -8.89 -7.37
C PRO B 53 -16.87 -8.44 -5.98
N GLY B 54 -15.89 -9.14 -5.42
CA GLY B 54 -15.39 -8.80 -4.09
C GLY B 54 -14.21 -7.85 -4.13
N VAL B 55 -13.48 -7.85 -5.26
CA VAL B 55 -12.32 -6.99 -5.41
C VAL B 55 -12.62 -5.56 -4.98
N LEU B 56 -13.57 -4.92 -5.66
CA LEU B 56 -13.95 -3.56 -5.35
C LEU B 56 -14.66 -3.50 -4.00
N ASP B 57 -15.57 -4.43 -3.80
CA ASP B 57 -16.32 -4.50 -2.56
C ASP B 57 -15.39 -4.58 -1.35
N ARG B 58 -14.19 -5.12 -1.56
CA ARG B 58 -13.21 -5.24 -0.49
C ARG B 58 -12.61 -3.89 -0.11
N MET B 59 -12.08 -3.17 -1.10
CA MET B 59 -11.48 -1.87 -0.85
C MET B 59 -12.45 -0.92 -0.16
N MET B 60 -13.62 -0.76 -0.76
CA MET B 60 -14.64 0.13 -0.24
C MET B 60 -15.19 -0.34 1.11
N LYS B 61 -15.04 -1.63 1.39
CA LYS B 61 -15.53 -2.19 2.65
C LYS B 61 -14.72 -1.67 3.84
N LYS B 62 -13.42 -1.96 3.84
CA LYS B 62 -12.53 -1.54 4.92
C LYS B 62 -12.48 -0.01 5.05
N LEU B 63 -12.72 0.69 3.94
CA LEU B 63 -12.69 2.14 3.93
C LEU B 63 -13.71 2.73 4.89
N ASP B 64 -14.68 1.93 5.28
CA ASP B 64 -15.71 2.40 6.18
C ASP B 64 -16.51 3.53 5.53
N LEU B 65 -17.04 3.24 4.34
CA LEU B 65 -17.81 4.22 3.57
C LEU B 65 -18.71 5.07 4.47
N ASN B 66 -18.40 6.36 4.54
CA ASN B 66 -19.17 7.29 5.37
C ASN B 66 -19.08 8.71 4.80
N SER B 67 -20.22 9.38 4.69
CA SER B 67 -20.26 10.74 4.18
C SER B 67 -19.78 11.75 5.22
N ASP B 68 -19.86 11.37 6.49
CA ASP B 68 -19.44 12.25 7.57
C ASP B 68 -17.99 11.97 7.97
N GLY B 69 -17.13 11.77 6.97
CA GLY B 69 -15.73 11.50 7.24
C GLY B 69 -14.84 11.92 6.09
N GLN B 70 -14.12 10.94 5.52
CA GLN B 70 -13.21 11.18 4.40
C GLN B 70 -12.31 9.98 4.17
N LEU B 71 -11.63 9.97 3.03
CA LEU B 71 -10.72 8.89 2.69
C LEU B 71 -9.49 8.97 3.61
N ASP B 72 -8.29 8.75 3.07
CA ASP B 72 -7.08 8.82 3.90
C ASP B 72 -5.85 8.36 3.12
N PHE B 73 -4.69 8.41 3.79
CA PHE B 73 -3.43 8.00 3.19
C PHE B 73 -3.43 6.52 2.86
N GLN B 74 -3.65 5.68 3.86
CA GLN B 74 -3.68 4.25 3.61
C GLN B 74 -5.01 3.85 3.02
N GLU B 75 -6.03 4.69 3.21
CA GLU B 75 -7.34 4.40 2.65
C GLU B 75 -7.18 3.95 1.21
N PHE B 76 -6.22 4.56 0.52
CA PHE B 76 -5.93 4.20 -0.85
C PHE B 76 -5.07 2.96 -0.89
N LEU B 77 -3.94 2.99 -0.17
CA LEU B 77 -3.05 1.83 -0.13
C LEU B 77 -3.85 0.59 0.25
N ASN B 78 -4.85 0.79 1.09
CA ASN B 78 -5.73 -0.29 1.52
C ASN B 78 -6.72 -0.61 0.41
N LEU B 79 -7.34 0.43 -0.13
CA LEU B 79 -8.30 0.28 -1.21
C LEU B 79 -7.62 -0.37 -2.42
N ILE B 80 -6.57 0.28 -2.92
CA ILE B 80 -5.81 -0.22 -4.05
C ILE B 80 -4.99 -1.46 -3.70
N GLY B 81 -4.28 -1.39 -2.57
CA GLY B 81 -3.49 -2.54 -2.15
C GLY B 81 -4.33 -3.79 -2.11
N GLY B 82 -5.47 -3.69 -1.45
CA GLY B 82 -6.39 -4.82 -1.38
C GLY B 82 -6.70 -5.37 -2.76
N LEU B 83 -6.73 -4.49 -3.76
CA LEU B 83 -7.00 -4.90 -5.13
C LEU B 83 -5.89 -5.81 -5.63
N ALA B 84 -4.66 -5.40 -5.39
CA ALA B 84 -3.51 -6.18 -5.81
C ALA B 84 -3.59 -7.60 -5.27
N VAL B 85 -4.17 -7.71 -4.08
CA VAL B 85 -4.33 -8.99 -3.43
C VAL B 85 -5.59 -9.70 -3.88
N ALA B 86 -6.50 -8.94 -4.47
CA ALA B 86 -7.76 -9.48 -4.95
C ALA B 86 -7.89 -9.36 -6.47
N CYS B 87 -6.79 -9.04 -7.13
CA CYS B 87 -6.79 -8.89 -8.57
C CYS B 87 -5.42 -9.19 -9.16
N HIS B 88 -4.36 -8.70 -8.50
CA HIS B 88 -3.01 -8.95 -8.98
C HIS B 88 -2.50 -10.29 -8.47
N GLU B 89 -1.64 -10.94 -9.27
CA GLU B 89 -1.08 -12.23 -8.91
C GLU B 89 -0.35 -12.17 -7.57
N SER B 90 -1.10 -12.34 -6.48
CA SER B 90 -0.53 -12.30 -5.14
C SER B 90 -1.62 -12.53 -4.09
N PHE B 91 -1.66 -13.76 -3.56
CA PHE B 91 -2.65 -14.12 -2.53
C PHE B 91 -3.99 -14.51 -3.14
N VAL B 92 -4.32 -13.92 -4.30
CA VAL B 92 -5.58 -14.21 -4.97
C VAL B 92 -5.78 -15.71 -5.16
N LYS B 93 -6.59 -16.30 -4.30
CA LYS B 93 -6.87 -17.73 -4.36
C LYS B 93 -5.58 -18.55 -4.35
N ALA B 94 -4.54 -18.00 -3.72
CA ALA B 94 -3.26 -18.68 -3.63
C ALA B 94 -2.70 -18.99 -5.02
N ALA B 95 -2.60 -17.95 -5.86
CA ALA B 95 -2.09 -18.12 -7.20
C ALA B 95 -0.62 -18.56 -7.19
N PRO B 96 0.28 -17.71 -6.67
CA PRO B 96 1.70 -18.01 -6.60
C PRO B 96 2.01 -19.45 -6.20
N PRO B 97 1.45 -19.93 -5.07
CA PRO B 97 1.68 -21.30 -4.59
C PRO B 97 1.05 -22.34 -5.51
N GLN B 98 0.24 -21.90 -6.45
CA GLN B 98 -0.43 -22.81 -7.38
C GLN B 98 0.38 -22.96 -8.67
N LYS B 99 1.69 -22.81 -8.57
CA LYS B 99 2.58 -22.93 -9.73
C LYS B 99 2.19 -21.94 -10.82
N ARG B 100 2.77 -22.10 -11.99
CA ARG B 100 2.50 -21.22 -13.12
C ARG B 100 1.24 -21.67 -13.86
N PHE B 101 1.33 -22.84 -14.50
CA PHE B 101 0.20 -23.38 -15.26
C PHE B 101 -0.16 -24.77 -14.75
N SER A 1 0.44 -2.16 -26.70
CA SER A 1 -0.45 -2.39 -25.54
C SER A 1 -0.10 -1.45 -24.38
N ARG A 2 -0.94 -0.46 -24.14
CA ARG A 2 -0.72 0.49 -23.06
C ARG A 2 -1.56 0.14 -21.84
N PRO A 3 -0.92 -0.30 -20.74
CA PRO A 3 -1.61 -0.67 -19.51
C PRO A 3 -2.26 0.55 -18.83
N THR A 4 -1.62 1.06 -17.79
CA THR A 4 -2.13 2.21 -17.06
C THR A 4 -1.15 2.68 -16.00
N GLU A 5 -1.11 3.99 -15.81
CA GLU A 5 -0.23 4.61 -14.84
C GLU A 5 -0.26 3.85 -13.51
N THR A 6 -1.46 3.43 -13.11
CA THR A 6 -1.63 2.67 -11.87
C THR A 6 -1.01 1.28 -12.01
N GLU A 7 -1.16 0.70 -13.19
CA GLU A 7 -0.63 -0.64 -13.48
C GLU A 7 0.86 -0.72 -13.12
N ARG A 8 1.59 0.34 -13.41
CA ARG A 8 3.02 0.39 -13.11
C ARG A 8 3.25 0.66 -11.63
N CYS A 9 2.28 1.33 -10.99
CA CYS A 9 2.37 1.66 -9.58
C CYS A 9 2.18 0.42 -8.71
N ILE A 10 1.09 -0.30 -8.97
CA ILE A 10 0.79 -1.52 -8.21
C ILE A 10 1.96 -2.48 -8.20
N GLU A 11 2.43 -2.86 -9.38
CA GLU A 11 3.54 -3.81 -9.51
C GLU A 11 4.76 -3.39 -8.69
N SER A 12 4.91 -2.10 -8.47
CA SER A 12 6.06 -1.59 -7.72
C SER A 12 6.03 -2.05 -6.26
N LEU A 13 4.94 -1.74 -5.56
CA LEU A 13 4.82 -2.08 -4.14
C LEU A 13 4.66 -3.59 -3.89
N ILE A 14 4.09 -4.31 -4.85
CA ILE A 14 3.91 -5.73 -4.69
C ILE A 14 5.23 -6.45 -4.67
N ALA A 15 6.13 -5.94 -5.50
CA ALA A 15 7.43 -6.54 -5.68
C ALA A 15 8.37 -6.26 -4.51
N VAL A 16 8.21 -5.10 -3.89
CA VAL A 16 9.01 -4.78 -2.72
C VAL A 16 8.88 -5.92 -1.72
N PHE A 17 7.65 -6.44 -1.66
CA PHE A 17 7.32 -7.56 -0.78
C PHE A 17 7.82 -8.88 -1.38
N GLN A 18 7.35 -9.19 -2.60
CA GLN A 18 7.75 -10.43 -3.27
C GLN A 18 9.26 -10.62 -3.26
N LYS A 19 10.00 -9.53 -3.37
CA LYS A 19 11.45 -9.62 -3.39
C LYS A 19 11.99 -10.40 -2.18
N TYR A 20 11.57 -10.01 -0.99
CA TYR A 20 11.96 -10.70 0.22
C TYR A 20 11.11 -11.94 0.42
N ALA A 21 9.82 -11.74 0.28
CA ALA A 21 8.83 -12.79 0.45
C ALA A 21 9.09 -13.97 -0.49
N GLY A 22 9.84 -13.72 -1.55
CA GLY A 22 10.15 -14.79 -2.50
C GLY A 22 11.10 -15.81 -1.92
N LYS A 23 11.21 -16.96 -2.58
CA LYS A 23 12.08 -18.03 -2.12
C LYS A 23 11.67 -18.52 -0.73
N ASP A 24 10.98 -19.65 -0.69
CA ASP A 24 10.53 -20.23 0.57
C ASP A 24 10.17 -21.70 0.41
N GLY A 25 9.42 -22.00 -0.65
CA GLY A 25 9.02 -23.37 -0.91
C GLY A 25 7.68 -23.47 -1.62
N HIS A 26 6.76 -22.58 -1.26
CA HIS A 26 5.43 -22.56 -1.87
C HIS A 26 4.59 -21.41 -1.32
N SER A 27 4.71 -21.17 -0.01
CA SER A 27 3.96 -20.11 0.64
C SER A 27 4.26 -18.76 -0.01
N VAL A 28 3.27 -17.88 -0.02
CA VAL A 28 3.42 -16.55 -0.61
C VAL A 28 3.37 -15.47 0.47
N THR A 29 4.24 -15.59 1.46
CA THR A 29 4.30 -14.62 2.54
C THR A 29 5.73 -14.22 2.83
N LEU A 30 5.89 -13.23 3.70
CA LEU A 30 7.20 -12.74 4.08
C LEU A 30 7.48 -13.03 5.56
N SER A 31 8.18 -12.12 6.23
CA SER A 31 8.50 -12.28 7.65
C SER A 31 8.86 -10.93 8.26
N LYS A 32 8.37 -10.67 9.45
CA LYS A 32 8.64 -9.42 10.13
C LYS A 32 10.13 -9.09 10.13
N THR A 33 10.95 -10.11 10.37
CA THR A 33 12.39 -9.95 10.39
C THR A 33 12.94 -9.72 8.98
N GLU A 34 12.48 -10.51 8.01
CA GLU A 34 12.94 -10.36 6.64
C GLU A 34 12.66 -8.94 6.15
N PHE A 35 11.61 -8.34 6.71
CA PHE A 35 11.23 -6.97 6.37
C PHE A 35 12.29 -6.01 6.88
N LEU A 36 12.91 -6.36 8.00
CA LEU A 36 13.95 -5.53 8.62
C LEU A 36 15.02 -5.16 7.61
N SER A 37 15.63 -6.19 7.06
CA SER A 37 16.71 -6.00 6.11
C SER A 37 16.27 -5.09 4.95
N PHE A 38 15.11 -5.39 4.36
CA PHE A 38 14.60 -4.61 3.25
C PHE A 38 14.45 -3.13 3.64
N MET A 39 14.23 -2.90 4.93
CA MET A 39 14.07 -1.54 5.44
C MET A 39 15.40 -0.79 5.47
N ASN A 40 16.36 -1.34 6.19
CA ASN A 40 17.67 -0.71 6.30
C ASN A 40 18.41 -0.68 4.96
N THR A 41 18.00 -1.52 4.03
CA THR A 41 18.66 -1.58 2.72
C THR A 41 17.96 -0.74 1.66
N GLU A 42 16.64 -0.62 1.76
CA GLU A 42 15.88 0.13 0.76
C GLU A 42 14.96 1.17 1.40
N LEU A 43 15.18 1.46 2.68
CA LEU A 43 14.38 2.45 3.40
C LEU A 43 15.11 2.88 4.65
N ALA A 44 16.42 3.08 4.51
CA ALA A 44 17.27 3.50 5.63
C ALA A 44 17.07 4.97 5.93
N ALA A 45 16.65 5.72 4.93
CA ALA A 45 16.40 7.15 5.10
C ALA A 45 15.18 7.39 5.98
N PHE A 46 14.46 6.32 6.31
CA PHE A 46 13.27 6.41 7.14
C PHE A 46 13.48 5.76 8.51
N THR A 47 14.55 4.97 8.64
CA THR A 47 14.84 4.28 9.90
C THR A 47 16.23 4.61 10.42
N LYS A 48 17.10 5.14 9.56
CA LYS A 48 18.46 5.49 9.94
C LYS A 48 18.49 6.28 11.26
N ASN A 49 19.28 5.79 12.21
CA ASN A 49 19.40 6.43 13.52
C ASN A 49 18.09 6.42 14.27
N GLN A 50 17.14 5.61 13.80
CA GLN A 50 15.82 5.49 14.44
C GLN A 50 15.26 6.86 14.82
N LYS A 51 15.63 7.88 14.05
CA LYS A 51 15.16 9.25 14.30
C LYS A 51 13.65 9.26 14.53
N ASP A 52 12.96 8.33 13.90
CA ASP A 52 11.51 8.23 14.02
C ASP A 52 11.11 6.79 14.37
N PRO A 53 11.06 6.47 15.67
CA PRO A 53 10.69 5.12 16.14
C PRO A 53 9.22 4.78 15.89
N GLY A 54 8.48 5.73 15.33
CA GLY A 54 7.07 5.49 15.06
C GLY A 54 6.81 5.09 13.62
N VAL A 55 7.85 5.05 12.80
CA VAL A 55 7.70 4.68 11.41
C VAL A 55 7.73 3.16 11.23
N LEU A 56 8.86 2.55 11.58
CA LEU A 56 9.03 1.11 11.45
C LEU A 56 8.29 0.36 12.54
N ASP A 57 8.15 0.99 13.68
CA ASP A 57 7.48 0.38 14.81
C ASP A 57 5.97 0.36 14.65
N ARG A 58 5.43 1.31 13.90
CA ARG A 58 3.99 1.39 13.67
C ARG A 58 3.53 0.33 12.66
N MET A 59 4.27 0.19 11.56
CA MET A 59 3.93 -0.77 10.52
C MET A 59 3.77 -2.17 11.08
N MET A 60 4.80 -2.64 11.76
CA MET A 60 4.81 -3.97 12.34
C MET A 60 3.84 -4.09 13.51
N LYS A 61 3.51 -2.95 14.12
CA LYS A 61 2.58 -2.93 15.24
C LYS A 61 1.17 -3.30 14.76
N LYS A 62 0.65 -2.47 13.85
CA LYS A 62 -0.69 -2.71 13.30
C LYS A 62 -0.71 -3.97 12.45
N LEU A 63 0.47 -4.48 12.11
CA LEU A 63 0.60 -5.67 11.31
C LEU A 63 0.03 -6.90 12.02
N ASP A 64 -0.31 -6.75 13.30
CA ASP A 64 -0.86 -7.83 14.10
C ASP A 64 0.27 -8.70 14.63
N LEU A 65 1.05 -9.28 13.73
CA LEU A 65 2.17 -10.13 14.10
C LEU A 65 1.69 -11.43 14.76
N ASN A 66 2.58 -12.08 15.50
CA ASN A 66 2.25 -13.33 16.17
C ASN A 66 1.94 -14.43 15.17
N SER A 67 2.22 -15.67 15.54
CA SER A 67 1.97 -16.82 14.67
C SER A 67 0.52 -16.88 14.24
N ASP A 68 0.20 -16.22 13.13
CA ASP A 68 -1.17 -16.21 12.62
C ASP A 68 -1.20 -16.70 11.17
N GLY A 69 -0.25 -16.22 10.37
CA GLY A 69 -0.19 -16.62 8.98
C GLY A 69 0.93 -15.93 8.22
N GLN A 70 2.05 -15.73 8.89
CA GLN A 70 3.20 -15.07 8.28
C GLN A 70 2.82 -13.68 7.77
N LEU A 71 3.72 -13.04 7.04
CA LEU A 71 3.46 -11.73 6.48
C LEU A 71 2.35 -11.83 5.45
N ASP A 72 2.39 -11.01 4.41
CA ASP A 72 1.37 -11.05 3.35
C ASP A 72 1.50 -9.88 2.37
N PHE A 73 0.48 -9.73 1.53
CA PHE A 73 0.45 -8.67 0.52
C PHE A 73 0.28 -7.28 1.12
N GLN A 74 -0.87 -7.04 1.76
CA GLN A 74 -1.14 -5.73 2.35
C GLN A 74 -0.19 -5.43 3.50
N GLU A 75 0.19 -6.45 4.25
CA GLU A 75 1.11 -6.26 5.37
C GLU A 75 2.26 -5.37 4.96
N PHE A 76 2.84 -5.66 3.80
CA PHE A 76 3.93 -4.85 3.32
C PHE A 76 3.44 -3.48 2.87
N LEU A 77 2.34 -3.47 2.11
CA LEU A 77 1.77 -2.22 1.64
C LEU A 77 1.43 -1.33 2.84
N ASN A 78 0.92 -1.96 3.89
CA ASN A 78 0.60 -1.25 5.13
C ASN A 78 1.88 -0.96 5.88
N LEU A 79 2.78 -1.94 5.88
CA LEU A 79 4.05 -1.79 6.55
C LEU A 79 4.82 -0.60 5.98
N ILE A 80 5.07 -0.65 4.68
CA ILE A 80 5.77 0.42 3.99
C ILE A 80 4.85 1.63 3.81
N GLY A 81 3.61 1.37 3.36
CA GLY A 81 2.66 2.45 3.18
C GLY A 81 2.52 3.26 4.45
N GLY A 82 2.29 2.57 5.56
CA GLY A 82 2.17 3.24 6.83
C GLY A 82 3.35 4.17 7.08
N LEU A 83 4.54 3.76 6.63
CA LEU A 83 5.72 4.59 6.78
C LEU A 83 5.55 5.91 6.05
N ALA A 84 5.01 5.83 4.84
CA ALA A 84 4.79 7.03 4.04
C ALA A 84 3.94 8.03 4.79
N VAL A 85 3.02 7.52 5.58
CA VAL A 85 2.13 8.36 6.36
C VAL A 85 2.78 8.78 7.66
N ALA A 86 3.84 8.08 8.05
CA ALA A 86 4.55 8.36 9.27
C ALA A 86 5.99 8.81 8.99
N CYS A 87 6.29 9.15 7.75
CA CYS A 87 7.63 9.57 7.38
C CYS A 87 7.64 10.41 6.11
N HIS A 88 6.88 9.99 5.10
CA HIS A 88 6.84 10.73 3.84
C HIS A 88 6.01 12.00 3.96
N GLU A 89 6.40 13.03 3.21
CA GLU A 89 5.71 14.31 3.23
C GLU A 89 4.30 14.16 2.67
N SER A 90 3.39 13.64 3.50
CA SER A 90 2.01 13.44 3.11
C SER A 90 1.08 13.66 4.28
N PHE A 91 1.34 12.95 5.37
CA PHE A 91 0.53 13.05 6.58
C PHE A 91 1.34 13.69 7.72
N VAL A 92 2.57 13.23 7.88
CA VAL A 92 3.45 13.75 8.93
C VAL A 92 3.78 15.21 8.70
N LYS A 93 3.76 15.63 7.44
CA LYS A 93 4.05 17.01 7.09
C LYS A 93 2.78 17.83 6.94
N ALA A 94 1.72 17.38 7.61
CA ALA A 94 0.43 18.09 7.55
C ALA A 94 -0.45 17.71 8.72
N ALA A 95 0.16 17.33 9.84
CA ALA A 95 -0.59 16.94 11.03
C ALA A 95 0.05 17.53 12.29
N PRO A 96 0.14 18.86 12.39
CA PRO A 96 0.73 19.54 13.56
C PRO A 96 0.02 19.19 14.87
N PRO A 97 -1.33 19.23 14.89
CA PRO A 97 -2.10 18.92 16.09
C PRO A 97 -2.26 17.42 16.32
N GLN A 98 -2.15 16.65 15.23
CA GLN A 98 -2.30 15.20 15.32
C GLN A 98 -1.33 14.61 16.34
N LYS A 99 -1.88 14.22 17.48
CA LYS A 99 -1.07 13.64 18.56
C LYS A 99 -0.91 12.13 18.36
N ARG A 100 -0.24 11.49 19.31
CA ARG A 100 -0.02 10.04 19.25
C ARG A 100 -1.19 9.28 19.86
N PHE A 101 -1.68 8.28 19.13
CA PHE A 101 -2.80 7.48 19.60
C PHE A 101 -4.03 8.34 19.83
N SER B 1 23.05 10.48 -8.78
CA SER B 1 22.33 10.14 -7.52
C SER B 1 21.34 8.99 -7.74
N ARG B 2 21.69 7.82 -7.22
CA ARG B 2 20.85 6.65 -7.35
C ARG B 2 20.03 6.40 -6.08
N PRO B 3 18.70 6.60 -6.14
CA PRO B 3 17.82 6.40 -4.98
C PRO B 3 17.74 4.94 -4.55
N THR B 4 16.66 4.27 -4.94
CA THR B 4 16.47 2.87 -4.59
C THR B 4 15.23 2.30 -5.25
N GLU B 5 15.31 1.04 -5.64
CA GLU B 5 14.20 0.34 -6.28
C GLU B 5 12.88 0.62 -5.57
N THR B 6 12.93 0.65 -4.24
CA THR B 6 11.75 0.92 -3.43
C THR B 6 11.33 2.38 -3.58
N GLU B 7 12.33 3.26 -3.67
CA GLU B 7 12.07 4.69 -3.82
C GLU B 7 11.12 4.96 -4.98
N ARG B 8 11.30 4.22 -6.07
CA ARG B 8 10.45 4.38 -7.24
C ARG B 8 9.10 3.71 -7.03
N CYS B 9 9.09 2.69 -6.17
CA CYS B 9 7.85 1.96 -5.88
C CYS B 9 6.92 2.80 -5.02
N ILE B 10 7.43 3.33 -3.91
CA ILE B 10 6.64 4.14 -3.02
C ILE B 10 5.93 5.28 -3.75
N GLU B 11 6.71 6.11 -4.43
CA GLU B 11 6.18 7.25 -5.16
C GLU B 11 5.04 6.86 -6.10
N SER B 12 5.04 5.62 -6.57
CA SER B 12 4.01 5.16 -7.49
C SER B 12 2.63 5.11 -6.83
N LEU B 13 2.52 4.39 -5.72
CA LEU B 13 1.24 4.23 -5.03
C LEU B 13 0.78 5.52 -4.32
N ILE B 14 1.71 6.36 -3.92
CA ILE B 14 1.35 7.59 -3.26
C ILE B 14 0.63 8.53 -4.20
N ALA B 15 1.10 8.51 -5.43
CA ALA B 15 0.60 9.39 -6.46
C ALA B 15 -0.76 8.95 -6.98
N VAL B 16 -1.01 7.65 -7.00
CA VAL B 16 -2.31 7.15 -7.42
C VAL B 16 -3.37 7.87 -6.59
N PHE B 17 -3.03 8.08 -5.32
CA PHE B 17 -3.90 8.77 -4.39
C PHE B 17 -3.85 10.27 -4.61
N GLN B 18 -2.65 10.86 -4.51
CA GLN B 18 -2.47 12.30 -4.71
C GLN B 18 -3.16 12.79 -5.98
N LYS B 19 -3.14 11.97 -7.02
CA LYS B 19 -3.74 12.36 -8.29
C LYS B 19 -5.18 12.82 -8.10
N TYR B 20 -5.98 11.98 -7.44
CA TYR B 20 -7.37 12.33 -7.17
C TYR B 20 -7.45 13.23 -5.95
N ALA B 21 -6.75 12.83 -4.92
CA ALA B 21 -6.70 13.54 -3.66
C ALA B 21 -6.23 14.98 -3.84
N GLY B 22 -5.54 15.25 -4.94
CA GLY B 22 -5.05 16.59 -5.20
C GLY B 22 -6.17 17.56 -5.53
N LYS B 23 -5.87 18.84 -5.48
CA LYS B 23 -6.86 19.88 -5.77
C LYS B 23 -8.02 19.81 -4.78
N ASP B 24 -8.01 20.71 -3.80
CA ASP B 24 -9.06 20.74 -2.79
C ASP B 24 -9.07 22.08 -2.06
N GLY B 25 -7.89 22.54 -1.66
CA GLY B 25 -7.79 23.81 -0.96
C GLY B 25 -6.62 23.85 0.00
N HIS B 26 -6.38 22.71 0.67
CA HIS B 26 -5.28 22.61 1.64
C HIS B 26 -5.19 21.20 2.21
N SER B 27 -6.34 20.60 2.47
CA SER B 27 -6.39 19.25 3.01
C SER B 27 -5.65 18.26 2.11
N VAL B 28 -5.05 17.24 2.71
CA VAL B 28 -4.32 16.23 1.96
C VAL B 28 -5.01 14.88 2.03
N THR B 29 -6.28 14.86 1.64
CA THR B 29 -7.07 13.64 1.64
C THR B 29 -7.84 13.47 0.34
N LEU B 30 -8.47 12.33 0.20
CA LEU B 30 -9.24 12.02 -0.99
C LEU B 30 -10.73 11.88 -0.66
N SER B 31 -11.43 10.97 -1.33
CA SER B 31 -12.84 10.74 -1.08
C SER B 31 -13.25 9.38 -1.62
N LYS B 32 -14.06 8.65 -0.85
CA LYS B 32 -14.51 7.33 -1.25
C LYS B 32 -15.06 7.35 -2.68
N THR B 33 -15.82 8.39 -3.01
CA THR B 33 -16.40 8.53 -4.33
C THR B 33 -15.33 8.88 -5.37
N GLU B 34 -14.45 9.82 -5.04
CA GLU B 34 -13.39 10.19 -5.96
C GLU B 34 -12.55 8.98 -6.32
N PHE B 35 -12.48 8.03 -5.40
CA PHE B 35 -11.74 6.79 -5.60
C PHE B 35 -12.43 5.96 -6.68
N LEU B 36 -13.76 6.06 -6.72
CA LEU B 36 -14.55 5.32 -7.70
C LEU B 36 -14.03 5.51 -9.10
N SER B 37 -14.00 6.76 -9.52
CA SER B 37 -13.56 7.11 -10.85
C SER B 37 -12.17 6.55 -11.15
N PHE B 38 -11.24 6.76 -10.22
CA PHE B 38 -9.88 6.27 -10.39
C PHE B 38 -9.85 4.77 -10.58
N MET B 39 -10.86 4.09 -10.03
CA MET B 39 -10.95 2.64 -10.14
C MET B 39 -11.37 2.22 -11.54
N ASN B 40 -12.53 2.69 -11.98
CA ASN B 40 -13.04 2.35 -13.30
C ASN B 40 -12.16 2.90 -14.43
N THR B 41 -11.32 3.89 -14.12
CA THR B 41 -10.46 4.48 -15.12
C THR B 41 -9.05 3.90 -15.12
N GLU B 42 -8.56 3.48 -13.97
CA GLU B 42 -7.21 2.93 -13.87
C GLU B 42 -7.18 1.58 -13.15
N LEU B 43 -8.34 0.96 -13.01
CA LEU B 43 -8.44 -0.34 -12.36
C LEU B 43 -9.77 -0.99 -12.73
N ALA B 44 -10.14 -0.86 -13.99
CA ALA B 44 -11.39 -1.41 -14.49
C ALA B 44 -11.28 -2.92 -14.67
N ALA B 45 -10.06 -3.40 -14.88
CA ALA B 45 -9.81 -4.81 -15.05
C ALA B 45 -10.04 -5.57 -13.74
N PHE B 46 -10.26 -4.83 -12.66
CA PHE B 46 -10.48 -5.43 -11.35
C PHE B 46 -11.92 -5.21 -10.87
N THR B 47 -12.64 -4.30 -11.52
CA THR B 47 -14.02 -3.99 -11.13
C THR B 47 -15.00 -4.18 -12.30
N LYS B 48 -14.47 -4.21 -13.52
CA LYS B 48 -15.31 -4.38 -14.71
C LYS B 48 -16.32 -5.51 -14.55
N ASN B 49 -17.59 -5.19 -14.77
CA ASN B 49 -18.66 -6.17 -14.64
C ASN B 49 -18.80 -6.67 -13.20
N GLN B 50 -18.15 -5.97 -12.26
CA GLN B 50 -18.19 -6.34 -10.85
C GLN B 50 -18.02 -7.84 -10.66
N LYS B 51 -17.27 -8.46 -11.56
CA LYS B 51 -17.02 -9.90 -11.49
C LYS B 51 -16.59 -10.31 -10.09
N ASP B 52 -15.94 -9.39 -9.38
CA ASP B 52 -15.49 -9.63 -8.02
C ASP B 52 -15.92 -8.50 -7.10
N PRO B 53 -17.11 -8.61 -6.51
CA PRO B 53 -17.66 -7.59 -5.61
C PRO B 53 -16.91 -7.51 -4.29
N GLY B 54 -15.91 -8.36 -4.10
CA GLY B 54 -15.14 -8.35 -2.87
C GLY B 54 -13.83 -7.58 -3.00
N VAL B 55 -13.55 -7.07 -4.19
CA VAL B 55 -12.33 -6.31 -4.43
C VAL B 55 -12.49 -4.85 -4.04
N LEU B 56 -13.39 -4.16 -4.72
CA LEU B 56 -13.65 -2.75 -4.47
C LEU B 56 -14.47 -2.55 -3.19
N ASP B 57 -15.29 -3.53 -2.88
CA ASP B 57 -16.15 -3.45 -1.72
C ASP B 57 -15.38 -3.69 -0.42
N ARG B 58 -14.29 -4.45 -0.51
CA ARG B 58 -13.47 -4.75 0.67
C ARG B 58 -12.62 -3.56 1.07
N MET B 59 -11.98 -2.92 0.09
CA MET B 59 -11.11 -1.78 0.33
C MET B 59 -11.83 -0.68 1.11
N MET B 60 -12.97 -0.26 0.57
CA MET B 60 -13.76 0.80 1.18
C MET B 60 -14.42 0.34 2.48
N LYS B 61 -14.58 -0.97 2.61
CA LYS B 61 -15.19 -1.54 3.82
C LYS B 61 -14.25 -1.35 5.01
N LYS B 62 -13.06 -1.93 4.92
CA LYS B 62 -12.07 -1.82 5.97
C LYS B 62 -11.57 -0.38 6.11
N LEU B 63 -11.86 0.44 5.10
CA LEU B 63 -11.44 1.84 5.09
C LEU B 63 -12.10 2.63 6.22
N ASP B 64 -13.06 2.01 6.91
CA ASP B 64 -13.77 2.65 8.01
C ASP B 64 -14.90 3.52 7.47
N LEU B 65 -14.53 4.51 6.65
CA LEU B 65 -15.50 5.41 6.05
C LEU B 65 -16.16 6.30 7.10
N ASN B 66 -17.32 6.85 6.77
CA ASN B 66 -18.05 7.73 7.69
C ASN B 66 -17.25 9.01 7.96
N SER B 67 -17.96 10.09 8.24
CA SER B 67 -17.32 11.37 8.51
C SER B 67 -16.35 11.26 9.69
N ASP B 68 -15.10 10.94 9.38
CA ASP B 68 -14.07 10.81 10.41
C ASP B 68 -12.88 11.71 10.10
N GLY B 69 -12.46 11.71 8.84
CA GLY B 69 -11.34 12.54 8.44
C GLY B 69 -10.98 12.36 6.98
N GLN B 70 -12.00 12.20 6.15
CA GLN B 70 -11.79 12.02 4.71
C GLN B 70 -10.89 10.81 4.44
N LEU B 71 -10.48 10.65 3.18
CA LEU B 71 -9.62 9.54 2.82
C LEU B 71 -8.26 9.74 3.49
N ASP B 72 -7.18 9.32 2.84
CA ASP B 72 -5.83 9.48 3.40
C ASP B 72 -4.77 8.72 2.58
N PHE B 73 -3.57 8.62 3.15
CA PHE B 73 -2.45 7.96 2.50
C PHE B 73 -2.62 6.45 2.42
N GLN B 74 -2.67 5.79 3.58
CA GLN B 74 -2.80 4.33 3.60
C GLN B 74 -4.15 3.88 3.07
N GLU B 75 -5.19 4.68 3.29
CA GLU B 75 -6.52 4.34 2.81
C GLU B 75 -6.45 3.88 1.37
N PHE B 76 -5.72 4.63 0.56
CA PHE B 76 -5.58 4.27 -0.84
C PHE B 76 -4.68 3.04 -0.98
N LEU B 77 -3.56 3.04 -0.27
CA LEU B 77 -2.64 1.91 -0.31
C LEU B 77 -3.38 0.64 0.11
N ASN B 78 -4.24 0.77 1.12
CA ASN B 78 -5.05 -0.33 1.61
C ASN B 78 -6.20 -0.57 0.63
N LEU B 79 -6.77 0.53 0.13
CA LEU B 79 -7.87 0.44 -0.80
C LEU B 79 -7.42 -0.32 -2.05
N ILE B 80 -6.38 0.19 -2.70
CA ILE B 80 -5.83 -0.44 -3.89
C ILE B 80 -5.04 -1.70 -3.51
N GLY B 81 -4.19 -1.58 -2.50
CA GLY B 81 -3.41 -2.72 -2.06
C GLY B 81 -4.30 -3.89 -1.75
N GLY B 82 -5.34 -3.64 -0.95
CA GLY B 82 -6.28 -4.70 -0.62
C GLY B 82 -6.79 -5.40 -1.87
N LEU B 83 -6.97 -4.63 -2.95
CA LEU B 83 -7.43 -5.19 -4.22
C LEU B 83 -6.43 -6.22 -4.71
N ALA B 84 -5.15 -5.88 -4.63
CA ALA B 84 -4.10 -6.78 -5.09
C ALA B 84 -4.21 -8.13 -4.39
N VAL B 85 -4.63 -8.09 -3.14
CA VAL B 85 -4.79 -9.30 -2.36
C VAL B 85 -6.12 -9.97 -2.62
N ALA B 86 -7.03 -9.22 -3.20
CA ALA B 86 -8.36 -9.72 -3.51
C ALA B 86 -8.62 -9.75 -5.03
N CYS B 87 -7.56 -9.60 -5.82
CA CYS B 87 -7.71 -9.60 -7.27
C CYS B 87 -6.41 -9.97 -7.97
N HIS B 88 -5.29 -9.43 -7.50
CA HIS B 88 -4.00 -9.71 -8.13
C HIS B 88 -3.50 -11.11 -7.76
N GLU B 89 -2.79 -11.74 -8.68
CA GLU B 89 -2.24 -13.07 -8.46
C GLU B 89 -1.20 -13.06 -7.34
N SER B 90 -1.67 -13.03 -6.11
CA SER B 90 -0.78 -13.01 -4.95
C SER B 90 -1.40 -13.77 -3.79
N PHE B 91 -2.63 -13.41 -3.43
CA PHE B 91 -3.34 -14.05 -2.34
C PHE B 91 -4.55 -14.82 -2.86
N VAL B 92 -5.30 -14.19 -3.76
CA VAL B 92 -6.49 -14.82 -4.34
C VAL B 92 -6.11 -16.04 -5.18
N LYS B 93 -4.90 -16.03 -5.71
CA LYS B 93 -4.42 -17.13 -6.54
C LYS B 93 -3.60 -18.12 -5.71
N ALA B 94 -3.84 -18.14 -4.40
CA ALA B 94 -3.12 -19.03 -3.51
C ALA B 94 -3.87 -19.24 -2.20
N ALA B 95 -5.19 -19.11 -2.25
CA ALA B 95 -6.02 -19.28 -1.06
C ALA B 95 -7.27 -20.09 -1.38
N PRO B 96 -7.12 -21.34 -1.84
CA PRO B 96 -8.25 -22.21 -2.18
C PRO B 96 -9.20 -22.45 -1.00
N PRO B 97 -8.65 -22.77 0.19
CA PRO B 97 -9.46 -23.02 1.38
C PRO B 97 -9.90 -21.74 2.08
N GLN B 98 -9.15 -20.66 1.86
CA GLN B 98 -9.46 -19.36 2.46
C GLN B 98 -10.90 -18.94 2.14
N LYS B 99 -11.77 -19.05 3.14
CA LYS B 99 -13.17 -18.69 2.96
C LYS B 99 -13.38 -17.19 3.22
N ARG B 100 -14.64 -16.76 3.16
CA ARG B 100 -14.98 -15.36 3.40
C ARG B 100 -15.19 -15.09 4.88
N PHE B 101 -14.54 -14.03 5.38
CA PHE B 101 -14.66 -13.67 6.80
C PHE B 101 -14.17 -14.79 7.70
#